data_9K81
#
_entry.id   9K81
#
_cell.length_a   1.00
_cell.length_b   1.00
_cell.length_c   1.00
_cell.angle_alpha   90.00
_cell.angle_beta   90.00
_cell.angle_gamma   90.00
#
_symmetry.space_group_name_H-M   'P 1'
#
loop_
_entity.id
_entity.type
_entity.pdbx_description
1 polymer Fiber-n7-Zn1-HEHE-74
2 non-polymer 'ZINC ION'
#
_entity_poly.entity_id   1
_entity_poly.type   'polypeptide(L)'
_entity_poly.pdbx_seq_one_letter_code
;MGHHHHHHHHSSGLEVLFQGPGGTAEALLLARAIVSAVEDAKKHGVPEDLLADIERAGLALAEVGDREAVLLLVRLINAL
IVAAEAGVPKEALVVITHAGILLALDRDEEAVDALLELIDRLARAAKAGVPKEAIVTVGVAAAHLLQDRDLPRALRLLEV
VDKLVHMKALGVPDEEIIAYAKEETERAYKGE
;
_entity_poly.pdbx_strand_id   A,B,C,D,E,F,G,H,I,J,K,L,M,N,O,P,Q,R,S,T,U,V,W,X,Y
#
# COMPACT_ATOMS: atom_id res chain seq x y z
N GLY A 23 23.05 -5.42 -3.27
CA GLY A 23 23.98 -4.47 -3.85
C GLY A 23 24.76 -3.71 -2.79
N THR A 24 26.08 -3.70 -2.93
CA THR A 24 26.93 -3.02 -1.97
C THR A 24 27.02 -1.52 -2.21
N ALA A 25 26.64 -1.05 -3.39
CA ALA A 25 26.58 0.39 -3.63
C ALA A 25 25.51 1.05 -2.75
N GLU A 26 24.38 0.37 -2.57
CA GLU A 26 23.36 0.87 -1.64
C GLU A 26 23.89 0.86 -0.21
N ALA A 27 24.65 -0.17 0.16
CA ALA A 27 25.26 -0.19 1.49
C ALA A 27 26.19 1.00 1.68
N LEU A 28 26.99 1.32 0.65
CA LEU A 28 27.86 2.47 0.75
C LEU A 28 27.08 3.77 0.84
N LEU A 29 25.98 3.88 0.09
CA LEU A 29 25.13 5.07 0.18
C LEU A 29 24.57 5.24 1.59
N LEU A 30 24.09 4.15 2.19
CA LEU A 30 23.55 4.21 3.54
C LEU A 30 24.62 4.56 4.56
N ALA A 31 25.82 3.99 4.40
CA ALA A 31 26.92 4.33 5.31
C ALA A 31 27.29 5.80 5.19
N ARG A 32 27.32 6.34 3.97
CA ARG A 32 27.64 7.75 3.79
C ARG A 32 26.55 8.63 4.38
N ALA A 33 25.30 8.22 4.27
CA ALA A 33 24.22 8.96 4.93
C ALA A 33 24.42 9.00 6.44
N ILE A 34 24.74 7.86 7.04
CA ILE A 34 24.97 7.80 8.49
C ILE A 34 26.13 8.70 8.89
N VAL A 35 27.22 8.64 8.14
CA VAL A 35 28.42 9.41 8.49
C VAL A 35 28.16 10.90 8.34
N SER A 36 27.43 11.30 7.29
CA SER A 36 27.10 12.71 7.10
C SER A 36 26.22 13.22 8.23
N ALA A 37 25.22 12.44 8.63
CA ALA A 37 24.36 12.86 9.74
C ALA A 37 25.17 12.98 11.03
N VAL A 38 26.07 12.03 11.28
CA VAL A 38 26.88 12.07 12.50
C VAL A 38 27.78 13.30 12.51
N GLU A 39 28.42 13.61 11.38
CA GLU A 39 29.29 14.78 11.32
C GLU A 39 28.50 16.07 11.50
N ASP A 40 27.32 16.18 10.87
CA ASP A 40 26.51 17.38 11.07
C ASP A 40 26.10 17.53 12.53
N ALA A 41 25.69 16.43 13.17
CA ALA A 41 25.32 16.49 14.58
C ALA A 41 26.50 16.90 15.44
N LYS A 42 27.69 16.40 15.12
CA LYS A 42 28.88 16.82 15.85
C LYS A 42 29.12 18.31 15.69
N LYS A 43 28.89 18.85 14.49
CA LYS A 43 29.02 20.29 14.30
C LYS A 43 27.96 21.06 15.07
N HIS A 44 26.80 20.47 15.30
CA HIS A 44 25.71 21.13 16.02
C HIS A 44 25.89 21.10 17.53
N GLY A 45 26.85 20.35 18.05
CA GLY A 45 27.08 20.29 19.47
C GLY A 45 26.52 19.08 20.19
N VAL A 46 26.10 18.03 19.48
CA VAL A 46 25.63 16.81 20.14
C VAL A 46 26.82 16.12 20.80
N PRO A 47 26.67 15.59 22.01
CA PRO A 47 27.80 14.92 22.67
C PRO A 47 28.31 13.74 21.85
N GLU A 48 29.63 13.52 21.92
CA GLU A 48 30.29 12.59 21.02
C GLU A 48 30.02 11.13 21.35
N ASP A 49 29.81 10.79 22.63
CA ASP A 49 29.61 9.40 22.98
C ASP A 49 28.28 8.87 22.43
N LEU A 50 27.22 9.66 22.52
CA LEU A 50 25.95 9.24 21.92
C LEU A 50 26.12 9.01 20.42
N LEU A 51 26.83 9.91 19.74
CA LEU A 51 27.07 9.75 18.32
C LEU A 51 27.91 8.51 18.04
N ALA A 52 28.80 8.14 18.96
CA ALA A 52 29.57 6.92 18.78
C ALA A 52 28.68 5.68 18.77
N ASP A 53 27.81 5.57 19.78
CA ASP A 53 26.84 4.46 19.76
C ASP A 53 25.99 4.45 18.49
N ILE A 54 25.43 5.60 18.12
CA ILE A 54 24.54 5.63 16.97
C ILE A 54 25.29 5.30 15.69
N GLU A 55 26.51 5.80 15.53
CA GLU A 55 27.30 5.53 14.35
C GLU A 55 27.66 4.06 14.23
N ARG A 56 28.06 3.44 15.34
CA ARG A 56 28.39 2.02 15.29
C ARG A 56 27.17 1.20 14.88
N ALA A 57 26.02 1.47 15.50
CA ALA A 57 24.81 0.73 15.14
C ALA A 57 24.43 0.97 13.68
N GLY A 58 24.55 2.22 13.22
CA GLY A 58 24.18 2.53 11.86
C GLY A 58 25.05 1.87 10.83
N LEU A 59 26.37 1.83 11.07
CA LEU A 59 27.24 1.14 10.12
C LEU A 59 26.99 -0.36 10.13
N ALA A 60 26.72 -0.93 11.29
CA ALA A 60 26.37 -2.35 11.35
C ALA A 60 25.11 -2.63 10.55
N LEU A 61 24.10 -1.75 10.64
CA LEU A 61 22.87 -1.97 9.90
C LEU A 61 23.01 -1.67 8.43
N ALA A 62 23.92 -0.77 8.05
CA ALA A 62 24.13 -0.47 6.65
C ALA A 62 24.91 -1.57 5.94
N GLU A 63 25.79 -2.29 6.65
CA GLU A 63 26.52 -3.37 6.02
C GLU A 63 25.57 -4.42 5.44
N VAL A 64 24.40 -4.60 6.04
CA VAL A 64 23.42 -5.56 5.54
C VAL A 64 22.30 -4.89 4.76
N GLY A 65 22.47 -3.62 4.41
CA GLY A 65 21.52 -2.92 3.56
C GLY A 65 20.13 -2.76 4.14
N ASP A 66 20.03 -2.40 5.41
CA ASP A 66 18.73 -2.19 6.06
C ASP A 66 18.37 -0.72 5.94
N ARG A 67 17.54 -0.40 4.96
CA ARG A 67 17.19 0.99 4.69
C ARG A 67 16.39 1.61 5.82
N GLU A 68 15.32 0.94 6.25
CA GLU A 68 14.39 1.53 7.22
C GLU A 68 15.06 1.80 8.55
N ALA A 69 15.88 0.86 9.03
CA ALA A 69 16.56 1.06 10.30
C ALA A 69 17.53 2.23 10.24
N VAL A 70 18.26 2.36 9.12
CA VAL A 70 19.21 3.45 8.97
C VAL A 70 18.48 4.79 8.93
N LEU A 71 17.34 4.85 8.25
CA LEU A 71 16.57 6.09 8.23
C LEU A 71 16.05 6.44 9.62
N LEU A 72 15.63 5.43 10.39
CA LEU A 72 15.20 5.69 11.76
C LEU A 72 16.34 6.23 12.60
N LEU A 73 17.55 5.70 12.39
CA LEU A 73 18.71 6.22 13.11
C LEU A 73 19.01 7.66 12.73
N VAL A 74 18.87 8.01 11.46
CA VAL A 74 19.08 9.40 11.04
C VAL A 74 18.05 10.32 11.68
N ARG A 75 16.79 9.86 11.76
CA ARG A 75 15.77 10.61 12.47
C ARG A 75 16.14 10.83 13.93
N LEU A 76 16.65 9.79 14.58
CA LEU A 76 17.08 9.91 15.97
C LEU A 76 18.21 10.91 16.11
N ILE A 77 19.14 10.92 15.15
CA ILE A 77 20.26 11.87 15.20
C ILE A 77 19.74 13.30 15.11
N ASN A 78 18.78 13.55 14.21
CA ASN A 78 18.27 14.91 14.08
C ASN A 78 17.50 15.35 15.33
N ALA A 79 16.71 14.43 15.91
CA ALA A 79 16.03 14.74 17.16
C ALA A 79 17.03 15.05 18.27
N LEU A 80 18.16 14.33 18.28
CA LEU A 80 19.21 14.63 19.26
C LEU A 80 19.81 16.00 19.02
N ILE A 81 19.94 16.41 17.75
CA ILE A 81 20.42 17.76 17.46
C ILE A 81 19.51 18.79 18.11
N VAL A 82 18.20 18.62 17.94
CA VAL A 82 17.24 19.54 18.55
C VAL A 82 17.38 19.54 20.07
N ALA A 83 17.45 18.35 20.66
CA ALA A 83 17.53 18.24 22.12
C ALA A 83 18.80 18.86 22.67
N ALA A 84 19.93 18.68 21.98
CA ALA A 84 21.18 19.25 22.45
C ALA A 84 21.19 20.76 22.32
N GLU A 85 20.58 21.29 21.25
CA GLU A 85 20.47 22.75 21.14
C GLU A 85 19.61 23.32 22.26
N ALA A 86 18.53 22.63 22.63
CA ALA A 86 17.68 23.12 23.71
C ALA A 86 18.40 23.11 25.06
N GLY A 87 19.11 22.04 25.37
CA GLY A 87 19.80 21.94 26.65
C GLY A 87 19.30 20.83 27.53
N VAL A 88 18.75 19.77 26.92
CA VAL A 88 18.25 18.63 27.68
C VAL A 88 19.41 17.98 28.43
N PRO A 89 19.24 17.56 29.68
CA PRO A 89 20.36 16.99 30.44
C PRO A 89 20.89 15.71 29.81
N LYS A 90 22.14 15.39 30.15
CA LYS A 90 22.84 14.30 29.48
C LYS A 90 22.28 12.93 29.85
N GLU A 91 21.79 12.75 31.08
CA GLU A 91 21.29 11.44 31.48
C GLU A 91 20.08 11.02 30.65
N ALA A 92 19.14 11.93 30.47
CA ALA A 92 17.99 11.65 29.62
C ALA A 92 18.44 11.38 28.19
N LEU A 93 19.47 12.08 27.72
CA LEU A 93 19.97 11.87 26.37
C LEU A 93 20.56 10.48 26.20
N VAL A 94 21.29 9.99 27.21
CA VAL A 94 21.85 8.65 27.13
C VAL A 94 20.74 7.60 27.08
N VAL A 95 19.77 7.73 27.99
CA VAL A 95 18.66 6.78 28.00
C VAL A 95 17.90 6.81 26.69
N ILE A 96 17.66 8.01 26.16
CA ILE A 96 16.91 8.18 24.93
C ILE A 96 17.68 7.59 23.75
N THR A 97 18.99 7.79 23.71
CA THR A 97 19.80 7.24 22.63
C THR A 97 19.75 5.72 22.62
N HIS A 98 19.90 5.10 23.78
CA HIS A 98 19.86 3.64 23.83
C HIS A 98 18.48 3.12 23.43
N ALA A 99 17.42 3.74 23.95
CA ALA A 99 16.08 3.35 23.58
C ALA A 99 15.84 3.49 22.09
N GLY A 100 16.34 4.58 21.50
CA GLY A 100 16.15 4.81 20.09
C GLY A 100 16.89 3.83 19.22
N ILE A 101 18.11 3.45 19.63
CA ILE A 101 18.84 2.43 18.87
C ILE A 101 18.07 1.12 18.86
N LEU A 102 17.60 0.68 20.03
CA LEU A 102 16.81 -0.56 20.05
C LEU A 102 15.52 -0.43 19.25
N LEU A 103 14.83 0.71 19.34
CA LEU A 103 13.58 0.85 18.60
C LEU A 103 13.82 0.91 17.10
N ALA A 104 14.93 1.48 16.65
CA ALA A 104 15.27 1.45 15.24
C ALA A 104 15.59 0.04 14.78
N LEU A 105 16.24 -0.74 15.64
CA LEU A 105 16.48 -2.15 15.31
C LEU A 105 15.19 -2.90 15.07
N ASP A 106 14.12 -2.56 15.79
CA ASP A 106 12.84 -3.22 15.61
C ASP A 106 12.11 -2.74 14.37
N ARG A 107 12.60 -1.68 13.74
CA ARG A 107 11.87 -0.97 12.67
C ARG A 107 10.49 -0.55 13.17
N ASP A 108 10.44 -0.08 14.42
CA ASP A 108 9.19 0.35 15.05
C ASP A 108 9.01 1.84 14.78
N GLU A 109 8.30 2.14 13.70
CA GLU A 109 8.09 3.53 13.33
C GLU A 109 7.21 4.26 14.33
N GLU A 110 6.20 3.58 14.89
CA GLU A 110 5.31 4.21 15.86
C GLU A 110 6.05 4.53 17.16
N ALA A 111 6.83 3.58 17.67
CA ALA A 111 7.58 3.83 18.90
C ALA A 111 8.67 4.86 18.69
N VAL A 112 9.29 4.88 17.50
CA VAL A 112 10.27 5.91 17.20
C VAL A 112 9.61 7.28 17.15
N ASP A 113 8.40 7.36 16.59
CA ASP A 113 7.67 8.62 16.59
C ASP A 113 7.35 9.07 18.00
N ALA A 114 6.97 8.14 18.87
CA ALA A 114 6.73 8.48 20.27
C ALA A 114 8.00 8.98 20.95
N LEU A 115 9.13 8.35 20.66
CA LEU A 115 10.41 8.80 21.20
C LEU A 115 10.75 10.20 20.74
N LEU A 116 10.55 10.49 19.45
CA LEU A 116 10.88 11.83 18.94
C LEU A 116 9.95 12.88 19.51
N GLU A 117 8.67 12.54 19.70
CA GLU A 117 7.75 13.46 20.33
C GLU A 117 8.12 13.72 21.77
N LEU A 118 8.59 12.69 22.48
CA LEU A 118 9.10 12.88 23.83
C LEU A 118 10.30 13.81 23.85
N ILE A 119 11.22 13.65 22.90
CA ILE A 119 12.40 14.51 22.84
C ILE A 119 11.98 15.95 22.58
N ASP A 120 10.99 16.15 21.72
CA ASP A 120 10.50 17.50 21.45
C ASP A 120 9.89 18.13 22.72
N ARG A 121 9.09 17.37 23.45
CA ARG A 121 8.53 17.89 24.69
C ARG A 121 9.60 18.23 25.71
N LEU A 122 10.62 17.38 25.82
CA LEU A 122 11.70 17.65 26.76
C LEU A 122 12.52 18.86 26.34
N ALA A 123 12.69 19.07 25.03
CA ALA A 123 13.40 20.25 24.56
C ALA A 123 12.62 21.52 24.87
N ARG A 124 11.30 21.48 24.68
CA ARG A 124 10.46 22.61 25.07
C ARG A 124 10.56 22.88 26.57
N ALA A 125 10.55 21.82 27.38
CA ALA A 125 10.66 21.98 28.81
C ALA A 125 12.01 22.58 29.20
N ALA A 126 13.08 22.14 28.55
CA ALA A 126 14.41 22.65 28.87
C ALA A 126 14.56 24.12 28.47
N LYS A 127 14.04 24.49 27.30
CA LYS A 127 14.09 25.89 26.90
C LYS A 127 13.21 26.77 27.77
N ALA A 128 12.11 26.22 28.29
CA ALA A 128 11.20 26.99 29.12
C ALA A 128 11.71 27.22 30.54
N GLY A 129 12.78 26.54 30.95
CA GLY A 129 13.30 26.71 32.28
C GLY A 129 12.79 25.76 33.33
N VAL A 130 12.16 24.66 32.93
CA VAL A 130 11.74 23.65 33.91
C VAL A 130 12.98 23.12 34.63
N PRO A 131 12.92 22.86 35.93
CA PRO A 131 14.13 22.40 36.65
C PRO A 131 14.70 21.13 36.04
N LYS A 132 16.02 21.00 36.16
CA LYS A 132 16.72 19.86 35.57
C LYS A 132 16.25 18.55 36.17
N GLU A 133 16.02 18.52 37.48
CA GLU A 133 15.66 17.28 38.15
C GLU A 133 14.34 16.72 37.63
N ALA A 134 13.34 17.59 37.46
CA ALA A 134 12.06 17.13 36.93
C ALA A 134 12.19 16.59 35.52
N ILE A 135 12.95 17.30 34.68
CA ILE A 135 13.15 16.84 33.30
C ILE A 135 13.82 15.48 33.29
N VAL A 136 14.86 15.31 34.11
CA VAL A 136 15.57 14.04 34.16
C VAL A 136 14.64 12.93 34.61
N THR A 137 13.88 13.17 35.67
CA THR A 137 12.96 12.16 36.18
C THR A 137 11.98 11.70 35.11
N VAL A 138 11.21 12.64 34.56
CA VAL A 138 10.16 12.24 33.64
C VAL A 138 10.74 11.70 32.34
N GLY A 139 11.84 12.27 31.86
CA GLY A 139 12.43 11.79 30.62
C GLY A 139 12.99 10.39 30.74
N VAL A 140 13.72 10.10 31.82
CA VAL A 140 14.26 8.76 32.00
C VAL A 140 13.13 7.75 32.12
N ALA A 141 12.09 8.09 32.89
CA ALA A 141 10.97 7.16 33.05
C ALA A 141 10.27 6.89 31.73
N ALA A 142 9.97 7.94 30.96
CA ALA A 142 9.23 7.75 29.72
C ALA A 142 10.05 7.03 28.67
N ALA A 143 11.35 7.33 28.59
CA ALA A 143 12.20 6.61 27.64
C ALA A 143 12.31 5.14 28.00
N HIS A 144 12.42 4.83 29.29
CA HIS A 144 12.44 3.43 29.70
C HIS A 144 11.12 2.74 29.35
N LEU A 145 9.99 3.42 29.58
CA LEU A 145 8.70 2.81 29.27
C LEU A 145 8.53 2.59 27.76
N LEU A 146 9.08 3.50 26.95
CA LEU A 146 9.03 3.32 25.51
C LEU A 146 9.93 2.17 25.06
N GLN A 147 11.06 1.98 25.75
CA GLN A 147 11.93 0.86 25.42
C GLN A 147 11.29 -0.47 25.75
N ASP A 148 10.38 -0.50 26.71
CA ASP A 148 9.68 -1.72 27.12
C ASP A 148 8.34 -1.88 26.43
N ARG A 149 8.10 -1.14 25.35
CA ARG A 149 6.88 -1.23 24.56
C ARG A 149 5.64 -1.06 25.43
N ASP A 150 5.68 -0.05 26.30
CA ASP A 150 4.55 0.31 27.16
C ASP A 150 4.04 1.66 26.71
N LEU A 151 3.18 1.66 25.70
CA LEU A 151 2.75 2.93 25.09
C LEU A 151 1.78 3.71 25.97
N PRO A 152 0.75 3.11 26.60
CA PRO A 152 -0.18 3.94 27.37
C PRO A 152 0.47 4.69 28.53
N ARG A 153 1.32 4.02 29.30
CA ARG A 153 2.01 4.70 30.39
C ARG A 153 2.96 5.77 29.89
N ALA A 154 3.63 5.52 28.76
CA ALA A 154 4.49 6.53 28.17
C ALA A 154 3.69 7.75 27.75
N LEU A 155 2.48 7.55 27.21
CA LEU A 155 1.62 8.67 26.84
C LEU A 155 1.18 9.46 28.08
N ARG A 156 0.91 8.76 29.17
CA ARG A 156 0.62 9.45 30.42
C ARG A 156 1.79 10.32 30.87
N LEU A 157 3.01 9.81 30.73
CA LEU A 157 4.18 10.62 31.10
C LEU A 157 4.40 11.78 30.15
N LEU A 158 4.05 11.63 28.87
CA LEU A 158 4.07 12.76 27.96
C LEU A 158 3.12 13.85 28.42
N GLU A 159 1.92 13.47 28.87
CA GLU A 159 1.01 14.44 29.43
C GLU A 159 1.61 15.13 30.65
N VAL A 160 2.36 14.37 31.46
CA VAL A 160 3.02 14.97 32.62
C VAL A 160 4.03 16.03 32.18
N VAL A 161 4.79 15.75 31.13
CA VAL A 161 5.76 16.74 30.64
C VAL A 161 5.05 18.01 30.17
N ASP A 162 3.96 17.85 29.43
CA ASP A 162 3.20 19.02 28.98
C ASP A 162 2.71 19.84 30.17
N LYS A 163 2.19 19.17 31.19
CA LYS A 163 1.71 19.88 32.37
C LYS A 163 2.84 20.62 33.08
N LEU A 164 4.03 20.01 33.14
CA LEU A 164 5.16 20.68 33.75
C LEU A 164 5.52 21.97 33.01
N VAL A 165 5.49 21.92 31.68
CA VAL A 165 5.80 23.12 30.90
C VAL A 165 4.77 24.21 31.18
N HIS A 166 3.50 23.85 31.23
CA HIS A 166 2.46 24.85 31.51
C HIS A 166 2.61 25.42 32.92
N MET A 167 2.92 24.58 33.91
CA MET A 167 3.14 25.07 35.26
C MET A 167 4.31 26.03 35.33
N LYS A 168 5.40 25.74 34.62
CA LYS A 168 6.50 26.68 34.60
C LYS A 168 6.10 28.00 33.97
N ALA A 169 5.31 27.96 32.89
CA ALA A 169 4.81 29.18 32.28
C ALA A 169 3.84 29.94 33.16
N LEU A 170 3.20 29.28 34.11
CA LEU A 170 2.22 29.92 34.98
C LEU A 170 2.86 30.57 36.21
N GLY A 171 4.17 30.47 36.37
CA GLY A 171 4.84 31.06 37.51
C GLY A 171 4.92 30.20 38.75
N VAL A 172 4.59 28.91 38.64
CA VAL A 172 4.69 28.01 39.79
C VAL A 172 6.15 27.86 40.19
N PRO A 173 6.48 27.89 41.48
CA PRO A 173 7.89 27.77 41.90
C PRO A 173 8.47 26.40 41.58
N ASP A 174 9.81 26.38 41.48
CA ASP A 174 10.51 25.17 41.03
C ASP A 174 10.29 24.00 41.96
N GLU A 175 10.20 24.25 43.26
CA GLU A 175 10.07 23.16 44.23
C GLU A 175 8.79 22.38 44.02
N GLU A 176 7.68 23.08 43.79
CA GLU A 176 6.42 22.41 43.54
C GLU A 176 6.44 21.67 42.20
N ILE A 177 7.14 22.22 41.21
CA ILE A 177 7.27 21.53 39.93
C ILE A 177 8.01 20.21 40.12
N ILE A 178 9.12 20.25 40.86
CA ILE A 178 9.88 19.03 41.12
C ILE A 178 9.04 18.02 41.89
N ALA A 179 8.33 18.48 42.90
CA ALA A 179 7.51 17.57 43.70
C ALA A 179 6.42 16.93 42.86
N TYR A 180 5.75 17.71 42.02
CA TYR A 180 4.65 17.16 41.23
C TYR A 180 5.18 16.18 40.20
N ALA A 181 6.31 16.50 39.57
CA ALA A 181 6.92 15.56 38.62
C ALA A 181 7.28 14.26 39.30
N LYS A 182 7.84 14.34 40.49
CA LYS A 182 8.18 13.14 41.25
C LYS A 182 6.93 12.31 41.55
N GLU A 183 5.85 12.96 41.98
CA GLU A 183 4.63 12.23 42.33
C GLU A 183 4.06 11.53 41.10
N GLU A 184 3.96 12.24 39.97
CA GLU A 184 3.37 11.64 38.79
C GLU A 184 4.24 10.51 38.24
N THR A 185 5.57 10.67 38.29
CA THR A 185 6.44 9.60 37.83
C THR A 185 6.36 8.38 38.74
N GLU A 186 6.27 8.59 40.05
CA GLU A 186 6.08 7.48 40.97
C GLU A 186 4.77 6.78 40.70
N ARG A 187 3.73 7.54 40.39
CA ARG A 187 2.44 6.96 40.04
C ARG A 187 2.54 6.12 38.78
N ALA A 188 3.32 6.58 37.81
CA ALA A 188 3.51 5.82 36.57
C ALA A 188 4.26 4.52 36.83
N TYR A 189 5.39 4.60 37.55
CA TYR A 189 6.16 3.39 37.85
C TYR A 189 5.37 2.39 38.68
N LYS A 190 4.67 2.87 39.71
CA LYS A 190 3.98 1.96 40.61
C LYS A 190 2.85 1.23 39.91
N GLY A 191 2.33 1.80 38.83
CA GLY A 191 1.26 1.19 38.07
C GLY A 191 -0.11 1.78 38.34
N GLU A 192 -0.22 2.67 39.32
CA GLU A 192 -1.49 3.31 39.66
C GLU A 192 -2.02 4.10 38.47
N GLY B 23 14.38 -8.59 -10.56
CA GLY B 23 14.31 -8.34 -11.98
C GLY B 23 15.32 -7.30 -12.44
N THR B 24 16.34 -7.75 -13.17
CA THR B 24 17.38 -6.85 -13.63
C THR B 24 16.95 -6.02 -14.84
N ALA B 25 15.89 -6.44 -15.55
CA ALA B 25 15.36 -5.61 -16.62
C ALA B 25 14.76 -4.32 -16.07
N GLU B 26 14.09 -4.39 -14.93
CA GLU B 26 13.59 -3.18 -14.27
C GLU B 26 14.74 -2.31 -13.81
N ALA B 27 15.82 -2.91 -13.29
CA ALA B 27 16.98 -2.14 -12.91
C ALA B 27 17.59 -1.42 -14.10
N LEU B 28 17.64 -2.08 -15.26
CA LEU B 28 18.15 -1.43 -16.45
C LEU B 28 17.24 -0.30 -16.90
N LEU B 29 15.92 -0.49 -16.78
CA LEU B 29 14.98 0.58 -17.09
C LEU B 29 15.22 1.80 -16.22
N LEU B 30 15.40 1.58 -14.92
CA LEU B 30 15.66 2.68 -13.99
C LEU B 30 16.99 3.37 -14.31
N ALA B 31 18.02 2.60 -14.63
CA ALA B 31 19.30 3.18 -15.00
C ALA B 31 19.17 4.05 -16.24
N ARG B 32 18.42 3.58 -17.24
CA ARG B 32 18.25 4.37 -18.45
C ARG B 32 17.45 5.63 -18.18
N ALA B 33 16.47 5.55 -17.28
CA ALA B 33 15.73 6.75 -16.89
C ALA B 33 16.66 7.78 -16.26
N ILE B 34 17.51 7.34 -15.33
CA ILE B 34 18.44 8.25 -14.67
C ILE B 34 19.38 8.88 -15.69
N VAL B 35 19.94 8.06 -16.59
CA VAL B 35 20.91 8.57 -17.55
C VAL B 35 20.26 9.55 -18.51
N SER B 36 19.04 9.25 -18.96
CA SER B 36 18.34 10.17 -19.84
C SER B 36 18.06 11.51 -19.16
N ALA B 37 17.63 11.47 -17.90
CA ALA B 37 17.39 12.71 -17.18
C ALA B 37 18.67 13.52 -17.01
N VAL B 38 19.78 12.84 -16.70
CA VAL B 38 21.05 13.54 -16.53
C VAL B 38 21.51 14.17 -17.84
N GLU B 39 21.36 13.45 -18.95
CA GLU B 39 21.75 14.02 -20.24
C GLU B 39 20.89 15.21 -20.63
N ASP B 40 19.57 15.13 -20.39
CA ASP B 40 18.71 16.27 -20.68
C ASP B 40 19.08 17.47 -19.83
N ALA B 41 19.35 17.26 -18.55
CA ALA B 41 19.75 18.36 -17.68
C ALA B 41 21.07 18.96 -18.12
N LYS B 42 22.01 18.12 -18.59
CA LYS B 42 23.25 18.64 -19.14
C LYS B 42 22.98 19.52 -20.35
N LYS B 43 22.07 19.10 -21.22
CA LYS B 43 21.73 19.91 -22.39
C LYS B 43 21.06 21.21 -22.00
N HIS B 44 20.35 21.23 -20.87
CA HIS B 44 19.67 22.43 -20.40
C HIS B 44 20.61 23.42 -19.73
N GLY B 45 21.80 23.00 -19.31
CA GLY B 45 22.74 23.89 -18.68
C GLY B 45 22.94 23.70 -17.19
N VAL B 46 22.51 22.58 -16.62
CA VAL B 46 22.74 22.32 -15.20
C VAL B 46 24.23 22.01 -14.99
N PRO B 47 24.85 22.53 -13.93
CA PRO B 47 26.28 22.26 -13.71
C PRO B 47 26.58 20.79 -13.55
N GLU B 48 27.76 20.39 -14.01
CA GLU B 48 28.09 18.98 -14.21
C GLU B 48 28.42 18.26 -12.91
N ASP B 49 29.00 18.94 -11.93
CA ASP B 49 29.34 18.29 -10.68
C ASP B 49 28.09 17.82 -9.93
N LEU B 50 27.07 18.68 -9.87
CA LEU B 50 25.81 18.27 -9.26
C LEU B 50 25.24 17.05 -9.95
N LEU B 51 25.29 17.04 -11.28
CA LEU B 51 24.78 15.90 -12.04
C LEU B 51 25.60 14.65 -11.77
N ALA B 52 26.90 14.81 -11.50
CA ALA B 52 27.73 13.65 -11.16
C ALA B 52 27.28 13.02 -9.85
N ASP B 53 27.10 13.85 -8.80
CA ASP B 53 26.57 13.31 -7.55
C ASP B 53 25.22 12.63 -7.74
N ILE B 54 24.29 13.28 -8.44
CA ILE B 54 22.96 12.71 -8.60
C ILE B 54 23.02 11.42 -9.40
N GLU B 55 23.86 11.37 -10.44
CA GLU B 55 23.95 10.18 -11.27
C GLU B 55 24.54 9.01 -10.50
N ARG B 56 25.58 9.25 -9.70
CA ARG B 56 26.14 8.16 -8.89
C ARG B 56 25.10 7.61 -7.92
N ALA B 57 24.40 8.50 -7.21
CA ALA B 57 23.38 8.05 -6.27
C ALA B 57 22.27 7.29 -6.99
N GLY B 58 21.86 7.79 -8.17
CA GLY B 58 20.78 7.16 -8.89
C GLY B 58 21.14 5.78 -9.41
N LEU B 59 22.35 5.62 -9.95
CA LEU B 59 22.75 4.31 -10.43
C LEU B 59 22.90 3.32 -9.28
N ALA B 60 23.42 3.77 -8.14
CA ALA B 60 23.48 2.91 -6.97
C ALA B 60 22.09 2.47 -6.55
N LEU B 61 21.12 3.37 -6.58
CA LEU B 61 19.77 3.00 -6.17
C LEU B 61 19.06 2.15 -7.21
N ALA B 62 19.44 2.30 -8.49
CA ALA B 62 18.84 1.50 -9.55
C ALA B 62 19.37 0.07 -9.55
N GLU B 63 20.61 -0.14 -9.11
CA GLU B 63 21.14 -1.50 -9.05
C GLU B 63 20.30 -2.40 -8.16
N VAL B 64 19.68 -1.85 -7.12
CA VAL B 64 18.86 -2.63 -6.20
C VAL B 64 17.37 -2.46 -6.47
N GLY B 65 17.00 -1.86 -7.60
CA GLY B 65 15.61 -1.74 -7.98
C GLY B 65 14.77 -0.90 -7.05
N ASP B 66 15.27 0.26 -6.65
CA ASP B 66 14.52 1.18 -5.77
C ASP B 66 13.81 2.19 -6.66
N ARG B 67 12.53 1.91 -6.94
CA ARG B 67 11.79 2.76 -7.87
C ARG B 67 11.55 4.14 -7.29
N GLU B 68 11.03 4.21 -6.06
CA GLU B 68 10.61 5.49 -5.49
C GLU B 68 11.78 6.45 -5.32
N ALA B 69 12.92 5.95 -4.85
CA ALA B 69 14.09 6.81 -4.68
C ALA B 69 14.56 7.36 -6.02
N VAL B 70 14.55 6.53 -7.07
CA VAL B 70 15.00 6.97 -8.38
C VAL B 70 14.05 8.01 -8.97
N LEU B 71 12.74 7.81 -8.77
CA LEU B 71 11.78 8.83 -9.21
C LEU B 71 12.00 10.15 -8.48
N LEU B 72 12.26 10.09 -7.18
CA LEU B 72 12.55 11.32 -6.44
C LEU B 72 13.80 11.99 -6.97
N LEU B 73 14.82 11.22 -7.32
CA LEU B 73 16.03 11.80 -7.90
C LEU B 73 15.76 12.46 -9.25
N VAL B 74 14.91 11.85 -10.07
CA VAL B 74 14.58 12.45 -11.37
C VAL B 74 13.81 13.75 -11.16
N ARG B 75 12.94 13.79 -10.16
CA ARG B 75 12.26 15.03 -9.80
C ARG B 75 13.25 16.10 -9.39
N LEU B 76 14.24 15.73 -8.60
CA LEU B 76 15.27 16.68 -8.19
C LEU B 76 16.05 17.20 -9.39
N ILE B 77 16.34 16.33 -10.36
CA ILE B 77 17.05 16.76 -11.56
C ILE B 77 16.22 17.79 -12.34
N ASN B 78 14.92 17.54 -12.49
CA ASN B 78 14.08 18.48 -13.23
C ASN B 78 13.98 19.82 -12.51
N ALA B 79 13.87 19.79 -11.19
CA ALA B 79 13.86 21.04 -10.43
C ALA B 79 15.18 21.79 -10.60
N LEU B 80 16.30 21.06 -10.65
CA LEU B 80 17.58 21.70 -10.91
C LEU B 80 17.62 22.33 -12.29
N ILE B 81 16.99 21.70 -13.28
CA ILE B 81 16.88 22.30 -14.61
C ILE B 81 16.21 23.67 -14.49
N VAL B 82 15.08 23.71 -13.78
CA VAL B 82 14.37 24.98 -13.60
C VAL B 82 15.24 26.01 -12.91
N ALA B 83 15.91 25.62 -11.82
CA ALA B 83 16.72 26.54 -11.04
C ALA B 83 17.90 27.07 -11.83
N ALA B 84 18.57 26.20 -12.59
CA ALA B 84 19.72 26.63 -13.38
C ALA B 84 19.30 27.53 -14.54
N GLU B 85 18.11 27.30 -15.10
CA GLU B 85 17.61 28.22 -16.10
C GLU B 85 17.33 29.59 -15.50
N ALA B 86 16.80 29.64 -14.28
CA ALA B 86 16.50 30.92 -13.65
C ALA B 86 17.76 31.70 -13.30
N GLY B 87 18.78 31.03 -12.79
CA GLY B 87 20.01 31.71 -12.42
C GLY B 87 20.32 31.67 -10.94
N VAL B 88 19.85 30.62 -10.27
CA VAL B 88 20.11 30.47 -8.83
C VAL B 88 21.60 30.28 -8.60
N PRO B 89 22.19 30.90 -7.58
CA PRO B 89 23.63 30.77 -7.37
C PRO B 89 24.05 29.34 -7.08
N LYS B 90 25.35 29.08 -7.28
CA LYS B 90 25.85 27.71 -7.26
C LYS B 90 25.95 27.13 -5.86
N GLU B 91 26.25 27.95 -4.85
CA GLU B 91 26.37 27.43 -3.48
C GLU B 91 25.03 26.87 -3.00
N ALA B 92 23.95 27.62 -3.24
CA ALA B 92 22.63 27.12 -2.92
C ALA B 92 22.33 25.84 -3.67
N LEU B 93 22.74 25.76 -4.93
CA LEU B 93 22.51 24.57 -5.73
C LEU B 93 23.22 23.35 -5.16
N VAL B 94 24.46 23.53 -4.69
CA VAL B 94 25.21 22.42 -4.11
C VAL B 94 24.53 21.92 -2.84
N VAL B 95 24.16 22.85 -1.95
CA VAL B 95 23.49 22.45 -0.71
C VAL B 95 22.18 21.76 -1.00
N ILE B 96 21.42 22.30 -1.96
CA ILE B 96 20.12 21.73 -2.32
C ILE B 96 20.29 20.34 -2.90
N THR B 97 21.30 20.14 -3.74
CA THR B 97 21.53 18.83 -4.33
C THR B 97 21.86 17.79 -3.28
N HIS B 98 22.74 18.14 -2.33
CA HIS B 98 23.09 17.17 -1.28
C HIS B 98 21.88 16.83 -0.42
N ALA B 99 21.12 17.85 -0.02
CA ALA B 99 19.91 17.61 0.74
C ALA B 99 18.92 16.75 -0.04
N GLY B 100 18.81 16.98 -1.35
CA GLY B 100 17.86 16.23 -2.15
C GLY B 100 18.24 14.78 -2.32
N ILE B 101 19.54 14.50 -2.48
CA ILE B 101 19.99 13.12 -2.53
C ILE B 101 19.67 12.41 -1.21
N LEU B 102 19.98 13.06 -0.09
CA LEU B 102 19.77 12.39 1.19
C LEU B 102 18.28 12.24 1.51
N LEU B 103 17.44 13.14 0.99
CA LEU B 103 16.01 12.99 1.18
C LEU B 103 15.40 11.95 0.25
N ALA B 104 15.94 11.80 -0.96
CA ALA B 104 15.48 10.75 -1.84
C ALA B 104 15.86 9.38 -1.30
N LEU B 105 17.00 9.28 -0.61
CA LEU B 105 17.36 8.03 0.04
C LEU B 105 16.31 7.58 1.05
N ASP B 106 15.70 8.53 1.77
CA ASP B 106 14.69 8.21 2.77
C ASP B 106 13.32 7.91 2.17
N ARG B 107 13.15 8.11 0.87
CA ARG B 107 11.83 8.04 0.24
C ARG B 107 10.86 8.99 0.91
N ASP B 108 11.35 10.18 1.27
CA ASP B 108 10.58 11.19 1.97
C ASP B 108 9.91 12.10 0.95
N GLU B 109 8.69 11.75 0.58
CA GLU B 109 7.99 12.52 -0.45
C GLU B 109 7.63 13.92 0.04
N GLU B 110 7.25 14.07 1.30
CA GLU B 110 6.87 15.38 1.81
C GLU B 110 8.07 16.33 1.87
N ALA B 111 9.20 15.85 2.38
CA ALA B 111 10.39 16.69 2.44
C ALA B 111 10.92 17.00 1.06
N VAL B 112 10.84 16.05 0.13
CA VAL B 112 11.25 16.32 -1.24
C VAL B 112 10.36 17.37 -1.88
N ASP B 113 9.05 17.31 -1.62
CA ASP B 113 8.15 18.33 -2.12
C ASP B 113 8.46 19.69 -1.54
N ALA B 114 8.79 19.74 -0.25
CA ALA B 114 9.20 21.00 0.35
C ALA B 114 10.48 21.53 -0.30
N LEU B 115 11.43 20.65 -0.59
CA LEU B 115 12.66 21.07 -1.25
C LEU B 115 12.40 21.62 -2.64
N LEU B 116 11.52 20.96 -3.40
CA LEU B 116 11.21 21.43 -4.75
C LEU B 116 10.48 22.76 -4.72
N GLU B 117 9.61 22.95 -3.73
CA GLU B 117 8.95 24.24 -3.55
C GLU B 117 9.98 25.32 -3.20
N LEU B 118 10.96 24.99 -2.37
CA LEU B 118 12.03 25.95 -2.09
C LEU B 118 12.80 26.31 -3.34
N ILE B 119 13.11 25.32 -4.18
CA ILE B 119 13.83 25.58 -5.42
C ILE B 119 13.02 26.51 -6.32
N ASP B 120 11.71 26.28 -6.41
CA ASP B 120 10.85 27.15 -7.21
C ASP B 120 10.83 28.58 -6.68
N ARG B 121 10.74 28.74 -5.35
CA ARG B 121 10.75 30.08 -4.78
C ARG B 121 12.08 30.79 -5.03
N LEU B 122 13.19 30.07 -4.92
CA LEU B 122 14.48 30.68 -5.17
C LEU B 122 14.64 31.03 -6.65
N ALA B 123 14.08 30.22 -7.53
CA ALA B 123 14.12 30.53 -8.96
C ALA B 123 13.34 31.80 -9.27
N ARG B 124 12.16 31.95 -8.65
CA ARG B 124 11.41 33.19 -8.81
C ARG B 124 12.19 34.38 -8.28
N ALA B 125 12.83 34.21 -7.13
CA ALA B 125 13.64 35.30 -6.57
C ALA B 125 14.79 35.67 -7.49
N ALA B 126 15.45 34.67 -8.08
CA ALA B 126 16.58 34.94 -8.95
C ALA B 126 16.15 35.63 -10.24
N LYS B 127 15.03 35.20 -10.82
CA LYS B 127 14.52 35.87 -12.00
C LYS B 127 14.03 37.28 -11.70
N ALA B 128 13.54 37.51 -10.48
CA ALA B 128 13.01 38.81 -10.11
C ALA B 128 14.09 39.84 -9.80
N GLY B 129 15.35 39.43 -9.72
CA GLY B 129 16.43 40.37 -9.46
C GLY B 129 16.81 40.53 -8.01
N VAL B 130 16.36 39.63 -7.14
CA VAL B 130 16.75 39.71 -5.73
C VAL B 130 18.26 39.56 -5.63
N PRO B 131 18.95 40.31 -4.77
CA PRO B 131 20.41 40.23 -4.72
C PRO B 131 20.89 38.82 -4.41
N LYS B 132 22.05 38.49 -4.95
CA LYS B 132 22.57 37.13 -4.83
C LYS B 132 22.84 36.77 -3.37
N GLU B 133 23.31 37.73 -2.57
CA GLU B 133 23.65 37.43 -1.19
C GLU B 133 22.43 36.98 -0.39
N ALA B 134 21.30 37.66 -0.55
CA ALA B 134 20.09 37.28 0.15
C ALA B 134 19.61 35.90 -0.27
N ILE B 135 19.65 35.62 -1.58
CA ILE B 135 19.24 34.32 -2.08
C ILE B 135 20.12 33.22 -1.50
N VAL B 136 21.43 33.44 -1.50
CA VAL B 136 22.35 32.44 -0.96
C VAL B 136 22.07 32.20 0.51
N THR B 137 21.94 33.28 1.29
CA THR B 137 21.71 33.15 2.72
C THR B 137 20.46 32.32 3.01
N VAL B 138 19.33 32.75 2.46
CA VAL B 138 18.07 32.09 2.80
C VAL B 138 18.02 30.69 2.22
N GLY B 139 18.53 30.50 1.00
CA GLY B 139 18.50 29.18 0.40
C GLY B 139 19.35 28.17 1.14
N VAL B 140 20.57 28.54 1.51
CA VAL B 140 21.42 27.63 2.25
C VAL B 140 20.79 27.30 3.60
N ALA B 141 20.26 28.30 4.30
CA ALA B 141 19.64 28.03 5.59
C ALA B 141 18.45 27.09 5.46
N ALA B 142 17.57 27.35 4.49
CA ALA B 142 16.37 26.52 4.34
C ALA B 142 16.73 25.11 3.90
N ALA B 143 17.70 24.96 3.01
CA ALA B 143 18.10 23.63 2.58
C ALA B 143 18.71 22.84 3.74
N HIS B 144 19.53 23.49 4.56
CA HIS B 144 20.07 22.81 5.73
C HIS B 144 18.97 22.42 6.72
N LEU B 145 17.98 23.29 6.92
CA LEU B 145 16.89 22.95 7.83
C LEU B 145 16.05 21.79 7.29
N LEU B 146 15.82 21.75 5.98
CA LEU B 146 15.09 20.62 5.40
C LEU B 146 15.91 19.34 5.52
N GLN B 147 17.23 19.45 5.42
CA GLN B 147 18.09 18.29 5.55
C GLN B 147 18.06 17.72 6.97
N ASP B 148 17.89 18.58 7.98
CA ASP B 148 17.81 18.17 9.37
C ASP B 148 16.39 17.89 9.81
N ARG B 149 15.47 17.67 8.88
CA ARG B 149 14.09 17.33 9.22
C ARG B 149 13.43 18.34 10.15
N ASP B 150 13.61 19.62 9.86
CA ASP B 150 13.00 20.69 10.64
C ASP B 150 12.03 21.42 9.72
N LEU B 151 10.80 20.89 9.63
CA LEU B 151 9.83 21.44 8.69
C LEU B 151 9.29 22.80 9.11
N PRO B 152 8.89 23.05 10.36
CA PRO B 152 8.32 24.37 10.67
C PRO B 152 9.27 25.54 10.41
N ARG B 153 10.54 25.40 10.77
CA ARG B 153 11.50 26.47 10.52
C ARG B 153 11.78 26.64 9.03
N ALA B 154 11.80 25.54 8.28
CA ALA B 154 11.94 25.62 6.84
C ALA B 154 10.76 26.37 6.22
N LEU B 155 9.55 26.15 6.74
CA LEU B 155 8.39 26.86 6.23
C LEU B 155 8.47 28.35 6.55
N ARG B 156 8.98 28.69 7.73
CA ARG B 156 9.21 30.10 8.04
C ARG B 156 10.19 30.72 7.07
N LEU B 157 11.24 29.99 6.71
CA LEU B 157 12.20 30.53 5.75
C LEU B 157 11.61 30.64 4.34
N LEU B 158 10.70 29.74 3.98
CA LEU B 158 9.98 29.89 2.71
C LEU B 158 9.15 31.16 2.70
N GLU B 159 8.49 31.47 3.81
CA GLU B 159 7.78 32.74 3.93
C GLU B 159 8.75 33.92 3.75
N VAL B 160 9.97 33.78 4.28
CA VAL B 160 10.97 34.84 4.13
C VAL B 160 11.31 35.04 2.65
N VAL B 161 11.47 33.94 1.91
CA VAL B 161 11.77 34.06 0.48
C VAL B 161 10.65 34.79 -0.25
N ASP B 162 9.40 34.44 0.05
CA ASP B 162 8.28 35.13 -0.58
C ASP B 162 8.30 36.61 -0.27
N LYS B 163 8.57 36.97 0.98
CA LYS B 163 8.66 38.37 1.36
C LYS B 163 9.77 39.09 0.61
N LEU B 164 10.91 38.41 0.40
CA LEU B 164 11.99 39.02 -0.37
C LEU B 164 11.56 39.33 -1.79
N VAL B 165 10.85 38.39 -2.42
CA VAL B 165 10.41 38.62 -3.79
C VAL B 165 9.46 39.81 -3.87
N HIS B 166 8.51 39.88 -2.93
CA HIS B 166 7.56 41.00 -2.93
C HIS B 166 8.26 42.33 -2.66
N MET B 167 9.25 42.33 -1.76
CA MET B 167 10.01 43.55 -1.50
C MET B 167 10.77 44.00 -2.73
N LYS B 168 11.37 43.07 -3.48
CA LYS B 168 12.04 43.45 -4.70
C LYS B 168 11.07 44.03 -5.72
N ALA B 169 9.88 43.43 -5.83
CA ALA B 169 8.86 43.97 -6.73
C ALA B 169 8.36 45.34 -6.31
N LEU B 170 8.43 45.68 -5.02
CA LEU B 170 7.91 46.95 -4.53
C LEU B 170 8.91 48.10 -4.65
N GLY B 171 10.15 47.82 -5.06
CA GLY B 171 11.14 48.86 -5.22
C GLY B 171 12.03 49.11 -4.04
N VAL B 172 12.01 48.25 -3.03
CA VAL B 172 12.91 48.37 -1.88
C VAL B 172 14.35 48.22 -2.35
N PRO B 173 15.29 49.02 -1.86
CA PRO B 173 16.67 48.92 -2.34
C PRO B 173 17.32 47.59 -1.97
N ASP B 174 18.37 47.25 -2.71
CA ASP B 174 19.02 45.96 -2.55
C ASP B 174 19.61 45.78 -1.15
N GLU B 175 20.22 46.84 -0.61
CA GLU B 175 20.85 46.73 0.71
C GLU B 175 19.84 46.42 1.79
N GLU B 176 18.66 47.03 1.72
CA GLU B 176 17.63 46.74 2.71
C GLU B 176 17.12 45.31 2.58
N ILE B 177 17.03 44.80 1.35
CA ILE B 177 16.63 43.42 1.15
C ILE B 177 17.65 42.48 1.75
N ILE B 178 18.94 42.77 1.55
CA ILE B 178 20.00 41.94 2.12
C ILE B 178 19.93 41.97 3.63
N ALA B 179 19.75 43.15 4.22
CA ALA B 179 19.68 43.27 5.67
C ALA B 179 18.50 42.50 6.23
N TYR B 180 17.33 42.63 5.60
CA TYR B 180 16.16 41.92 6.10
C TYR B 180 16.33 40.42 6.00
N ALA B 181 16.90 39.94 4.89
CA ALA B 181 17.15 38.51 4.74
C ALA B 181 18.10 38.02 5.82
N LYS B 182 19.15 38.79 6.11
CA LYS B 182 20.09 38.42 7.15
C LYS B 182 19.39 38.33 8.51
N GLU B 183 18.59 39.34 8.84
CA GLU B 183 17.91 39.33 10.13
C GLU B 183 16.97 38.13 10.26
N GLU B 184 16.18 37.86 9.23
CA GLU B 184 15.25 36.73 9.32
C GLU B 184 15.98 35.40 9.40
N THR B 185 17.07 35.24 8.64
CA THR B 185 17.80 33.99 8.66
C THR B 185 18.48 33.76 10.01
N GLU B 186 19.09 34.81 10.58
CA GLU B 186 19.68 34.67 11.91
C GLU B 186 18.61 34.42 12.96
N ARG B 187 17.41 34.98 12.78
CA ARG B 187 16.33 34.66 13.71
C ARG B 187 15.96 33.18 13.64
N ALA B 188 15.88 32.64 12.43
CA ALA B 188 15.54 31.22 12.28
C ALA B 188 16.64 30.33 12.85
N TYR B 189 17.90 30.63 12.52
CA TYR B 189 19.02 29.83 13.03
C TYR B 189 19.09 29.90 14.55
N LYS B 190 18.97 31.09 15.12
CA LYS B 190 19.05 31.25 16.56
C LYS B 190 17.90 30.53 17.26
N GLY B 191 16.79 30.34 16.56
CA GLY B 191 15.63 29.66 17.11
C GLY B 191 14.51 30.58 17.54
N GLU B 192 14.71 31.89 17.50
CA GLU B 192 13.71 32.85 17.92
C GLU B 192 12.44 32.72 17.07
N GLY C 23 25.75 -10.31 7.40
CA GLY C 23 26.85 -9.72 8.15
C GLY C 23 26.80 -10.08 9.62
N THR C 24 27.98 -10.32 10.20
CA THR C 24 28.07 -10.67 11.61
C THR C 24 27.86 -9.48 12.53
N ALA C 25 28.02 -8.26 12.03
CA ALA C 25 27.73 -7.08 12.83
C ALA C 25 26.26 -7.00 13.19
N GLU C 26 25.38 -7.33 12.26
CA GLU C 26 23.95 -7.38 12.57
C GLU C 26 23.63 -8.50 13.55
N ALA C 27 24.32 -9.63 13.42
CA ALA C 27 24.15 -10.71 14.39
C ALA C 27 24.54 -10.25 15.79
N LEU C 28 25.64 -9.52 15.90
CA LEU C 28 26.05 -8.99 17.20
C LEU C 28 25.06 -7.97 17.72
N LEU C 29 24.52 -7.13 16.84
CA LEU C 29 23.50 -6.17 17.26
C LEU C 29 22.28 -6.88 17.82
N LEU C 30 21.83 -7.94 17.15
CA LEU C 30 20.68 -8.69 17.63
C LEU C 30 20.99 -9.40 18.94
N ALA C 31 22.20 -9.91 19.09
CA ALA C 31 22.60 -10.56 20.33
C ALA C 31 22.57 -9.57 21.49
N ARG C 32 23.09 -8.36 21.25
CA ARG C 32 23.08 -7.35 22.30
C ARG C 32 21.66 -6.92 22.64
N ALA C 33 20.78 -6.86 21.65
CA ALA C 33 19.38 -6.55 21.92
C ALA C 33 18.75 -7.62 22.82
N ILE C 34 18.99 -8.89 22.52
CA ILE C 34 18.44 -9.98 23.34
C ILE C 34 18.99 -9.89 24.75
N VAL C 35 20.30 -9.68 24.89
CA VAL C 35 20.92 -9.67 26.21
C VAL C 35 20.43 -8.49 27.03
N SER C 36 20.29 -7.32 26.41
CA SER C 36 19.77 -6.16 27.12
C SER C 36 18.34 -6.39 27.59
N ALA C 37 17.50 -6.96 26.73
CA ALA C 37 16.12 -7.25 27.14
C ALA C 37 16.08 -8.24 28.30
N VAL C 38 16.93 -9.28 28.24
CA VAL C 38 16.94 -10.28 29.32
C VAL C 38 17.40 -9.64 30.63
N GLU C 39 18.45 -8.80 30.58
CA GLU C 39 18.92 -8.16 31.80
C GLU C 39 17.89 -7.21 32.38
N ASP C 40 17.20 -6.45 31.53
CA ASP C 40 16.14 -5.57 32.03
C ASP C 40 15.02 -6.38 32.66
N ALA C 41 14.62 -7.48 32.03
CA ALA C 41 13.56 -8.31 32.59
C ALA C 41 13.98 -8.92 33.92
N LYS C 42 15.25 -9.30 34.04
CA LYS C 42 15.75 -9.79 35.33
C LYS C 42 15.69 -8.71 36.39
N LYS C 43 16.05 -7.47 36.03
CA LYS C 43 15.96 -6.37 36.98
C LYS C 43 14.52 -6.08 37.38
N HIS C 44 13.57 -6.34 36.49
CA HIS C 44 12.15 -6.11 36.78
C HIS C 44 11.54 -7.20 37.66
N GLY C 45 12.20 -8.32 37.85
CA GLY C 45 11.66 -9.40 38.66
C GLY C 45 11.06 -10.57 37.92
N VAL C 46 11.41 -10.76 36.64
CA VAL C 46 10.91 -11.92 35.90
C VAL C 46 11.66 -13.17 36.34
N PRO C 47 10.99 -14.32 36.49
CA PRO C 47 11.69 -15.54 36.89
C PRO C 47 12.79 -15.92 35.90
N GLU C 48 13.85 -16.50 36.44
CA GLU C 48 15.10 -16.67 35.71
C GLU C 48 15.07 -17.83 34.71
N ASP C 49 14.34 -18.91 35.00
CA ASP C 49 14.32 -20.04 34.10
C ASP C 49 13.64 -19.72 32.77
N LEU C 50 12.54 -18.95 32.82
CA LEU C 50 11.93 -18.48 31.59
C LEU C 50 12.90 -17.63 30.78
N LEU C 51 13.64 -16.75 31.46
CA LEU C 51 14.61 -15.92 30.77
C LEU C 51 15.72 -16.74 30.16
N ALA C 52 16.13 -17.82 30.82
CA ALA C 52 17.16 -18.69 30.26
C ALA C 52 16.67 -19.35 28.97
N ASP C 53 15.43 -19.85 28.98
CA ASP C 53 14.86 -20.41 27.76
C ASP C 53 14.84 -19.39 26.63
N ILE C 54 14.33 -18.19 26.92
CA ILE C 54 14.20 -17.18 25.88
C ILE C 54 15.57 -16.73 25.38
N GLU C 55 16.53 -16.60 26.29
CA GLU C 55 17.87 -16.16 25.90
C GLU C 55 18.55 -17.20 25.01
N ARG C 56 18.42 -18.47 25.34
CA ARG C 56 19.01 -19.50 24.47
C ARG C 56 18.40 -19.44 23.08
N ALA C 57 17.06 -19.39 22.99
CA ALA C 57 16.42 -19.33 21.68
C ALA C 57 16.83 -18.07 20.92
N GLY C 58 16.91 -16.94 21.63
CA GLY C 58 17.24 -15.69 20.97
C GLY C 58 18.66 -15.65 20.44
N LEU C 59 19.61 -16.16 21.20
CA LEU C 59 20.99 -16.20 20.70
C LEU C 59 21.11 -17.15 19.53
N ALA C 60 20.42 -18.29 19.58
CA ALA C 60 20.43 -19.20 18.44
C ALA C 60 19.88 -18.52 17.19
N LEU C 61 18.79 -17.75 17.34
CA LEU C 61 18.20 -17.09 16.17
C LEU C 61 19.01 -15.89 15.71
N ALA C 62 19.74 -15.25 16.63
CA ALA C 62 20.58 -14.12 16.25
C ALA C 62 21.84 -14.56 15.52
N GLU C 63 22.35 -15.75 15.83
CA GLU C 63 23.53 -16.23 15.12
C GLU C 63 23.30 -16.33 13.61
N VAL C 64 22.08 -16.61 13.19
CA VAL C 64 21.76 -16.73 11.77
C VAL C 64 21.05 -15.49 11.24
N GLY C 65 21.06 -14.39 11.99
CA GLY C 65 20.53 -13.14 11.51
C GLY C 65 19.03 -13.11 11.25
N ASP C 66 18.23 -13.72 12.12
CA ASP C 66 16.78 -13.74 11.95
C ASP C 66 16.20 -12.57 12.74
N ARG C 67 15.96 -11.46 12.04
CA ARG C 67 15.52 -10.24 12.71
C ARG C 67 14.11 -10.38 13.27
N GLU C 68 13.17 -10.82 12.45
CA GLU C 68 11.77 -10.85 12.88
C GLU C 68 11.56 -11.76 14.08
N ALA C 69 12.20 -12.93 14.08
CA ALA C 69 12.06 -13.85 15.21
C ALA C 69 12.63 -13.25 16.48
N VAL C 70 13.79 -12.60 16.38
CA VAL C 70 14.43 -12.04 17.56
C VAL C 70 13.58 -10.90 18.14
N LEU C 71 13.01 -10.06 17.27
CA LEU C 71 12.19 -8.98 17.80
C LEU C 71 10.86 -9.49 18.35
N LEU C 72 10.34 -10.59 17.80
CA LEU C 72 9.20 -11.24 18.44
C LEU C 72 9.55 -11.76 19.82
N LEU C 73 10.77 -12.28 19.98
CA LEU C 73 11.20 -12.73 21.30
C LEU C 73 11.34 -11.57 22.28
N VAL C 74 11.80 -10.43 21.79
CA VAL C 74 11.91 -9.25 22.65
C VAL C 74 10.53 -8.76 23.08
N ARG C 75 9.56 -8.81 22.16
CA ARG C 75 8.18 -8.51 22.52
C ARG C 75 7.67 -9.45 23.61
N LEU C 76 7.99 -10.74 23.47
CA LEU C 76 7.58 -11.71 24.48
C LEU C 76 8.21 -11.40 25.82
N ILE C 77 9.48 -10.99 25.84
CA ILE C 77 10.14 -10.66 27.10
C ILE C 77 9.46 -9.47 27.77
N ASN C 78 9.11 -8.44 27.00
CA ASN C 78 8.43 -7.29 27.57
C ASN C 78 7.06 -7.68 28.13
N ALA C 79 6.33 -8.52 27.42
CA ALA C 79 5.05 -9.01 27.93
C ALA C 79 5.23 -9.78 29.23
N LEU C 80 6.30 -10.58 29.32
CA LEU C 80 6.58 -11.28 30.56
C LEU C 80 6.90 -10.32 31.69
N ILE C 81 7.56 -9.21 31.39
CA ILE C 81 7.79 -8.17 32.40
C ILE C 81 6.46 -7.69 32.96
N VAL C 82 5.52 -7.40 32.07
CA VAL C 82 4.19 -6.95 32.50
C VAL C 82 3.51 -8.01 33.37
N ALA C 83 3.56 -9.27 32.92
CA ALA C 83 2.87 -10.35 33.62
C ALA C 83 3.47 -10.61 34.99
N ALA C 84 4.80 -10.57 35.10
CA ALA C 84 5.45 -10.80 36.38
C ALA C 84 5.20 -9.64 37.33
N GLU C 85 5.12 -8.41 36.82
CA GLU C 85 4.77 -7.30 37.68
C GLU C 85 3.35 -7.45 38.21
N ALA C 86 2.43 -7.95 37.38
CA ALA C 86 1.05 -8.14 37.84
C ALA C 86 0.97 -9.22 38.91
N GLY C 87 1.63 -10.35 38.71
CA GLY C 87 1.57 -11.44 39.66
C GLY C 87 0.93 -12.69 39.09
N VAL C 88 1.03 -12.87 37.78
CA VAL C 88 0.46 -14.06 37.13
C VAL C 88 1.17 -15.30 37.64
N PRO C 89 0.46 -16.40 37.92
CA PRO C 89 1.12 -17.59 38.46
C PRO C 89 2.16 -18.17 37.51
N LYS C 90 3.04 -18.99 38.08
CA LYS C 90 4.22 -19.43 37.36
C LYS C 90 3.91 -20.50 36.32
N GLU C 91 2.92 -21.36 36.55
CA GLU C 91 2.60 -22.41 35.60
C GLU C 91 2.15 -21.82 34.27
N ALA C 92 1.26 -20.83 34.33
CA ALA C 92 0.83 -20.13 33.12
C ALA C 92 2.01 -19.46 32.45
N LEU C 93 2.95 -18.92 33.24
CA LEU C 93 4.11 -18.25 32.67
C LEU C 93 5.00 -19.23 31.91
N VAL C 94 5.20 -20.44 32.45
CA VAL C 94 6.02 -21.43 31.77
C VAL C 94 5.36 -21.84 30.45
N VAL C 95 4.06 -22.14 30.50
CA VAL C 95 3.36 -22.55 29.28
C VAL C 95 3.40 -21.44 28.24
N ILE C 96 3.21 -20.21 28.67
CA ILE C 96 3.18 -19.07 27.77
C ILE C 96 4.56 -18.83 27.18
N THR C 97 5.61 -19.00 27.97
CA THR C 97 6.97 -18.82 27.46
C THR C 97 7.29 -19.84 26.38
N HIS C 98 6.94 -21.11 26.61
CA HIS C 98 7.22 -22.12 25.60
C HIS C 98 6.42 -21.86 24.32
N ALA C 99 5.13 -21.54 24.47
CA ALA C 99 4.30 -21.22 23.32
C ALA C 99 4.86 -20.02 22.56
N GLY C 100 5.32 -19.01 23.29
CA GLY C 100 5.84 -17.82 22.64
C GLY C 100 7.13 -18.07 21.90
N ILE C 101 8.01 -18.91 22.46
CA ILE C 101 9.24 -19.23 21.74
C ILE C 101 8.91 -19.93 20.44
N LEU C 102 8.01 -20.91 20.47
CA LEU C 102 7.69 -21.63 19.24
C LEU C 102 6.96 -20.73 18.24
N LEU C 103 6.11 -19.83 18.71
CA LEU C 103 5.42 -18.93 17.78
C LEU C 103 6.36 -17.90 17.19
N ALA C 104 7.38 -17.48 17.92
CA ALA C 104 8.39 -16.59 17.36
C ALA C 104 9.23 -17.32 16.32
N LEU C 105 9.50 -18.60 16.54
CA LEU C 105 10.19 -19.39 15.51
C LEU C 105 9.41 -19.41 14.21
N ASP C 106 8.07 -19.34 14.27
CA ASP C 106 7.23 -19.33 13.09
C ASP C 106 7.23 -18.01 12.37
N ARG C 107 7.73 -16.95 13.01
CA ARG C 107 7.50 -15.58 12.56
C ARG C 107 6.01 -15.30 12.42
N ASP C 108 5.23 -15.82 13.37
CA ASP C 108 3.78 -15.69 13.35
C ASP C 108 3.41 -14.46 14.16
N GLU C 109 3.31 -13.31 13.48
CA GLU C 109 3.00 -12.07 14.17
C GLU C 109 1.58 -12.08 14.73
N GLU C 110 0.63 -12.70 14.03
CA GLU C 110 -0.76 -12.72 14.49
C GLU C 110 -0.91 -13.57 15.75
N ALA C 111 -0.33 -14.77 15.74
CA ALA C 111 -0.41 -15.63 16.92
C ALA C 111 0.35 -15.06 18.09
N VAL C 112 1.47 -14.38 17.82
CA VAL C 112 2.21 -13.72 18.88
C VAL C 112 1.39 -12.59 19.49
N ASP C 113 0.69 -11.83 18.64
CA ASP C 113 -0.16 -10.76 19.17
C ASP C 113 -1.31 -11.32 19.99
N ALA C 114 -1.88 -12.44 19.55
CA ALA C 114 -2.91 -13.09 20.35
C ALA C 114 -2.37 -13.55 21.70
N LEU C 115 -1.14 -14.08 21.70
CA LEU C 115 -0.51 -14.49 22.95
C LEU C 115 -0.27 -13.30 23.88
N LEU C 116 0.18 -12.19 23.32
CA LEU C 116 0.44 -11.01 24.16
C LEU C 116 -0.87 -10.44 24.71
N GLU C 117 -1.94 -10.49 23.91
CA GLU C 117 -3.24 -10.08 24.42
C GLU C 117 -3.70 -11.00 25.55
N LEU C 118 -3.43 -12.30 25.42
CA LEU C 118 -3.74 -13.22 26.52
C LEU C 118 -2.96 -12.87 27.77
N ILE C 119 -1.68 -12.55 27.62
CA ILE C 119 -0.87 -12.17 28.78
C ILE C 119 -1.43 -10.90 29.44
N ASP C 120 -1.85 -9.94 28.62
CA ASP C 120 -2.44 -8.72 29.16
C ASP C 120 -3.72 -9.01 29.94
N ARG C 121 -4.59 -9.87 29.40
CA ARG C 121 -5.83 -10.21 30.10
C ARG C 121 -5.54 -10.95 31.39
N LEU C 122 -4.58 -11.87 31.39
CA LEU C 122 -4.26 -12.60 32.62
C LEU C 122 -3.62 -11.67 33.65
N ALA C 123 -2.85 -10.68 33.20
CA ALA C 123 -2.29 -9.70 34.12
C ALA C 123 -3.39 -8.86 34.75
N ARG C 124 -4.38 -8.45 33.96
CA ARG C 124 -5.52 -7.72 34.52
C ARG C 124 -6.28 -8.59 35.52
N ALA C 125 -6.46 -9.87 35.20
CA ALA C 125 -7.15 -10.76 36.12
C ALA C 125 -6.39 -10.93 37.42
N ALA C 126 -5.06 -11.08 37.34
CA ALA C 126 -4.26 -11.24 38.55
C ALA C 126 -4.28 -9.97 39.40
N LYS C 127 -4.19 -8.81 38.76
CA LYS C 127 -4.25 -7.55 39.51
C LYS C 127 -5.63 -7.32 40.12
N ALA C 128 -6.68 -7.83 39.47
CA ALA C 128 -8.04 -7.64 39.97
C ALA C 128 -8.41 -8.58 41.10
N GLY C 129 -7.60 -9.58 41.40
CA GLY C 129 -7.89 -10.49 42.48
C GLY C 129 -8.63 -11.75 42.10
N VAL C 130 -8.69 -12.08 40.82
CA VAL C 130 -9.31 -13.34 40.39
C VAL C 130 -8.55 -14.50 41.01
N PRO C 131 -9.20 -15.56 41.48
CA PRO C 131 -8.48 -16.64 42.14
C PRO C 131 -7.41 -17.26 41.25
N LYS C 132 -6.33 -17.71 41.89
CA LYS C 132 -5.19 -18.24 41.15
C LYS C 132 -5.55 -19.47 40.34
N GLU C 133 -6.42 -20.33 40.88
CA GLU C 133 -6.77 -21.56 40.17
C GLU C 133 -7.48 -21.27 38.85
N ALA C 134 -8.40 -20.30 38.86
CA ALA C 134 -9.09 -19.93 37.63
C ALA C 134 -8.10 -19.37 36.60
N ILE C 135 -7.19 -18.52 37.05
CA ILE C 135 -6.20 -17.94 36.13
C ILE C 135 -5.34 -19.04 35.53
N VAL C 136 -4.88 -19.98 36.35
CA VAL C 136 -4.04 -21.06 35.86
C VAL C 136 -4.80 -21.90 34.85
N THR C 137 -6.03 -22.28 35.17
CA THR C 137 -6.84 -23.10 34.26
C THR C 137 -6.97 -22.43 32.90
N VAL C 138 -7.53 -21.22 32.88
CA VAL C 138 -7.85 -20.59 31.61
C VAL C 138 -6.58 -20.22 30.86
N GLY C 139 -5.54 -19.75 31.57
CA GLY C 139 -4.31 -19.36 30.91
C GLY C 139 -3.59 -20.53 30.27
N VAL C 140 -3.47 -21.65 31.00
CA VAL C 140 -2.83 -22.82 30.43
C VAL C 140 -3.61 -23.32 29.22
N ALA C 141 -4.94 -23.37 29.32
CA ALA C 141 -5.73 -23.84 28.20
C ALA C 141 -5.57 -22.96 26.97
N ALA C 142 -5.64 -21.64 27.15
CA ALA C 142 -5.55 -20.73 26.01
C ALA C 142 -4.15 -20.74 25.41
N ALA C 143 -3.12 -20.85 26.24
CA ALA C 143 -1.76 -20.90 25.71
C ALA C 143 -1.53 -22.18 24.91
N HIS C 144 -2.08 -23.31 25.39
CA HIS C 144 -1.96 -24.54 24.61
C HIS C 144 -2.71 -24.44 23.29
N LEU C 145 -3.88 -23.81 23.30
CA LEU C 145 -4.64 -23.67 22.06
C LEU C 145 -3.95 -22.74 21.07
N LEU C 146 -3.27 -21.71 21.58
CA LEU C 146 -2.50 -20.84 20.69
C LEU C 146 -1.26 -21.55 20.16
N GLN C 147 -0.67 -22.43 20.97
CA GLN C 147 0.44 -23.25 20.52
C GLN C 147 0.03 -24.20 19.41
N ASP C 148 -1.18 -24.75 19.48
CA ASP C 148 -1.69 -25.68 18.49
C ASP C 148 -2.38 -24.99 17.33
N ARG C 149 -2.14 -23.70 17.15
CA ARG C 149 -2.70 -22.97 16.02
C ARG C 149 -4.21 -23.11 15.92
N ASP C 150 -4.90 -22.92 17.03
CA ASP C 150 -6.37 -22.97 17.06
C ASP C 150 -6.85 -21.61 17.53
N LEU C 151 -6.98 -20.67 16.58
CA LEU C 151 -7.34 -19.30 16.94
C LEU C 151 -8.76 -19.16 17.47
N PRO C 152 -9.80 -19.74 16.86
CA PRO C 152 -11.17 -19.47 17.36
C PRO C 152 -11.40 -19.90 18.80
N ARG C 153 -10.90 -21.08 19.18
CA ARG C 153 -11.07 -21.52 20.56
C ARG C 153 -10.27 -20.66 21.53
N ALA C 154 -9.07 -20.23 21.13
CA ALA C 154 -8.29 -19.34 21.96
C ALA C 154 -9.02 -18.01 22.16
N LEU C 155 -9.71 -17.52 21.12
CA LEU C 155 -10.49 -16.30 21.26
C LEU C 155 -11.66 -16.50 22.20
N ARG C 156 -12.30 -17.66 22.15
CA ARG C 156 -13.37 -17.94 23.10
C ARG C 156 -12.84 -17.95 24.54
N LEU C 157 -11.65 -18.51 24.75
CA LEU C 157 -11.07 -18.50 26.09
C LEU C 157 -10.63 -17.10 26.52
N LEU C 158 -10.21 -16.26 25.59
CA LEU C 158 -9.97 -14.85 25.91
C LEU C 158 -11.24 -14.17 26.41
N GLU C 159 -12.36 -14.45 25.75
CA GLU C 159 -13.64 -13.94 26.23
C GLU C 159 -13.94 -14.46 27.63
N VAL C 160 -13.59 -15.71 27.92
CA VAL C 160 -13.79 -16.25 29.26
C VAL C 160 -12.98 -15.48 30.29
N VAL C 161 -11.73 -15.14 29.97
CA VAL C 161 -10.91 -14.37 30.91
C VAL C 161 -11.54 -13.02 31.17
N ASP C 162 -12.00 -12.33 30.12
CA ASP C 162 -12.65 -11.03 30.31
C ASP C 162 -13.88 -11.15 31.20
N LYS C 163 -14.68 -12.19 30.99
CA LYS C 163 -15.86 -12.41 31.82
C LYS C 163 -15.48 -12.67 33.27
N LEU C 164 -14.40 -13.42 33.50
CA LEU C 164 -13.97 -13.66 34.88
C LEU C 164 -13.58 -12.36 35.57
N VAL C 165 -12.88 -11.49 34.86
CA VAL C 165 -12.50 -10.19 35.45
C VAL C 165 -13.75 -9.40 35.83
N HIS C 166 -14.74 -9.37 34.93
CA HIS C 166 -15.96 -8.62 35.25
C HIS C 166 -16.71 -9.22 36.42
N MET C 167 -16.79 -10.56 36.50
CA MET C 167 -17.44 -11.20 37.64
C MET C 167 -16.73 -10.89 38.94
N LYS C 168 -15.39 -10.86 38.93
CA LYS C 168 -14.68 -10.47 40.14
C LYS C 168 -15.01 -9.04 40.54
N ALA C 169 -15.08 -8.14 39.57
CA ALA C 169 -15.48 -6.76 39.85
C ALA C 169 -16.91 -6.65 40.36
N LEU C 170 -17.77 -7.60 40.02
CA LEU C 170 -19.17 -7.59 40.44
C LEU C 170 -19.39 -8.10 41.86
N GLY C 171 -18.35 -8.57 42.53
CA GLY C 171 -18.49 -9.11 43.86
C GLY C 171 -18.86 -10.57 43.93
N VAL C 172 -18.80 -11.30 42.82
CA VAL C 172 -19.11 -12.73 42.82
C VAL C 172 -18.07 -13.46 43.67
N PRO C 173 -18.47 -14.42 44.51
CA PRO C 173 -17.50 -15.12 45.36
C PRO C 173 -16.53 -15.97 44.54
N ASP C 174 -15.40 -16.26 45.17
CA ASP C 174 -14.31 -16.95 44.49
C ASP C 174 -14.70 -18.35 44.03
N GLU C 175 -15.49 -19.05 44.84
CA GLU C 175 -15.86 -20.42 44.49
C GLU C 175 -16.66 -20.47 43.19
N GLU C 176 -17.61 -19.55 43.04
CA GLU C 176 -18.38 -19.50 41.80
C GLU C 176 -17.51 -19.13 40.61
N ILE C 177 -16.53 -18.25 40.81
CA ILE C 177 -15.62 -17.88 39.73
C ILE C 177 -14.81 -19.10 39.29
N ILE C 178 -14.29 -19.86 40.26
CA ILE C 178 -13.52 -21.05 39.94
C ILE C 178 -14.37 -22.07 39.20
N ALA C 179 -15.60 -22.28 39.67
CA ALA C 179 -16.48 -23.23 39.01
C ALA C 179 -16.79 -22.81 37.58
N TYR C 180 -17.08 -21.52 37.37
CA TYR C 180 -17.40 -21.06 36.03
C TYR C 180 -16.21 -21.19 35.10
N ALA C 181 -15.01 -20.83 35.58
CA ALA C 181 -13.82 -20.98 34.75
C ALA C 181 -13.59 -22.44 34.39
N LYS C 182 -13.77 -23.34 35.34
CA LYS C 182 -13.62 -24.77 35.08
C LYS C 182 -14.61 -25.24 34.02
N GLU C 183 -15.87 -24.82 34.13
CA GLU C 183 -16.89 -25.24 33.17
C GLU C 183 -16.57 -24.75 31.77
N GLU C 184 -16.23 -23.47 31.64
CA GLU C 184 -15.96 -22.92 30.31
C GLU C 184 -14.70 -23.53 29.70
N THR C 185 -13.67 -23.77 30.52
CA THR C 185 -12.47 -24.39 29.98
C THR C 185 -12.72 -25.83 29.56
N GLU C 186 -13.51 -26.58 30.33
CA GLU C 186 -13.84 -27.94 29.93
C GLU C 186 -14.65 -27.94 28.65
N ARG C 187 -15.54 -26.96 28.49
CA ARG C 187 -16.29 -26.84 27.24
C ARG C 187 -15.37 -26.57 26.06
N ALA C 188 -14.38 -25.69 26.25
CA ALA C 188 -13.46 -25.38 25.17
C ALA C 188 -12.59 -26.58 24.82
N TYR C 189 -12.05 -27.27 25.82
CA TYR C 189 -11.24 -28.46 25.55
C TYR C 189 -12.05 -29.55 24.88
N LYS C 190 -13.27 -29.80 25.38
CA LYS C 190 -14.09 -30.88 24.85
C LYS C 190 -14.52 -30.59 23.42
N GLY C 191 -14.56 -29.32 23.04
CA GLY C 191 -14.94 -28.90 21.71
C GLY C 191 -16.35 -28.39 21.59
N GLU C 192 -17.13 -28.41 22.67
CA GLU C 192 -18.51 -27.93 22.64
C GLU C 192 -18.57 -26.46 22.27
N GLY D 23 3.90 -13.65 -7.67
CA GLY D 23 3.07 -14.47 -8.53
C GLY D 23 3.41 -14.30 -9.99
N THR D 24 4.02 -15.34 -10.56
CA THR D 24 4.42 -15.28 -11.96
C THR D 24 3.26 -15.50 -12.91
N ALA D 25 2.14 -16.04 -12.43
CA ALA D 25 0.94 -16.10 -13.26
C ALA D 25 0.41 -14.71 -13.57
N GLU D 26 0.46 -13.81 -12.59
CA GLU D 26 0.09 -12.42 -12.86
C GLU D 26 1.07 -11.75 -13.81
N ALA D 27 2.36 -12.08 -13.69
CA ALA D 27 3.34 -11.55 -14.63
C ALA D 27 3.06 -12.01 -16.05
N LEU D 28 2.69 -13.28 -16.21
CA LEU D 28 2.31 -13.79 -17.53
C LEU D 28 1.05 -13.09 -18.04
N LEU D 29 0.09 -12.84 -17.16
CA LEU D 29 -1.11 -12.12 -17.57
C LEU D 29 -0.77 -10.72 -18.07
N LEU D 30 0.08 -10.01 -17.36
CA LEU D 30 0.49 -8.66 -17.77
C LEU D 30 1.26 -8.70 -19.09
N ALA D 31 2.14 -9.69 -19.26
CA ALA D 31 2.87 -9.81 -20.50
C ALA D 31 1.93 -10.08 -21.68
N ARG D 32 0.94 -10.94 -21.48
CA ARG D 32 -0.02 -11.20 -22.55
C ARG D 32 -0.86 -9.97 -22.85
N ALA D 33 -1.19 -9.18 -21.83
CA ALA D 33 -1.89 -7.92 -22.07
C ALA D 33 -1.06 -6.98 -22.93
N ILE D 34 0.23 -6.84 -22.61
CA ILE D 34 1.10 -5.98 -23.40
C ILE D 34 1.21 -6.46 -24.84
N VAL D 35 1.37 -7.77 -25.02
CA VAL D 35 1.56 -8.31 -26.36
C VAL D 35 0.28 -8.17 -27.18
N SER D 36 -0.89 -8.37 -26.57
CA SER D 36 -2.14 -8.17 -27.28
C SER D 36 -2.32 -6.72 -27.69
N ALA D 37 -2.01 -5.78 -26.79
CA ALA D 37 -2.12 -4.38 -27.15
C ALA D 37 -1.20 -4.02 -28.29
N VAL D 38 0.03 -4.53 -28.28
CA VAL D 38 0.99 -4.22 -29.33
C VAL D 38 0.54 -4.81 -30.66
N GLU D 39 -0.01 -6.02 -30.65
CA GLU D 39 -0.47 -6.63 -31.89
C GLU D 39 -1.68 -5.88 -32.46
N ASP D 40 -2.61 -5.47 -31.60
CA ASP D 40 -3.74 -4.68 -32.07
C ASP D 40 -3.29 -3.35 -32.66
N ALA D 41 -2.35 -2.67 -31.98
CA ALA D 41 -1.84 -1.40 -32.49
C ALA D 41 -1.13 -1.59 -33.83
N LYS D 42 -0.40 -2.70 -33.98
CA LYS D 42 0.24 -2.99 -35.25
C LYS D 42 -0.79 -3.21 -36.36
N LYS D 43 -1.88 -3.90 -36.05
CA LYS D 43 -2.94 -4.08 -37.04
C LYS D 43 -3.65 -2.77 -37.37
N HIS D 44 -3.64 -1.82 -36.44
CA HIS D 44 -4.25 -0.51 -36.68
C HIS D 44 -3.38 0.42 -37.52
N GLY D 45 -2.10 0.10 -37.70
CA GLY D 45 -1.22 0.94 -38.48
C GLY D 45 -0.22 1.78 -37.69
N VAL D 46 -0.01 1.51 -36.42
CA VAL D 46 0.96 2.27 -35.64
C VAL D 46 2.36 1.89 -36.09
N PRO D 47 3.29 2.85 -36.22
CA PRO D 47 4.66 2.51 -36.65
C PRO D 47 5.36 1.58 -35.68
N GLU D 48 6.23 0.73 -36.24
CA GLU D 48 6.74 -0.43 -35.53
C GLU D 48 7.83 -0.10 -34.52
N ASP D 49 8.66 0.91 -34.78
CA ASP D 49 9.75 1.22 -33.84
C ASP D 49 9.21 1.73 -32.51
N LEU D 50 8.16 2.54 -32.55
CA LEU D 50 7.50 2.97 -31.33
C LEU D 50 6.95 1.77 -30.56
N LEU D 51 6.33 0.83 -31.27
CA LEU D 51 5.79 -0.35 -30.62
C LEU D 51 6.89 -1.21 -30.02
N ALA D 52 8.05 -1.27 -30.68
CA ALA D 52 9.17 -2.02 -30.11
C ALA D 52 9.65 -1.39 -28.81
N ASP D 53 9.78 -0.07 -28.79
CA ASP D 53 10.15 0.62 -27.54
C ASP D 53 9.16 0.30 -26.43
N ILE D 54 7.86 0.47 -26.72
CA ILE D 54 6.85 0.26 -25.69
C ILE D 54 6.81 -1.19 -25.24
N GLU D 55 6.95 -2.12 -26.18
CA GLU D 55 6.90 -3.54 -25.83
C GLU D 55 8.06 -3.95 -24.95
N ARG D 56 9.27 -3.47 -25.25
CA ARG D 56 10.41 -3.77 -24.40
C ARG D 56 10.19 -3.24 -22.98
N ALA D 57 9.76 -1.98 -22.87
CA ALA D 57 9.52 -1.42 -21.55
C ALA D 57 8.42 -2.17 -20.82
N GLY D 58 7.36 -2.54 -21.54
CA GLY D 58 6.24 -3.23 -20.91
C GLY D 58 6.60 -4.61 -20.41
N LEU D 59 7.38 -5.37 -21.19
CA LEU D 59 7.77 -6.68 -20.73
C LEU D 59 8.73 -6.60 -19.55
N ALA D 60 9.64 -5.62 -19.57
CA ALA D 60 10.52 -5.41 -18.42
C ALA D 60 9.71 -5.10 -17.16
N LEU D 61 8.66 -4.27 -17.30
CA LEU D 61 7.86 -3.93 -16.13
C LEU D 61 6.95 -5.08 -15.71
N ALA D 62 6.53 -5.92 -16.64
CA ALA D 62 5.69 -7.07 -16.30
C ALA D 62 6.47 -8.16 -15.60
N GLU D 63 7.76 -8.28 -15.90
CA GLU D 63 8.58 -9.28 -15.20
C GLU D 63 8.55 -9.10 -13.69
N VAL D 64 8.44 -7.86 -13.21
CA VAL D 64 8.45 -7.58 -11.79
C VAL D 64 7.04 -7.34 -11.25
N GLY D 65 6.01 -7.66 -12.03
CA GLY D 65 4.64 -7.53 -11.56
C GLY D 65 4.20 -6.12 -11.26
N ASP D 66 4.58 -5.16 -12.11
CA ASP D 66 4.16 -3.77 -11.92
C ASP D 66 2.87 -3.55 -12.70
N ARG D 67 1.74 -3.68 -12.02
CA ARG D 67 0.45 -3.59 -12.69
C ARG D 67 0.20 -2.19 -13.24
N GLU D 68 0.36 -1.17 -12.38
CA GLU D 68 -0.03 0.19 -12.76
C GLU D 68 0.80 0.71 -13.93
N ALA D 69 2.11 0.46 -13.92
CA ALA D 69 2.94 0.92 -15.03
C ALA D 69 2.56 0.24 -16.34
N VAL D 70 2.23 -1.05 -16.28
CA VAL D 70 1.82 -1.76 -17.49
C VAL D 70 0.50 -1.20 -18.01
N LEU D 71 -0.45 -0.90 -17.12
CA LEU D 71 -1.71 -0.31 -17.57
C LEU D 71 -1.49 1.06 -18.19
N LEU D 72 -0.59 1.85 -17.61
CA LEU D 72 -0.26 3.14 -18.22
C LEU D 72 0.34 2.98 -19.60
N LEU D 73 1.19 1.97 -19.78
CA LEU D 73 1.75 1.72 -21.11
C LEU D 73 0.67 1.28 -22.10
N VAL D 74 -0.29 0.48 -21.65
CA VAL D 74 -1.39 0.08 -22.53
C VAL D 74 -2.22 1.29 -22.94
N ARG D 75 -2.47 2.20 -21.99
CA ARG D 75 -3.14 3.46 -22.32
C ARG D 75 -2.37 4.25 -23.36
N LEU D 76 -1.05 4.32 -23.22
CA LEU D 76 -0.23 5.00 -24.20
C LEU D 76 -0.33 4.34 -25.57
N ILE D 77 -0.39 3.01 -25.61
CA ILE D 77 -0.53 2.31 -26.89
C ILE D 77 -1.85 2.68 -27.56
N ASN D 78 -2.92 2.73 -26.79
CA ASN D 78 -4.22 3.05 -27.34
C ASN D 78 -4.27 4.48 -27.83
N ALA D 79 -3.66 5.42 -27.12
CA ALA D 79 -3.57 6.80 -27.58
C ALA D 79 -2.75 6.89 -28.86
N LEU D 80 -1.69 6.10 -28.96
CA LEU D 80 -0.92 6.05 -30.20
C LEU D 80 -1.74 5.52 -31.35
N ILE D 81 -2.63 4.55 -31.10
CA ILE D 81 -3.54 4.08 -32.13
C ILE D 81 -4.36 5.25 -32.68
N VAL D 82 -4.93 6.04 -31.76
CA VAL D 82 -5.74 7.18 -32.18
C VAL D 82 -4.91 8.17 -32.99
N ALA D 83 -3.72 8.50 -32.50
CA ALA D 83 -2.87 9.49 -33.17
C ALA D 83 -2.41 9.02 -34.54
N ALA D 84 -2.06 7.75 -34.67
CA ALA D 84 -1.61 7.23 -35.95
C ALA D 84 -2.75 7.15 -36.94
N GLU D 85 -3.97 6.86 -36.47
CA GLU D 85 -5.13 6.91 -37.36
C GLU D 85 -5.39 8.32 -37.85
N ALA D 86 -5.23 9.32 -36.98
CA ALA D 86 -5.49 10.70 -37.38
C ALA D 86 -4.47 11.19 -38.40
N GLY D 87 -3.19 10.88 -38.21
CA GLY D 87 -2.17 11.33 -39.13
C GLY D 87 -1.16 12.27 -38.51
N VAL D 88 -0.92 12.11 -37.22
CA VAL D 88 0.07 12.94 -36.53
C VAL D 88 1.46 12.62 -37.06
N PRO D 89 2.32 13.62 -37.29
CA PRO D 89 3.64 13.34 -37.86
C PRO D 89 4.49 12.47 -36.93
N LYS D 90 5.53 11.88 -37.51
CA LYS D 90 6.27 10.82 -36.80
C LYS D 90 7.21 11.38 -35.74
N GLU D 91 7.80 12.55 -35.95
CA GLU D 91 8.73 13.10 -34.97
C GLU D 91 8.03 13.38 -33.64
N ALA D 92 6.84 13.97 -33.72
CA ALA D 92 6.04 14.18 -32.51
C ALA D 92 5.70 12.85 -31.86
N LEU D 93 5.41 11.82 -32.67
CA LEU D 93 5.09 10.51 -32.12
C LEU D 93 6.26 9.91 -31.37
N VAL D 94 7.47 10.07 -31.89
CA VAL D 94 8.65 9.52 -31.22
C VAL D 94 8.86 10.22 -29.89
N VAL D 95 8.80 11.55 -29.89
CA VAL D 95 8.99 12.30 -28.64
C VAL D 95 7.91 11.92 -27.63
N ILE D 96 6.67 11.80 -28.09
CA ILE D 96 5.55 11.47 -27.21
C ILE D 96 5.73 10.07 -26.64
N THR D 97 6.18 9.12 -27.45
CA THR D 97 6.36 7.75 -26.97
C THR D 97 7.44 7.68 -25.91
N HIS D 98 8.57 8.36 -26.13
CA HIS D 98 9.63 8.35 -25.12
C HIS D 98 9.16 9.00 -23.83
N ALA D 99 8.48 10.14 -23.93
CA ALA D 99 7.95 10.78 -22.74
C ALA D 99 6.95 9.88 -22.02
N GLY D 100 6.10 9.19 -22.77
CA GLY D 100 5.11 8.33 -22.16
C GLY D 100 5.70 7.14 -21.44
N ILE D 101 6.75 6.54 -22.02
CA ILE D 101 7.43 5.44 -21.34
C ILE D 101 8.04 5.93 -20.03
N LEU D 102 8.72 7.07 -20.07
CA LEU D 102 9.32 7.60 -18.85
C LEU D 102 8.26 7.94 -17.80
N LEU D 103 7.12 8.47 -18.23
CA LEU D 103 6.07 8.83 -17.28
C LEU D 103 5.37 7.59 -16.73
N ALA D 104 5.22 6.54 -17.53
CA ALA D 104 4.64 5.30 -17.02
C ALA D 104 5.57 4.63 -16.02
N LEU D 105 6.88 4.78 -16.20
CA LEU D 105 7.81 4.29 -15.19
C LEU D 105 7.59 4.95 -13.83
N ASP D 106 7.24 6.23 -13.82
CA ASP D 106 7.01 6.96 -12.57
C ASP D 106 5.65 6.68 -11.96
N ARG D 107 4.79 5.94 -12.64
CA ARG D 107 3.40 5.75 -12.22
C ARG D 107 2.70 7.08 -12.03
N ASP D 108 2.96 8.01 -12.95
CA ASP D 108 2.42 9.37 -12.89
C ASP D 108 1.12 9.42 -13.69
N GLU D 109 0.01 9.20 -12.99
CA GLU D 109 -1.28 9.19 -13.66
C GLU D 109 -1.66 10.57 -14.18
N GLU D 110 -1.35 11.63 -13.44
CA GLU D 110 -1.70 12.98 -13.88
C GLU D 110 -0.91 13.40 -15.12
N ALA D 111 0.41 13.15 -15.11
CA ALA D 111 1.21 13.50 -16.27
C ALA D 111 0.87 12.62 -17.47
N VAL D 112 0.55 11.35 -17.25
CA VAL D 112 0.13 10.49 -18.34
C VAL D 112 -1.19 10.98 -18.93
N ASP D 113 -2.11 11.44 -18.07
CA ASP D 113 -3.36 11.99 -18.56
C ASP D 113 -3.14 13.27 -19.35
N ALA D 114 -2.21 14.11 -18.91
CA ALA D 114 -1.86 15.30 -19.68
C ALA D 114 -1.28 14.93 -21.04
N LEU D 115 -0.43 13.90 -21.08
CA LEU D 115 0.12 13.45 -22.36
C LEU D 115 -0.96 12.90 -23.28
N LEU D 116 -1.91 12.15 -22.74
CA LEU D 116 -3.01 11.64 -23.56
C LEU D 116 -3.89 12.76 -24.07
N GLU D 117 -4.11 13.79 -23.25
CA GLU D 117 -4.83 14.97 -23.72
C GLU D 117 -4.07 15.67 -24.84
N LEU D 118 -2.75 15.76 -24.72
CA LEU D 118 -1.97 16.36 -25.80
C LEU D 118 -2.08 15.55 -27.08
N ILE D 119 -2.03 14.22 -26.98
CA ILE D 119 -2.15 13.37 -28.15
C ILE D 119 -3.51 13.57 -28.80
N ASP D 120 -4.57 13.68 -28.00
CA ASP D 120 -5.90 13.92 -28.54
C ASP D 120 -5.98 15.25 -29.27
N ARG D 121 -5.42 16.31 -28.69
CA ARG D 121 -5.46 17.62 -29.34
C ARG D 121 -4.66 17.62 -30.64
N LEU D 122 -3.50 16.96 -30.65
CA LEU D 122 -2.71 16.89 -31.86
C LEU D 122 -3.42 16.07 -32.94
N ALA D 123 -4.13 15.02 -32.53
CA ALA D 123 -4.89 14.22 -33.49
C ALA D 123 -6.02 15.05 -34.11
N ARG D 124 -6.71 15.85 -33.30
CA ARG D 124 -7.72 16.74 -33.84
C ARG D 124 -7.12 17.75 -34.80
N ALA D 125 -5.97 18.31 -34.45
CA ALA D 125 -5.30 19.26 -35.33
C ALA D 125 -4.90 18.61 -36.65
N ALA D 126 -4.39 17.39 -36.59
CA ALA D 126 -3.97 16.70 -37.82
C ALA D 126 -5.16 16.36 -38.70
N LYS D 127 -6.27 15.95 -38.09
CA LYS D 127 -7.47 15.69 -38.88
C LYS D 127 -8.06 16.97 -39.48
N ALA D 128 -7.90 18.10 -38.78
CA ALA D 128 -8.47 19.35 -39.26
C ALA D 128 -7.63 20.02 -40.35
N GLY D 129 -6.45 19.51 -40.64
CA GLY D 129 -5.63 20.08 -41.69
C GLY D 129 -4.64 21.13 -41.26
N VAL D 130 -4.35 21.24 -39.97
CA VAL D 130 -3.33 22.19 -39.52
C VAL D 130 -1.99 21.82 -40.14
N PRO D 131 -1.18 22.79 -40.58
CA PRO D 131 0.08 22.44 -41.25
C PRO D 131 0.97 21.56 -40.39
N LYS D 132 1.73 20.70 -41.06
CA LYS D 132 2.55 19.73 -40.36
C LYS D 132 3.61 20.41 -39.48
N GLU D 133 4.16 21.52 -39.96
CA GLU D 133 5.21 22.21 -39.20
C GLU D 133 4.69 22.71 -37.86
N ALA D 134 3.49 23.29 -37.85
CA ALA D 134 2.92 23.78 -36.61
C ALA D 134 2.68 22.64 -35.62
N ILE D 135 2.13 21.53 -36.11
CA ILE D 135 1.86 20.40 -35.24
C ILE D 135 3.16 19.87 -34.66
N VAL D 136 4.19 19.72 -35.49
CA VAL D 136 5.46 19.20 -35.02
C VAL D 136 6.06 20.13 -33.97
N THR D 137 6.07 21.43 -34.24
CA THR D 137 6.63 22.38 -33.29
C THR D 137 5.94 22.29 -31.94
N VAL D 138 4.63 22.49 -31.92
CA VAL D 138 3.93 22.57 -30.64
C VAL D 138 3.94 21.22 -29.94
N GLY D 139 3.78 20.12 -30.68
CA GLY D 139 3.75 18.81 -30.05
C GLY D 139 5.08 18.42 -29.44
N VAL D 140 6.18 18.64 -30.17
CA VAL D 140 7.49 18.31 -29.62
C VAL D 140 7.77 19.15 -28.37
N ALA D 141 7.45 20.45 -28.43
CA ALA D 141 7.68 21.30 -27.27
C ALA D 141 6.86 20.84 -26.07
N ALA D 142 5.58 20.56 -26.27
CA ALA D 142 4.72 20.20 -25.15
C ALA D 142 5.09 18.84 -24.57
N ALA D 143 5.48 17.90 -25.43
CA ALA D 143 5.90 16.59 -24.94
C ALA D 143 7.20 16.70 -24.14
N HIS D 144 8.14 17.52 -24.61
CA HIS D 144 9.36 17.72 -23.84
C HIS D 144 9.05 18.37 -22.49
N LEU D 145 8.15 19.36 -22.46
CA LEU D 145 7.79 20.00 -21.21
C LEU D 145 7.11 19.03 -20.25
N LEU D 146 6.26 18.13 -20.77
CA LEU D 146 5.64 17.12 -19.93
C LEU D 146 6.66 16.12 -19.39
N GLN D 147 7.68 15.83 -20.20
CA GLN D 147 8.72 14.92 -19.76
C GLN D 147 9.55 15.51 -18.62
N ASP D 148 9.70 16.83 -18.59
CA ASP D 148 10.45 17.52 -17.55
C ASP D 148 9.59 17.91 -16.36
N ARG D 149 8.39 17.36 -16.26
CA ARG D 149 7.45 17.65 -15.16
C ARG D 149 7.20 19.14 -15.02
N ASP D 150 6.94 19.79 -16.15
CA ASP D 150 6.60 21.22 -16.18
C ASP D 150 5.15 21.33 -16.66
N LEU D 151 4.22 21.27 -15.71
CA LEU D 151 2.81 21.22 -16.07
C LEU D 151 2.22 22.56 -16.51
N PRO D 152 2.50 23.69 -15.86
CA PRO D 152 1.88 24.95 -16.31
C PRO D 152 2.21 25.33 -17.74
N ARG D 153 3.48 25.23 -18.13
CA ARG D 153 3.86 25.56 -19.50
C ARG D 153 3.28 24.57 -20.50
N ALA D 154 3.19 23.30 -20.10
CA ALA D 154 2.55 22.31 -20.96
C ALA D 154 1.08 22.64 -21.19
N LEU D 155 0.40 23.13 -20.14
CA LEU D 155 -0.99 23.52 -20.29
C LEU D 155 -1.14 24.74 -21.19
N ARG D 156 -0.20 25.68 -21.09
CA ARG D 156 -0.18 26.80 -22.02
C ARG D 156 -0.04 26.33 -23.46
N LEU D 157 0.83 25.35 -23.69
CA LEU D 157 0.99 24.83 -25.06
C LEU D 157 -0.24 24.07 -25.53
N LEU D 158 -0.95 23.40 -24.62
CA LEU D 158 -2.23 22.79 -24.99
C LEU D 158 -3.23 23.85 -25.45
N GLU D 159 -3.29 24.97 -24.74
CA GLU D 159 -4.13 26.08 -25.19
C GLU D 159 -3.71 26.55 -26.57
N VAL D 160 -2.41 26.56 -26.85
CA VAL D 160 -1.92 26.96 -28.17
C VAL D 160 -2.41 26.00 -29.24
N VAL D 161 -2.39 24.70 -28.96
CA VAL D 161 -2.88 23.71 -29.94
C VAL D 161 -4.36 23.96 -30.23
N ASP D 162 -5.15 24.21 -29.19
CA ASP D 162 -6.57 24.49 -29.41
C ASP D 162 -6.77 25.73 -30.26
N LYS D 163 -5.99 26.78 -30.00
CA LYS D 163 -6.08 27.99 -30.80
C LYS D 163 -5.72 27.72 -32.26
N LEU D 164 -4.74 26.87 -32.51
CA LEU D 164 -4.38 26.53 -33.88
C LEU D 164 -5.52 25.83 -34.60
N VAL D 165 -6.20 24.90 -33.91
CA VAL D 165 -7.31 24.20 -34.54
C VAL D 165 -8.43 25.18 -34.88
N HIS D 166 -8.76 26.09 -33.95
CA HIS D 166 -9.81 27.06 -34.22
C HIS D 166 -9.42 28.00 -35.36
N MET D 167 -8.15 28.42 -35.41
CA MET D 167 -7.69 29.27 -36.50
C MET D 167 -7.79 28.57 -37.84
N LYS D 168 -7.45 27.29 -37.91
CA LYS D 168 -7.61 26.55 -39.16
C LYS D 168 -9.07 26.48 -39.56
N ALA D 169 -9.96 26.24 -38.60
CA ALA D 169 -11.39 26.21 -38.90
C ALA D 169 -11.93 27.57 -39.34
N LEU D 170 -11.30 28.67 -38.94
CA LEU D 170 -11.78 30.00 -39.28
C LEU D 170 -11.31 30.47 -40.65
N GLY D 171 -10.42 29.73 -41.31
CA GLY D 171 -9.94 30.11 -42.63
C GLY D 171 -8.65 30.89 -42.65
N VAL D 172 -7.93 30.95 -41.54
CA VAL D 172 -6.63 31.62 -41.51
C VAL D 172 -5.65 30.86 -42.38
N PRO D 173 -4.82 31.52 -43.19
CA PRO D 173 -3.91 30.81 -44.08
C PRO D 173 -2.84 30.03 -43.30
N ASP D 174 -2.26 29.05 -43.99
CA ASP D 174 -1.30 28.16 -43.35
C ASP D 174 -0.06 28.90 -42.86
N GLU D 175 0.40 29.89 -43.62
CA GLU D 175 1.60 30.62 -43.23
C GLU D 175 1.39 31.36 -41.91
N GLU D 176 0.23 31.99 -41.74
CA GLU D 176 -0.05 32.68 -40.49
C GLU D 176 -0.15 31.71 -39.33
N ILE D 177 -0.72 30.53 -39.57
CA ILE D 177 -0.80 29.52 -38.52
C ILE D 177 0.59 29.07 -38.10
N ILE D 178 1.47 28.84 -39.07
CA ILE D 178 2.84 28.44 -38.76
C ILE D 178 3.56 29.53 -37.99
N ALA D 179 3.40 30.79 -38.40
CA ALA D 179 4.04 31.89 -37.70
C ALA D 179 3.54 32.00 -36.27
N TYR D 180 2.23 31.88 -36.06
CA TYR D 180 1.69 32.01 -34.72
C TYR D 180 2.17 30.87 -33.83
N ALA D 181 2.19 29.64 -34.36
CA ALA D 181 2.69 28.51 -33.59
C ALA D 181 4.15 28.72 -33.21
N LYS D 182 4.96 29.21 -34.16
CA LYS D 182 6.36 29.47 -33.87
C LYS D 182 6.52 30.49 -32.75
N GLU D 183 5.77 31.59 -32.82
CA GLU D 183 5.87 32.63 -31.79
C GLU D 183 5.49 32.08 -30.42
N GLU D 184 4.35 31.40 -30.33
CA GLU D 184 3.89 30.92 -29.04
C GLU D 184 4.83 29.85 -28.46
N THR D 185 5.34 28.97 -29.31
CA THR D 185 6.25 27.95 -28.82
C THR D 185 7.58 28.55 -28.36
N GLU D 186 8.09 29.55 -29.09
CA GLU D 186 9.33 30.20 -28.65
C GLU D 186 9.10 30.97 -27.36
N ARG D 187 7.88 31.50 -27.17
CA ARG D 187 7.56 32.13 -25.90
C ARG D 187 7.54 31.10 -24.77
N ALA D 188 7.01 29.91 -25.05
CA ALA D 188 7.02 28.85 -24.03
C ALA D 188 8.44 28.44 -23.67
N TYR D 189 9.29 28.20 -24.68
CA TYR D 189 10.68 27.84 -24.40
C TYR D 189 11.41 28.94 -23.64
N LYS D 190 11.26 30.18 -24.09
CA LYS D 190 12.04 31.27 -23.51
C LYS D 190 11.64 31.54 -22.06
N GLY D 191 10.41 31.19 -21.71
CA GLY D 191 9.91 31.36 -20.35
C GLY D 191 8.99 32.55 -20.18
N GLU D 192 8.79 33.35 -21.22
CA GLU D 192 7.92 34.52 -21.14
C GLU D 192 6.49 34.09 -20.83
N GLY E 23 23.92 -22.00 10.55
CA GLY E 23 24.23 -22.29 11.94
C GLY E 23 23.53 -23.52 12.45
N THR E 24 24.24 -24.33 13.24
CA THR E 24 23.67 -25.55 13.78
C THR E 24 22.71 -25.29 14.93
N ALA E 25 22.81 -24.14 15.59
CA ALA E 25 21.88 -23.81 16.66
C ALA E 25 20.46 -23.64 16.14
N GLU E 26 20.31 -23.01 14.97
CA GLU E 26 19.00 -22.91 14.36
C GLU E 26 18.46 -24.28 13.96
N ALA E 27 19.32 -25.15 13.45
CA ALA E 27 18.90 -26.51 13.11
C ALA E 27 18.42 -27.24 14.35
N LEU E 28 19.12 -27.08 15.47
CA LEU E 28 18.68 -27.70 16.71
C LEU E 28 17.34 -27.13 17.16
N LEU E 29 17.16 -25.82 17.02
CA LEU E 29 15.88 -25.21 17.39
C LEU E 29 14.74 -25.78 16.55
N LEU E 30 14.97 -25.92 15.24
CA LEU E 30 13.94 -26.47 14.37
C LEU E 30 13.65 -27.93 14.70
N ALA E 31 14.70 -28.69 15.01
CA ALA E 31 14.50 -30.09 15.38
C ALA E 31 13.68 -30.20 16.66
N ARG E 32 13.96 -29.33 17.64
CA ARG E 32 13.19 -29.34 18.87
C ARG E 32 11.74 -28.95 18.62
N ALA E 33 11.51 -28.00 17.71
CA ALA E 33 10.13 -27.65 17.36
C ALA E 33 9.40 -28.84 16.76
N ILE E 34 10.04 -29.56 15.84
CA ILE E 34 9.41 -30.73 15.23
C ILE E 34 9.11 -31.79 16.28
N VAL E 35 10.07 -32.05 17.17
CA VAL E 35 9.89 -33.12 18.16
C VAL E 35 8.80 -32.75 19.16
N SER E 36 8.74 -31.49 19.57
CA SER E 36 7.69 -31.06 20.47
C SER E 36 6.32 -31.18 19.83
N ALA E 37 6.19 -30.76 18.57
CA ALA E 37 4.91 -30.91 17.88
C ALA E 37 4.50 -32.37 17.75
N VAL E 38 5.47 -33.24 17.44
CA VAL E 38 5.16 -34.65 17.29
C VAL E 38 4.71 -35.26 18.61
N GLU E 39 5.40 -34.92 19.71
CA GLU E 39 4.99 -35.45 21.01
C GLU E 39 3.62 -34.94 21.42
N ASP E 40 3.32 -33.66 21.16
CA ASP E 40 2.00 -33.14 21.50
C ASP E 40 0.92 -33.85 20.70
N ALA E 41 1.14 -34.05 19.39
CA ALA E 41 0.17 -34.75 18.57
C ALA E 41 -0.01 -36.19 19.04
N LYS E 42 1.08 -36.81 19.50
CA LYS E 42 0.98 -38.16 20.05
C LYS E 42 0.13 -38.18 21.31
N LYS E 43 0.28 -37.18 22.17
CA LYS E 43 -0.54 -37.10 23.37
C LYS E 43 -2.00 -36.82 23.03
N HIS E 44 -2.26 -36.09 21.95
CA HIS E 44 -3.63 -35.80 21.52
C HIS E 44 -4.33 -37.02 20.92
N GLY E 45 -3.60 -38.02 20.48
CA GLY E 45 -4.19 -39.21 19.90
C GLY E 45 -4.03 -39.39 18.41
N VAL E 46 -3.11 -38.67 17.79
CA VAL E 46 -2.86 -38.86 16.35
C VAL E 46 -2.16 -40.19 16.13
N PRO E 47 -2.54 -40.97 15.11
CA PRO E 47 -1.88 -42.26 14.89
C PRO E 47 -0.39 -42.12 14.64
N GLU E 48 0.35 -43.14 15.06
CA GLU E 48 1.79 -43.05 15.21
C GLU E 48 2.56 -43.14 13.89
N ASP E 49 2.04 -43.88 12.91
CA ASP E 49 2.78 -44.03 11.66
C ASP E 49 2.81 -42.73 10.85
N LEU E 50 1.71 -41.98 10.86
CA LEU E 50 1.72 -40.66 10.23
C LEU E 50 2.73 -39.76 10.90
N LEU E 51 2.76 -39.78 12.24
CA LEU E 51 3.73 -38.96 12.96
C LEU E 51 5.15 -39.39 12.66
N ALA E 52 5.37 -40.69 12.43
CA ALA E 52 6.71 -41.16 12.09
C ALA E 52 7.15 -40.62 10.73
N ASP E 53 6.28 -40.67 9.73
CA ASP E 53 6.63 -40.10 8.44
C ASP E 53 6.92 -38.60 8.55
N ILE E 54 6.05 -37.87 9.27
CA ILE E 54 6.24 -36.43 9.37
C ILE E 54 7.51 -36.10 10.13
N GLU E 55 7.82 -36.87 11.18
CA GLU E 55 9.03 -36.64 11.95
C GLU E 55 10.28 -36.89 11.12
N ARG E 56 10.30 -37.97 10.33
CA ARG E 56 11.46 -38.21 9.48
C ARG E 56 11.67 -37.07 8.51
N ALA E 57 10.61 -36.66 7.81
CA ALA E 57 10.73 -35.56 6.87
C ALA E 57 11.18 -34.28 7.56
N GLY E 58 10.61 -33.99 8.74
CA GLY E 58 10.93 -32.77 9.44
C GLY E 58 12.36 -32.71 9.93
N LEU E 59 12.87 -33.83 10.44
CA LEU E 59 14.26 -33.84 10.87
C LEU E 59 15.21 -33.71 9.68
N ALA E 60 14.87 -34.35 8.56
CA ALA E 60 15.68 -34.18 7.36
C ALA E 60 15.72 -32.72 6.92
N LEU E 61 14.58 -32.04 6.95
CA LEU E 61 14.55 -30.65 6.50
C LEU E 61 15.16 -29.71 7.52
N ALA E 62 15.10 -30.04 8.81
CA ALA E 62 15.70 -29.20 9.84
C ALA E 62 17.21 -29.32 9.84
N GLU E 63 17.75 -30.48 9.44
CA GLU E 63 19.20 -30.63 9.39
C GLU E 63 19.85 -29.61 8.48
N VAL E 64 19.17 -29.19 7.40
CA VAL E 64 19.70 -28.22 6.47
C VAL E 64 19.12 -26.83 6.70
N GLY E 65 18.47 -26.62 7.84
CA GLY E 65 17.96 -25.30 8.20
C GLY E 65 16.88 -24.74 7.29
N ASP E 66 15.92 -25.58 6.90
CA ASP E 66 14.82 -25.15 6.02
C ASP E 66 13.66 -24.73 6.91
N ARG E 67 13.57 -23.44 7.20
CA ARG E 67 12.60 -22.96 8.17
C ARG E 67 11.17 -23.10 7.65
N GLU E 68 10.92 -22.63 6.43
CA GLU E 68 9.55 -22.60 5.91
C GLU E 68 8.95 -23.99 5.79
N ALA E 69 9.75 -24.96 5.31
CA ALA E 69 9.26 -26.33 5.19
C ALA E 69 8.92 -26.92 6.55
N VAL E 70 9.75 -26.66 7.56
CA VAL E 70 9.50 -27.18 8.89
C VAL E 70 8.23 -26.56 9.48
N LEU E 71 8.01 -25.26 9.23
CA LEU E 71 6.81 -24.63 9.74
C LEU E 71 5.57 -25.19 9.05
N LEU E 72 5.66 -25.45 7.75
CA LEU E 72 4.54 -26.07 7.05
C LEU E 72 4.25 -27.46 7.60
N LEU E 73 5.30 -28.21 7.95
CA LEU E 73 5.09 -29.52 8.55
C LEU E 73 4.42 -29.43 9.91
N VAL E 74 4.79 -28.42 10.72
CA VAL E 74 4.15 -28.24 12.01
C VAL E 74 2.69 -27.87 11.84
N ARG E 75 2.38 -27.04 10.85
CA ARG E 75 0.98 -26.75 10.53
C ARG E 75 0.22 -28.01 10.19
N LEU E 76 0.84 -28.88 9.39
CA LEU E 76 0.21 -30.16 9.05
C LEU E 76 -0.04 -31.00 10.29
N ILE E 77 0.91 -31.01 11.23
CA ILE E 77 0.73 -31.80 12.44
C ILE E 77 -0.45 -31.29 13.27
N ASN E 78 -0.57 -29.96 13.40
CA ASN E 78 -1.72 -29.42 14.13
C ASN E 78 -3.04 -29.74 13.44
N ALA E 79 -3.07 -29.66 12.11
CA ALA E 79 -4.27 -30.04 11.39
C ALA E 79 -4.60 -31.52 11.62
N LEU E 80 -3.59 -32.37 11.68
CA LEU E 80 -3.83 -33.78 11.96
C LEU E 80 -4.38 -33.98 13.36
N ILE E 81 -3.94 -33.17 14.32
CA ILE E 81 -4.54 -33.21 15.65
C ILE E 81 -6.04 -32.96 15.56
N VAL E 82 -6.42 -31.91 14.82
CA VAL E 82 -7.83 -31.58 14.66
C VAL E 82 -8.59 -32.75 14.02
N ALA E 83 -8.03 -33.29 12.95
CA ALA E 83 -8.72 -34.37 12.21
C ALA E 83 -8.86 -35.62 13.06
N ALA E 84 -7.85 -35.98 13.83
CA ALA E 84 -7.92 -37.16 14.67
C ALA E 84 -8.90 -36.96 15.81
N GLU E 85 -8.96 -35.76 16.37
CA GLU E 85 -9.97 -35.49 17.39
C GLU E 85 -11.38 -35.59 16.84
N ALA E 86 -11.57 -35.18 15.57
CA ALA E 86 -12.90 -35.28 14.97
C ALA E 86 -13.29 -36.73 14.71
N GLY E 87 -12.35 -37.55 14.22
CA GLY E 87 -12.66 -38.93 13.89
C GLY E 87 -12.61 -39.23 12.41
N VAL E 88 -11.80 -38.47 11.68
CA VAL E 88 -11.65 -38.69 10.24
C VAL E 88 -11.04 -40.06 10.00
N PRO E 89 -11.49 -40.82 8.99
CA PRO E 89 -10.97 -42.16 8.78
C PRO E 89 -9.48 -42.16 8.44
N LYS E 90 -8.86 -43.32 8.63
CA LYS E 90 -7.41 -43.43 8.56
C LYS E 90 -6.88 -43.38 7.13
N GLU E 91 -7.64 -43.89 6.16
CA GLU E 91 -7.18 -43.87 4.77
C GLU E 91 -7.00 -42.44 4.27
N ALA E 92 -8.00 -41.59 4.54
CA ALA E 92 -7.89 -40.19 4.19
C ALA E 92 -6.72 -39.55 4.90
N LEU E 93 -6.49 -39.94 6.15
CA LEU E 93 -5.38 -39.38 6.92
C LEU E 93 -4.04 -39.74 6.29
N VAL E 94 -3.88 -40.98 5.84
CA VAL E 94 -2.62 -41.39 5.23
C VAL E 94 -2.37 -40.61 3.95
N VAL E 95 -3.39 -40.53 3.09
CA VAL E 95 -3.24 -39.80 1.84
C VAL E 95 -2.91 -38.34 2.11
N ILE E 96 -3.61 -37.73 3.07
CA ILE E 96 -3.40 -36.33 3.40
C ILE E 96 -2.00 -36.11 3.94
N THR E 97 -1.51 -37.02 4.78
CA THR E 97 -0.17 -36.87 5.34
C THR E 97 0.89 -36.91 4.25
N HIS E 98 0.77 -37.86 3.32
CA HIS E 98 1.75 -37.93 2.24
C HIS E 98 1.70 -36.69 1.36
N ALA E 99 0.49 -36.25 1.02
CA ALA E 99 0.35 -35.04 0.22
C ALA E 99 0.95 -33.85 0.94
N GLY E 100 0.74 -33.75 2.24
CA GLY E 100 1.24 -32.62 3.00
C GLY E 100 2.76 -32.61 3.10
N ILE E 101 3.37 -33.79 3.26
CA ILE E 101 4.82 -33.85 3.27
C ILE E 101 5.38 -33.36 1.94
N LEU E 102 4.83 -33.86 0.83
CA LEU E 102 5.33 -33.40 -0.47
C LEU E 102 5.09 -31.91 -0.69
N LEU E 103 3.93 -31.40 -0.26
CA LEU E 103 3.65 -29.99 -0.46
C LEU E 103 4.53 -29.09 0.42
N ALA E 104 4.87 -29.54 1.62
CA ALA E 104 5.80 -28.77 2.45
C ALA E 104 7.20 -28.80 1.87
N LEU E 105 7.59 -29.90 1.24
CA LEU E 105 8.87 -29.95 0.54
C LEU E 105 8.97 -28.88 -0.53
N ASP E 106 7.84 -28.49 -1.12
CA ASP E 106 7.83 -27.50 -2.18
C ASP E 106 7.68 -26.08 -1.66
N ARG E 107 7.49 -25.91 -0.34
CA ARG E 107 7.22 -24.60 0.25
C ARG E 107 6.01 -23.95 -0.41
N ASP E 108 5.00 -24.76 -0.71
CA ASP E 108 3.79 -24.32 -1.39
C ASP E 108 2.77 -23.90 -0.32
N GLU E 109 2.81 -22.62 0.04
CA GLU E 109 1.91 -22.12 1.08
C GLU E 109 0.45 -22.21 0.64
N GLU E 110 0.17 -21.87 -0.63
CA GLU E 110 -1.21 -21.89 -1.10
C GLU E 110 -1.79 -23.31 -1.10
N ALA E 111 -1.03 -24.28 -1.62
CA ALA E 111 -1.51 -25.65 -1.63
C ALA E 111 -1.60 -26.23 -0.22
N VAL E 112 -0.69 -25.84 0.67
CA VAL E 112 -0.78 -26.29 2.05
C VAL E 112 -2.02 -25.75 2.72
N ASP E 113 -2.36 -24.48 2.48
CA ASP E 113 -3.57 -23.93 3.07
C ASP E 113 -4.83 -24.56 2.47
N ALA E 114 -4.78 -24.91 1.18
CA ALA E 114 -5.89 -25.66 0.61
C ALA E 114 -6.04 -27.02 1.27
N LEU E 115 -4.91 -27.69 1.54
CA LEU E 115 -4.96 -28.97 2.23
C LEU E 115 -5.52 -28.84 3.64
N LEU E 116 -5.12 -27.80 4.36
CA LEU E 116 -5.62 -27.60 5.71
C LEU E 116 -7.11 -27.29 5.71
N GLU E 117 -7.57 -26.52 4.73
CA GLU E 117 -9.00 -26.28 4.59
C GLU E 117 -9.76 -27.57 4.29
N LEU E 118 -9.17 -28.45 3.47
CA LEU E 118 -9.78 -29.74 3.23
C LEU E 118 -9.87 -30.56 4.50
N ILE E 119 -8.80 -30.56 5.31
CA ILE E 119 -8.82 -31.32 6.56
C ILE E 119 -9.89 -30.78 7.49
N ASP E 120 -10.05 -29.45 7.53
CA ASP E 120 -11.08 -28.85 8.36
C ASP E 120 -12.48 -29.27 7.90
N ARG E 121 -12.72 -29.27 6.59
CA ARG E 121 -14.02 -29.69 6.08
C ARG E 121 -14.29 -31.16 6.38
N LEU E 122 -13.27 -32.01 6.24
CA LEU E 122 -13.47 -33.43 6.54
C LEU E 122 -13.70 -33.67 8.02
N ALA E 123 -13.05 -32.87 8.88
CA ALA E 123 -13.30 -32.95 10.31
C ALA E 123 -14.72 -32.55 10.66
N ARG E 124 -15.22 -31.48 10.03
CA ARG E 124 -16.62 -31.09 10.24
C ARG E 124 -17.57 -32.17 9.76
N ALA E 125 -17.27 -32.78 8.61
CA ALA E 125 -18.12 -33.86 8.11
C ALA E 125 -18.11 -35.06 9.05
N ALA E 126 -16.95 -35.40 9.59
CA ALA E 126 -16.86 -36.53 10.52
C ALA E 126 -17.62 -36.25 11.81
N LYS E 127 -17.51 -35.03 12.35
CA LYS E 127 -18.25 -34.68 13.55
C LYS E 127 -19.74 -34.63 13.29
N ALA E 128 -20.16 -34.26 12.08
CA ALA E 128 -21.57 -34.14 11.75
C ALA E 128 -22.25 -35.46 11.47
N GLY E 129 -21.50 -36.56 11.40
CA GLY E 129 -22.11 -37.86 11.17
C GLY E 129 -22.25 -38.27 9.72
N VAL E 130 -21.54 -37.63 8.80
CA VAL E 130 -21.53 -38.05 7.41
C VAL E 130 -20.99 -39.47 7.33
N PRO E 131 -21.53 -40.36 6.49
CA PRO E 131 -21.02 -41.73 6.43
C PRO E 131 -19.54 -41.79 6.13
N LYS E 132 -18.88 -42.81 6.67
CA LYS E 132 -17.44 -42.94 6.52
C LYS E 132 -17.04 -43.13 5.06
N GLU E 133 -17.83 -43.90 4.31
CA GLU E 133 -17.47 -44.19 2.92
C GLU E 133 -17.41 -42.92 2.07
N ALA E 134 -18.40 -42.04 2.25
CA ALA E 134 -18.39 -40.78 1.49
C ALA E 134 -17.20 -39.91 1.85
N ILE E 135 -16.89 -39.83 3.15
CA ILE E 135 -15.74 -39.04 3.59
C ILE E 135 -14.46 -39.58 2.98
N VAL E 136 -14.29 -40.90 3.01
CA VAL E 136 -13.08 -41.49 2.45
C VAL E 136 -12.99 -41.20 0.96
N THR E 137 -14.10 -41.38 0.23
CA THR E 137 -14.08 -41.16 -1.21
C THR E 137 -13.65 -39.74 -1.54
N VAL E 138 -14.37 -38.76 -0.99
CA VAL E 138 -14.12 -37.37 -1.38
C VAL E 138 -12.76 -36.90 -0.84
N GLY E 139 -12.39 -37.31 0.37
CA GLY E 139 -11.12 -36.89 0.92
C GLY E 139 -9.93 -37.42 0.15
N VAL E 140 -9.97 -38.72 -0.19
CA VAL E 140 -8.88 -39.29 -0.96
C VAL E 140 -8.78 -38.62 -2.33
N ALA E 141 -9.92 -38.40 -2.99
CA ALA E 141 -9.89 -37.76 -4.31
C ALA E 141 -9.31 -36.35 -4.22
N ALA E 142 -9.77 -35.56 -3.25
CA ALA E 142 -9.32 -34.17 -3.16
C ALA E 142 -7.85 -34.10 -2.75
N ALA E 143 -7.39 -34.97 -1.87
CA ALA E 143 -5.99 -34.98 -1.49
C ALA E 143 -5.10 -35.35 -2.66
N HIS E 144 -5.50 -36.34 -3.45
CA HIS E 144 -4.72 -36.70 -4.63
C HIS E 144 -4.69 -35.57 -5.64
N LEU E 145 -5.81 -34.89 -5.84
CA LEU E 145 -5.83 -33.77 -6.76
C LEU E 145 -4.95 -32.62 -6.27
N LEU E 146 -4.90 -32.41 -4.95
CA LEU E 146 -4.02 -31.39 -4.42
C LEU E 146 -2.55 -31.76 -4.59
N GLN E 147 -2.23 -33.05 -4.47
CA GLN E 147 -0.86 -33.49 -4.66
C GLN E 147 -0.43 -33.32 -6.12
N ASP E 148 -1.37 -33.36 -7.06
CA ASP E 148 -1.09 -33.22 -8.48
C ASP E 148 -1.23 -31.78 -8.96
N ARG E 149 -1.15 -30.83 -8.05
CA ARG E 149 -1.23 -29.42 -8.43
C ARG E 149 -2.43 -29.11 -9.31
N ASP E 150 -3.59 -29.64 -8.97
CA ASP E 150 -4.82 -29.38 -9.70
C ASP E 150 -5.76 -28.66 -8.74
N LEU E 151 -5.65 -27.33 -8.70
CA LEU E 151 -6.42 -26.55 -7.73
C LEU E 151 -7.89 -26.44 -8.09
N PRO E 152 -8.29 -26.16 -9.33
CA PRO E 152 -9.74 -26.00 -9.60
C PRO E 152 -10.57 -27.23 -9.28
N ARG E 153 -10.11 -28.43 -9.67
CA ARG E 153 -10.84 -29.63 -9.37
C ARG E 153 -10.90 -29.90 -7.86
N ALA E 154 -9.81 -29.62 -7.16
CA ALA E 154 -9.81 -29.78 -5.71
C ALA E 154 -10.79 -28.83 -5.05
N LEU E 155 -10.92 -27.61 -5.57
CA LEU E 155 -11.89 -26.68 -5.03
C LEU E 155 -13.32 -27.15 -5.29
N ARG E 156 -13.55 -27.74 -6.46
CA ARG E 156 -14.87 -28.34 -6.72
C ARG E 156 -15.16 -29.45 -5.73
N LEU E 157 -14.16 -30.27 -5.40
CA LEU E 157 -14.38 -31.33 -4.41
C LEU E 157 -14.58 -30.76 -3.01
N LEU E 158 -13.96 -29.64 -2.68
CA LEU E 158 -14.24 -28.98 -1.40
C LEU E 158 -15.70 -28.53 -1.33
N GLU E 159 -16.22 -27.99 -2.44
CA GLU E 159 -17.65 -27.68 -2.49
C GLU E 159 -18.49 -28.93 -2.30
N VAL E 160 -18.05 -30.07 -2.83
CA VAL E 160 -18.78 -31.31 -2.65
C VAL E 160 -18.83 -31.69 -1.17
N VAL E 161 -17.71 -31.54 -0.46
CA VAL E 161 -17.70 -31.86 0.97
C VAL E 161 -18.68 -30.96 1.73
N ASP E 162 -18.67 -29.66 1.43
CA ASP E 162 -19.60 -28.76 2.12
C ASP E 162 -21.06 -29.16 1.85
N LYS E 163 -21.36 -29.52 0.60
CA LYS E 163 -22.70 -29.97 0.26
C LYS E 163 -23.08 -31.22 1.04
N LEU E 164 -22.15 -32.17 1.18
CA LEU E 164 -22.44 -33.38 1.95
C LEU E 164 -22.77 -33.05 3.39
N VAL E 165 -22.02 -32.14 4.00
CA VAL E 165 -22.31 -31.74 5.37
C VAL E 165 -23.71 -31.16 5.48
N HIS E 166 -24.09 -30.29 4.53
CA HIS E 166 -25.42 -29.69 4.59
C HIS E 166 -26.53 -30.73 4.40
N MET E 167 -26.34 -31.67 3.47
CA MET E 167 -27.34 -32.72 3.30
C MET E 167 -27.47 -33.59 4.55
N LYS E 168 -26.35 -33.87 5.23
CA LYS E 168 -26.44 -34.62 6.48
C LYS E 168 -27.23 -33.84 7.52
N ALA E 169 -26.98 -32.54 7.64
CA ALA E 169 -27.74 -31.71 8.55
C ALA E 169 -29.22 -31.61 8.18
N LEU E 170 -29.56 -31.80 6.92
CA LEU E 170 -30.94 -31.66 6.45
C LEU E 170 -31.76 -32.93 6.62
N GLY E 171 -31.16 -34.02 7.10
CA GLY E 171 -31.89 -35.25 7.32
C GLY E 171 -31.88 -36.23 6.17
N VAL E 172 -31.09 -35.97 5.13
CA VAL E 172 -31.03 -36.90 3.99
C VAL E 172 -30.44 -38.23 4.46
N PRO E 173 -31.01 -39.36 4.06
CA PRO E 173 -30.48 -40.65 4.51
C PRO E 173 -29.08 -40.93 3.99
N ASP E 174 -28.39 -41.84 4.69
CA ASP E 174 -26.97 -42.09 4.41
C ASP E 174 -26.75 -42.65 3.01
N GLU E 175 -27.69 -43.46 2.51
CA GLU E 175 -27.51 -44.08 1.20
C GLU E 175 -27.42 -43.03 0.10
N GLU E 176 -28.32 -42.04 0.12
CA GLU E 176 -28.26 -41.00 -0.89
C GLU E 176 -27.05 -40.11 -0.73
N ILE E 177 -26.57 -39.91 0.51
CA ILE E 177 -25.34 -39.16 0.72
C ILE E 177 -24.17 -39.88 0.09
N ILE E 178 -24.07 -41.20 0.31
CA ILE E 178 -23.00 -41.99 -0.28
C ILE E 178 -23.07 -41.94 -1.80
N ALA E 179 -24.27 -42.10 -2.35
CA ALA E 179 -24.43 -42.06 -3.80
C ALA E 179 -24.05 -40.70 -4.37
N TYR E 180 -24.48 -39.61 -3.74
CA TYR E 180 -24.13 -38.29 -4.25
C TYR E 180 -22.63 -38.07 -4.21
N ALA E 181 -21.98 -38.45 -3.11
CA ALA E 181 -20.53 -38.30 -3.04
C ALA E 181 -19.84 -39.11 -4.11
N LYS E 182 -20.31 -40.34 -4.33
CA LYS E 182 -19.72 -41.20 -5.36
C LYS E 182 -19.83 -40.56 -6.74
N GLU E 183 -21.03 -40.12 -7.12
CA GLU E 183 -21.22 -39.53 -8.44
C GLU E 183 -20.42 -38.24 -8.62
N GLU E 184 -20.40 -37.37 -7.62
CA GLU E 184 -19.61 -36.15 -7.76
C GLU E 184 -18.12 -36.47 -7.87
N THR E 185 -17.65 -37.48 -7.15
CA THR E 185 -16.24 -37.83 -7.21
C THR E 185 -15.87 -38.42 -8.56
N GLU E 186 -16.70 -39.30 -9.13
CA GLU E 186 -16.40 -39.80 -10.48
C GLU E 186 -16.48 -38.67 -11.50
N ARG E 187 -17.38 -37.70 -11.27
CA ARG E 187 -17.43 -36.54 -12.17
C ARG E 187 -16.13 -35.77 -12.12
N ALA E 188 -15.56 -35.59 -10.92
CA ALA E 188 -14.29 -34.88 -10.80
C ALA E 188 -13.15 -35.67 -11.44
N TYR E 189 -13.06 -36.98 -11.14
CA TYR E 189 -11.99 -37.79 -11.69
C TYR E 189 -12.06 -37.86 -13.21
N LYS E 190 -13.26 -38.09 -13.76
CA LYS E 190 -13.39 -38.25 -15.20
C LYS E 190 -13.08 -36.95 -15.93
N GLY E 191 -13.25 -35.81 -15.27
CA GLY E 191 -12.98 -34.51 -15.85
C GLY E 191 -14.21 -33.75 -16.29
N GLU E 192 -15.40 -34.32 -16.12
CA GLU E 192 -16.63 -33.64 -16.50
C GLU E 192 -16.82 -32.35 -15.72
N GLY F 23 -1.87 -12.83 2.85
CA GLY F 23 -2.93 -13.73 3.32
C GLY F 23 -3.38 -14.70 2.25
N THR F 24 -2.94 -15.95 2.37
CA THR F 24 -3.33 -16.98 1.42
C THR F 24 -4.73 -17.53 1.69
N ALA F 25 -5.27 -17.30 2.88
CA ALA F 25 -6.66 -17.66 3.13
C ALA F 25 -7.61 -16.79 2.31
N GLU F 26 -7.28 -15.51 2.18
CA GLU F 26 -8.06 -14.65 1.28
C GLU F 26 -7.92 -15.09 -0.17
N ALA F 27 -6.71 -15.51 -0.56
CA ALA F 27 -6.52 -16.04 -1.91
C ALA F 27 -7.38 -17.28 -2.14
N LEU F 28 -7.48 -18.14 -1.13
CA LEU F 28 -8.34 -19.32 -1.26
C LEU F 28 -9.80 -18.93 -1.35
N LEU F 29 -10.21 -17.92 -0.59
CA LEU F 29 -11.59 -17.43 -0.67
C LEU F 29 -11.91 -16.91 -2.07
N LEU F 30 -10.99 -16.14 -2.65
CA LEU F 30 -11.19 -15.62 -4.00
C LEU F 30 -11.22 -16.74 -5.02
N ALA F 31 -10.35 -17.73 -4.87
CA ALA F 31 -10.35 -18.87 -5.79
C ALA F 31 -11.66 -19.63 -5.72
N ARG F 32 -12.18 -19.84 -4.52
CA ARG F 32 -13.47 -20.52 -4.39
C ARG F 32 -14.61 -19.70 -4.97
N ALA F 33 -14.54 -18.37 -4.84
CA ALA F 33 -15.55 -17.53 -5.46
C ALA F 33 -15.52 -17.66 -6.98
N ILE F 34 -14.33 -17.63 -7.58
CA ILE F 34 -14.22 -17.79 -9.03
C ILE F 34 -14.76 -19.14 -9.47
N VAL F 35 -14.39 -20.21 -8.75
CA VAL F 35 -14.79 -21.54 -9.17
C VAL F 35 -16.30 -21.73 -9.02
N SER F 36 -16.89 -21.21 -7.94
CA SER F 36 -18.34 -21.29 -7.78
C SER F 36 -19.07 -20.53 -8.88
N ALA F 37 -18.59 -19.34 -9.22
CA ALA F 37 -19.22 -18.58 -10.29
C ALA F 37 -19.12 -19.32 -11.62
N VAL F 38 -17.97 -19.92 -11.91
CA VAL F 38 -17.78 -20.64 -13.16
C VAL F 38 -18.68 -21.87 -13.22
N GLU F 39 -18.83 -22.58 -12.10
CA GLU F 39 -19.69 -23.76 -12.09
C GLU F 39 -21.16 -23.38 -12.25
N ASP F 40 -21.60 -22.29 -11.61
CA ASP F 40 -22.97 -21.83 -11.81
C ASP F 40 -23.19 -21.43 -13.27
N ALA F 41 -22.23 -20.72 -13.86
CA ALA F 41 -22.36 -20.33 -15.25
C ALA F 41 -22.43 -21.53 -16.17
N LYS F 42 -21.64 -22.57 -15.88
CA LYS F 42 -21.70 -23.80 -16.66
C LYS F 42 -23.07 -24.44 -16.55
N LYS F 43 -23.66 -24.44 -15.35
CA LYS F 43 -25.00 -24.99 -15.19
C LYS F 43 -26.05 -24.16 -15.92
N HIS F 44 -25.79 -22.87 -16.11
CA HIS F 44 -26.72 -21.99 -16.81
C HIS F 44 -26.65 -22.11 -18.33
N GLY F 45 -25.60 -22.71 -18.87
CA GLY F 45 -25.48 -22.88 -20.30
C GLY F 45 -24.46 -22.01 -21.01
N VAL F 46 -23.58 -21.33 -20.28
CA VAL F 46 -22.55 -20.51 -20.92
C VAL F 46 -21.55 -21.43 -21.61
N PRO F 47 -21.07 -21.09 -22.81
CA PRO F 47 -20.08 -21.95 -23.49
C PRO F 47 -18.82 -22.13 -22.65
N GLU F 48 -18.25 -23.34 -22.74
CA GLU F 48 -17.21 -23.75 -21.81
C GLU F 48 -15.87 -23.07 -22.08
N ASP F 49 -15.57 -22.75 -23.35
CA ASP F 49 -14.27 -22.16 -23.66
C ASP F 49 -14.12 -20.76 -23.08
N LEU F 50 -15.18 -19.94 -23.19
CA LEU F 50 -15.13 -18.63 -22.56
C LEU F 50 -14.93 -18.75 -21.06
N LEU F 51 -15.59 -19.73 -20.45
CA LEU F 51 -15.42 -19.99 -19.03
C LEU F 51 -13.99 -20.40 -18.72
N ALA F 52 -13.34 -21.15 -19.62
CA ALA F 52 -11.95 -21.53 -19.40
C ALA F 52 -11.03 -20.33 -19.39
N ASP F 53 -11.19 -19.42 -20.35
CA ASP F 53 -10.40 -18.19 -20.32
C ASP F 53 -10.62 -17.40 -19.03
N ILE F 54 -11.89 -17.20 -18.66
CA ILE F 54 -12.17 -16.41 -17.47
C ILE F 54 -11.61 -17.08 -16.22
N GLU F 55 -11.74 -18.41 -16.14
CA GLU F 55 -11.25 -19.13 -14.97
C GLU F 55 -9.74 -19.05 -14.84
N ARG F 56 -9.02 -19.20 -15.96
CA ARG F 56 -7.56 -19.07 -15.90
C ARG F 56 -7.15 -17.69 -15.42
N ALA F 57 -7.76 -16.65 -16.00
CA ALA F 57 -7.42 -15.29 -15.57
C ALA F 57 -7.78 -15.08 -14.10
N GLY F 58 -8.93 -15.59 -13.67
CA GLY F 58 -9.37 -15.37 -12.31
C GLY F 58 -8.49 -16.07 -11.29
N LEU F 59 -8.07 -17.30 -11.58
CA LEU F 59 -7.17 -17.99 -10.65
C LEU F 59 -5.81 -17.31 -10.59
N ALA F 60 -5.29 -16.86 -11.74
CA ALA F 60 -4.02 -16.14 -11.72
C ALA F 60 -4.13 -14.87 -10.88
N LEU F 61 -5.25 -14.14 -10.99
CA LEU F 61 -5.39 -12.93 -10.21
C LEU F 61 -5.67 -13.22 -8.74
N ALA F 62 -6.27 -14.36 -8.44
CA ALA F 62 -6.51 -14.73 -7.05
C ALA F 62 -5.23 -15.15 -6.34
N GLU F 63 -4.28 -15.72 -7.08
CA GLU F 63 -3.00 -16.10 -6.46
C GLU F 63 -2.32 -14.91 -5.80
N VAL F 64 -2.45 -13.71 -6.38
CA VAL F 64 -1.79 -12.53 -5.85
C VAL F 64 -2.72 -11.67 -5.00
N GLY F 65 -3.88 -12.22 -4.63
CA GLY F 65 -4.80 -11.50 -3.76
C GLY F 65 -5.37 -10.23 -4.36
N ASP F 66 -5.71 -10.25 -5.64
CA ASP F 66 -6.29 -9.09 -6.32
C ASP F 66 -7.81 -9.19 -6.20
N ARG F 67 -8.37 -8.47 -5.24
CA ARG F 67 -9.80 -8.58 -4.99
C ARG F 67 -10.61 -7.94 -6.10
N GLU F 68 -10.37 -6.65 -6.37
CA GLU F 68 -11.22 -5.90 -7.29
C GLU F 68 -11.26 -6.54 -8.68
N ALA F 69 -10.11 -7.00 -9.18
CA ALA F 69 -10.08 -7.64 -10.48
C ALA F 69 -10.91 -8.92 -10.49
N VAL F 70 -10.82 -9.71 -9.42
CA VAL F 70 -11.55 -10.98 -9.36
C VAL F 70 -13.06 -10.72 -9.32
N LEU F 71 -13.51 -9.73 -8.55
CA LEU F 71 -14.95 -9.47 -8.54
C LEU F 71 -15.42 -8.84 -9.84
N LEU F 72 -14.55 -8.09 -10.53
CA LEU F 72 -14.88 -7.64 -11.88
C LEU F 72 -15.07 -8.83 -12.83
N LEU F 73 -14.22 -9.85 -12.69
CA LEU F 73 -14.38 -11.04 -13.52
C LEU F 73 -15.65 -11.79 -13.18
N VAL F 74 -16.04 -11.82 -11.90
CA VAL F 74 -17.29 -12.47 -11.52
C VAL F 74 -18.48 -11.72 -12.10
N ARG F 75 -18.41 -10.38 -12.11
CA ARG F 75 -19.43 -9.60 -12.79
C ARG F 75 -19.52 -9.95 -14.27
N LEU F 76 -18.37 -10.11 -14.92
CA LEU F 76 -18.36 -10.50 -16.32
C LEU F 76 -19.01 -11.86 -16.53
N ILE F 77 -18.75 -12.80 -15.62
CA ILE F 77 -19.34 -14.13 -15.73
C ILE F 77 -20.86 -14.06 -15.63
N ASN F 78 -21.37 -13.25 -14.70
CA ASN F 78 -22.82 -13.14 -14.54
C ASN F 78 -23.46 -12.48 -15.76
N ALA F 79 -22.82 -11.46 -16.32
CA ALA F 79 -23.31 -10.86 -17.55
C ALA F 79 -23.31 -11.87 -18.70
N LEU F 80 -22.29 -12.73 -18.75
CA LEU F 80 -22.28 -13.80 -19.74
C LEU F 80 -23.42 -14.78 -19.54
N ILE F 81 -23.79 -15.05 -18.29
CA ILE F 81 -24.97 -15.88 -18.03
C ILE F 81 -26.20 -15.26 -18.68
N VAL F 82 -26.38 -13.95 -18.46
CA VAL F 82 -27.54 -13.27 -19.03
C VAL F 82 -27.52 -13.36 -20.55
N ALA F 83 -26.36 -13.07 -21.16
CA ALA F 83 -26.26 -13.06 -22.62
C ALA F 83 -26.47 -14.44 -23.21
N ALA F 84 -25.94 -15.49 -22.57
CA ALA F 84 -26.11 -16.84 -23.09
C ALA F 84 -27.55 -17.31 -22.94
N GLU F 85 -28.24 -16.88 -21.88
CA GLU F 85 -29.66 -17.18 -21.77
C GLU F 85 -30.45 -16.50 -22.89
N ALA F 86 -30.12 -15.26 -23.20
CA ALA F 86 -30.86 -14.54 -24.25
C ALA F 86 -30.65 -15.16 -25.62
N GLY F 87 -29.42 -15.54 -25.95
CA GLY F 87 -29.14 -16.09 -27.26
C GLY F 87 -28.22 -15.23 -28.10
N VAL F 88 -27.31 -14.51 -27.45
CA VAL F 88 -26.37 -13.66 -28.17
C VAL F 88 -25.44 -14.55 -28.98
N PRO F 89 -25.07 -14.18 -30.22
CA PRO F 89 -24.19 -15.04 -31.02
C PRO F 89 -22.82 -15.22 -30.38
N LYS F 90 -22.18 -16.33 -30.74
CA LYS F 90 -20.95 -16.75 -30.07
C LYS F 90 -19.77 -15.85 -30.39
N GLU F 91 -19.68 -15.33 -31.61
CA GLU F 91 -18.52 -14.50 -31.97
C GLU F 91 -18.46 -13.23 -31.13
N ALA F 92 -19.60 -12.57 -30.98
CA ALA F 92 -19.66 -11.40 -30.10
C ALA F 92 -19.33 -11.78 -28.67
N LEU F 93 -19.75 -12.97 -28.25
CA LEU F 93 -19.44 -13.43 -26.89
C LEU F 93 -17.94 -13.60 -26.69
N VAL F 94 -17.25 -14.14 -27.69
CA VAL F 94 -15.80 -14.32 -27.58
C VAL F 94 -15.10 -12.97 -27.48
N VAL F 95 -15.46 -12.05 -28.36
CA VAL F 95 -14.85 -10.72 -28.33
C VAL F 95 -15.12 -10.03 -27.00
N ILE F 96 -16.36 -10.15 -26.51
CA ILE F 96 -16.74 -9.52 -25.25
C ILE F 96 -15.97 -10.13 -24.09
N THR F 97 -15.79 -11.45 -24.09
CA THR F 97 -15.07 -12.09 -23.00
C THR F 97 -13.61 -11.65 -22.97
N HIS F 98 -12.95 -11.60 -24.12
CA HIS F 98 -11.56 -11.17 -24.15
C HIS F 98 -11.43 -9.73 -23.69
N ALA F 99 -12.31 -8.85 -24.20
CA ALA F 99 -12.30 -7.47 -23.78
C ALA F 99 -12.53 -7.34 -22.27
N GLY F 100 -13.46 -8.12 -21.73
CA GLY F 100 -13.75 -8.04 -20.31
C GLY F 100 -12.61 -8.52 -19.44
N ILE F 101 -11.93 -9.58 -19.84
CA ILE F 101 -10.77 -10.03 -19.08
C ILE F 101 -9.71 -8.95 -19.05
N LEU F 102 -9.43 -8.34 -20.20
CA LEU F 102 -8.37 -7.34 -20.23
C LEU F 102 -8.77 -6.05 -19.51
N LEU F 103 -10.07 -5.76 -19.47
CA LEU F 103 -10.53 -4.60 -18.71
C LEU F 103 -10.57 -4.86 -17.21
N ALA F 104 -10.84 -6.09 -16.81
CA ALA F 104 -10.78 -6.44 -15.40
C ALA F 104 -9.35 -6.46 -14.88
N LEU F 105 -8.39 -6.79 -15.75
CA LEU F 105 -6.99 -6.65 -15.38
C LEU F 105 -6.64 -5.22 -15.03
N ASP F 106 -7.22 -4.25 -15.73
CA ASP F 106 -6.94 -2.84 -15.48
C ASP F 106 -7.66 -2.30 -14.25
N ARG F 107 -8.55 -3.07 -13.64
CA ARG F 107 -9.41 -2.59 -12.56
C ARG F 107 -10.21 -1.37 -13.00
N ASP F 108 -10.70 -1.40 -14.24
CA ASP F 108 -11.42 -0.29 -14.84
C ASP F 108 -12.91 -0.51 -14.65
N GLU F 109 -13.46 0.09 -13.60
CA GLU F 109 -14.87 -0.11 -13.29
C GLU F 109 -15.78 0.59 -14.29
N GLU F 110 -15.37 1.75 -14.81
CA GLU F 110 -16.22 2.46 -15.76
C GLU F 110 -16.31 1.72 -17.09
N ALA F 111 -15.17 1.28 -17.62
CA ALA F 111 -15.18 0.53 -18.87
C ALA F 111 -15.88 -0.82 -18.71
N VAL F 112 -15.71 -1.48 -17.56
CA VAL F 112 -16.41 -2.73 -17.31
C VAL F 112 -17.91 -2.50 -17.24
N ASP F 113 -18.33 -1.40 -16.61
CA ASP F 113 -19.75 -1.07 -16.59
C ASP F 113 -20.28 -0.80 -17.99
N ALA F 114 -19.50 -0.12 -18.82
CA ALA F 114 -19.92 0.08 -20.21
C ALA F 114 -20.04 -1.24 -20.95
N LEU F 115 -19.10 -2.17 -20.72
CA LEU F 115 -19.17 -3.48 -21.36
C LEU F 115 -20.40 -4.26 -20.90
N LEU F 116 -20.72 -4.20 -19.61
CA LEU F 116 -21.89 -4.89 -19.10
C LEU F 116 -23.18 -4.30 -19.65
N GLU F 117 -23.21 -2.97 -19.79
CA GLU F 117 -24.36 -2.32 -20.41
C GLU F 117 -24.51 -2.76 -21.86
N LEU F 118 -23.38 -2.90 -22.57
CA LEU F 118 -23.42 -3.40 -23.95
C LEU F 118 -23.95 -4.82 -24.00
N ILE F 119 -23.51 -5.68 -23.08
CA ILE F 119 -23.99 -7.06 -23.03
C ILE F 119 -25.50 -7.09 -22.80
N ASP F 120 -25.99 -6.24 -21.90
CA ASP F 120 -27.43 -6.18 -21.64
C ASP F 120 -28.21 -5.73 -22.88
N ARG F 121 -27.71 -4.71 -23.58
CA ARG F 121 -28.38 -4.26 -24.79
C ARG F 121 -28.39 -5.33 -25.87
N LEU F 122 -27.28 -6.05 -26.01
CA LEU F 122 -27.22 -7.13 -27.00
C LEU F 122 -28.16 -8.26 -26.65
N ALA F 123 -28.28 -8.57 -25.36
CA ALA F 123 -29.24 -9.60 -24.93
C ALA F 123 -30.67 -9.18 -25.25
N ARG F 124 -31.00 -7.92 -25.01
CA ARG F 124 -32.33 -7.44 -25.38
C ARG F 124 -32.56 -7.54 -26.88
N ALA F 125 -31.57 -7.17 -27.67
CA ALA F 125 -31.69 -7.27 -29.13
C ALA F 125 -31.86 -8.71 -29.58
N ALA F 126 -31.14 -9.63 -28.97
CA ALA F 126 -31.25 -11.04 -29.34
C ALA F 126 -32.61 -11.61 -28.96
N LYS F 127 -33.12 -11.23 -27.79
CA LYS F 127 -34.44 -11.70 -27.39
C LYS F 127 -35.55 -11.10 -28.24
N ALA F 128 -35.37 -9.86 -28.72
CA ALA F 128 -36.38 -9.22 -29.54
C ALA F 128 -36.43 -9.73 -30.96
N GLY F 129 -35.47 -10.54 -31.38
CA GLY F 129 -35.46 -11.07 -32.72
C GLY F 129 -34.65 -10.30 -33.73
N VAL F 130 -33.82 -9.36 -33.30
CA VAL F 130 -32.97 -8.62 -34.23
C VAL F 130 -32.07 -9.58 -34.97
N PRO F 131 -31.86 -9.44 -36.28
CA PRO F 131 -31.11 -10.45 -37.03
C PRO F 131 -29.69 -10.63 -36.50
N LYS F 132 -29.20 -11.86 -36.63
CA LYS F 132 -27.91 -12.23 -36.06
C LYS F 132 -26.77 -11.42 -36.64
N GLU F 133 -26.84 -11.11 -37.95
CA GLU F 133 -25.77 -10.37 -38.59
C GLU F 133 -25.62 -8.98 -37.99
N ALA F 134 -26.74 -8.29 -37.75
CA ALA F 134 -26.69 -6.96 -37.17
C ALA F 134 -26.11 -7.00 -35.76
N ILE F 135 -26.55 -7.97 -34.96
CA ILE F 135 -26.04 -8.09 -33.60
C ILE F 135 -24.54 -8.35 -33.61
N VAL F 136 -24.09 -9.25 -34.48
CA VAL F 136 -22.66 -9.55 -34.55
C VAL F 136 -21.87 -8.31 -34.95
N THR F 137 -22.31 -7.62 -35.99
CA THR F 137 -21.59 -6.45 -36.46
C THR F 137 -21.45 -5.41 -35.35
N VAL F 138 -22.57 -4.98 -34.77
CA VAL F 138 -22.51 -3.89 -33.82
C VAL F 138 -21.84 -4.32 -32.53
N GLY F 139 -22.09 -5.55 -32.07
CA GLY F 139 -21.48 -6.01 -30.84
C GLY F 139 -19.98 -6.15 -30.95
N VAL F 140 -19.48 -6.74 -32.04
CA VAL F 140 -18.04 -6.88 -32.19
C VAL F 140 -17.38 -5.51 -32.29
N ALA F 141 -17.99 -4.59 -33.05
CA ALA F 141 -17.40 -3.25 -33.14
C ALA F 141 -17.36 -2.55 -31.80
N ALA F 142 -18.45 -2.60 -31.03
CA ALA F 142 -18.49 -1.88 -29.77
C ALA F 142 -17.57 -2.52 -28.73
N ALA F 143 -17.47 -3.85 -28.73
CA ALA F 143 -16.55 -4.51 -27.81
C ALA F 143 -15.10 -4.18 -28.14
N HIS F 144 -14.76 -4.12 -29.44
CA HIS F 144 -13.41 -3.72 -29.80
C HIS F 144 -13.13 -2.27 -29.41
N LEU F 145 -14.10 -1.38 -29.59
CA LEU F 145 -13.90 0.02 -29.20
C LEU F 145 -13.73 0.15 -27.70
N LEU F 146 -14.50 -0.60 -26.91
CA LEU F 146 -14.33 -0.57 -25.47
C LEU F 146 -12.98 -1.15 -25.07
N GLN F 147 -12.51 -2.15 -25.80
CA GLN F 147 -11.19 -2.73 -25.56
C GLN F 147 -10.07 -1.71 -25.77
N ASP F 148 -10.22 -0.81 -26.73
CA ASP F 148 -9.21 0.19 -27.05
C ASP F 148 -9.40 1.49 -26.29
N ARG F 149 -10.19 1.48 -25.24
CA ARG F 149 -10.42 2.68 -24.43
C ARG F 149 -10.98 3.83 -25.24
N ASP F 150 -11.93 3.56 -26.12
CA ASP F 150 -12.58 4.58 -26.92
C ASP F 150 -14.04 4.65 -26.49
N LEU F 151 -14.30 5.46 -25.47
CA LEU F 151 -15.65 5.48 -24.88
C LEU F 151 -16.67 6.25 -25.70
N PRO F 152 -16.38 7.42 -26.26
CA PRO F 152 -17.44 8.13 -27.03
C PRO F 152 -17.97 7.33 -28.20
N ARG F 153 -17.10 6.71 -28.99
CA ARG F 153 -17.56 5.91 -30.12
C ARG F 153 -18.32 4.67 -29.66
N ALA F 154 -17.89 4.08 -28.54
CA ALA F 154 -18.62 2.95 -27.99
C ALA F 154 -20.03 3.37 -27.56
N LEU F 155 -20.17 4.56 -26.99
CA LEU F 155 -21.50 5.04 -26.61
C LEU F 155 -22.37 5.30 -27.83
N ARG F 156 -21.78 5.81 -28.92
CA ARG F 156 -22.54 5.94 -30.16
C ARG F 156 -23.02 4.59 -30.66
N LEU F 157 -22.18 3.56 -30.57
CA LEU F 157 -22.61 2.24 -30.99
C LEU F 157 -23.69 1.65 -30.07
N LEU F 158 -23.65 1.99 -28.77
CA LEU F 158 -24.73 1.60 -27.88
C LEU F 158 -26.05 2.22 -28.31
N GLU F 159 -26.01 3.50 -28.70
CA GLU F 159 -27.20 4.13 -29.26
C GLU F 159 -27.67 3.39 -30.51
N VAL F 160 -26.73 2.91 -31.33
CA VAL F 160 -27.11 2.15 -32.52
C VAL F 160 -27.85 0.87 -32.14
N VAL F 161 -27.36 0.16 -31.13
CA VAL F 161 -28.03 -1.07 -30.70
C VAL F 161 -29.46 -0.78 -30.24
N ASP F 162 -29.62 0.27 -29.43
CA ASP F 162 -30.97 0.64 -28.99
C ASP F 162 -31.87 0.95 -30.17
N LYS F 163 -31.34 1.67 -31.16
CA LYS F 163 -32.13 1.99 -32.36
C LYS F 163 -32.53 0.73 -33.10
N LEU F 164 -31.64 -0.26 -33.16
CA LEU F 164 -31.98 -1.53 -33.81
C LEU F 164 -33.12 -2.23 -33.10
N VAL F 165 -33.09 -2.24 -31.77
CA VAL F 165 -34.17 -2.89 -31.02
C VAL F 165 -35.50 -2.21 -31.30
N HIS F 166 -35.51 -0.87 -31.30
CA HIS F 166 -36.74 -0.15 -31.57
C HIS F 166 -37.23 -0.39 -32.99
N MET F 167 -36.30 -0.44 -33.96
CA MET F 167 -36.69 -0.71 -35.35
C MET F 167 -37.30 -2.09 -35.49
N LYS F 168 -36.74 -3.10 -34.82
CA LYS F 168 -37.35 -4.42 -34.85
C LYS F 168 -38.74 -4.40 -34.25
N ALA F 169 -38.91 -3.69 -33.14
CA ALA F 169 -40.24 -3.59 -32.54
C ALA F 169 -41.24 -2.85 -33.42
N LEU F 170 -40.79 -1.96 -34.29
CA LEU F 170 -41.69 -1.18 -35.13
C LEU F 170 -42.12 -1.92 -36.40
N GLY F 171 -41.54 -3.07 -36.68
CA GLY F 171 -41.92 -3.84 -37.86
C GLY F 171 -41.06 -3.64 -39.08
N VAL F 172 -39.92 -2.97 -38.95
CA VAL F 172 -39.01 -2.79 -40.08
C VAL F 172 -38.46 -4.14 -40.52
N PRO F 173 -38.36 -4.42 -41.82
CA PRO F 173 -37.87 -5.73 -42.26
C PRO F 173 -36.42 -5.96 -41.87
N ASP F 174 -36.05 -7.25 -41.84
CA ASP F 174 -34.72 -7.63 -41.38
C ASP F 174 -33.62 -7.07 -42.28
N GLU F 175 -33.86 -7.01 -43.60
CA GLU F 175 -32.86 -6.50 -44.51
C GLU F 175 -32.53 -5.04 -44.22
N GLU F 176 -33.56 -4.23 -43.96
CA GLU F 176 -33.33 -2.82 -43.65
C GLU F 176 -32.58 -2.68 -42.33
N ILE F 177 -32.88 -3.53 -41.35
CA ILE F 177 -32.17 -3.48 -40.07
C ILE F 177 -30.70 -3.80 -40.28
N ILE F 178 -30.41 -4.84 -41.07
CA ILE F 178 -29.03 -5.21 -41.34
C ILE F 178 -28.30 -4.09 -42.07
N ALA F 179 -28.96 -3.48 -43.06
CA ALA F 179 -28.34 -2.38 -43.79
C ALA F 179 -28.04 -1.21 -42.87
N TYR F 180 -28.99 -0.85 -42.01
CA TYR F 180 -28.77 0.27 -41.11
C TYR F 180 -27.63 -0.02 -40.15
N ALA F 181 -27.58 -1.23 -39.59
CA ALA F 181 -26.51 -1.58 -38.69
C ALA F 181 -25.16 -1.52 -39.38
N LYS F 182 -25.10 -2.02 -40.62
CA LYS F 182 -23.86 -1.99 -41.38
C LYS F 182 -23.40 -0.55 -41.60
N GLU F 183 -24.31 0.32 -42.03
CA GLU F 183 -23.93 1.70 -42.30
C GLU F 183 -23.45 2.41 -41.03
N GLU F 184 -24.16 2.26 -39.92
CA GLU F 184 -23.76 2.93 -38.70
C GLU F 184 -22.43 2.40 -38.18
N THR F 185 -22.21 1.09 -38.24
CA THR F 185 -20.95 0.53 -37.78
C THR F 185 -19.79 0.95 -38.67
N GLU F 186 -20.02 1.00 -39.98
CA GLU F 186 -18.97 1.48 -40.89
C GLU F 186 -18.65 2.94 -40.62
N ARG F 187 -19.67 3.75 -40.31
CA ARG F 187 -19.42 5.13 -39.92
C ARG F 187 -18.59 5.21 -38.65
N ALA F 188 -18.89 4.35 -37.68
CA ALA F 188 -18.14 4.35 -36.43
C ALA F 188 -16.67 3.98 -36.66
N TYR F 189 -16.42 2.91 -37.43
CA TYR F 189 -15.06 2.54 -37.76
C TYR F 189 -14.33 3.65 -38.51
N LYS F 190 -14.98 4.22 -39.52
CA LYS F 190 -14.31 5.21 -40.36
C LYS F 190 -13.97 6.46 -39.57
N GLY F 191 -14.71 6.73 -38.49
CA GLY F 191 -14.46 7.87 -37.64
C GLY F 191 -15.37 9.05 -37.91
N GLU F 192 -16.25 8.95 -38.89
CA GLU F 192 -17.17 10.03 -39.22
C GLU F 192 -18.08 10.36 -38.04
N GLY G 23 23.34 -31.47 3.29
CA GLY G 23 22.85 -32.69 3.91
C GLY G 23 22.31 -33.68 2.90
N THR G 24 22.65 -34.96 3.08
CA THR G 24 22.19 -36.00 2.17
C THR G 24 20.78 -36.46 2.49
N ALA G 25 20.27 -36.16 3.69
CA ALA G 25 18.88 -36.49 4.00
C ALA G 25 17.92 -35.68 3.13
N GLU G 26 18.22 -34.40 2.92
CA GLU G 26 17.41 -33.60 2.01
C GLU G 26 17.53 -34.10 0.57
N ALA G 27 18.73 -34.55 0.18
CA ALA G 27 18.89 -35.15 -1.14
C ALA G 27 18.02 -36.38 -1.30
N LEU G 28 17.96 -37.22 -0.27
CA LEU G 28 17.10 -38.40 -0.32
C LEU G 28 15.64 -38.01 -0.36
N LEU G 29 15.26 -36.97 0.38
CA LEU G 29 13.88 -36.49 0.33
C LEU G 29 13.51 -36.04 -1.08
N LEU G 30 14.39 -35.27 -1.72
CA LEU G 30 14.13 -34.82 -3.09
C LEU G 30 14.06 -35.99 -4.05
N ALA G 31 14.94 -36.99 -3.89
CA ALA G 31 14.89 -38.16 -4.75
C ALA G 31 13.57 -38.91 -4.59
N ARG G 32 13.11 -39.05 -3.35
CA ARG G 32 11.84 -39.72 -3.12
C ARG G 32 10.68 -38.94 -3.72
N ALA G 33 10.73 -37.61 -3.64
CA ALA G 33 9.70 -36.79 -4.28
C ALA G 33 9.68 -37.02 -5.79
N ILE G 34 10.85 -37.03 -6.42
CA ILE G 34 10.92 -37.25 -7.87
C ILE G 34 10.37 -38.62 -8.22
N VAL G 35 10.77 -39.65 -7.48
CA VAL G 35 10.36 -41.02 -7.81
C VAL G 35 8.85 -41.18 -7.61
N SER G 36 8.30 -40.59 -6.55
CA SER G 36 6.86 -40.65 -6.34
C SER G 36 6.10 -39.97 -7.46
N ALA G 37 6.56 -38.79 -7.89
CA ALA G 37 5.89 -38.10 -8.98
C ALA G 37 5.94 -38.92 -10.26
N VAL G 38 7.10 -39.52 -10.55
CA VAL G 38 7.22 -40.32 -11.77
C VAL G 38 6.30 -41.53 -11.72
N GLU G 39 6.22 -42.20 -10.57
CA GLU G 39 5.35 -43.37 -10.47
C GLU G 39 3.87 -42.98 -10.59
N ASP G 40 3.47 -41.87 -9.98
CA ASP G 40 2.08 -41.42 -10.15
C ASP G 40 1.77 -41.10 -11.60
N ALA G 41 2.69 -40.40 -12.28
CA ALA G 41 2.48 -40.08 -13.69
C ALA G 41 2.42 -41.34 -14.54
N LYS G 42 3.21 -42.35 -14.18
CA LYS G 42 3.12 -43.64 -14.87
C LYS G 42 1.76 -44.28 -14.67
N LYS G 43 1.23 -44.24 -13.45
CA LYS G 43 -0.09 -44.79 -13.20
C LYS G 43 -1.18 -44.03 -13.95
N HIS G 44 -0.97 -42.73 -14.18
CA HIS G 44 -1.95 -41.93 -14.90
C HIS G 44 -1.94 -42.16 -16.41
N GLY G 45 -0.91 -42.77 -16.94
CA GLY G 45 -0.82 -43.02 -18.37
C GLY G 45 0.12 -42.15 -19.16
N VAL G 46 1.02 -41.43 -18.50
CA VAL G 46 2.02 -40.63 -19.24
C VAL G 46 3.01 -41.57 -19.91
N PRO G 47 3.42 -41.30 -21.16
CA PRO G 47 4.37 -42.19 -21.83
C PRO G 47 5.68 -42.30 -21.05
N GLU G 48 6.27 -43.50 -21.11
CA GLU G 48 7.34 -43.87 -20.20
C GLU G 48 8.68 -43.21 -20.55
N ASP G 49 8.96 -42.99 -21.83
CA ASP G 49 10.25 -42.43 -22.21
C ASP G 49 10.41 -41.00 -21.71
N LEU G 50 9.36 -40.18 -21.82
CA LEU G 50 9.41 -38.83 -21.27
C LEU G 50 9.71 -38.87 -19.78
N LEU G 51 9.03 -39.76 -19.05
CA LEU G 51 9.31 -39.93 -17.63
C LEU G 51 10.74 -40.36 -17.39
N ALA G 52 11.33 -41.11 -18.33
CA ALA G 52 12.72 -41.52 -18.17
C ALA G 52 13.67 -40.33 -18.23
N ASP G 53 13.50 -39.46 -19.23
CA ASP G 53 14.35 -38.26 -19.24
C ASP G 53 14.14 -37.42 -18.00
N ILE G 54 12.88 -37.22 -17.60
CA ILE G 54 12.63 -36.38 -16.44
C ILE G 54 13.23 -36.99 -15.19
N GLU G 55 13.13 -38.30 -15.03
CA GLU G 55 13.67 -38.96 -13.85
C GLU G 55 15.18 -38.86 -13.81
N ARG G 56 15.85 -39.05 -14.95
CA ARG G 56 17.31 -38.93 -14.96
C ARG G 56 17.73 -37.52 -14.54
N ALA G 57 17.12 -36.50 -15.15
CA ALA G 57 17.46 -35.13 -14.80
C ALA G 57 17.16 -34.84 -13.34
N GLY G 58 16.02 -35.32 -12.84
CA GLY G 58 15.63 -35.04 -11.48
C GLY G 58 16.54 -35.69 -10.45
N LEU G 59 16.94 -36.94 -10.68
CA LEU G 59 17.87 -37.58 -9.77
C LEU G 59 19.22 -36.91 -9.79
N ALA G 60 19.69 -36.49 -10.98
CA ALA G 60 20.95 -35.76 -11.04
C ALA G 60 20.88 -34.47 -10.25
N LEU G 61 19.76 -33.74 -10.35
CA LEU G 61 19.66 -32.47 -9.63
C LEU G 61 19.43 -32.68 -8.14
N ALA G 62 18.75 -33.76 -7.76
CA ALA G 62 18.53 -34.05 -6.35
C ALA G 62 19.81 -34.51 -5.66
N GLU G 63 20.73 -35.10 -6.41
CA GLU G 63 22.01 -35.51 -5.82
C GLU G 63 22.75 -34.32 -5.24
N VAL G 64 22.71 -33.17 -5.90
CA VAL G 64 23.39 -31.97 -5.42
C VAL G 64 22.45 -31.06 -4.64
N GLY G 65 21.28 -31.55 -4.27
CA GLY G 65 20.36 -30.79 -3.44
C GLY G 65 19.81 -29.53 -4.07
N ASP G 66 19.45 -29.57 -5.35
CA ASP G 66 18.88 -28.42 -6.05
C ASP G 66 17.38 -28.45 -5.89
N ARG G 67 16.87 -27.75 -4.88
CA ARG G 67 15.46 -27.85 -4.53
C ARG G 67 14.57 -27.23 -5.60
N GLU G 68 14.89 -26.00 -6.03
CA GLU G 68 14.03 -25.30 -6.97
C GLU G 68 13.92 -26.02 -8.31
N ALA G 69 15.04 -26.55 -8.80
CA ALA G 69 15.01 -27.32 -10.05
C ALA G 69 14.14 -28.55 -9.93
N VAL G 70 14.24 -29.25 -8.79
CA VAL G 70 13.44 -30.46 -8.59
C VAL G 70 11.96 -30.12 -8.53
N LEU G 71 11.60 -29.03 -7.85
CA LEU G 71 10.19 -28.65 -7.81
C LEU G 71 9.68 -28.27 -9.18
N LEU G 72 10.50 -27.59 -9.98
CA LEU G 72 10.08 -27.26 -11.33
C LEU G 72 9.87 -28.53 -12.15
N LEU G 73 10.71 -29.54 -11.96
CA LEU G 73 10.54 -30.79 -12.69
C LEU G 73 9.27 -31.52 -12.25
N VAL G 74 8.93 -31.45 -10.96
CA VAL G 74 7.69 -32.06 -10.48
C VAL G 74 6.48 -31.34 -11.07
N ARG G 75 6.55 -30.01 -11.16
CA ARG G 75 5.49 -29.26 -11.83
C ARG G 75 5.34 -29.70 -13.29
N LEU G 76 6.47 -29.91 -13.96
CA LEU G 76 6.42 -30.37 -15.35
C LEU G 76 5.77 -31.74 -15.44
N ILE G 77 6.06 -32.63 -14.49
CA ILE G 77 5.45 -33.96 -14.50
C ILE G 77 3.93 -33.86 -14.33
N ASN G 78 3.48 -32.99 -13.46
CA ASN G 78 2.06 -32.85 -13.23
C ASN G 78 1.39 -32.28 -14.47
N ALA G 79 2.00 -31.32 -15.12
CA ALA G 79 1.47 -30.79 -16.38
C ALA G 79 1.42 -31.86 -17.45
N LEU G 80 2.43 -32.73 -17.49
CA LEU G 80 2.41 -33.84 -18.44
C LEU G 80 1.28 -34.81 -18.15
N ILE G 81 0.95 -35.02 -16.88
CA ILE G 81 -0.22 -35.84 -16.54
C ILE G 81 -1.47 -35.24 -17.17
N VAL G 82 -1.65 -33.93 -17.00
CA VAL G 82 -2.81 -33.26 -17.57
C VAL G 82 -2.84 -33.41 -19.09
N ALA G 83 -1.69 -33.19 -19.74
CA ALA G 83 -1.62 -33.25 -21.20
C ALA G 83 -1.90 -34.65 -21.72
N ALA G 84 -1.34 -35.67 -21.07
CA ALA G 84 -1.58 -37.04 -21.50
C ALA G 84 -3.02 -37.46 -21.30
N GLU G 85 -3.64 -37.03 -20.20
CA GLU G 85 -5.05 -37.32 -20.01
C GLU G 85 -5.91 -36.66 -21.08
N ALA G 86 -5.56 -35.43 -21.49
CA ALA G 86 -6.31 -34.77 -22.55
C ALA G 86 -6.15 -35.49 -23.88
N GLY G 87 -4.93 -35.89 -24.23
CA GLY G 87 -4.69 -36.56 -25.50
C GLY G 87 -3.80 -35.78 -26.44
N VAL G 88 -2.91 -34.97 -25.89
CA VAL G 88 -2.00 -34.16 -26.72
C VAL G 88 -1.07 -35.09 -27.48
N PRO G 89 -0.76 -34.83 -28.75
CA PRO G 89 0.10 -35.74 -29.51
C PRO G 89 1.49 -35.88 -28.91
N LYS G 90 2.17 -36.95 -29.29
CA LYS G 90 3.43 -37.32 -28.66
C LYS G 90 4.58 -36.42 -29.08
N GLU G 91 4.57 -35.92 -30.32
CA GLU G 91 5.68 -35.07 -30.78
C GLU G 91 5.76 -33.80 -29.96
N ALA G 92 4.63 -33.13 -29.77
CA ALA G 92 4.60 -31.95 -28.92
C ALA G 92 5.02 -32.28 -27.51
N LEU G 93 4.63 -33.46 -27.01
CA LEU G 93 5.01 -33.86 -25.67
C LEU G 93 6.52 -34.02 -25.53
N VAL G 94 7.17 -34.60 -26.53
CA VAL G 94 8.61 -34.78 -26.49
C VAL G 94 9.32 -33.42 -26.48
N VAL G 95 8.91 -32.53 -27.38
CA VAL G 95 9.54 -31.22 -27.45
C VAL G 95 9.33 -30.46 -26.15
N ILE G 96 8.12 -30.54 -25.59
CA ILE G 96 7.81 -29.85 -24.35
C ILE G 96 8.62 -30.42 -23.20
N THR G 97 8.79 -31.75 -23.14
CA THR G 97 9.57 -32.35 -22.07
C THR G 97 11.01 -31.90 -22.10
N HIS G 98 11.61 -31.88 -23.30
CA HIS G 98 13.00 -31.42 -23.40
C HIS G 98 13.12 -29.96 -22.98
N ALA G 99 12.23 -29.12 -23.51
CA ALA G 99 12.27 -27.71 -23.15
C ALA G 99 12.10 -27.52 -21.66
N GLY G 100 11.20 -28.28 -21.04
CA GLY G 100 10.98 -28.15 -19.61
C GLY G 100 12.17 -28.59 -18.79
N ILE G 101 12.87 -29.63 -19.23
CA ILE G 101 14.06 -30.06 -18.51
C ILE G 101 15.12 -28.95 -18.53
N LEU G 102 15.40 -28.40 -19.71
CA LEU G 102 16.39 -27.32 -19.75
C LEU G 102 15.92 -26.07 -18.99
N LEU G 103 14.62 -25.77 -19.04
CA LEU G 103 14.16 -24.58 -18.32
C LEU G 103 14.18 -24.77 -16.81
N ALA G 104 13.95 -25.99 -16.33
CA ALA G 104 14.11 -26.26 -14.90
C ALA G 104 15.57 -26.17 -14.50
N LEU G 105 16.48 -26.64 -15.35
CA LEU G 105 17.90 -26.43 -15.08
C LEU G 105 18.23 -24.95 -14.95
N ASP G 106 17.53 -24.09 -15.68
CA ASP G 106 17.73 -22.65 -15.60
C ASP G 106 17.17 -22.05 -14.32
N ARG G 107 16.34 -22.79 -13.59
CA ARG G 107 15.56 -22.24 -12.49
C ARG G 107 14.73 -21.06 -12.96
N ASP G 108 14.20 -21.17 -14.19
CA ASP G 108 13.46 -20.09 -14.83
C ASP G 108 11.99 -20.28 -14.52
N GLU G 109 11.53 -19.70 -13.41
CA GLU G 109 10.16 -19.89 -12.99
C GLU G 109 9.17 -19.25 -13.96
N GLU G 110 9.51 -18.09 -14.52
CA GLU G 110 8.61 -17.43 -15.47
C GLU G 110 8.47 -18.23 -16.75
N ALA G 111 9.59 -18.72 -17.30
CA ALA G 111 9.52 -19.52 -18.52
C ALA G 111 8.84 -20.86 -18.27
N VAL G 112 9.04 -21.43 -17.08
CA VAL G 112 8.36 -22.67 -16.74
C VAL G 112 6.86 -22.46 -16.66
N ASP G 113 6.43 -21.34 -16.09
CA ASP G 113 5.00 -21.05 -16.03
C ASP G 113 4.42 -20.80 -17.41
N ALA G 114 5.18 -20.14 -18.29
CA ALA G 114 4.73 -19.99 -19.67
C ALA G 114 4.58 -21.34 -20.35
N LEU G 115 5.53 -22.25 -20.10
CA LEU G 115 5.44 -23.60 -20.66
C LEU G 115 4.21 -24.34 -20.14
N LEU G 116 3.94 -24.24 -18.84
CA LEU G 116 2.79 -24.93 -18.28
C LEU G 116 1.48 -24.36 -18.80
N GLU G 117 1.43 -23.05 -19.01
CA GLU G 117 0.25 -22.43 -19.60
C GLU G 117 0.06 -22.92 -21.04
N LEU G 118 1.17 -23.07 -21.78
CA LEU G 118 1.09 -23.65 -23.12
C LEU G 118 0.56 -25.08 -23.08
N ILE G 119 1.01 -25.87 -22.11
CA ILE G 119 0.53 -27.25 -22.00
C ILE G 119 -0.96 -27.26 -21.70
N ASP G 120 -1.43 -26.36 -20.84
CA ASP G 120 -2.85 -26.28 -20.55
C ASP G 120 -3.66 -25.92 -21.78
N ARG G 121 -3.19 -24.95 -22.57
CA ARG G 121 -3.89 -24.57 -23.79
C ARG G 121 -3.91 -25.71 -24.79
N LEU G 122 -2.80 -26.44 -24.93
CA LEU G 122 -2.77 -27.57 -25.86
C LEU G 122 -3.69 -28.68 -25.40
N ALA G 123 -3.79 -28.90 -24.08
CA ALA G 123 -4.73 -29.89 -23.57
C ALA G 123 -6.17 -29.49 -23.86
N ARG G 124 -6.50 -28.21 -23.68
CA ARG G 124 -7.85 -27.75 -24.02
C ARG G 124 -8.13 -27.92 -25.51
N ALA G 125 -7.15 -27.60 -26.35
CA ALA G 125 -7.34 -27.78 -27.79
C ALA G 125 -7.55 -29.24 -28.15
N ALA G 126 -6.80 -30.14 -27.51
CA ALA G 126 -6.96 -31.56 -27.80
C ALA G 126 -8.31 -32.08 -27.33
N LYS G 127 -8.77 -31.65 -26.15
CA LYS G 127 -10.07 -32.08 -25.66
C LYS G 127 -11.21 -31.50 -26.50
N ALA G 128 -11.01 -30.32 -27.07
CA ALA G 128 -12.06 -29.69 -27.87
C ALA G 128 -12.18 -30.29 -29.27
N GLY G 129 -11.26 -31.16 -29.68
CA GLY G 129 -11.31 -31.73 -31.00
C GLY G 129 -10.59 -30.97 -32.08
N VAL G 130 -9.69 -30.05 -31.71
CA VAL G 130 -8.85 -29.38 -32.72
C VAL G 130 -8.00 -30.45 -33.42
N PRO G 131 -7.81 -30.36 -34.75
CA PRO G 131 -7.07 -31.40 -35.45
C PRO G 131 -5.66 -31.58 -34.91
N LYS G 132 -5.17 -32.81 -35.00
CA LYS G 132 -3.85 -33.15 -34.45
C LYS G 132 -2.74 -32.37 -35.14
N GLU G 133 -2.84 -32.19 -36.46
CA GLU G 133 -1.76 -31.55 -37.20
C GLU G 133 -1.55 -30.11 -36.74
N ALA G 134 -2.64 -29.36 -36.54
CA ALA G 134 -2.53 -27.99 -36.07
C ALA G 134 -1.93 -27.94 -34.67
N ILE G 135 -2.36 -28.84 -33.79
CA ILE G 135 -1.83 -28.87 -32.43
C ILE G 135 -0.35 -29.14 -32.46
N VAL G 136 0.09 -30.10 -33.27
CA VAL G 136 1.51 -30.42 -33.36
C VAL G 136 2.29 -29.22 -33.86
N THR G 137 1.80 -28.59 -34.93
CA THR G 137 2.52 -27.46 -35.51
C THR G 137 2.71 -26.33 -34.48
N VAL G 138 1.61 -25.88 -33.89
CA VAL G 138 1.70 -24.72 -33.00
C VAL G 138 2.42 -25.08 -31.71
N GLY G 139 2.18 -26.28 -31.18
CA GLY G 139 2.85 -26.66 -29.94
C GLY G 139 4.35 -26.79 -30.10
N VAL G 140 4.81 -27.43 -31.18
CA VAL G 140 6.24 -27.55 -31.42
C VAL G 140 6.86 -26.18 -31.60
N ALA G 141 6.22 -25.31 -32.39
CA ALA G 141 6.78 -23.98 -32.59
C ALA G 141 6.88 -23.20 -31.28
N ALA G 142 5.82 -23.20 -30.47
CA ALA G 142 5.83 -22.42 -29.25
C ALA G 142 6.80 -22.99 -28.23
N ALA G 143 6.89 -24.31 -28.12
CA ALA G 143 7.83 -24.90 -27.18
C ALA G 143 9.26 -24.60 -27.58
N HIS G 144 9.57 -24.66 -28.87
CA HIS G 144 10.91 -24.31 -29.31
C HIS G 144 11.22 -22.84 -29.02
N LEU G 145 10.26 -21.96 -29.24
CA LEU G 145 10.50 -20.54 -28.94
C LEU G 145 10.71 -20.32 -27.46
N LEU G 146 10.00 -21.07 -26.61
CA LEU G 146 10.20 -20.95 -25.17
C LEU G 146 11.57 -21.46 -24.75
N GLN G 147 12.05 -22.51 -25.41
CA GLN G 147 13.38 -23.02 -25.12
C GLN G 147 14.47 -22.03 -25.51
N ASP G 148 14.19 -21.17 -26.48
CA ASP G 148 15.14 -20.16 -26.95
C ASP G 148 14.93 -18.81 -26.28
N ARG G 149 14.20 -18.78 -25.17
CA ARG G 149 13.96 -17.57 -24.38
C ARG G 149 13.40 -16.44 -25.25
N ASP G 150 12.45 -16.80 -26.11
CA ASP G 150 11.75 -15.84 -26.97
C ASP G 150 10.33 -15.74 -26.45
N LEU G 151 10.12 -14.86 -25.46
CA LEU G 151 8.81 -14.78 -24.82
C LEU G 151 7.76 -14.09 -25.66
N PRO G 152 8.01 -12.94 -26.30
CA PRO G 152 6.93 -12.31 -27.08
C PRO G 152 6.37 -13.17 -28.19
N ARG G 153 7.24 -13.85 -28.95
CA ARG G 153 6.76 -14.71 -30.02
C ARG G 153 5.99 -15.91 -29.48
N ALA G 154 6.45 -16.48 -28.36
CA ALA G 154 5.73 -17.57 -27.74
C ALA G 154 4.35 -17.12 -27.26
N LEU G 155 4.25 -15.89 -26.76
CA LEU G 155 2.95 -15.36 -26.35
C LEU G 155 2.02 -15.18 -27.54
N ARG G 156 2.57 -14.72 -28.67
CA ARG G 156 1.75 -14.64 -29.88
C ARG G 156 1.25 -16.03 -30.29
N LEU G 157 2.09 -17.04 -30.17
CA LEU G 157 1.64 -18.39 -30.51
C LEU G 157 0.61 -18.93 -29.51
N LEU G 158 0.70 -18.54 -28.25
CA LEU G 158 -0.34 -18.90 -27.30
C LEU G 158 -1.68 -18.28 -27.69
N GLU G 159 -1.65 -17.03 -28.14
CA GLU G 159 -2.86 -16.42 -28.68
C GLU G 159 -3.38 -17.20 -29.89
N VAL G 160 -2.47 -17.72 -30.72
CA VAL G 160 -2.89 -18.53 -31.85
C VAL G 160 -3.62 -19.79 -31.38
N VAL G 161 -3.10 -20.44 -30.34
CA VAL G 161 -3.76 -21.64 -29.82
C VAL G 161 -5.17 -21.33 -29.32
N ASP G 162 -5.30 -20.23 -28.58
CA ASP G 162 -6.63 -19.82 -28.10
C ASP G 162 -7.57 -19.58 -29.27
N LYS G 163 -7.07 -18.91 -30.32
CA LYS G 163 -7.90 -18.66 -31.49
C LYS G 163 -8.34 -19.97 -32.14
N LEU G 164 -7.44 -20.95 -32.22
CA LEU G 164 -7.80 -22.23 -32.82
C LEU G 164 -8.91 -22.92 -32.03
N VAL G 165 -8.82 -22.88 -30.70
CA VAL G 165 -9.87 -23.50 -29.88
C VAL G 165 -11.21 -22.81 -30.14
N HIS G 166 -11.21 -21.48 -30.23
CA HIS G 166 -12.46 -20.77 -30.47
C HIS G 166 -13.04 -21.07 -31.84
N MET G 167 -12.19 -21.15 -32.88
CA MET G 167 -12.70 -21.53 -34.20
C MET G 167 -13.27 -22.94 -34.19
N LYS G 168 -12.64 -23.87 -33.49
CA LYS G 168 -13.22 -25.21 -33.41
C LYS G 168 -14.58 -25.19 -32.74
N ALA G 169 -14.72 -24.43 -31.66
CA ALA G 169 -16.03 -24.28 -31.03
C ALA G 169 -17.03 -23.56 -31.91
N LEU G 170 -16.58 -22.79 -32.89
CA LEU G 170 -17.46 -22.04 -33.78
C LEU G 170 -17.94 -22.85 -34.97
N GLY G 171 -17.50 -24.08 -35.13
CA GLY G 171 -17.92 -24.91 -36.24
C GLY G 171 -17.10 -24.77 -37.51
N VAL G 172 -15.98 -24.07 -37.47
CA VAL G 172 -15.11 -23.94 -38.65
C VAL G 172 -14.58 -25.32 -39.02
N PRO G 173 -14.54 -25.68 -40.31
CA PRO G 173 -14.06 -27.00 -40.69
C PRO G 173 -12.57 -27.19 -40.40
N ASP G 174 -12.17 -28.46 -40.34
CA ASP G 174 -10.82 -28.81 -39.92
C ASP G 174 -9.77 -28.26 -40.87
N GLU G 175 -10.05 -28.28 -42.18
CA GLU G 175 -9.07 -27.81 -43.15
C GLU G 175 -8.73 -26.35 -42.95
N GLU G 176 -9.74 -25.52 -42.71
CA GLU G 176 -9.50 -24.11 -42.45
C GLU G 176 -8.71 -23.90 -41.17
N ILE G 177 -8.98 -24.71 -40.14
CA ILE G 177 -8.24 -24.61 -38.88
C ILE G 177 -6.76 -24.94 -39.11
N ILE G 178 -6.50 -26.01 -39.86
CA ILE G 178 -5.12 -26.40 -40.14
C ILE G 178 -4.41 -25.31 -40.95
N ALA G 179 -5.10 -24.77 -41.96
CA ALA G 179 -4.49 -23.73 -42.78
C ALA G 179 -4.18 -22.47 -41.96
N TYR G 180 -5.12 -22.06 -41.09
CA TYR G 180 -4.87 -20.89 -40.26
C TYR G 180 -3.70 -21.13 -39.31
N ALA G 181 -3.65 -22.32 -38.71
CA ALA G 181 -2.53 -22.63 -37.81
C ALA G 181 -1.21 -22.58 -38.56
N LYS G 182 -1.16 -23.14 -39.77
CA LYS G 182 0.06 -23.09 -40.56
C LYS G 182 0.47 -21.67 -40.87
N GLU G 183 -0.49 -20.83 -41.30
CA GLU G 183 -0.16 -19.45 -41.65
C GLU G 183 0.40 -18.70 -40.45
N GLU G 184 -0.27 -18.81 -39.30
CA GLU G 184 0.22 -18.10 -38.12
C GLU G 184 1.57 -18.63 -37.66
N THR G 185 1.81 -19.93 -37.78
CA THR G 185 3.09 -20.48 -37.36
C THR G 185 4.23 -20.03 -38.27
N GLU G 186 4.01 -20.02 -39.59
CA GLU G 186 5.06 -19.49 -40.46
C GLU G 186 5.26 -18.01 -40.24
N ARG G 187 4.20 -17.28 -39.88
CA ARG G 187 4.36 -15.88 -39.54
C ARG G 187 5.26 -15.71 -38.32
N ALA G 188 5.07 -16.57 -37.32
CA ALA G 188 5.89 -16.49 -36.11
C ALA G 188 7.34 -16.87 -36.40
N TYR G 189 7.54 -18.01 -37.07
CA TYR G 189 8.90 -18.46 -37.38
C TYR G 189 9.64 -17.47 -38.26
N LYS G 190 8.97 -16.95 -39.30
CA LYS G 190 9.64 -16.05 -40.23
C LYS G 190 10.03 -14.74 -39.56
N GLY G 191 9.26 -14.30 -38.57
CA GLY G 191 9.53 -13.07 -37.86
C GLY G 191 8.54 -11.96 -38.13
N GLU G 192 7.62 -12.16 -39.06
CA GLU G 192 6.62 -11.14 -39.39
C GLU G 192 5.76 -10.81 -38.17
N GLY H 23 -1.72 -3.63 10.53
CA GLY H 23 -1.94 -3.74 11.96
C GLY H 23 -2.62 -5.03 12.36
N THR H 24 -1.88 -5.90 13.04
CA THR H 24 -2.44 -7.18 13.47
C THR H 24 -3.33 -7.04 14.70
N ALA H 25 -3.23 -5.94 15.44
CA ALA H 25 -4.15 -5.69 16.53
C ALA H 25 -5.57 -5.47 16.00
N GLU H 26 -5.70 -4.77 14.87
CA GLU H 26 -7.01 -4.63 14.24
C GLU H 26 -7.51 -5.95 13.70
N ALA H 27 -6.61 -6.79 13.19
CA ALA H 27 -7.02 -8.13 12.76
C ALA H 27 -7.55 -8.94 13.93
N LEU H 28 -6.90 -8.82 15.09
CA LEU H 28 -7.39 -9.51 16.27
C LEU H 28 -8.74 -8.96 16.72
N LEU H 29 -8.92 -7.65 16.63
CA LEU H 29 -10.21 -7.05 16.96
C LEU H 29 -11.32 -7.58 16.06
N LEU H 30 -11.06 -7.64 14.76
CA LEU H 30 -12.04 -8.16 13.82
C LEU H 30 -12.33 -9.64 14.06
N ALA H 31 -11.29 -10.42 14.38
CA ALA H 31 -11.50 -11.83 14.66
C ALA H 31 -12.33 -12.03 15.91
N ARG H 32 -12.10 -11.21 16.94
CA ARG H 32 -12.91 -11.29 18.15
C ARG H 32 -14.35 -10.88 17.86
N ALA H 33 -14.55 -9.89 16.99
CA ALA H 33 -15.91 -9.52 16.60
C ALA H 33 -16.64 -10.67 15.93
N ILE H 34 -15.96 -11.34 14.98
CA ILE H 34 -16.58 -12.47 14.31
C ILE H 34 -16.90 -13.59 15.29
N VAL H 35 -15.97 -13.90 16.19
CA VAL H 35 -16.18 -15.00 17.12
C VAL H 35 -17.31 -14.69 18.10
N SER H 36 -17.37 -13.44 18.59
CA SER H 36 -18.45 -13.06 19.48
C SER H 36 -19.80 -13.16 18.78
N ALA H 37 -19.88 -12.69 17.54
CA ALA H 37 -21.14 -12.78 16.79
C ALA H 37 -21.56 -14.22 16.61
N VAL H 38 -20.61 -15.10 16.26
CA VAL H 38 -20.94 -16.50 16.03
C VAL H 38 -21.39 -17.17 17.32
N GLU H 39 -20.76 -16.85 18.44
CA GLU H 39 -21.17 -17.45 19.71
C GLU H 39 -22.55 -16.97 20.13
N ASP H 40 -22.84 -15.68 19.95
CA ASP H 40 -24.18 -15.19 20.24
C ASP H 40 -25.23 -15.84 19.35
N ALA H 41 -24.94 -15.97 18.06
CA ALA H 41 -25.88 -16.61 17.15
C ALA H 41 -26.10 -18.06 17.51
N LYS H 42 -25.06 -18.74 17.96
CA LYS H 42 -25.21 -20.12 18.43
C LYS H 42 -26.11 -20.18 19.65
N LYS H 43 -25.96 -19.22 20.57
CA LYS H 43 -26.84 -19.18 21.73
C LYS H 43 -28.28 -18.87 21.33
N HIS H 44 -28.49 -18.19 20.21
CA HIS H 44 -29.84 -17.87 19.76
C HIS H 44 -30.54 -19.02 19.05
N GLY H 45 -29.82 -20.04 18.61
CA GLY H 45 -30.42 -21.17 17.94
C GLY H 45 -30.16 -21.30 16.45
N VAL H 46 -29.24 -20.51 15.89
CA VAL H 46 -28.91 -20.63 14.46
C VAL H 46 -28.22 -21.96 14.23
N PRO H 47 -28.51 -22.67 13.13
CA PRO H 47 -27.84 -23.94 12.86
C PRO H 47 -26.33 -23.79 12.74
N GLU H 48 -25.61 -24.82 13.20
CA GLU H 48 -24.17 -24.72 13.39
C GLU H 48 -23.38 -24.76 12.09
N ASP H 49 -23.87 -25.44 11.05
CA ASP H 49 -23.12 -25.54 9.80
C ASP H 49 -23.04 -24.20 9.09
N LEU H 50 -24.14 -23.45 9.07
CA LEU H 50 -24.11 -22.11 8.50
C LEU H 50 -23.13 -21.22 9.25
N LEU H 51 -23.13 -21.32 10.57
CA LEU H 51 -22.18 -20.56 11.38
C LEU H 51 -20.74 -20.98 11.08
N ALA H 52 -20.51 -22.26 10.83
CA ALA H 52 -19.16 -22.71 10.47
C ALA H 52 -18.69 -22.08 9.17
N ASP H 53 -19.56 -22.06 8.16
CA ASP H 53 -19.20 -21.41 6.90
C ASP H 53 -18.87 -19.94 7.10
N ILE H 54 -19.75 -19.22 7.81
CA ILE H 54 -19.55 -17.79 8.01
C ILE H 54 -18.29 -17.54 8.83
N GLU H 55 -18.03 -18.36 9.84
CA GLU H 55 -16.87 -18.16 10.69
C GLU H 55 -15.57 -18.38 9.93
N ARG H 56 -15.51 -19.42 9.10
CA ARG H 56 -14.30 -19.63 8.30
C ARG H 56 -14.06 -18.45 7.37
N ALA H 57 -15.11 -18.01 6.67
CA ALA H 57 -14.94 -16.87 5.77
C ALA H 57 -14.53 -15.62 6.53
N GLY H 58 -15.12 -15.40 7.70
CA GLY H 58 -14.83 -14.20 8.47
C GLY H 58 -13.43 -14.17 9.01
N LEU H 59 -12.93 -15.30 9.51
CA LEU H 59 -11.55 -15.34 9.98
C LEU H 59 -10.57 -15.15 8.83
N ALA H 60 -10.85 -15.76 7.68
CA ALA H 60 -9.99 -15.56 6.52
C ALA H 60 -9.93 -14.08 6.13
N LEU H 61 -11.08 -13.40 6.17
CA LEU H 61 -11.09 -11.98 5.82
C LEU H 61 -10.46 -11.12 6.91
N ALA H 62 -10.54 -11.55 8.17
CA ALA H 62 -9.94 -10.79 9.25
C ALA H 62 -8.43 -10.88 9.23
N GLU H 63 -7.87 -11.98 8.75
CA GLU H 63 -6.42 -12.09 8.64
C GLU H 63 -5.82 -10.95 7.83
N VAL H 64 -6.53 -10.48 6.81
CA VAL H 64 -6.02 -9.43 5.93
C VAL H 64 -6.58 -8.05 6.29
N GLY H 65 -7.23 -7.94 7.44
CA GLY H 65 -7.74 -6.66 7.90
C GLY H 65 -8.80 -6.04 7.01
N ASP H 66 -9.73 -6.84 6.49
CA ASP H 66 -10.81 -6.35 5.64
C ASP H 66 -11.99 -6.00 6.53
N ARG H 67 -12.11 -4.73 6.89
CA ARG H 67 -13.15 -4.32 7.83
C ARG H 67 -14.54 -4.46 7.21
N GLU H 68 -14.74 -3.91 6.01
CA GLU H 68 -16.08 -3.84 5.44
C GLU H 68 -16.67 -5.23 5.22
N ALA H 69 -15.87 -6.16 4.70
CA ALA H 69 -16.36 -7.51 4.47
C ALA H 69 -16.72 -8.20 5.78
N VAL H 70 -15.89 -8.04 6.81
CA VAL H 70 -16.15 -8.69 8.10
C VAL H 70 -17.42 -8.15 8.71
N LEU H 71 -17.65 -6.84 8.59
CA LEU H 71 -18.85 -6.29 9.20
C LEU H 71 -20.10 -6.63 8.40
N LEU H 72 -19.97 -6.78 7.08
CA LEU H 72 -21.08 -7.32 6.29
C LEU H 72 -21.40 -8.75 6.71
N LEU H 73 -20.37 -9.53 7.04
CA LEU H 73 -20.62 -10.88 7.55
C LEU H 73 -21.33 -10.87 8.89
N VAL H 74 -20.98 -9.91 9.75
CA VAL H 74 -21.66 -9.80 11.04
C VAL H 74 -23.14 -9.44 10.83
N ARG H 75 -23.42 -8.56 9.88
CA ARG H 75 -24.82 -8.26 9.54
C ARG H 75 -25.54 -9.51 9.05
N LEU H 76 -24.88 -10.31 8.22
CA LEU H 76 -25.48 -11.56 7.76
C LEU H 76 -25.79 -12.49 8.93
N ILE H 77 -24.89 -12.56 9.91
CA ILE H 77 -25.11 -13.40 11.07
C ILE H 77 -26.35 -12.94 11.84
N ASN H 78 -26.49 -11.63 12.04
CA ASN H 78 -27.64 -11.12 12.78
C ASN H 78 -28.95 -11.38 12.05
N ALA H 79 -28.94 -11.20 10.72
CA ALA H 79 -30.12 -11.54 9.94
C ALA H 79 -30.45 -13.03 10.07
N LEU H 80 -29.43 -13.88 10.08
CA LEU H 80 -29.67 -15.31 10.30
C LEU H 80 -30.29 -15.56 11.67
N ILE H 81 -29.88 -14.81 12.68
CA ILE H 81 -30.50 -14.95 14.00
C ILE H 81 -31.99 -14.69 13.89
N VAL H 82 -32.35 -13.59 13.22
CA VAL H 82 -33.77 -13.24 13.08
C VAL H 82 -34.53 -14.35 12.35
N ALA H 83 -33.96 -14.83 11.23
CA ALA H 83 -34.63 -15.84 10.43
C ALA H 83 -34.78 -17.16 11.17
N ALA H 84 -33.75 -17.56 11.92
CA ALA H 84 -33.82 -18.82 12.65
C ALA H 84 -34.82 -18.72 13.80
N GLU H 85 -34.91 -17.56 14.44
CA GLU H 85 -35.94 -17.38 15.47
C GLU H 85 -37.34 -17.45 14.86
N ALA H 86 -37.52 -16.87 13.67
CA ALA H 86 -38.84 -16.91 13.04
C ALA H 86 -39.25 -18.33 12.65
N GLY H 87 -38.33 -19.11 12.10
CA GLY H 87 -38.66 -20.45 11.69
C GLY H 87 -38.53 -20.68 10.19
N VAL H 88 -37.63 -19.94 9.56
CA VAL H 88 -37.42 -20.09 8.11
C VAL H 88 -36.82 -21.45 7.83
N PRO H 89 -37.26 -22.17 6.78
CA PRO H 89 -36.71 -23.51 6.51
C PRO H 89 -35.21 -23.48 6.27
N LYS H 90 -34.60 -24.67 6.40
CA LYS H 90 -33.14 -24.76 6.39
C LYS H 90 -32.55 -24.64 4.99
N GLU H 91 -33.24 -25.15 3.95
CA GLU H 91 -32.71 -25.06 2.60
C GLU H 91 -32.54 -23.63 2.15
N ALA H 92 -33.56 -22.81 2.40
CA ALA H 92 -33.46 -21.39 2.08
C ALA H 92 -32.34 -20.73 2.87
N LEU H 93 -32.16 -21.15 4.13
CA LEU H 93 -31.09 -20.58 4.96
C LEU H 93 -29.72 -20.92 4.40
N VAL H 94 -29.53 -22.14 3.90
CA VAL H 94 -28.25 -22.53 3.33
C VAL H 94 -27.95 -21.71 2.09
N VAL H 95 -28.93 -21.59 1.20
CA VAL H 95 -28.73 -20.81 -0.03
C VAL H 95 -28.43 -19.36 0.31
N ILE H 96 -29.17 -18.80 1.27
CA ILE H 96 -28.98 -17.42 1.68
C ILE H 96 -27.60 -17.21 2.28
N THR H 97 -27.13 -18.16 3.09
CA THR H 97 -25.82 -18.02 3.71
C THR H 97 -24.71 -18.02 2.68
N HIS H 98 -24.78 -18.95 1.72
CA HIS H 98 -23.75 -18.99 0.69
C HIS H 98 -23.74 -17.72 -0.14
N ALA H 99 -24.93 -17.27 -0.56
CA ALA H 99 -25.03 -16.03 -1.33
C ALA H 99 -24.50 -14.86 -0.53
N GLY H 100 -24.81 -14.80 0.76
CA GLY H 100 -24.35 -13.70 1.58
C GLY H 100 -22.84 -13.67 1.76
N ILE H 101 -22.23 -14.85 1.92
CA ILE H 101 -20.77 -14.89 2.03
C ILE H 101 -20.14 -14.37 0.75
N LEU H 102 -20.65 -14.81 -0.40
CA LEU H 102 -20.09 -14.35 -1.66
C LEU H 102 -20.29 -12.84 -1.84
N LEU H 103 -21.46 -12.33 -1.46
CA LEU H 103 -21.73 -10.89 -1.61
C LEU H 103 -20.93 -10.05 -0.63
N ALA H 104 -20.64 -10.58 0.56
CA ALA H 104 -19.77 -9.86 1.48
C ALA H 104 -18.33 -9.83 0.96
N LEU H 105 -17.90 -10.89 0.29
CA LEU H 105 -16.60 -10.85 -0.38
C LEU H 105 -16.51 -9.72 -1.39
N ASP H 106 -17.63 -9.39 -2.05
CA ASP H 106 -17.65 -8.32 -3.03
C ASP H 106 -17.69 -6.94 -2.41
N ARG H 107 -17.93 -6.85 -1.11
CA ARG H 107 -18.21 -5.59 -0.42
C ARG H 107 -19.39 -4.87 -1.08
N ASP H 108 -20.40 -5.65 -1.46
CA ASP H 108 -21.59 -5.14 -2.14
C ASP H 108 -22.65 -4.80 -1.10
N GLU H 109 -22.65 -3.55 -0.65
CA GLU H 109 -23.59 -3.14 0.38
C GLU H 109 -25.03 -3.15 -0.12
N GLU H 110 -25.26 -2.76 -1.38
CA GLU H 110 -26.62 -2.74 -1.91
C GLU H 110 -27.18 -4.15 -2.06
N ALA H 111 -26.40 -5.07 -2.62
CA ALA H 111 -26.86 -6.44 -2.75
C ALA H 111 -27.02 -7.10 -1.40
N VAL H 112 -26.13 -6.81 -0.45
CA VAL H 112 -26.27 -7.34 0.90
C VAL H 112 -27.55 -6.84 1.55
N ASP H 113 -27.88 -5.57 1.35
CA ASP H 113 -29.12 -5.04 1.93
C ASP H 113 -30.35 -5.65 1.27
N ALA H 114 -30.28 -5.92 -0.03
CA ALA H 114 -31.38 -6.64 -0.68
C ALA H 114 -31.53 -8.05 -0.11
N LEU H 115 -30.40 -8.72 0.15
CA LEU H 115 -30.44 -10.05 0.76
C LEU H 115 -31.03 -10.01 2.16
N LEU H 116 -30.65 -9.02 2.95
CA LEU H 116 -31.17 -8.90 4.32
C LEU H 116 -32.65 -8.59 4.32
N GLU H 117 -33.11 -7.75 3.38
CA GLU H 117 -34.53 -7.46 3.31
C GLU H 117 -35.31 -8.67 2.85
N LEU H 118 -34.71 -9.49 1.97
CA LEU H 118 -35.32 -10.77 1.62
C LEU H 118 -35.44 -11.69 2.84
N ILE H 119 -34.39 -11.74 3.66
CA ILE H 119 -34.43 -12.56 4.86
C ILE H 119 -35.55 -12.10 5.78
N ASP H 120 -35.72 -10.79 5.93
CA ASP H 120 -36.80 -10.26 6.77
C ASP H 120 -38.17 -10.64 6.21
N ARG H 121 -38.36 -10.53 4.89
CA ARG H 121 -39.65 -10.90 4.32
C ARG H 121 -39.93 -12.38 4.50
N LEU H 122 -38.92 -13.23 4.35
CA LEU H 122 -39.11 -14.66 4.56
C LEU H 122 -39.41 -14.97 6.02
N ALA H 123 -38.78 -14.25 6.94
CA ALA H 123 -39.08 -14.43 8.36
C ALA H 123 -40.53 -14.06 8.66
N ARG H 124 -41.01 -12.96 8.08
CA ARG H 124 -42.41 -12.59 8.27
C ARG H 124 -43.34 -13.64 7.68
N ALA H 125 -42.99 -14.17 6.51
CA ALA H 125 -43.81 -15.22 5.91
C ALA H 125 -43.85 -16.48 6.77
N ALA H 126 -42.71 -16.85 7.36
CA ALA H 126 -42.66 -18.03 8.21
C ALA H 126 -43.46 -17.81 9.49
N LYS H 127 -43.37 -16.62 10.07
CA LYS H 127 -44.15 -16.32 11.27
C LYS H 127 -45.64 -16.26 10.98
N ALA H 128 -46.03 -15.85 9.78
CA ALA H 128 -47.44 -15.72 9.45
C ALA H 128 -48.09 -17.05 9.09
N GLY H 129 -47.32 -18.13 8.96
CA GLY H 129 -47.89 -19.42 8.64
C GLY H 129 -47.92 -19.78 7.18
N VAL H 130 -47.23 -19.04 6.32
CA VAL H 130 -47.20 -19.37 4.90
C VAL H 130 -46.59 -20.75 4.74
N PRO H 131 -47.12 -21.60 3.85
CA PRO H 131 -46.61 -22.97 3.76
C PRO H 131 -45.12 -23.03 3.45
N LYS H 132 -44.48 -24.07 3.98
CA LYS H 132 -43.03 -24.21 3.85
C LYS H 132 -42.60 -24.33 2.39
N GLU H 133 -43.42 -24.98 1.57
CA GLU H 133 -43.05 -25.16 0.16
C GLU H 133 -42.95 -23.83 -0.57
N ALA H 134 -43.92 -22.95 -0.36
CA ALA H 134 -43.90 -21.64 -1.01
C ALA H 134 -42.69 -20.83 -0.56
N ILE H 135 -42.40 -20.84 0.75
CA ILE H 135 -41.26 -20.10 1.27
C ILE H 135 -39.97 -20.62 0.66
N VAL H 136 -39.80 -21.94 0.62
CA VAL H 136 -38.58 -22.51 0.06
C VAL H 136 -38.44 -22.13 -1.40
N THR H 137 -39.51 -22.29 -2.18
CA THR H 137 -39.45 -21.97 -3.60
C THR H 137 -39.01 -20.52 -3.83
N VAL H 138 -39.76 -19.57 -3.28
CA VAL H 138 -39.50 -18.17 -3.58
C VAL H 138 -38.17 -17.73 -2.97
N GLY H 139 -37.85 -18.19 -1.77
CA GLY H 139 -36.60 -17.78 -1.14
C GLY H 139 -35.38 -18.29 -1.86
N VAL H 140 -35.38 -19.57 -2.25
CA VAL H 140 -34.24 -20.11 -2.98
C VAL H 140 -34.07 -19.40 -4.31
N ALA H 141 -35.18 -19.15 -5.02
CA ALA H 141 -35.07 -18.45 -6.29
C ALA H 141 -34.50 -17.04 -6.11
N ALA H 142 -35.01 -16.30 -5.12
CA ALA H 142 -34.56 -14.92 -4.94
C ALA H 142 -33.12 -14.86 -4.46
N ALA H 143 -32.71 -15.77 -3.59
CA ALA H 143 -31.32 -15.78 -3.14
C ALA H 143 -30.38 -16.13 -4.28
N HIS H 144 -30.76 -17.08 -5.13
CA HIS H 144 -29.94 -17.38 -6.30
C HIS H 144 -29.83 -16.18 -7.23
N LEU H 145 -30.94 -15.48 -7.44
CA LEU H 145 -30.91 -14.30 -8.31
C LEU H 145 -30.03 -13.20 -7.73
N LEU H 146 -30.07 -13.01 -6.41
CA LEU H 146 -29.21 -12.01 -5.79
C LEU H 146 -27.74 -12.43 -5.86
N GLN H 147 -27.48 -13.72 -5.84
CA GLN H 147 -26.11 -14.19 -6.00
C GLN H 147 -25.56 -13.89 -7.40
N ASP H 148 -26.42 -13.90 -8.41
CA ASP H 148 -26.03 -13.68 -9.79
C ASP H 148 -26.11 -12.22 -10.18
N ARG H 149 -26.27 -11.31 -9.22
CA ARG H 149 -26.38 -9.88 -9.46
C ARG H 149 -27.49 -9.56 -10.45
N ASP H 150 -28.67 -10.12 -10.21
CA ASP H 150 -29.86 -9.83 -11.01
C ASP H 150 -30.87 -9.15 -10.08
N LEU H 151 -30.75 -7.83 -9.96
CA LEU H 151 -31.56 -7.10 -8.99
C LEU H 151 -33.02 -6.94 -9.41
N PRO H 152 -33.36 -6.61 -10.66
CA PRO H 152 -34.79 -6.43 -10.98
C PRO H 152 -35.63 -7.67 -10.77
N ARG H 153 -35.13 -8.84 -11.16
CA ARG H 153 -35.90 -10.06 -10.96
C ARG H 153 -35.99 -10.43 -9.49
N ALA H 154 -34.94 -10.17 -8.72
CA ALA H 154 -34.99 -10.37 -7.29
C ALA H 154 -36.04 -9.48 -6.63
N LEU H 155 -36.15 -8.24 -7.10
CA LEU H 155 -37.17 -7.33 -6.55
C LEU H 155 -38.57 -7.80 -6.91
N ARG H 156 -38.74 -8.34 -8.12
CA ARG H 156 -40.04 -8.94 -8.47
C ARG H 156 -40.38 -10.09 -7.54
N LEU H 157 -39.41 -10.95 -7.23
CA LEU H 157 -39.68 -12.06 -6.32
C LEU H 157 -39.95 -11.57 -4.89
N LEU H 158 -39.33 -10.48 -4.48
CA LEU H 158 -39.65 -9.88 -3.18
C LEU H 158 -41.09 -9.40 -3.14
N GLU H 159 -41.57 -8.80 -4.23
CA GLU H 159 -42.98 -8.47 -4.33
C GLU H 159 -43.84 -9.72 -4.22
N VAL H 160 -43.37 -10.84 -4.79
CA VAL H 160 -44.11 -12.10 -4.67
C VAL H 160 -44.21 -12.54 -3.21
N VAL H 161 -43.11 -12.41 -2.46
CA VAL H 161 -43.14 -12.80 -1.04
C VAL H 161 -44.14 -11.96 -0.26
N ASP H 162 -44.13 -10.65 -0.49
CA ASP H 162 -45.10 -9.79 0.19
C ASP H 162 -46.53 -10.17 -0.17
N LYS H 163 -46.77 -10.50 -1.44
CA LYS H 163 -48.09 -10.93 -1.87
C LYS H 163 -48.51 -12.21 -1.17
N LEU H 164 -47.57 -13.15 -0.98
CA LEU H 164 -47.89 -14.38 -0.27
C LEU H 164 -48.30 -14.11 1.16
N VAL H 165 -47.58 -13.21 1.84
CA VAL H 165 -47.92 -12.89 3.22
C VAL H 165 -49.33 -12.30 3.30
N HIS H 166 -49.65 -11.38 2.39
CA HIS H 166 -50.99 -10.78 2.41
C HIS H 166 -52.06 -11.81 2.08
N MET H 167 -51.80 -12.71 1.14
CA MET H 167 -52.76 -13.76 0.81
C MET H 167 -53.02 -14.68 1.99
N LYS H 168 -51.96 -15.04 2.73
CA LYS H 168 -52.16 -15.82 3.94
C LYS H 168 -53.01 -15.07 4.96
N ALA H 169 -52.73 -13.78 5.15
CA ALA H 169 -53.52 -12.99 6.08
C ALA H 169 -54.98 -12.87 5.65
N LEU H 170 -55.28 -12.98 4.37
CA LEU H 170 -56.65 -12.85 3.88
C LEU H 170 -57.45 -14.13 4.00
N GLY H 171 -56.83 -15.26 4.33
CA GLY H 171 -57.54 -16.51 4.48
C GLY H 171 -57.55 -17.40 3.26
N VAL H 172 -56.71 -17.12 2.27
CA VAL H 172 -56.60 -17.99 1.10
C VAL H 172 -56.05 -19.35 1.53
N PRO H 173 -56.57 -20.46 1.02
CA PRO H 173 -56.08 -21.78 1.44
C PRO H 173 -54.63 -22.01 1.01
N ASP H 174 -53.98 -22.93 1.72
CA ASP H 174 -52.56 -23.18 1.52
C ASP H 174 -52.27 -23.64 0.09
N GLU H 175 -53.16 -24.44 -0.50
CA GLU H 175 -52.92 -24.97 -1.83
C GLU H 175 -52.82 -23.84 -2.86
N GLU H 176 -53.72 -22.85 -2.78
CA GLU H 176 -53.66 -21.74 -3.71
C GLU H 176 -52.41 -20.89 -3.50
N ILE H 177 -51.96 -20.75 -2.25
CA ILE H 177 -50.72 -20.01 -1.98
C ILE H 177 -49.55 -20.73 -2.63
N ILE H 178 -49.49 -22.04 -2.48
CA ILE H 178 -48.40 -22.82 -3.09
C ILE H 178 -48.45 -22.71 -4.61
N ALA H 179 -49.64 -22.81 -5.19
CA ALA H 179 -49.77 -22.71 -6.63
C ALA H 179 -49.33 -21.35 -7.14
N TYR H 180 -49.77 -20.28 -6.48
CA TYR H 180 -49.40 -18.94 -6.92
C TYR H 180 -47.90 -18.72 -6.80
N ALA H 181 -47.31 -19.17 -5.69
CA ALA H 181 -45.86 -19.03 -5.53
C ALA H 181 -45.12 -19.77 -6.61
N LYS H 182 -45.56 -20.99 -6.93
CA LYS H 182 -44.93 -21.77 -7.99
C LYS H 182 -45.02 -21.05 -9.33
N GLU H 183 -46.19 -20.51 -9.66
CA GLU H 183 -46.35 -19.84 -10.95
C GLU H 183 -45.47 -18.61 -11.04
N GLU H 184 -45.45 -17.78 -9.99
CA GLU H 184 -44.64 -16.57 -10.04
C GLU H 184 -43.15 -16.88 -10.10
N THR H 185 -42.71 -17.88 -9.33
CA THR H 185 -41.30 -18.25 -9.38
C THR H 185 -40.91 -18.82 -10.74
N GLU H 186 -41.79 -19.63 -11.34
CA GLU H 186 -41.50 -20.15 -12.67
C GLU H 186 -41.45 -19.03 -13.69
N ARG H 187 -42.33 -18.03 -13.55
CA ARG H 187 -42.28 -16.88 -14.44
C ARG H 187 -40.96 -16.13 -14.30
N ALA H 188 -40.50 -15.95 -13.07
CA ALA H 188 -39.23 -15.24 -12.85
C ALA H 188 -38.06 -16.02 -13.43
N TYR H 189 -38.00 -17.33 -13.17
CA TYR H 189 -36.92 -18.15 -13.72
C TYR H 189 -36.95 -18.16 -15.24
N LYS H 190 -38.13 -18.34 -15.82
CA LYS H 190 -38.24 -18.39 -17.27
C LYS H 190 -37.87 -17.06 -17.90
N GLY H 191 -38.05 -15.97 -17.18
CA GLY H 191 -37.72 -14.64 -17.65
C GLY H 191 -38.91 -13.84 -18.13
N GLU H 192 -40.11 -14.42 -18.15
CA GLU H 192 -41.30 -13.72 -18.60
C GLU H 192 -41.58 -12.48 -17.75
N GLY I 23 28.91 -32.96 -7.35
CA GLY I 23 28.26 -34.00 -8.14
C GLY I 23 28.57 -33.88 -9.61
N THR I 24 29.11 -34.96 -10.18
CA THR I 24 29.46 -34.96 -11.60
C THR I 24 28.24 -35.16 -12.50
N ALA I 25 27.12 -35.65 -11.96
CA ALA I 25 25.91 -35.77 -12.74
C ALA I 25 25.36 -34.38 -13.11
N GLU I 26 25.45 -33.42 -12.19
CA GLU I 26 25.06 -32.06 -12.50
C GLU I 26 26.01 -31.45 -13.52
N ALA I 27 27.30 -31.76 -13.44
CA ALA I 27 28.24 -31.30 -14.45
C ALA I 27 27.89 -31.85 -15.83
N LEU I 28 27.51 -33.13 -15.89
CA LEU I 28 27.09 -33.70 -17.16
C LEU I 28 25.81 -33.05 -17.67
N LEU I 29 24.89 -32.75 -16.77
CA LEU I 29 23.67 -32.05 -17.16
C LEU I 29 23.98 -30.69 -17.76
N LEU I 30 24.87 -29.93 -17.12
CA LEU I 30 25.24 -28.62 -17.63
C LEU I 30 25.96 -28.73 -18.97
N ALA I 31 26.84 -29.71 -19.12
CA ALA I 31 27.52 -29.90 -20.40
C ALA I 31 26.54 -30.23 -21.51
N ARG I 32 25.54 -31.08 -21.21
CA ARG I 32 24.53 -31.40 -22.21
C ARG I 32 23.69 -30.17 -22.57
N ALA I 33 23.38 -29.33 -21.58
CA ALA I 33 22.67 -28.09 -21.88
C ALA I 33 23.47 -27.19 -22.82
N ILE I 34 24.78 -27.04 -22.55
CA ILE I 34 25.63 -26.22 -23.40
C ILE I 34 25.68 -26.77 -24.80
N VAL I 35 25.85 -28.09 -24.94
CA VAL I 35 26.00 -28.70 -26.25
C VAL I 35 24.69 -28.61 -27.04
N SER I 36 23.55 -28.80 -26.37
CA SER I 36 22.27 -28.65 -27.05
C SER I 36 22.06 -27.22 -27.53
N ALA I 37 22.39 -26.23 -26.70
CA ALA I 37 22.25 -24.85 -27.12
C ALA I 37 23.15 -24.53 -28.31
N VAL I 38 24.38 -25.05 -28.30
CA VAL I 38 25.31 -24.81 -29.41
C VAL I 38 24.78 -25.44 -30.69
N GLU I 39 24.25 -26.67 -30.60
CA GLU I 39 23.73 -27.32 -31.80
C GLU I 39 22.50 -26.60 -32.35
N ASP I 40 21.61 -26.15 -31.47
CA ASP I 40 20.46 -25.37 -31.94
C ASP I 40 20.91 -24.09 -32.61
N ALA I 41 21.90 -23.40 -32.04
CA ALA I 41 22.39 -22.16 -32.62
C ALA I 41 23.04 -22.41 -33.97
N LYS I 42 23.77 -23.52 -34.10
CA LYS I 42 24.34 -23.87 -35.39
C LYS I 42 23.26 -24.12 -36.43
N LYS I 43 22.18 -24.81 -36.05
CA LYS I 43 21.08 -25.02 -36.97
C LYS I 43 20.42 -23.71 -37.37
N HIS I 44 20.34 -22.75 -36.44
CA HIS I 44 19.75 -21.46 -36.74
C HIS I 44 20.62 -20.58 -37.64
N GLY I 45 21.89 -20.93 -37.83
CA GLY I 45 22.76 -20.16 -38.68
C GLY I 45 23.75 -19.24 -37.99
N VAL I 46 24.00 -19.43 -36.69
CA VAL I 46 24.99 -18.60 -35.99
C VAL I 46 26.38 -18.98 -36.47
N PRO I 47 27.28 -18.02 -36.71
CA PRO I 47 28.63 -18.37 -37.18
C PRO I 47 29.36 -19.28 -36.19
N GLU I 48 30.17 -20.18 -36.74
CA GLU I 48 30.68 -21.33 -35.99
C GLU I 48 31.82 -20.98 -35.05
N ASP I 49 32.63 -19.97 -35.35
CA ASP I 49 33.77 -19.66 -34.48
C ASP I 49 33.31 -19.03 -33.17
N LEU I 50 32.28 -18.19 -33.21
CA LEU I 50 31.68 -17.69 -31.98
C LEU I 50 31.16 -18.84 -31.13
N LEU I 51 30.48 -19.80 -31.75
CA LEU I 51 29.99 -20.95 -31.03
C LEU I 51 31.13 -21.78 -30.48
N ALA I 52 32.26 -21.83 -31.17
CA ALA I 52 33.41 -22.58 -30.66
C ALA I 52 33.96 -21.94 -29.40
N ASP I 53 34.12 -20.61 -29.40
CA ASP I 53 34.58 -19.95 -28.18
C ASP I 53 33.60 -20.16 -27.02
N ILE I 54 32.31 -20.01 -27.29
CA ILE I 54 31.32 -20.15 -26.22
C ILE I 54 31.29 -21.59 -25.71
N GLU I 55 31.41 -22.57 -26.62
CA GLU I 55 31.39 -23.96 -26.20
C GLU I 55 32.60 -24.30 -25.34
N ARG I 56 33.78 -23.82 -25.71
CA ARG I 56 34.96 -24.08 -24.88
C ARG I 56 34.77 -23.49 -23.48
N ALA I 57 34.37 -22.21 -23.41
CA ALA I 57 34.17 -21.58 -22.11
C ALA I 57 33.10 -22.31 -21.30
N GLY I 58 32.00 -22.70 -21.95
CA GLY I 58 30.92 -23.35 -21.25
C GLY I 58 31.27 -24.72 -20.71
N LEU I 59 32.00 -25.52 -21.49
CA LEU I 59 32.43 -26.81 -20.98
C LEU I 59 33.43 -26.65 -19.85
N ALA I 60 34.33 -25.68 -19.94
CA ALA I 60 35.25 -25.43 -18.84
C ALA I 60 34.49 -25.05 -17.58
N LEU I 61 33.46 -24.22 -17.70
CA LEU I 61 32.71 -23.81 -16.52
C LEU I 61 31.82 -24.92 -15.99
N ALA I 62 31.28 -25.76 -16.86
CA ALA I 62 30.45 -26.88 -16.43
C ALA I 62 31.26 -27.96 -15.74
N GLU I 63 32.54 -28.08 -16.08
CA GLU I 63 33.38 -29.07 -15.40
C GLU I 63 33.43 -28.84 -13.91
N VAL I 64 33.41 -27.58 -13.47
CA VAL I 64 33.46 -27.25 -12.06
C VAL I 64 32.08 -26.94 -11.49
N GLY I 65 31.02 -27.27 -12.22
CA GLY I 65 29.66 -27.11 -11.74
C GLY I 65 29.23 -25.68 -11.46
N ASP I 66 29.61 -24.75 -12.33
CA ASP I 66 29.21 -23.35 -12.18
C ASP I 66 27.90 -23.14 -12.92
N ARG I 67 26.80 -23.25 -12.19
CA ARG I 67 25.48 -23.21 -12.83
C ARG I 67 25.18 -21.84 -13.41
N GLU I 68 25.41 -20.78 -12.63
CA GLU I 68 25.02 -19.44 -13.08
C GLU I 68 25.79 -19.01 -14.31
N ALA I 69 27.09 -19.29 -14.36
CA ALA I 69 27.88 -18.94 -15.52
C ALA I 69 27.40 -19.66 -16.77
N VAL I 70 27.08 -20.94 -16.64
CA VAL I 70 26.60 -21.71 -17.78
C VAL I 70 25.26 -21.17 -18.26
N LEU I 71 24.38 -20.81 -17.33
CA LEU I 71 23.09 -20.25 -17.74
C LEU I 71 23.25 -18.92 -18.45
N LEU I 72 24.19 -18.09 -17.98
CA LEU I 72 24.48 -16.83 -18.66
C LEU I 72 25.01 -17.08 -20.07
N LEU I 73 25.86 -18.09 -20.23
CA LEU I 73 26.35 -18.43 -21.56
C LEU I 73 25.23 -18.91 -22.48
N VAL I 74 24.28 -19.66 -21.95
CA VAL I 74 23.14 -20.10 -22.75
C VAL I 74 22.30 -18.89 -23.18
N ARG I 75 22.10 -17.94 -22.27
CA ARG I 75 21.41 -16.70 -22.64
C ARG I 75 22.15 -15.98 -23.75
N LEU I 76 23.48 -15.93 -23.67
CA LEU I 76 24.26 -15.29 -24.72
C LEU I 76 24.08 -16.00 -26.05
N ILE I 77 24.03 -17.33 -26.04
CA ILE I 77 23.84 -18.09 -27.27
C ILE I 77 22.48 -17.78 -27.89
N ASN I 78 21.43 -17.70 -27.08
CA ASN I 78 20.11 -17.39 -27.62
C ASN I 78 20.07 -15.98 -28.20
N ALA I 79 20.71 -15.02 -27.52
CA ALA I 79 20.80 -13.68 -28.07
C ALA I 79 21.55 -13.65 -29.38
N LEU I 80 22.61 -14.46 -29.49
CA LEU I 80 23.33 -14.56 -30.75
C LEU I 80 22.46 -15.16 -31.85
N ILE I 81 21.58 -16.10 -31.51
CA ILE I 81 20.62 -16.62 -32.48
C ILE I 81 19.78 -15.49 -33.03
N VAL I 82 19.25 -14.65 -32.14
CA VAL I 82 18.44 -13.51 -32.57
C VAL I 82 19.24 -12.58 -33.47
N ALA I 83 20.48 -12.27 -33.06
CA ALA I 83 21.29 -11.32 -33.80
C ALA I 83 21.65 -11.85 -35.18
N ALA I 84 21.97 -13.14 -35.28
CA ALA I 84 22.31 -13.73 -36.58
C ALA I 84 21.08 -13.79 -37.48
N GLU I 85 19.90 -14.08 -36.92
CA GLU I 85 18.69 -14.05 -37.73
C GLU I 85 18.41 -12.66 -38.26
N ALA I 86 18.71 -11.63 -37.47
CA ALA I 86 18.51 -10.26 -37.95
C ALA I 86 19.50 -9.90 -39.06
N GLY I 87 20.76 -10.25 -38.90
CA GLY I 87 21.76 -9.90 -39.90
C GLY I 87 22.80 -8.92 -39.40
N VAL I 88 23.08 -8.97 -38.10
CA VAL I 88 24.07 -8.06 -37.50
C VAL I 88 25.45 -8.39 -38.06
N PRO I 89 26.29 -7.41 -38.35
CA PRO I 89 27.61 -7.71 -38.92
C PRO I 89 28.48 -8.54 -37.99
N LYS I 90 29.51 -9.16 -38.57
CA LYS I 90 30.28 -10.15 -37.85
C LYS I 90 31.26 -9.52 -36.85
N GLU I 91 31.80 -8.34 -37.13
CA GLU I 91 32.74 -7.71 -36.21
C GLU I 91 32.08 -7.42 -34.86
N ALA I 92 30.87 -6.85 -34.91
CA ALA I 92 30.12 -6.60 -33.68
C ALA I 92 29.82 -7.90 -32.97
N LEU I 93 29.50 -8.95 -33.72
CA LEU I 93 29.20 -10.25 -33.11
C LEU I 93 30.41 -10.81 -32.38
N VAL I 94 31.60 -10.67 -32.97
CA VAL I 94 32.81 -11.19 -32.34
C VAL I 94 33.08 -10.44 -31.04
N VAL I 95 33.03 -9.11 -31.09
CA VAL I 95 33.29 -8.33 -29.89
C VAL I 95 32.26 -8.64 -28.81
N ILE I 96 31.00 -8.78 -29.21
CA ILE I 96 29.93 -9.08 -28.26
C ILE I 96 30.11 -10.45 -27.65
N THR I 97 30.53 -11.44 -28.44
CA THR I 97 30.74 -12.78 -27.92
C THR I 97 31.85 -12.80 -26.87
N HIS I 98 32.97 -12.13 -27.18
CA HIS I 98 34.06 -12.10 -26.21
C HIS I 98 33.63 -11.39 -24.93
N ALA I 99 32.97 -10.24 -25.07
CA ALA I 99 32.49 -9.53 -23.89
C ALA I 99 31.53 -10.37 -23.09
N GLY I 100 30.65 -11.11 -23.76
CA GLY I 100 29.68 -11.92 -23.05
C GLY I 100 30.32 -13.08 -22.29
N ILE I 101 31.34 -13.70 -22.89
CA ILE I 101 32.06 -14.75 -22.18
C ILE I 101 32.70 -14.20 -20.91
N LEU I 102 33.39 -13.07 -21.04
CA LEU I 102 34.02 -12.48 -19.84
C LEU I 102 32.99 -12.07 -18.81
N LEU I 103 31.84 -11.53 -19.23
CA LEU I 103 30.83 -11.11 -18.28
C LEU I 103 30.12 -12.28 -17.63
N ALA I 104 29.99 -13.40 -18.33
CA ALA I 104 29.43 -14.60 -17.72
C ALA I 104 30.39 -15.17 -16.69
N LEU I 105 31.70 -15.11 -16.96
CA LEU I 105 32.67 -15.49 -15.93
C LEU I 105 32.51 -14.64 -14.68
N ASP I 106 32.11 -13.38 -14.85
CA ASP I 106 31.87 -12.48 -13.73
C ASP I 106 30.64 -12.86 -12.93
N ARG I 107 29.75 -13.67 -13.50
CA ARG I 107 28.40 -13.87 -12.98
C ARG I 107 27.69 -12.54 -12.81
N ASP I 108 27.95 -11.63 -13.75
CA ASP I 108 27.41 -10.27 -13.69
C ASP I 108 26.10 -10.25 -14.47
N GLU I 109 25.00 -10.51 -13.76
CA GLU I 109 23.71 -10.56 -14.41
C GLU I 109 23.29 -9.21 -14.97
N GLU I 110 23.59 -8.12 -14.26
CA GLU I 110 23.20 -6.80 -14.73
C GLU I 110 23.92 -6.43 -16.02
N ALA I 111 25.24 -6.64 -16.07
CA ALA I 111 25.98 -6.35 -17.29
C ALA I 111 25.59 -7.27 -18.43
N VAL I 112 25.28 -8.53 -18.11
CA VAL I 112 24.83 -9.46 -19.15
C VAL I 112 23.51 -9.00 -19.75
N ASP I 113 22.58 -8.53 -18.92
CA ASP I 113 21.32 -8.05 -19.45
C ASP I 113 21.49 -6.75 -20.23
N ALA I 114 22.44 -5.90 -19.82
CA ALA I 114 22.77 -4.74 -20.65
C ALA I 114 23.28 -5.17 -22.01
N LEU I 115 24.13 -6.18 -22.05
CA LEU I 115 24.64 -6.71 -23.32
C LEU I 115 23.52 -7.29 -24.18
N LEU I 116 22.60 -8.04 -23.56
CA LEU I 116 21.50 -8.62 -24.32
C LEU I 116 20.58 -7.54 -24.87
N GLU I 117 20.34 -6.49 -24.09
CA GLU I 117 19.55 -5.36 -24.58
C GLU I 117 20.26 -4.68 -25.74
N LEU I 118 21.58 -4.55 -25.67
CA LEU I 118 22.35 -4.01 -26.79
C LEU I 118 22.21 -4.88 -28.03
N ILE I 119 22.28 -6.20 -27.86
CA ILE I 119 22.13 -7.10 -29.00
C ILE I 119 20.75 -6.96 -29.63
N ASP I 120 19.71 -6.82 -28.79
CA ASP I 120 18.37 -6.62 -29.32
C ASP I 120 18.25 -5.33 -30.11
N ARG I 121 18.85 -4.25 -29.60
CA ARG I 121 18.82 -2.98 -30.33
C ARG I 121 19.57 -3.08 -31.65
N LEU I 122 20.72 -3.75 -31.64
CA LEU I 122 21.49 -3.89 -32.88
C LEU I 122 20.75 -4.75 -33.89
N ALA I 123 20.03 -5.76 -33.43
CA ALA I 123 19.21 -6.57 -34.32
C ALA I 123 18.08 -5.75 -34.92
N ARG I 124 17.43 -4.90 -34.11
CA ARG I 124 16.39 -4.04 -34.63
C ARG I 124 16.95 -3.07 -35.67
N ALA I 125 18.14 -2.53 -35.40
CA ALA I 125 18.77 -1.62 -36.36
C ALA I 125 19.11 -2.34 -37.65
N ALA I 126 19.60 -3.58 -37.56
CA ALA I 126 19.92 -4.32 -38.78
C ALA I 126 18.67 -4.64 -39.58
N LYS I 127 17.59 -5.04 -38.91
CA LYS I 127 16.35 -5.34 -39.62
C LYS I 127 15.73 -4.09 -40.22
N ALA I 128 15.91 -2.93 -39.58
CA ALA I 128 15.34 -1.69 -40.09
C ALA I 128 16.11 -1.12 -41.26
N GLY I 129 17.28 -1.65 -41.58
CA GLY I 129 18.05 -1.16 -42.71
C GLY I 129 19.08 -0.09 -42.38
N VAL I 130 19.40 0.10 -41.11
CA VAL I 130 20.47 1.04 -40.75
C VAL I 130 21.77 0.58 -41.39
N PRO I 131 22.60 1.47 -41.94
CA PRO I 131 23.80 1.04 -42.65
C PRO I 131 24.73 0.21 -41.78
N LYS I 132 25.48 -0.69 -42.42
CA LYS I 132 26.35 -1.60 -41.69
C LYS I 132 27.42 -0.85 -40.92
N GLU I 133 27.98 0.21 -41.50
CA GLU I 133 29.10 0.91 -40.86
C GLU I 133 28.69 1.53 -39.53
N ALA I 134 27.50 2.15 -39.49
CA ALA I 134 27.02 2.73 -38.25
C ALA I 134 26.81 1.65 -37.19
N ILE I 135 26.22 0.53 -37.58
CA ILE I 135 25.99 -0.55 -36.64
C ILE I 135 27.30 -1.07 -36.08
N VAL I 136 28.29 -1.28 -36.95
CA VAL I 136 29.58 -1.78 -36.51
C VAL I 136 30.22 -0.81 -35.52
N THR I 137 30.22 0.47 -35.87
CA THR I 137 30.84 1.48 -35.01
C THR I 137 30.20 1.48 -33.62
N VAL I 138 28.89 1.70 -33.57
CA VAL I 138 28.23 1.87 -32.28
C VAL I 138 28.24 0.56 -31.49
N GLY I 139 28.05 -0.56 -32.18
CA GLY I 139 28.04 -1.84 -31.49
C GLY I 139 29.39 -2.20 -30.88
N VAL I 140 30.47 -2.01 -31.64
CA VAL I 140 31.80 -2.28 -31.10
C VAL I 140 32.08 -1.37 -29.91
N ALA I 141 31.75 -0.09 -30.03
CA ALA I 141 32.01 0.83 -28.93
C ALA I 141 31.23 0.42 -27.68
N ALA I 142 29.95 0.13 -27.82
CA ALA I 142 29.13 -0.19 -26.65
C ALA I 142 29.53 -1.52 -26.04
N ALA I 143 29.87 -2.51 -26.87
CA ALA I 143 30.31 -3.79 -26.34
C ALA I 143 31.62 -3.65 -25.57
N HIS I 144 32.56 -2.86 -26.10
CA HIS I 144 33.80 -2.65 -25.37
C HIS I 144 33.56 -1.93 -24.05
N LEU I 145 32.69 -0.92 -24.05
CA LEU I 145 32.39 -0.24 -22.80
C LEU I 145 31.75 -1.17 -21.79
N LEU I 146 30.88 -2.08 -22.25
CA LEU I 146 30.29 -3.05 -21.33
C LEU I 146 31.33 -4.01 -20.78
N GLN I 147 32.31 -4.38 -21.61
CA GLN I 147 33.38 -5.24 -21.13
C GLN I 147 34.24 -4.56 -20.06
N ASP I 148 34.31 -3.23 -20.08
CA ASP I 148 35.10 -2.47 -19.12
C ASP I 148 34.27 -2.00 -17.93
N ARG I 149 33.09 -2.58 -17.72
CA ARG I 149 32.21 -2.23 -16.60
C ARG I 149 31.95 -0.73 -16.52
N ASP I 150 31.70 -0.13 -17.69
CA ASP I 150 31.38 1.29 -17.78
C ASP I 150 29.93 1.41 -18.23
N LEU I 151 29.02 1.39 -17.25
CA LEU I 151 27.59 1.31 -17.58
C LEU I 151 27.02 2.64 -18.06
N PRO I 152 27.29 3.80 -17.46
CA PRO I 152 26.65 5.03 -17.96
C PRO I 152 26.97 5.34 -19.41
N ARG I 153 28.22 5.21 -19.82
CA ARG I 153 28.58 5.44 -21.21
C ARG I 153 27.92 4.43 -22.14
N ALA I 154 27.84 3.17 -21.72
CA ALA I 154 27.17 2.17 -22.54
C ALA I 154 25.69 2.48 -22.69
N LEU I 155 25.06 2.99 -21.64
CA LEU I 155 23.65 3.38 -21.72
C LEU I 155 23.46 4.54 -22.68
N ARG I 156 24.39 5.50 -22.66
CA ARG I 156 24.33 6.58 -23.63
C ARG I 156 24.45 6.06 -25.06
N LEU I 157 25.32 5.07 -25.28
CA LEU I 157 25.45 4.51 -26.62
C LEU I 157 24.20 3.71 -27.02
N LEU I 158 23.53 3.08 -26.07
CA LEU I 158 22.26 2.43 -26.37
C LEU I 158 21.22 3.44 -26.82
N GLU I 159 21.19 4.61 -26.17
CA GLU I 159 20.33 5.69 -26.65
C GLU I 159 20.72 6.11 -28.06
N VAL I 160 22.01 6.09 -28.37
CA VAL I 160 22.45 6.42 -29.73
C VAL I 160 21.90 5.42 -30.74
N VAL I 161 21.92 4.13 -30.40
CA VAL I 161 21.40 3.10 -31.31
C VAL I 161 19.91 3.32 -31.55
N ASP I 162 19.15 3.58 -30.49
CA ASP I 162 17.72 3.82 -30.64
C ASP I 162 17.47 5.04 -31.54
N LYS I 163 18.26 6.09 -31.35
CA LYS I 163 18.11 7.29 -32.17
C LYS I 163 18.40 6.98 -33.63
N LEU I 164 19.42 6.16 -33.91
CA LEU I 164 19.71 5.78 -35.29
C LEU I 164 18.55 5.04 -35.93
N VAL I 165 17.93 4.12 -35.19
CA VAL I 165 16.79 3.39 -35.73
C VAL I 165 15.66 4.36 -36.08
N HIS I 166 15.40 5.32 -35.19
CA HIS I 166 14.31 6.27 -35.47
C HIS I 166 14.63 7.14 -36.67
N MET I 167 15.87 7.61 -36.82
CA MET I 167 16.22 8.38 -38.02
C MET I 167 16.08 7.55 -39.28
N LYS I 168 16.45 6.26 -39.24
CA LYS I 168 16.25 5.43 -40.42
C LYS I 168 14.78 5.32 -40.77
N ALA I 169 13.91 5.16 -39.78
CA ALA I 169 12.48 5.14 -40.02
C ALA I 169 11.95 6.49 -40.50
N LEU I 170 12.66 7.58 -40.22
CA LEU I 170 12.25 8.92 -40.65
C LEU I 170 12.62 9.24 -42.08
N GLY I 171 13.33 8.36 -42.78
CA GLY I 171 13.78 8.64 -44.13
C GLY I 171 15.07 9.40 -44.24
N VAL I 172 15.81 9.57 -43.15
CA VAL I 172 17.10 10.26 -43.20
C VAL I 172 18.06 9.48 -44.07
N PRO I 173 18.84 10.12 -44.94
CA PRO I 173 19.76 9.38 -45.81
C PRO I 173 20.88 8.71 -45.02
N ASP I 174 21.44 7.67 -45.63
CA ASP I 174 22.43 6.82 -44.95
C ASP I 174 23.68 7.60 -44.56
N GLU I 175 24.09 8.56 -45.40
CA GLU I 175 25.30 9.31 -45.11
C GLU I 175 25.16 10.11 -43.81
N GLU I 176 24.01 10.74 -43.61
CA GLU I 176 23.78 11.48 -42.38
C GLU I 176 23.73 10.55 -41.18
N ILE I 177 23.18 9.35 -41.36
CA ILE I 177 23.15 8.37 -40.28
C ILE I 177 24.56 7.97 -39.88
N ILE I 178 25.41 7.70 -40.87
CA ILE I 178 26.79 7.32 -40.57
C ILE I 178 27.52 8.46 -39.87
N ALA I 179 27.33 9.69 -40.35
CA ALA I 179 27.99 10.83 -39.74
C ALA I 179 27.56 11.02 -38.30
N TYR I 180 26.25 10.92 -38.04
CA TYR I 180 25.76 11.10 -36.68
C TYR I 180 26.28 10.00 -35.76
N ALA I 181 26.28 8.76 -36.24
CA ALA I 181 26.78 7.65 -35.43
C ALA I 181 28.24 7.87 -35.08
N LYS I 182 29.05 8.29 -36.07
CA LYS I 182 30.46 8.54 -35.82
C LYS I 182 30.64 9.66 -34.80
N GLU I 183 29.86 10.74 -34.93
CA GLU I 183 29.99 11.85 -33.98
C GLU I 183 29.67 11.40 -32.56
N GLU I 184 28.57 10.66 -32.39
CA GLU I 184 28.18 10.26 -31.03
C GLU I 184 29.15 9.24 -30.45
N THR I 185 29.66 8.33 -31.27
CA THR I 185 30.64 7.36 -30.78
C THR I 185 31.94 8.05 -30.39
N GLU I 186 32.40 9.01 -31.19
CA GLU I 186 33.61 9.75 -30.83
C GLU I 186 33.38 10.56 -29.57
N ARG I 187 32.18 11.10 -29.40
CA ARG I 187 31.86 11.83 -28.18
C ARG I 187 31.93 10.92 -26.97
N ALA I 188 31.42 9.69 -27.10
CA ALA I 188 31.45 8.75 -25.99
C ALA I 188 32.89 8.31 -25.67
N TYR I 189 33.64 7.89 -26.69
CA TYR I 189 35.00 7.45 -26.47
C TYR I 189 35.88 8.56 -25.93
N LYS I 190 35.75 9.77 -26.46
CA LYS I 190 36.58 10.88 -26.02
C LYS I 190 36.28 11.26 -24.58
N GLY I 191 35.03 11.07 -24.15
CA GLY I 191 34.64 11.35 -22.78
C GLY I 191 33.72 12.53 -22.61
N GLU I 192 33.40 13.26 -23.68
CA GLU I 192 32.51 14.41 -23.58
C GLU I 192 31.10 13.98 -23.21
N GLY J 23 0.36 7.76 8.21
CA GLY J 23 0.73 8.84 9.10
C GLY J 23 0.81 8.41 10.55
N THR J 24 2.04 8.18 11.02
CA THR J 24 2.24 7.75 12.40
C THR J 24 2.00 8.87 13.40
N ALA J 25 2.17 10.13 12.98
CA ALA J 25 1.84 11.25 13.86
C ALA J 25 0.35 11.31 14.15
N GLU J 26 -0.48 11.03 13.16
CA GLU J 26 -1.92 10.97 13.39
C GLU J 26 -2.28 9.81 14.31
N ALA J 27 -1.61 8.67 14.15
CA ALA J 27 -1.82 7.56 15.07
C ALA J 27 -1.46 7.93 16.49
N LEU J 28 -0.37 8.66 16.67
CA LEU J 28 0.00 9.12 18.00
C LEU J 28 -1.03 10.09 18.56
N LEU J 29 -1.54 10.98 17.70
CA LEU J 29 -2.57 11.92 18.15
C LEU J 29 -3.82 11.20 18.62
N LEU J 30 -4.27 10.21 17.87
CA LEU J 30 -5.44 9.44 18.27
C LEU J 30 -5.19 8.66 19.55
N ALA J 31 -3.99 8.09 19.69
CA ALA J 31 -3.66 7.36 20.91
C ALA J 31 -3.68 8.29 22.13
N ARG J 32 -3.14 9.50 21.97
CA ARG J 32 -3.17 10.45 23.07
C ARG J 32 -4.60 10.90 23.38
N ALA J 33 -5.44 11.01 22.36
CA ALA J 33 -6.85 11.32 22.62
C ALA J 33 -7.51 10.23 23.44
N ILE J 34 -7.29 8.97 23.09
CA ILE J 34 -7.87 7.86 23.83
C ILE J 34 -7.37 7.85 25.26
N VAL J 35 -6.06 8.04 25.45
CA VAL J 35 -5.48 7.97 26.79
C VAL J 35 -5.99 9.11 27.66
N SER J 36 -6.09 10.31 27.09
CA SER J 36 -6.63 11.44 27.84
C SER J 36 -8.07 11.21 28.25
N ALA J 37 -8.88 10.69 27.33
CA ALA J 37 -10.28 10.41 27.67
C ALA J 37 -10.39 9.38 28.78
N VAL J 38 -9.57 8.33 28.72
CA VAL J 38 -9.62 7.29 29.74
C VAL J 38 -9.17 7.81 31.10
N GLU J 39 -8.14 8.65 31.12
CA GLU J 39 -7.68 9.21 32.39
C GLU J 39 -8.71 10.15 33.00
N ASP J 40 -9.37 10.96 32.16
CA ASP J 40 -10.44 11.80 32.67
C ASP J 40 -11.59 10.96 33.22
N ALA J 41 -11.93 9.86 32.53
CA ALA J 41 -12.99 8.99 32.99
C ALA J 41 -12.65 8.35 34.33
N LYS J 42 -11.39 7.95 34.51
CA LYS J 42 -10.97 7.45 35.83
C LYS J 42 -11.11 8.51 36.90
N LYS J 43 -10.73 9.76 36.58
CA LYS J 43 -10.89 10.84 37.55
C LYS J 43 -12.35 11.10 37.89
N HIS J 44 -13.27 10.79 36.96
CA HIS J 44 -14.68 10.98 37.21
C HIS J 44 -15.33 9.84 38.00
N GLY J 45 -14.70 8.68 38.06
CA GLY J 45 -15.25 7.55 38.79
C GLY J 45 -15.77 6.40 37.95
N VAL J 46 -15.51 6.37 36.67
CA VAL J 46 -15.93 5.23 35.83
C VAL J 46 -15.15 3.99 36.25
N PRO J 47 -15.79 2.82 36.33
CA PRO J 47 -15.08 1.61 36.74
C PRO J 47 -13.93 1.26 35.82
N GLU J 48 -12.88 0.69 36.40
CA GLU J 48 -11.61 0.54 35.70
C GLU J 48 -11.62 -0.56 34.65
N ASP J 49 -12.40 -1.64 34.86
CA ASP J 49 -12.42 -2.73 33.90
C ASP J 49 -13.03 -2.30 32.56
N LEU J 50 -14.13 -1.54 32.61
CA LEU J 50 -14.71 -1.03 31.38
C LEU J 50 -13.75 -0.14 30.63
N LEU J 51 -13.02 0.71 31.36
CA LEU J 51 -12.03 1.57 30.73
C LEU J 51 -10.89 0.75 30.16
N ALA J 52 -10.53 -0.38 30.78
CA ALA J 52 -9.48 -1.23 30.22
C ALA J 52 -9.91 -1.81 28.88
N ASP J 53 -11.14 -2.32 28.80
CA ASP J 53 -11.63 -2.80 27.50
C ASP J 53 -11.63 -1.71 26.45
N ILE J 54 -12.17 -0.53 26.79
CA ILE J 54 -12.26 0.53 25.80
C ILE J 54 -10.87 0.99 25.37
N GLU J 55 -9.94 1.08 26.32
CA GLU J 55 -8.60 1.54 26.01
C GLU J 55 -7.86 0.56 25.10
N ARG J 56 -7.98 -0.74 25.37
CA ARG J 56 -7.33 -1.71 24.49
C ARG J 56 -7.89 -1.62 23.08
N ALA J 57 -9.22 -1.58 22.95
CA ALA J 57 -9.81 -1.46 21.62
C ALA J 57 -9.38 -0.17 20.93
N GLY J 58 -9.37 0.94 21.67
CA GLY J 58 -9.04 2.22 21.09
C GLY J 58 -7.61 2.30 20.61
N LEU J 59 -6.68 1.75 21.39
CA LEU J 59 -5.28 1.75 20.95
C LEU J 59 -5.10 0.87 19.72
N ALA J 60 -5.77 -0.29 19.70
CA ALA J 60 -5.67 -1.14 18.50
C ALA J 60 -6.19 -0.41 17.27
N LEU J 61 -7.25 0.38 17.43
CA LEU J 61 -7.77 1.12 16.28
C LEU J 61 -6.90 2.32 15.91
N ALA J 62 -6.29 2.96 16.90
CA ALA J 62 -5.41 4.08 16.63
C ALA J 62 -4.15 3.66 15.90
N GLU J 63 -3.68 2.43 16.13
CA GLU J 63 -2.51 1.95 15.41
C GLU J 63 -2.71 2.02 13.90
N VAL J 64 -3.91 1.69 13.41
CA VAL J 64 -4.18 1.66 11.98
C VAL J 64 -4.76 2.97 11.47
N GLY J 65 -4.73 4.02 12.29
CA GLY J 65 -5.22 5.32 11.87
C GLY J 65 -6.70 5.36 11.57
N ASP J 66 -7.51 4.68 12.37
CA ASP J 66 -8.97 4.66 12.18
C ASP J 66 -9.56 5.77 13.03
N ARG J 67 -9.84 6.91 12.40
CA ARG J 67 -10.32 8.07 13.15
C ARG J 67 -11.74 7.85 13.67
N GLU J 68 -12.68 7.58 12.77
CA GLU J 68 -14.09 7.57 13.15
C GLU J 68 -14.37 6.59 14.28
N ALA J 69 -13.76 5.40 14.23
CA ALA J 69 -13.94 4.43 15.30
C ALA J 69 -13.41 4.97 16.63
N VAL J 70 -12.27 5.65 16.60
CA VAL J 70 -11.68 6.17 17.82
C VAL J 70 -12.56 7.26 18.43
N LEU J 71 -13.11 8.14 17.60
CA LEU J 71 -13.99 9.17 18.16
C LEU J 71 -15.30 8.59 18.64
N LEU J 72 -15.79 7.52 18.01
CA LEU J 72 -16.94 6.82 18.56
C LEU J 72 -16.63 6.23 19.93
N LEU J 73 -15.43 5.70 20.12
CA LEU J 73 -15.04 5.18 21.42
C LEU J 73 -14.93 6.29 22.46
N VAL J 74 -14.45 7.46 22.05
CA VAL J 74 -14.40 8.61 22.95
C VAL J 74 -15.81 9.02 23.38
N ARG J 75 -16.75 9.00 22.44
CA ARG J 75 -18.14 9.28 22.77
C ARG J 75 -18.68 8.26 23.77
N LEU J 76 -18.35 6.99 23.58
CA LEU J 76 -18.79 5.97 24.52
C LEU J 76 -18.20 6.21 25.91
N ILE J 77 -16.93 6.65 25.98
CA ILE J 77 -16.31 6.95 27.26
C ILE J 77 -17.06 8.08 27.96
N ASN J 78 -17.40 9.14 27.22
CA ASN J 78 -18.12 10.26 27.85
C ASN J 78 -19.50 9.86 28.33
N ALA J 79 -20.22 9.06 27.53
CA ALA J 79 -21.50 8.54 27.98
C ALA J 79 -21.35 7.69 29.23
N LEU J 80 -20.27 6.92 29.32
CA LEU J 80 -20.00 6.15 30.53
C LEU J 80 -19.74 7.06 31.72
N ILE J 81 -19.08 8.19 31.51
CA ILE J 81 -18.91 9.16 32.59
C ILE J 81 -20.25 9.59 33.13
N VAL J 82 -21.16 9.94 32.22
CA VAL J 82 -22.50 10.38 32.64
C VAL J 82 -23.22 9.27 33.41
N ALA J 83 -23.17 8.04 32.87
CA ALA J 83 -23.89 6.93 33.48
C ALA J 83 -23.33 6.58 34.86
N ALA J 84 -22.00 6.61 35.00
CA ALA J 84 -21.38 6.30 36.28
C ALA J 84 -21.66 7.38 37.32
N GLU J 85 -21.72 8.64 36.89
CA GLU J 85 -22.11 9.70 37.81
C GLU J 85 -23.54 9.53 38.27
N ALA J 86 -24.44 9.11 37.37
CA ALA J 86 -25.84 8.92 37.73
C ALA J 86 -26.02 7.80 38.76
N GLY J 87 -25.32 6.68 38.58
CA GLY J 87 -25.47 5.55 39.47
C GLY J 87 -26.06 4.33 38.79
N VAL J 88 -25.81 4.19 37.49
CA VAL J 88 -26.36 3.07 36.72
C VAL J 88 -25.70 1.78 37.19
N PRO J 89 -26.46 0.68 37.33
CA PRO J 89 -25.86 -0.57 37.79
C PRO J 89 -24.76 -1.08 36.87
N LYS J 90 -23.86 -1.86 37.45
CA LYS J 90 -22.64 -2.26 36.76
C LYS J 90 -22.90 -3.29 35.66
N GLU J 91 -23.88 -4.17 35.83
CA GLU J 91 -24.15 -5.18 34.81
C GLU J 91 -24.59 -4.55 33.50
N ALA J 92 -25.50 -3.59 33.58
CA ALA J 92 -25.91 -2.85 32.39
C ALA J 92 -24.74 -2.12 31.77
N LEU J 93 -23.85 -1.58 32.61
CA LEU J 93 -22.68 -0.87 32.09
C LEU J 93 -21.75 -1.80 31.34
N VAL J 94 -21.56 -3.02 31.85
CA VAL J 94 -20.69 -3.97 31.16
C VAL J 94 -21.28 -4.33 29.80
N VAL J 95 -22.57 -4.65 29.77
CA VAL J 95 -23.20 -5.00 28.51
C VAL J 95 -23.13 -3.84 27.52
N ILE J 96 -23.38 -2.62 28.00
CA ILE J 96 -23.34 -1.44 27.15
C ILE J 96 -21.92 -1.21 26.61
N THR J 97 -20.91 -1.39 27.46
CA THR J 97 -19.54 -1.17 27.01
C THR J 97 -19.15 -2.16 25.91
N HIS J 98 -19.49 -3.43 26.09
CA HIS J 98 -19.18 -4.41 25.06
C HIS J 98 -19.90 -4.09 23.75
N ALA J 99 -21.20 -3.80 23.85
CA ALA J 99 -21.96 -3.45 22.66
C ALA J 99 -21.38 -2.22 21.97
N GLY J 100 -20.99 -1.21 22.75
CA GLY J 100 -20.45 0.00 22.17
C GLY J 100 -19.11 -0.21 21.49
N ILE J 101 -18.27 -1.07 22.05
CA ILE J 101 -17.00 -1.37 21.39
C ILE J 101 -17.26 -2.03 20.04
N LEU J 102 -18.15 -3.02 20.01
CA LEU J 102 -18.44 -3.66 18.72
C LEU J 102 -19.11 -2.70 17.74
N LEU J 103 -19.91 -1.76 18.23
CA LEU J 103 -20.56 -0.82 17.32
C LEU J 103 -19.61 0.26 16.84
N ALA J 104 -18.61 0.63 17.64
CA ALA J 104 -17.58 1.54 17.16
C ALA J 104 -16.69 0.86 16.13
N LEU J 105 -16.47 -0.45 16.28
CA LEU J 105 -15.82 -1.19 15.21
C LEU J 105 -16.62 -1.13 13.92
N ASP J 106 -17.95 -1.11 14.03
CA ASP J 106 -18.84 -1.00 12.88
C ASP J 106 -18.70 0.32 12.15
N ARG J 107 -18.23 1.37 12.82
CA ARG J 107 -18.39 2.75 12.39
C ARG J 107 -19.86 3.07 12.15
N ASP J 108 -20.72 2.56 13.02
CA ASP J 108 -22.17 2.74 12.92
C ASP J 108 -22.56 3.92 13.80
N GLU J 109 -22.67 5.09 13.18
CA GLU J 109 -23.02 6.29 13.93
C GLU J 109 -24.46 6.23 14.43
N GLU J 110 -25.38 5.66 13.64
CA GLU J 110 -26.78 5.60 14.05
C GLU J 110 -26.98 4.67 15.25
N ALA J 111 -26.40 3.47 15.18
CA ALA J 111 -26.53 2.54 16.30
C ALA J 111 -25.82 3.07 17.54
N VAL J 112 -24.67 3.72 17.37
CA VAL J 112 -23.97 4.30 18.50
C VAL J 112 -24.80 5.42 19.13
N ASP J 113 -25.46 6.23 18.30
CA ASP J 113 -26.31 7.28 18.85
C ASP J 113 -27.50 6.70 19.59
N ALA J 114 -28.07 5.61 19.09
CA ALA J 114 -29.14 4.93 19.83
C ALA J 114 -28.63 4.40 21.17
N LEU J 115 -27.42 3.85 21.18
CA LEU J 115 -26.83 3.37 22.43
C LEU J 115 -26.60 4.51 23.42
N LEU J 116 -26.13 5.65 22.94
CA LEU J 116 -25.90 6.79 23.82
C LEU J 116 -27.21 7.34 24.37
N GLU J 117 -28.26 7.32 23.54
CA GLU J 117 -29.57 7.73 24.02
C GLU J 117 -30.09 6.77 25.08
N LEU J 118 -29.82 5.47 24.90
CA LEU J 118 -30.19 4.49 25.92
C LEU J 118 -29.45 4.75 27.23
N ILE J 119 -28.15 5.07 27.14
CA ILE J 119 -27.38 5.37 28.34
C ILE J 119 -27.95 6.59 29.05
N ASP J 120 -28.34 7.61 28.28
CA ASP J 120 -28.95 8.80 28.89
C ASP J 120 -30.26 8.47 29.60
N ARG J 121 -31.11 7.66 28.96
CA ARG J 121 -32.38 7.29 29.60
C ARG J 121 -32.15 6.47 30.86
N LEU J 122 -31.20 5.55 30.83
CA LEU J 122 -30.89 4.77 32.02
C LEU J 122 -30.32 5.64 33.13
N ALA J 123 -29.52 6.63 32.78
CA ALA J 123 -28.99 7.56 33.78
C ALA J 123 -30.11 8.37 34.41
N ARG J 124 -31.07 8.84 33.61
CA ARG J 124 -32.21 9.54 34.17
C ARG J 124 -33.03 8.63 35.08
N ALA J 125 -33.22 7.37 34.67
CA ALA J 125 -33.96 6.43 35.50
C ALA J 125 -33.25 6.17 36.82
N ALA J 126 -31.94 6.03 36.79
CA ALA J 126 -31.17 5.81 38.02
C ALA J 126 -31.24 7.03 38.93
N LYS J 127 -31.14 8.23 38.36
CA LYS J 127 -31.24 9.43 39.17
C LYS J 127 -32.63 9.58 39.78
N ALA J 128 -33.67 9.15 39.07
CA ALA J 128 -35.03 9.31 39.56
C ALA J 128 -35.42 8.29 40.61
N GLY J 129 -34.58 7.28 40.87
CA GLY J 129 -34.88 6.30 41.89
C GLY J 129 -35.57 5.05 41.42
N VAL J 130 -35.63 4.81 40.11
CA VAL J 130 -36.24 3.58 39.60
C VAL J 130 -35.49 2.38 40.16
N PRO J 131 -36.16 1.31 40.59
CA PRO J 131 -35.45 0.20 41.24
C PRO J 131 -34.38 -0.40 40.35
N LYS J 132 -33.32 -0.90 41.00
CA LYS J 132 -32.16 -1.42 40.29
C LYS J 132 -32.53 -2.58 39.39
N GLU J 133 -33.49 -3.40 39.80
CA GLU J 133 -33.87 -4.57 39.02
C GLU J 133 -34.47 -4.17 37.68
N ALA J 134 -35.36 -3.18 37.68
CA ALA J 134 -35.97 -2.72 36.44
C ALA J 134 -34.93 -2.15 35.49
N ILE J 135 -34.02 -1.33 36.03
CA ILE J 135 -32.98 -0.73 35.20
C ILE J 135 -32.11 -1.81 34.58
N VAL J 136 -31.70 -2.80 35.39
CA VAL J 136 -30.86 -3.87 34.88
C VAL J 136 -31.58 -4.63 33.78
N THR J 137 -32.83 -5.02 34.03
CA THR J 137 -33.58 -5.82 33.06
C THR J 137 -33.69 -5.08 31.73
N VAL J 138 -34.22 -3.86 31.75
CA VAL J 138 -34.51 -3.16 30.50
C VAL J 138 -33.22 -2.74 29.82
N GLY J 139 -32.22 -2.30 30.58
CA GLY J 139 -30.97 -1.88 29.97
C GLY J 139 -30.21 -3.01 29.32
N VAL J 140 -30.13 -4.16 29.99
CA VAL J 140 -29.45 -5.30 29.40
C VAL J 140 -30.17 -5.75 28.13
N ALA J 141 -31.51 -5.83 28.17
CA ALA J 141 -32.24 -6.25 26.98
C ALA J 141 -32.00 -5.29 25.82
N ALA J 142 -32.08 -3.98 26.09
CA ALA J 142 -31.95 -3.01 25.01
C ALA J 142 -30.53 -2.97 24.45
N ALA J 143 -29.52 -3.08 25.32
CA ALA J 143 -28.15 -3.12 24.83
C ALA J 143 -27.88 -4.35 23.99
N HIS J 144 -28.42 -5.50 24.40
CA HIS J 144 -28.27 -6.71 23.58
C HIS J 144 -28.96 -6.55 22.24
N LEU J 145 -30.16 -5.96 22.23
CA LEU J 145 -30.87 -5.77 20.97
C LEU J 145 -30.11 -4.82 20.05
N LEU J 146 -29.53 -3.76 20.60
CA LEU J 146 -28.74 -2.85 19.78
C LEU J 146 -27.49 -3.53 19.24
N GLN J 147 -26.88 -4.41 20.03
CA GLN J 147 -25.72 -5.14 19.53
C GLN J 147 -26.08 -6.07 18.39
N ASP J 148 -27.28 -6.64 18.39
CA ASP J 148 -27.75 -7.54 17.35
C ASP J 148 -28.41 -6.81 16.19
N ARG J 149 -28.25 -5.49 16.12
CA ARG J 149 -28.75 -4.66 15.02
C ARG J 149 -30.26 -4.79 14.86
N ASP J 150 -30.98 -4.75 15.98
CA ASP J 150 -32.43 -4.79 15.96
C ASP J 150 -32.93 -3.45 16.50
N LEU J 151 -33.00 -2.46 15.60
CA LEU J 151 -33.36 -1.10 16.02
C LEU J 151 -34.81 -0.98 16.48
N PRO J 152 -35.82 -1.52 15.79
CA PRO J 152 -37.21 -1.28 16.24
C PRO J 152 -37.51 -1.79 17.63
N ARG J 153 -37.03 -2.99 17.97
CA ARG J 153 -37.26 -3.52 19.31
C ARG J 153 -36.51 -2.72 20.36
N ALA J 154 -35.31 -2.23 20.02
CA ALA J 154 -34.57 -1.36 20.92
C ALA J 154 -35.33 -0.06 21.16
N LEU J 155 -35.98 0.48 20.13
CA LEU J 155 -36.76 1.70 20.31
C LEU J 155 -37.98 1.45 21.19
N ARG J 156 -38.61 0.29 21.05
CA ARG J 156 -39.70 -0.06 21.95
C ARG J 156 -39.22 -0.12 23.39
N LEU J 157 -38.05 -0.71 23.61
CA LEU J 157 -37.50 -0.78 24.97
C LEU J 157 -37.13 0.60 25.51
N LEU J 158 -36.69 1.50 24.64
CA LEU J 158 -36.45 2.89 25.06
C LEU J 158 -37.74 3.54 25.54
N GLU J 159 -38.83 3.31 24.82
CA GLU J 159 -40.14 3.76 25.29
C GLU J 159 -40.47 3.17 26.66
N VAL J 160 -40.10 1.91 26.87
CA VAL J 160 -40.33 1.28 28.17
C VAL J 160 -39.57 2.00 29.28
N VAL J 161 -38.32 2.37 29.02
CA VAL J 161 -37.52 3.09 30.01
C VAL J 161 -38.18 4.43 30.35
N ASP J 162 -38.62 5.15 29.32
CA ASP J 162 -39.28 6.43 29.58
C ASP J 162 -40.54 6.23 30.42
N LYS J 163 -41.30 5.18 30.13
CA LYS J 163 -42.50 4.90 30.90
C LYS J 163 -42.18 4.60 32.35
N LEU J 164 -41.09 3.87 32.61
CA LEU J 164 -40.68 3.59 33.97
C LEU J 164 -40.33 4.87 34.73
N VAL J 165 -39.62 5.79 34.06
CA VAL J 165 -39.28 7.05 34.71
C VAL J 165 -40.53 7.82 35.08
N HIS J 166 -41.49 7.89 34.17
CA HIS J 166 -42.73 8.62 34.46
C HIS J 166 -43.52 7.95 35.58
N MET J 167 -43.57 6.61 35.60
CA MET J 167 -44.25 5.92 36.70
C MET J 167 -43.59 6.21 38.04
N LYS J 168 -42.26 6.22 38.09
CA LYS J 168 -41.59 6.56 39.34
C LYS J 168 -41.93 7.99 39.78
N ALA J 169 -41.97 8.92 38.83
CA ALA J 169 -42.37 10.29 39.16
C ALA J 169 -43.81 10.38 39.61
N LEU J 170 -44.67 9.44 39.21
CA LEU J 170 -46.08 9.49 39.57
C LEU J 170 -46.37 8.90 40.95
N GLY J 171 -45.42 8.19 41.55
CA GLY J 171 -45.66 7.58 42.84
C GLY J 171 -46.06 6.12 42.83
N VAL J 172 -45.95 5.45 41.68
CA VAL J 172 -46.26 4.02 41.60
C VAL J 172 -45.26 3.24 42.45
N PRO J 173 -45.69 2.24 43.23
CA PRO J 173 -44.76 1.51 44.09
C PRO J 173 -43.72 0.74 43.30
N ASP J 174 -42.61 0.46 43.98
CA ASP J 174 -41.45 -0.17 43.32
C ASP J 174 -41.80 -1.55 42.78
N GLU J 175 -42.62 -2.31 43.50
CA GLU J 175 -42.99 -3.65 43.05
C GLU J 175 -43.75 -3.59 41.73
N GLU J 176 -44.68 -2.65 41.60
CA GLU J 176 -45.42 -2.51 40.35
C GLU J 176 -44.50 -2.11 39.21
N ILE J 177 -43.52 -1.25 39.48
CA ILE J 177 -42.57 -0.84 38.45
C ILE J 177 -41.75 -2.04 37.99
N ILE J 178 -41.28 -2.84 38.93
CA ILE J 178 -40.50 -4.03 38.57
C ILE J 178 -41.34 -5.00 37.76
N ALA J 179 -42.60 -5.21 38.16
CA ALA J 179 -43.47 -6.11 37.43
C ALA J 179 -43.71 -5.61 36.01
N TYR J 180 -43.98 -4.31 35.86
CA TYR J 180 -44.23 -3.77 34.52
C TYR J 180 -42.99 -3.89 33.64
N ALA J 181 -41.82 -3.58 34.19
CA ALA J 181 -40.59 -3.70 33.41
C ALA J 181 -40.36 -5.13 32.98
N LYS J 182 -40.57 -6.08 33.89
CA LYS J 182 -40.39 -7.49 33.56
C LYS J 182 -41.34 -7.90 32.44
N GLU J 183 -42.61 -7.50 32.53
CA GLU J 183 -43.57 -7.88 31.50
C GLU J 183 -43.20 -7.30 30.14
N GLU J 184 -42.85 -6.02 30.10
CA GLU J 184 -42.53 -5.39 28.82
C GLU J 184 -41.26 -5.97 28.21
N THR J 185 -40.24 -6.21 29.04
CA THR J 185 -39.02 -6.80 28.52
C THR J 185 -39.24 -8.23 28.04
N GLU J 186 -40.06 -9.00 28.76
CA GLU J 186 -40.38 -10.34 28.32
C GLU J 186 -41.12 -10.33 26.99
N ARG J 187 -42.03 -9.37 26.81
CA ARG J 187 -42.73 -9.23 25.53
C ARG J 187 -41.76 -8.90 24.41
N ALA J 188 -40.81 -8.01 24.68
CA ALA J 188 -39.84 -7.65 23.64
C ALA J 188 -38.96 -8.83 23.27
N TYR J 189 -38.42 -9.53 24.28
CA TYR J 189 -37.58 -10.69 24.03
C TYR J 189 -38.34 -11.79 23.29
N LYS J 190 -39.57 -12.05 23.71
CA LYS J 190 -40.36 -13.11 23.09
C LYS J 190 -40.70 -12.75 21.64
N GLY J 191 -40.84 -11.47 21.35
CA GLY J 191 -41.14 -11.00 20.02
C GLY J 191 -42.54 -10.47 19.83
N GLU J 192 -43.41 -10.59 20.84
CA GLU J 192 -44.78 -10.12 20.74
C GLU J 192 -44.83 -8.63 20.45
N GLY K 23 39.40 -28.12 -11.00
CA GLY K 23 39.48 -28.13 -12.45
C GLY K 23 40.46 -27.12 -13.00
N THR K 24 41.43 -27.59 -13.79
CA THR K 24 42.41 -26.69 -14.38
C THR K 24 41.84 -25.87 -15.52
N ALA K 25 40.72 -26.29 -16.11
CA ALA K 25 40.11 -25.51 -17.17
C ALA K 25 39.60 -24.17 -16.65
N GLU K 26 39.01 -24.16 -15.46
CA GLU K 26 38.57 -22.90 -14.86
C GLU K 26 39.76 -22.03 -14.49
N ALA K 27 40.85 -22.63 -14.01
CA ALA K 27 42.05 -21.86 -13.74
C ALA K 27 42.58 -21.21 -15.02
N LEU K 28 42.57 -21.94 -16.12
CA LEU K 28 43.00 -21.36 -17.39
C LEU K 28 42.07 -20.24 -17.83
N LEU K 29 40.76 -20.42 -17.66
CA LEU K 29 39.82 -19.38 -18.02
C LEU K 29 40.07 -18.11 -17.21
N LEU K 30 40.29 -18.25 -15.90
CA LEU K 30 40.56 -17.09 -15.07
C LEU K 30 41.88 -16.42 -15.47
N ALA K 31 42.89 -17.20 -15.81
CA ALA K 31 44.15 -16.63 -16.27
C ALA K 31 43.97 -15.85 -17.56
N ARG K 32 43.18 -16.38 -18.50
CA ARG K 32 42.92 -15.65 -19.74
C ARG K 32 42.14 -14.37 -19.48
N ALA K 33 41.19 -14.40 -18.55
CA ALA K 33 40.48 -13.18 -18.20
C ALA K 33 41.42 -12.12 -17.64
N ILE K 34 42.32 -12.53 -16.74
CA ILE K 34 43.29 -11.60 -16.17
C ILE K 34 44.18 -11.01 -17.27
N VAL K 35 44.70 -11.86 -18.16
CA VAL K 35 45.63 -11.39 -19.17
C VAL K 35 44.95 -10.47 -20.16
N SER K 36 43.71 -10.79 -20.53
CA SER K 36 42.96 -9.91 -21.44
C SER K 36 42.72 -8.55 -20.80
N ALA K 37 42.35 -8.53 -19.52
CA ALA K 37 42.14 -7.25 -18.84
C ALA K 37 43.42 -6.44 -18.78
N VAL K 38 44.55 -7.10 -18.48
CA VAL K 38 45.82 -6.39 -18.39
C VAL K 38 46.22 -5.83 -19.75
N GLU K 39 46.01 -6.59 -20.83
CA GLU K 39 46.36 -6.10 -22.16
C GLU K 39 45.49 -4.92 -22.55
N ASP K 40 44.19 -4.99 -22.26
CA ASP K 40 43.32 -3.86 -22.56
C ASP K 40 43.75 -2.63 -21.77
N ALA K 41 44.10 -2.81 -20.49
CA ALA K 41 44.54 -1.68 -19.68
C ALA K 41 45.83 -1.09 -20.22
N LYS K 42 46.75 -1.93 -20.72
CA LYS K 42 47.95 -1.41 -21.36
C LYS K 42 47.61 -0.59 -22.59
N LYS K 43 46.68 -1.08 -23.41
CA LYS K 43 46.28 -0.31 -24.60
C LYS K 43 45.61 1.00 -24.22
N HIS K 44 44.96 1.06 -23.06
CA HIS K 44 44.31 2.29 -22.61
C HIS K 44 45.29 3.30 -22.03
N GLY K 45 46.53 2.92 -21.75
CA GLY K 45 47.51 3.84 -21.22
C GLY K 45 47.79 3.74 -19.74
N VAL K 46 47.33 2.70 -19.06
CA VAL K 46 47.62 2.53 -17.63
C VAL K 46 49.10 2.23 -17.46
N PRO K 47 49.78 2.79 -16.45
CA PRO K 47 51.20 2.51 -16.25
C PRO K 47 51.46 1.03 -16.02
N GLU K 48 52.63 0.59 -16.47
CA GLU K 48 52.93 -0.83 -16.61
C GLU K 48 53.28 -1.51 -15.29
N ASP K 49 53.87 -0.80 -14.32
CA ASP K 49 54.28 -1.43 -13.08
C ASP K 49 53.07 -1.82 -12.21
N LEU K 50 52.06 -0.96 -12.17
CA LEU K 50 50.82 -1.32 -11.49
C LEU K 50 50.21 -2.56 -12.12
N LEU K 51 50.18 -2.61 -13.44
CA LEU K 51 49.65 -3.78 -14.13
C LEU K 51 50.49 -5.02 -13.85
N ALA K 52 51.79 -4.85 -13.66
CA ALA K 52 52.64 -5.99 -13.34
C ALA K 52 52.29 -6.57 -11.97
N ASP K 53 52.13 -5.70 -10.97
CA ASP K 53 51.71 -6.19 -9.66
C ASP K 53 50.37 -6.90 -9.72
N ILE K 54 49.41 -6.29 -10.42
CA ILE K 54 48.08 -6.88 -10.52
C ILE K 54 48.13 -8.21 -11.26
N GLU K 55 48.94 -8.30 -12.31
CA GLU K 55 49.04 -9.55 -13.07
C GLU K 55 49.64 -10.66 -12.23
N ARG K 56 50.71 -10.37 -11.47
CA ARG K 56 51.28 -11.40 -10.61
C ARG K 56 50.25 -11.90 -9.60
N ALA K 57 49.59 -10.98 -8.91
CA ALA K 57 48.61 -11.40 -7.91
C ALA K 57 47.47 -12.18 -8.55
N GLY K 58 47.01 -11.73 -9.71
CA GLY K 58 45.89 -12.39 -10.37
C GLY K 58 46.22 -13.79 -10.84
N LEU K 59 47.39 -13.97 -11.43
CA LEU K 59 47.78 -15.32 -11.85
C LEU K 59 47.94 -16.24 -10.65
N ALA K 60 48.52 -15.73 -9.55
CA ALA K 60 48.64 -16.55 -8.35
C ALA K 60 47.27 -16.96 -7.84
N LEU K 61 46.30 -16.04 -7.85
CA LEU K 61 44.96 -16.38 -7.38
C LEU K 61 44.23 -17.31 -8.33
N ALA K 62 44.46 -17.17 -9.64
CA ALA K 62 43.82 -18.04 -10.61
C ALA K 62 44.37 -19.45 -10.55
N GLU K 63 45.64 -19.61 -10.14
CA GLU K 63 46.21 -20.95 -10.03
C GLU K 63 45.42 -21.81 -9.06
N VAL K 64 44.96 -21.25 -7.95
CA VAL K 64 44.16 -21.98 -6.97
C VAL K 64 42.67 -21.83 -7.25
N GLY K 65 42.29 -21.28 -8.40
CA GLY K 65 40.91 -21.17 -8.79
C GLY K 65 40.04 -20.33 -7.88
N ASP K 66 40.57 -19.21 -7.38
CA ASP K 66 39.82 -18.34 -6.49
C ASP K 66 39.11 -17.31 -7.35
N ARG K 67 37.86 -17.61 -7.73
CA ARG K 67 37.16 -16.82 -8.73
C ARG K 67 36.93 -15.39 -8.26
N GLU K 68 36.32 -15.23 -7.08
CA GLU K 68 35.83 -13.91 -6.67
C GLU K 68 36.98 -12.92 -6.50
N ALA K 69 38.13 -13.38 -6.00
CA ALA K 69 39.29 -12.51 -5.90
C ALA K 69 39.75 -12.05 -7.28
N VAL K 70 39.72 -12.95 -8.26
CA VAL K 70 40.14 -12.60 -9.61
C VAL K 70 39.20 -11.56 -10.21
N LEU K 71 37.89 -11.73 -10.02
CA LEU K 71 36.97 -10.74 -10.57
C LEU K 71 37.08 -9.40 -9.85
N LEU K 72 37.41 -9.42 -8.56
CA LEU K 72 37.69 -8.16 -7.88
C LEU K 72 38.92 -7.47 -8.47
N LEU K 73 39.95 -8.25 -8.81
CA LEU K 73 41.12 -7.68 -9.44
C LEU K 73 40.80 -7.09 -10.82
N VAL K 74 39.90 -7.75 -11.56
CA VAL K 74 39.49 -7.22 -12.86
C VAL K 74 38.74 -5.90 -12.69
N ARG K 75 37.88 -5.82 -11.68
CA ARG K 75 37.23 -4.55 -11.35
C ARG K 75 38.26 -3.47 -11.04
N LEU K 76 39.29 -3.83 -10.27
CA LEU K 76 40.33 -2.87 -9.95
C LEU K 76 41.05 -2.39 -11.21
N ILE K 77 41.31 -3.30 -12.16
CA ILE K 77 41.97 -2.90 -13.40
C ILE K 77 41.09 -1.93 -14.18
N ASN K 78 39.79 -2.18 -14.25
CA ASN K 78 38.92 -1.27 -14.99
C ASN K 78 38.88 0.11 -14.33
N ALA K 79 38.81 0.14 -13.00
CA ALA K 79 38.86 1.42 -12.30
C ALA K 79 40.18 2.13 -12.56
N LEU K 80 41.27 1.39 -12.63
CA LEU K 80 42.56 2.00 -12.95
C LEU K 80 42.57 2.57 -14.36
N ILE K 81 41.89 1.92 -15.29
CA ILE K 81 41.74 2.48 -16.64
C ILE K 81 41.08 3.84 -16.57
N VAL K 82 39.98 3.92 -15.80
CA VAL K 82 39.27 5.19 -15.66
C VAL K 82 40.19 6.25 -15.06
N ALA K 83 40.91 5.90 -13.98
CA ALA K 83 41.75 6.85 -13.29
C ALA K 83 42.90 7.33 -14.17
N ALA K 84 43.48 6.42 -14.97
CA ALA K 84 44.57 6.81 -15.86
C ALA K 84 44.07 7.69 -17.00
N GLU K 85 42.87 7.42 -17.52
CA GLU K 85 42.32 8.28 -18.55
C GLU K 85 42.03 9.68 -18.01
N ALA K 86 41.58 9.78 -16.76
CA ALA K 86 41.35 11.09 -16.16
C ALA K 86 42.66 11.87 -15.98
N GLY K 87 43.70 11.21 -15.50
CA GLY K 87 44.96 11.88 -15.26
C GLY K 87 45.33 11.97 -13.79
N VAL K 88 44.90 10.99 -13.00
CA VAL K 88 45.19 10.98 -11.57
C VAL K 88 46.68 10.77 -11.37
N PRO K 89 47.32 11.44 -10.39
CA PRO K 89 48.77 11.30 -10.21
C PRO K 89 49.18 9.88 -9.87
N LYS K 90 50.47 9.60 -10.08
CA LYS K 90 50.97 8.24 -10.00
C LYS K 90 51.12 7.75 -8.57
N GLU K 91 51.47 8.62 -7.62
CA GLU K 91 51.63 8.18 -6.24
C GLU K 91 50.32 7.63 -5.67
N ALA K 92 49.23 8.36 -5.92
CA ALA K 92 47.92 7.88 -5.49
C ALA K 92 47.59 6.57 -6.17
N LEU K 93 47.94 6.43 -7.46
CA LEU K 93 47.66 5.21 -8.18
C LEU K 93 48.40 4.03 -7.57
N VAL K 94 49.66 4.23 -7.18
CA VAL K 94 50.44 3.14 -6.58
C VAL K 94 49.81 2.70 -5.27
N VAL K 95 49.46 3.67 -4.42
CA VAL K 95 48.87 3.32 -3.13
C VAL K 95 47.54 2.61 -3.32
N ILE K 96 46.70 3.11 -4.23
CA ILE K 96 45.41 2.49 -4.48
C ILE K 96 45.58 1.09 -5.05
N THR K 97 46.57 0.87 -5.91
CA THR K 97 46.79 -0.45 -6.48
C THR K 97 47.17 -1.46 -5.41
N HIS K 98 48.09 -1.08 -4.52
CA HIS K 98 48.49 -2.00 -3.45
C HIS K 98 47.32 -2.28 -2.52
N ALA K 99 46.57 -1.24 -2.15
CA ALA K 99 45.41 -1.43 -1.30
C ALA K 99 44.38 -2.34 -1.95
N GLY K 100 44.16 -2.17 -3.25
CA GLY K 100 43.19 -2.98 -3.95
C GLY K 100 43.59 -4.43 -4.03
N ILE K 101 44.88 -4.70 -4.26
CA ILE K 101 45.35 -6.09 -4.27
C ILE K 101 45.11 -6.74 -2.92
N LEU K 102 45.46 -6.03 -1.84
CA LEU K 102 45.25 -6.59 -0.52
C LEU K 102 43.77 -6.82 -0.24
N LEU K 103 42.91 -5.87 -0.62
CA LEU K 103 41.49 -6.01 -0.34
C LEU K 103 40.83 -7.07 -1.20
N ALA K 104 41.34 -7.31 -2.41
CA ALA K 104 40.84 -8.41 -3.22
C ALA K 104 41.25 -9.75 -2.65
N LEU K 105 42.45 -9.83 -2.05
CA LEU K 105 42.81 -11.04 -1.31
C LEU K 105 41.83 -11.35 -0.21
N ASP K 106 41.27 -10.32 0.44
CA ASP K 106 40.31 -10.51 1.52
C ASP K 106 38.91 -10.80 1.02
N ARG K 107 38.67 -10.73 -0.29
CA ARG K 107 37.34 -10.96 -0.85
C ARG K 107 36.33 -9.98 -0.26
N ASP K 108 36.79 -8.76 -0.01
CA ASP K 108 35.99 -7.74 0.68
C ASP K 108 35.31 -6.88 -0.37
N GLU K 109 34.08 -7.26 -0.74
CA GLU K 109 33.36 -6.50 -1.75
C GLU K 109 33.04 -5.09 -1.28
N GLU K 110 32.67 -4.92 -0.02
CA GLU K 110 32.31 -3.58 0.46
C GLU K 110 33.49 -2.62 0.43
N ALA K 111 34.64 -3.05 0.96
CA ALA K 111 35.82 -2.20 0.92
C ALA K 111 36.30 -1.96 -0.51
N VAL K 112 36.18 -2.96 -1.38
CA VAL K 112 36.57 -2.80 -2.77
C VAL K 112 35.70 -1.75 -3.46
N ASP K 113 34.39 -1.79 -3.21
CA ASP K 113 33.52 -0.77 -3.82
C ASP K 113 33.74 0.60 -3.22
N ALA K 114 34.11 0.68 -1.94
CA ALA K 114 34.51 1.97 -1.39
C ALA K 114 35.77 2.49 -2.07
N LEU K 115 36.73 1.60 -2.36
CA LEU K 115 37.94 2.00 -3.06
C LEU K 115 37.63 2.44 -4.48
N LEU K 116 36.73 1.75 -5.17
CA LEU K 116 36.35 2.14 -6.52
C LEU K 116 35.63 3.49 -6.52
N GLU K 117 34.80 3.74 -5.52
CA GLU K 117 34.17 5.04 -5.38
C GLU K 117 35.22 6.14 -5.16
N LEU K 118 36.24 5.83 -4.36
CA LEU K 118 37.33 6.78 -4.18
C LEU K 118 38.06 7.05 -5.50
N ILE K 119 38.31 6.01 -6.29
CA ILE K 119 38.98 6.20 -7.58
C ILE K 119 38.13 7.07 -8.49
N ASP K 120 36.80 6.85 -8.49
CA ASP K 120 35.91 7.67 -9.29
C ASP K 120 35.96 9.14 -8.87
N ARG K 121 35.94 9.39 -7.56
CA ARG K 121 35.99 10.77 -7.08
C ARG K 121 37.33 11.44 -7.41
N LEU K 122 38.43 10.70 -7.30
CA LEU K 122 39.72 11.27 -7.64
C LEU K 122 39.82 11.54 -9.13
N ALA K 123 39.23 10.68 -9.96
CA ALA K 123 39.21 10.92 -11.39
C ALA K 123 38.39 12.17 -11.72
N ARG K 124 37.25 12.35 -11.06
CA ARG K 124 36.47 13.57 -11.27
C ARG K 124 37.25 14.80 -10.84
N ALA K 125 37.95 14.72 -9.71
CA ALA K 125 38.74 15.85 -9.26
C ALA K 125 39.86 16.18 -10.23
N ALA K 126 40.53 15.16 -10.76
CA ALA K 126 41.60 15.40 -11.72
C ALA K 126 41.05 16.01 -13.01
N LYS K 127 39.91 15.53 -13.48
CA LYS K 127 39.31 16.09 -14.70
C LYS K 127 38.83 17.52 -14.48
N ALA K 128 38.40 17.85 -13.27
CA ALA K 128 37.93 19.21 -12.98
C ALA K 128 39.06 20.21 -12.84
N GLY K 129 40.32 19.76 -12.74
CA GLY K 129 41.43 20.66 -12.58
C GLY K 129 41.84 20.94 -11.16
N VAL K 130 41.39 20.14 -10.20
CA VAL K 130 41.82 20.30 -8.81
C VAL K 130 43.33 20.11 -8.75
N PRO K 131 44.07 20.90 -7.96
CA PRO K 131 45.53 20.79 -7.96
C PRO K 131 46.02 19.41 -7.60
N LYS K 132 47.17 19.05 -8.18
CA LYS K 132 47.71 17.70 -8.01
C LYS K 132 48.06 17.42 -6.55
N GLU K 133 48.58 18.41 -5.84
CA GLU K 133 48.99 18.18 -4.45
C GLU K 133 47.83 17.78 -3.57
N ALA K 134 46.69 18.47 -3.71
CA ALA K 134 45.51 18.12 -2.93
C ALA K 134 45.03 16.71 -3.26
N ILE K 135 45.02 16.36 -4.54
CA ILE K 135 44.57 15.04 -4.94
C ILE K 135 45.47 13.98 -4.34
N VAL K 136 46.79 14.19 -4.42
CA VAL K 136 47.72 13.21 -3.87
C VAL K 136 47.52 13.06 -2.36
N THR K 137 47.42 14.19 -1.65
CA THR K 137 47.26 14.12 -0.20
C THR K 137 46.02 13.34 0.19
N VAL K 138 44.86 13.75 -0.32
CA VAL K 138 43.61 13.15 0.13
C VAL K 138 43.49 11.72 -0.37
N GLY K 139 43.94 11.45 -1.60
CA GLY K 139 43.86 10.10 -2.12
C GLY K 139 44.75 9.12 -1.38
N VAL K 140 45.98 9.51 -1.09
CA VAL K 140 46.88 8.64 -0.34
C VAL K 140 46.31 8.38 1.05
N ALA K 141 45.80 9.42 1.72
CA ALA K 141 45.26 9.21 3.06
C ALA K 141 44.05 8.28 3.04
N ALA K 142 43.14 8.49 2.09
CA ALA K 142 41.92 7.67 2.06
C ALA K 142 42.22 6.24 1.64
N ALA K 143 43.15 6.04 0.71
CA ALA K 143 43.53 4.69 0.33
C ALA K 143 44.19 3.96 1.50
N HIS K 144 45.07 4.64 2.24
CA HIS K 144 45.68 4.00 3.40
C HIS K 144 44.63 3.62 4.44
N LEU K 145 43.66 4.51 4.68
CA LEU K 145 42.62 4.19 5.64
C LEU K 145 41.78 3.01 5.18
N LEU K 146 41.49 2.92 3.88
CA LEU K 146 40.72 1.79 3.37
C LEU K 146 41.51 0.49 3.48
N GLN K 147 42.84 0.57 3.35
CA GLN K 147 43.65 -0.62 3.53
C GLN K 147 43.64 -1.11 4.98
N ASP K 148 43.51 -0.19 5.93
CA ASP K 148 43.50 -0.53 7.35
C ASP K 148 42.09 -0.80 7.87
N ARG K 149 41.12 -1.02 6.97
CA ARG K 149 39.74 -1.29 7.34
C ARG K 149 39.17 -0.23 8.28
N ASP K 150 39.45 1.03 7.96
CA ASP K 150 38.92 2.16 8.70
C ASP K 150 37.90 2.87 7.81
N LEU K 151 36.66 2.40 7.87
CA LEU K 151 35.65 2.88 6.92
C LEU K 151 35.09 4.25 7.26
N PRO K 152 34.72 4.57 8.51
CA PRO K 152 34.17 5.91 8.77
C PRO K 152 35.12 7.05 8.42
N ARG K 153 36.40 6.91 8.74
CA ARG K 153 37.36 7.94 8.39
C ARG K 153 37.55 8.05 6.88
N ALA K 154 37.56 6.92 6.18
CA ALA K 154 37.65 6.94 4.73
C ALA K 154 36.44 7.64 4.11
N LEU K 155 35.25 7.43 4.68
CA LEU K 155 34.06 8.12 4.18
C LEU K 155 34.14 9.61 4.43
N ARG K 156 34.69 10.02 5.57
CA ARG K 156 34.92 11.44 5.80
C ARG K 156 35.87 12.02 4.75
N LEU K 157 36.93 11.30 4.40
CA LEU K 157 37.84 11.78 3.37
C LEU K 157 37.19 11.81 2.00
N LEU K 158 36.27 10.89 1.72
CA LEU K 158 35.53 10.93 0.47
C LEU K 158 34.66 12.19 0.39
N GLU K 159 34.04 12.56 1.51
CA GLU K 159 33.33 13.83 1.56
C GLU K 159 34.26 15.00 1.31
N VAL K 160 35.50 14.91 1.82
CA VAL K 160 36.47 15.96 1.57
C VAL K 160 36.78 16.09 0.07
N VAL K 161 36.92 14.96 -0.61
CA VAL K 161 37.19 15.01 -2.05
C VAL K 161 36.04 15.66 -2.80
N ASP K 162 34.81 15.29 -2.46
CA ASP K 162 33.66 15.92 -3.09
C ASP K 162 33.65 17.43 -2.87
N LYS K 163 33.96 17.85 -1.65
CA LYS K 163 34.00 19.29 -1.36
C LYS K 163 35.08 19.98 -2.16
N LEU K 164 36.23 19.33 -2.33
CA LEU K 164 37.30 19.93 -3.13
C LEU K 164 36.84 20.14 -4.57
N VAL K 165 36.15 19.16 -5.13
CA VAL K 165 35.65 19.31 -6.51
C VAL K 165 34.69 20.48 -6.60
N HIS K 166 33.77 20.60 -5.63
CA HIS K 166 32.81 21.70 -5.68
C HIS K 166 33.50 23.06 -5.53
N MET K 167 34.47 23.16 -4.61
CA MET K 167 35.20 24.41 -4.46
C MET K 167 35.97 24.77 -5.72
N LYS K 168 36.54 23.79 -6.42
CA LYS K 168 37.18 24.09 -7.69
C LYS K 168 36.17 24.61 -8.70
N ALA K 169 34.98 24.01 -8.76
CA ALA K 169 33.94 24.50 -9.64
C ALA K 169 33.45 25.89 -9.25
N LEU K 170 33.65 26.30 -8.01
CA LEU K 170 33.18 27.59 -7.52
C LEU K 170 34.15 28.72 -7.74
N GLY K 171 35.32 28.46 -8.32
CA GLY K 171 36.29 29.50 -8.57
C GLY K 171 37.26 29.78 -7.43
N VAL K 172 37.27 28.95 -6.39
CA VAL K 172 38.22 29.13 -5.29
C VAL K 172 39.64 28.95 -5.81
N PRO K 173 40.60 29.78 -5.40
CA PRO K 173 41.96 29.64 -5.92
C PRO K 173 42.63 28.35 -5.43
N ASP K 174 43.67 27.95 -6.17
CA ASP K 174 44.33 26.67 -5.91
C ASP K 174 44.97 26.64 -4.52
N GLU K 175 45.51 27.77 -4.06
CA GLU K 175 46.17 27.81 -2.77
C GLU K 175 45.18 27.47 -1.65
N GLU K 176 44.00 28.06 -1.70
CA GLU K 176 42.99 27.78 -0.67
C GLU K 176 42.55 26.32 -0.74
N ILE K 177 42.45 25.76 -1.93
CA ILE K 177 42.07 24.36 -2.08
C ILE K 177 43.13 23.45 -1.45
N ILE K 178 44.40 23.74 -1.71
CA ILE K 178 45.47 22.94 -1.13
C ILE K 178 45.46 23.06 0.39
N ALA K 179 45.28 24.28 0.90
CA ALA K 179 45.25 24.47 2.34
C ALA K 179 44.09 23.71 2.99
N TYR K 180 42.90 23.78 2.39
CA TYR K 180 41.75 23.09 2.95
C TYR K 180 41.95 21.59 2.93
N ALA K 181 42.46 21.05 1.82
CA ALA K 181 42.72 19.62 1.74
C ALA K 181 43.72 19.20 2.81
N LYS K 182 44.78 19.98 2.99
CA LYS K 182 45.77 19.67 4.01
C LYS K 182 45.15 19.66 5.40
N GLU K 183 44.34 20.67 5.72
CA GLU K 183 43.73 20.74 7.05
C GLU K 183 42.83 19.54 7.30
N GLU K 184 41.98 19.19 6.33
CA GLU K 184 41.06 18.08 6.54
C GLU K 184 41.80 16.75 6.62
N THR K 185 42.85 16.58 5.83
CA THR K 185 43.63 15.35 5.90
C THR K 185 44.33 15.22 7.25
N GLU K 186 44.91 16.31 7.76
CA GLU K 186 45.51 16.25 9.10
C GLU K 186 44.47 15.96 10.16
N ARG K 187 43.26 16.51 10.00
CA ARG K 187 42.18 16.23 10.94
C ARG K 187 41.82 14.75 10.92
N ALA K 188 41.78 14.15 9.73
CA ALA K 188 41.44 12.73 9.64
C ALA K 188 42.54 11.85 10.21
N TYR K 189 43.79 12.11 9.83
CA TYR K 189 44.91 11.32 10.36
C TYR K 189 45.02 11.45 11.87
N LYS K 190 44.90 12.67 12.38
CA LYS K 190 45.08 12.90 13.81
C LYS K 190 44.00 12.20 14.63
N GLY K 191 42.79 12.11 14.09
CA GLY K 191 41.68 11.49 14.77
C GLY K 191 40.60 12.44 15.24
N GLU K 192 40.78 13.74 15.05
CA GLU K 192 39.79 14.72 15.45
C GLU K 192 38.50 14.55 14.66
N GLY L 23 -1.90 13.58 -2.12
CA GLY L 23 -1.48 14.91 -2.53
C GLY L 23 -0.57 15.57 -1.51
N THR L 24 0.74 15.47 -1.75
CA THR L 24 1.71 16.07 -0.84
C THR L 24 1.78 17.57 -0.97
N ALA L 25 1.41 18.12 -2.12
CA ALA L 25 1.35 19.58 -2.27
C ALA L 25 0.25 20.17 -1.38
N GLU L 26 -0.87 19.48 -1.27
CA GLU L 26 -1.94 19.93 -0.37
C GLU L 26 -1.49 19.87 1.08
N ALA L 27 -0.76 18.82 1.46
CA ALA L 27 -0.21 18.74 2.81
C ALA L 27 0.75 19.90 3.07
N LEU L 28 1.58 20.25 2.09
CA LEU L 28 2.45 21.40 2.25
C LEU L 28 1.66 22.70 2.39
N LEU L 29 0.59 22.84 1.62
CA LEU L 29 -0.25 24.02 1.73
C LEU L 29 -0.86 24.16 3.11
N LEU L 30 -1.39 23.05 3.65
CA LEU L 30 -1.97 23.08 4.98
C LEU L 30 -0.92 23.37 6.05
N ALA L 31 0.27 22.80 5.91
CA ALA L 31 1.34 23.08 6.86
C ALA L 31 1.73 24.54 6.84
N ARG L 32 1.80 25.14 5.65
CA ARG L 32 2.11 26.56 5.56
C ARG L 32 0.99 27.41 6.17
N ALA L 33 -0.26 26.99 5.99
CA ALA L 33 -1.37 27.71 6.62
C ALA L 33 -1.24 27.68 8.14
N ILE L 34 -0.94 26.52 8.70
CA ILE L 34 -0.79 26.41 10.16
C ILE L 34 0.38 27.26 10.64
N VAL L 35 1.51 27.21 9.94
CA VAL L 35 2.68 27.96 10.37
C VAL L 35 2.44 29.46 10.29
N SER L 36 1.77 29.91 9.23
CA SER L 36 1.44 31.33 9.11
C SER L 36 0.52 31.77 10.23
N ALA L 37 -0.49 30.96 10.55
CA ALA L 37 -1.40 31.30 11.64
C ALA L 37 -0.66 31.40 12.97
N VAL L 38 0.24 30.45 13.23
CA VAL L 38 0.97 30.46 14.50
C VAL L 38 1.91 31.67 14.57
N GLU L 39 2.57 32.00 13.47
CA GLU L 39 3.45 33.17 13.48
C GLU L 39 2.68 34.46 13.69
N ASP L 40 1.52 34.59 13.05
CA ASP L 40 0.68 35.77 13.27
C ASP L 40 0.22 35.85 14.72
N ALA L 41 -0.19 34.71 15.28
CA ALA L 41 -0.63 34.69 16.68
C ALA L 41 0.49 35.08 17.62
N LYS L 42 1.71 34.60 17.33
CA LYS L 42 2.87 34.98 18.13
C LYS L 42 3.10 36.49 18.06
N LYS L 43 2.97 37.07 16.86
CA LYS L 43 3.13 38.51 16.73
C LYS L 43 2.05 39.26 17.50
N HIS L 44 0.86 38.67 17.64
CA HIS L 44 -0.21 39.33 18.37
C HIS L 44 -0.06 39.25 19.89
N GLY L 45 0.76 38.34 20.40
CA GLY L 45 0.96 38.20 21.82
C GLY L 45 0.38 36.97 22.49
N VAL L 46 -0.07 35.99 21.72
CA VAL L 46 -0.59 34.74 22.30
C VAL L 46 0.55 33.99 22.98
N PRO L 47 0.32 33.40 24.16
CA PRO L 47 1.39 32.66 24.83
C PRO L 47 1.93 31.52 23.98
N GLU L 48 3.24 31.28 24.12
CA GLU L 48 3.98 30.44 23.17
C GLU L 48 3.74 28.95 23.39
N ASP L 49 3.46 28.52 24.62
CA ASP L 49 3.25 27.10 24.86
C ASP L 49 1.95 26.59 24.25
N LEU L 50 0.89 27.40 24.32
CA LEU L 50 -0.36 27.03 23.66
C LEU L 50 -0.16 26.92 22.15
N LEU L 51 0.60 27.86 21.58
CA LEU L 51 0.91 27.80 20.17
C LEU L 51 1.73 26.57 19.82
N ALA L 52 2.65 26.16 20.71
CA ALA L 52 3.42 24.95 20.47
C ALA L 52 2.52 23.73 20.40
N ASP L 53 1.56 23.62 21.34
CA ASP L 53 0.62 22.51 21.31
C ASP L 53 -0.17 22.51 20.00
N ILE L 54 -0.73 23.66 19.63
CA ILE L 54 -1.56 23.72 18.43
C ILE L 54 -0.73 23.41 17.19
N GLU L 55 0.50 23.93 17.13
CA GLU L 55 1.34 23.72 15.97
C GLU L 55 1.72 22.26 15.80
N ARG L 56 2.08 21.57 16.89
CA ARG L 56 2.39 20.15 16.78
C ARG L 56 1.18 19.37 16.28
N ALA L 57 0.01 19.61 16.88
CA ALA L 57 -1.17 18.88 16.44
C ALA L 57 -1.51 19.19 14.99
N GLY L 58 -1.40 20.46 14.59
CA GLY L 58 -1.75 20.85 13.24
C GLY L 58 -0.82 20.28 12.20
N LEU L 59 0.48 20.24 12.49
CA LEU L 59 1.41 19.63 11.55
C LEU L 59 1.16 18.13 11.43
N ALA L 60 0.86 17.47 12.55
CA ALA L 60 0.52 16.05 12.47
C ALA L 60 -0.71 15.83 11.60
N LEU L 61 -1.71 16.70 11.70
CA LEU L 61 -2.91 16.54 10.89
C LEU L 61 -2.67 16.90 9.43
N ALA L 62 -1.82 17.88 9.16
CA ALA L 62 -1.50 18.24 7.78
C ALA L 62 -0.73 17.14 7.09
N GLU L 63 0.08 16.37 7.83
CA GLU L 63 0.80 15.25 7.21
C GLU L 63 -0.14 14.29 6.51
N VAL L 64 -1.32 14.03 7.08
CA VAL L 64 -2.27 13.10 6.50
C VAL L 64 -3.32 13.81 5.66
N GLY L 65 -3.13 15.09 5.35
CA GLY L 65 -4.07 15.84 4.54
C GLY L 65 -5.45 15.96 5.12
N ASP L 66 -5.55 16.18 6.43
CA ASP L 66 -6.84 16.33 7.10
C ASP L 66 -7.20 17.81 7.08
N ARG L 67 -7.95 18.22 6.07
CA ARG L 67 -8.24 19.64 5.88
C ARG L 67 -9.09 20.19 7.02
N GLU L 68 -10.27 19.59 7.23
CA GLU L 68 -11.25 20.15 8.15
C GLU L 68 -10.68 20.34 9.55
N ALA L 69 -9.92 19.37 10.04
CA ALA L 69 -9.27 19.51 11.34
C ALA L 69 -8.29 20.68 11.34
N VAL L 70 -7.56 20.86 10.23
CA VAL L 70 -6.59 21.94 10.16
C VAL L 70 -7.27 23.30 10.19
N LEU L 71 -8.38 23.45 9.48
CA LEU L 71 -9.05 24.75 9.53
C LEU L 71 -9.75 24.98 10.87
N LEU L 72 -10.19 23.93 11.53
CA LEU L 72 -10.69 24.10 12.89
C LEU L 72 -9.58 24.56 13.83
N LEU L 73 -8.36 24.06 13.63
CA LEU L 73 -7.24 24.51 14.44
C LEU L 73 -6.88 25.97 14.15
N VAL L 74 -7.00 26.38 12.88
CA VAL L 74 -6.77 27.78 12.54
C VAL L 74 -7.82 28.68 13.19
N ARG L 75 -9.07 28.22 13.21
CA ARG L 75 -10.12 28.95 13.93
C ARG L 75 -9.80 29.09 15.41
N LEU L 76 -9.32 28.01 16.03
CA LEU L 76 -8.95 28.07 17.44
C LEU L 76 -7.81 29.06 17.66
N ILE L 77 -6.85 29.12 16.73
CA ILE L 77 -5.74 30.06 16.86
C ILE L 77 -6.26 31.50 16.82
N ASN L 78 -7.21 31.79 15.94
CA ASN L 78 -7.72 33.15 15.80
C ASN L 78 -8.54 33.52 17.03
N ALA L 79 -9.29 32.58 17.57
CA ALA L 79 -10.01 32.82 18.82
C ALA L 79 -9.04 33.08 19.97
N LEU L 80 -7.92 32.35 20.00
CA LEU L 80 -6.90 32.60 21.00
C LEU L 80 -6.29 33.99 20.85
N ILE L 81 -6.12 34.47 19.62
CA ILE L 81 -5.65 35.83 19.41
C ILE L 81 -6.59 36.81 20.10
N VAL L 82 -7.89 36.63 19.87
CA VAL L 82 -8.88 37.52 20.46
C VAL L 82 -8.81 37.46 21.99
N ALA L 83 -8.76 36.24 22.54
CA ALA L 83 -8.77 36.06 23.98
C ALA L 83 -7.53 36.65 24.64
N ALA L 84 -6.37 36.47 24.00
CA ALA L 84 -5.12 37.02 24.55
C ALA L 84 -5.13 38.54 24.47
N GLU L 85 -5.70 39.11 23.41
CA GLU L 85 -5.80 40.56 23.34
C GLU L 85 -6.71 41.10 24.44
N ALA L 86 -7.80 40.39 24.74
CA ALA L 86 -8.70 40.85 25.80
C ALA L 86 -8.05 40.78 27.17
N GLY L 87 -7.36 39.71 27.48
CA GLY L 87 -6.71 39.57 28.77
C GLY L 87 -7.24 38.42 29.61
N VAL L 88 -7.70 37.37 28.94
CA VAL L 88 -8.24 36.20 29.64
C VAL L 88 -7.12 35.52 30.43
N PRO L 89 -7.37 35.05 31.64
CA PRO L 89 -6.29 34.40 32.42
C PRO L 89 -5.75 33.16 31.73
N LYS L 90 -4.52 32.81 32.09
CA LYS L 90 -3.80 31.76 31.37
C LYS L 90 -4.35 30.37 31.63
N GLU L 91 -4.86 30.10 32.83
CA GLU L 91 -5.36 28.76 33.14
C GLU L 91 -6.54 28.38 32.24
N ALA L 92 -7.48 29.32 32.08
CA ALA L 92 -8.61 29.08 31.20
C ALA L 92 -8.14 28.88 29.77
N LEU L 93 -7.13 29.63 29.34
CA LEU L 93 -6.62 29.50 27.99
C LEU L 93 -5.97 28.13 27.77
N VAL L 94 -5.29 27.62 28.78
CA VAL L 94 -4.67 26.29 28.66
C VAL L 94 -5.74 25.21 28.52
N VAL L 95 -6.76 25.27 29.38
CA VAL L 95 -7.84 24.29 29.30
C VAL L 95 -8.55 24.39 27.96
N ILE L 96 -8.79 25.62 27.49
CA ILE L 96 -9.47 25.83 26.22
C ILE L 96 -8.63 25.29 25.06
N THR L 97 -7.32 25.51 25.09
CA THR L 97 -6.47 25.02 24.01
C THR L 97 -6.50 23.50 23.93
N HIS L 98 -6.39 22.84 25.08
CA HIS L 98 -6.41 21.38 25.07
C HIS L 98 -7.76 20.86 24.57
N ALA L 99 -8.86 21.43 25.06
CA ALA L 99 -10.18 21.02 24.61
C ALA L 99 -10.35 21.27 23.11
N GLY L 100 -9.86 22.41 22.62
CA GLY L 100 -10.01 22.73 21.22
C GLY L 100 -9.22 21.81 20.31
N ILE L 101 -8.02 21.40 20.74
CA ILE L 101 -7.26 20.43 19.96
C ILE L 101 -8.02 19.12 19.89
N LEU L 102 -8.56 18.67 21.03
CA LEU L 102 -9.29 17.41 21.05
C LEU L 102 -10.54 17.48 20.17
N LEU L 103 -11.23 18.63 20.17
CA LEU L 103 -12.46 18.75 19.38
C LEU L 103 -12.17 18.93 17.90
N ALA L 104 -11.05 19.58 17.55
CA ALA L 104 -10.66 19.63 16.15
C ALA L 104 -10.28 18.25 15.64
N LEU L 105 -9.73 17.40 16.50
CA LEU L 105 -9.50 16.01 16.10
C LEU L 105 -10.80 15.32 15.72
N ASP L 106 -11.89 15.57 16.45
CA ASP L 106 -13.16 14.94 16.17
C ASP L 106 -13.85 15.50 14.94
N ARG L 107 -13.35 16.61 14.38
CA ARG L 107 -14.04 17.35 13.32
C ARG L 107 -15.43 17.77 13.78
N ASP L 108 -15.54 18.17 15.03
CA ASP L 108 -16.82 18.56 15.64
C ASP L 108 -17.00 20.05 15.47
N GLU L 109 -17.72 20.45 14.42
CA GLU L 109 -17.92 21.86 14.15
C GLU L 109 -18.81 22.53 15.18
N GLU L 110 -19.85 21.85 15.66
CA GLU L 110 -20.76 22.49 16.61
C GLU L 110 -20.10 22.68 17.97
N ALA L 111 -19.36 21.68 18.45
CA ALA L 111 -18.65 21.83 19.70
C ALA L 111 -17.56 22.88 19.60
N VAL L 112 -16.87 22.95 18.46
CA VAL L 112 -15.86 23.99 18.26
C VAL L 112 -16.50 25.37 18.24
N ASP L 113 -17.68 25.49 17.63
CA ASP L 113 -18.38 26.77 17.62
C ASP L 113 -18.82 27.17 19.03
N ALA L 114 -19.26 26.21 19.84
CA ALA L 114 -19.59 26.51 21.22
C ALA L 114 -18.36 26.94 21.99
N LEU L 115 -17.22 26.30 21.73
CA LEU L 115 -15.97 26.70 22.38
C LEU L 115 -15.57 28.11 21.99
N LEU L 116 -15.71 28.46 20.71
CA LEU L 116 -15.36 29.81 20.26
C LEU L 116 -16.31 30.85 20.86
N GLU L 117 -17.58 30.51 20.99
CA GLU L 117 -18.52 31.40 21.66
C GLU L 117 -18.15 31.59 23.12
N LEU L 118 -17.72 30.52 23.79
CA LEU L 118 -17.25 30.64 25.16
C LEU L 118 -16.04 31.53 25.27
N ILE L 119 -15.09 31.39 24.33
CA ILE L 119 -13.90 32.23 24.34
C ILE L 119 -14.29 33.70 24.16
N ASP L 120 -15.23 33.97 23.27
CA ASP L 120 -15.69 35.35 23.06
C ASP L 120 -16.34 35.91 24.31
N ARG L 121 -17.17 35.11 24.99
CA ARG L 121 -17.81 35.59 26.21
C ARG L 121 -16.79 35.85 27.31
N LEU L 122 -15.79 34.98 27.45
CA LEU L 122 -14.75 35.19 28.44
C LEU L 122 -13.92 36.43 28.11
N ALA L 123 -13.69 36.68 26.82
CA ALA L 123 -12.97 37.88 26.41
C ALA L 123 -13.74 39.14 26.76
N ARG L 124 -15.06 39.14 26.52
CA ARG L 124 -15.88 40.28 26.91
C ARG L 124 -15.87 40.47 28.43
N ALA L 125 -15.95 39.37 29.17
CA ALA L 125 -15.91 39.46 30.64
C ALA L 125 -14.59 40.02 31.12
N ALA L 126 -13.48 39.61 30.51
CA ALA L 126 -12.18 40.13 30.89
C ALA L 126 -12.07 41.62 30.56
N LYS L 127 -12.53 42.02 29.38
CA LYS L 127 -12.46 43.43 29.01
C LYS L 127 -13.36 44.29 29.90
N ALA L 128 -14.46 43.75 30.40
CA ALA L 128 -15.37 44.50 31.24
C ALA L 128 -14.87 44.65 32.68
N GLY L 129 -13.85 43.91 33.08
CA GLY L 129 -13.34 44.00 34.44
C GLY L 129 -13.87 42.99 35.41
N VAL L 130 -14.56 41.95 34.94
CA VAL L 130 -15.04 40.89 35.83
C VAL L 130 -13.84 40.26 36.54
N PRO L 131 -13.93 39.97 37.85
CA PRO L 131 -12.75 39.50 38.57
C PRO L 131 -12.18 38.21 37.98
N LYS L 132 -10.85 38.08 38.10
CA LYS L 132 -10.14 36.97 37.48
C LYS L 132 -10.59 35.63 38.04
N GLU L 133 -10.91 35.58 39.34
CA GLU L 133 -11.31 34.32 39.94
C GLU L 133 -12.59 33.79 39.32
N ALA L 134 -13.59 34.66 39.13
CA ALA L 134 -14.84 34.25 38.51
C ALA L 134 -14.62 33.77 37.08
N ILE L 135 -13.80 34.50 36.32
CA ILE L 135 -13.54 34.12 34.94
C ILE L 135 -12.89 32.75 34.89
N VAL L 136 -11.89 32.53 35.73
CA VAL L 136 -11.20 31.24 35.74
C VAL L 136 -12.17 30.13 36.10
N THR L 137 -12.97 30.33 37.15
CA THR L 137 -13.90 29.30 37.58
C THR L 137 -14.86 28.90 36.46
N VAL L 138 -15.56 29.88 35.90
CA VAL L 138 -16.59 29.57 34.93
C VAL L 138 -15.98 29.07 33.63
N GLY L 139 -14.87 29.69 33.19
CA GLY L 139 -14.26 29.26 31.94
C GLY L 139 -13.69 27.86 32.00
N VAL L 140 -13.00 27.52 33.09
CA VAL L 140 -12.45 26.18 33.21
C VAL L 140 -13.58 25.15 33.27
N ALA L 141 -14.63 25.44 34.05
CA ALA L 141 -15.74 24.49 34.13
C ALA L 141 -16.40 24.29 32.77
N ALA L 142 -16.66 25.36 32.05
CA ALA L 142 -17.35 25.24 30.76
C ALA L 142 -16.48 24.58 29.71
N ALA L 143 -15.18 24.87 29.72
CA ALA L 143 -14.29 24.21 28.78
C ALA L 143 -14.21 22.71 29.06
N HIS L 144 -14.16 22.33 30.33
CA HIS L 144 -14.16 20.90 30.65
C HIS L 144 -15.46 20.23 30.22
N LEU L 145 -16.59 20.91 30.44
CA LEU L 145 -17.86 20.33 30.01
C LEU L 145 -17.92 20.18 28.49
N LEU L 146 -17.42 21.16 27.76
CA LEU L 146 -17.39 21.05 26.30
C LEU L 146 -16.48 19.91 25.85
N GLN L 147 -15.36 19.72 26.54
CA GLN L 147 -14.47 18.62 26.20
C GLN L 147 -15.11 17.26 26.44
N ASP L 148 -16.01 17.17 27.42
CA ASP L 148 -16.71 15.93 27.74
C ASP L 148 -17.98 15.76 26.93
N ARG L 149 -18.19 16.59 25.91
CA ARG L 149 -19.35 16.51 25.03
C ARG L 149 -20.66 16.61 25.83
N ASP L 150 -20.70 17.56 26.75
CA ASP L 150 -21.89 17.84 27.55
C ASP L 150 -22.36 19.25 27.20
N LEU L 151 -23.27 19.34 26.23
CA LEU L 151 -23.65 20.64 25.69
C LEU L 151 -24.65 21.39 26.57
N PRO L 152 -25.72 20.78 27.10
CA PRO L 152 -26.67 21.58 27.90
C PRO L 152 -26.04 22.27 29.11
N ARG L 153 -25.17 21.57 29.82
CA ARG L 153 -24.51 22.19 30.97
C ARG L 153 -23.55 23.28 30.55
N ALA L 154 -22.87 23.08 29.42
CA ALA L 154 -22.01 24.13 28.89
C ALA L 154 -22.80 25.37 28.53
N LEU L 155 -24.01 25.19 27.97
CA LEU L 155 -24.84 26.33 27.63
C LEU L 155 -25.32 27.06 28.89
N ARG L 156 -25.63 26.31 29.94
CA ARG L 156 -25.98 26.96 31.20
C ARG L 156 -24.83 27.79 31.73
N LEU L 157 -23.60 27.26 31.63
CA LEU L 157 -22.45 28.04 32.08
C LEU L 157 -22.19 29.27 31.21
N LEU L 158 -22.49 29.17 29.91
CA LEU L 158 -22.40 30.35 29.06
C LEU L 158 -23.39 31.43 29.49
N GLU L 159 -24.60 31.01 29.86
CA GLU L 159 -25.54 31.96 30.44
C GLU L 159 -25.00 32.57 31.73
N VAL L 160 -24.27 31.78 32.51
CA VAL L 160 -23.65 32.32 33.73
C VAL L 160 -22.63 33.41 33.39
N VAL L 161 -21.82 33.18 32.34
CA VAL L 161 -20.85 34.19 31.93
C VAL L 161 -21.55 35.48 31.53
N ASP L 162 -22.62 35.37 30.74
CA ASP L 162 -23.37 36.57 30.36
C ASP L 162 -23.91 37.30 31.57
N LYS L 163 -24.41 36.54 32.55
CA LYS L 163 -24.94 37.16 33.76
C LYS L 163 -23.84 37.90 34.53
N LEU L 164 -22.64 37.32 34.58
CA LEU L 164 -21.54 38.00 35.26
C LEU L 164 -21.19 39.31 34.58
N VAL L 165 -21.17 39.33 33.25
CA VAL L 165 -20.85 40.57 32.54
C VAL L 165 -21.90 41.63 32.84
N HIS L 166 -23.18 41.26 32.82
CA HIS L 166 -24.22 42.25 33.11
C HIS L 166 -24.15 42.73 34.55
N MET L 167 -23.86 41.83 35.49
CA MET L 167 -23.72 42.22 36.89
C MET L 167 -22.57 43.19 37.08
N LYS L 168 -21.45 42.97 36.40
CA LYS L 168 -20.35 43.92 36.46
C LYS L 168 -20.76 45.27 35.89
N ALA L 169 -21.46 45.27 34.77
CA ALA L 169 -21.94 46.54 34.21
C ALA L 169 -22.93 47.25 35.11
N LEU L 170 -23.62 46.54 35.99
CA LEU L 170 -24.60 47.13 36.88
C LEU L 170 -23.99 47.76 38.13
N GLY L 171 -22.75 47.45 38.46
CA GLY L 171 -22.13 47.98 39.66
C GLY L 171 -22.10 47.04 40.84
N VAL L 172 -22.42 45.77 40.65
CA VAL L 172 -22.36 44.78 41.74
C VAL L 172 -20.92 44.63 42.21
N PRO L 173 -20.65 44.58 43.51
CA PRO L 173 -19.26 44.47 43.97
C PRO L 173 -18.63 43.14 43.59
N ASP L 174 -17.29 43.15 43.53
CA ASP L 174 -16.54 41.99 43.05
C ASP L 174 -16.76 40.76 43.92
N GLU L 175 -16.92 40.95 45.23
CA GLU L 175 -17.13 39.81 46.11
C GLU L 175 -18.43 39.08 45.77
N GLU L 176 -19.49 39.83 45.53
CA GLU L 176 -20.76 39.21 45.15
C GLU L 176 -20.65 38.50 43.81
N ILE L 177 -19.89 39.07 42.87
CA ILE L 177 -19.70 38.42 41.58
C ILE L 177 -18.99 37.09 41.75
N ILE L 178 -17.93 37.07 42.57
CA ILE L 178 -17.19 35.84 42.81
C ILE L 178 -18.08 34.80 43.48
N ALA L 179 -18.87 35.24 44.47
CA ALA L 179 -19.77 34.31 45.15
C ALA L 179 -20.79 33.72 44.20
N TYR L 180 -21.40 34.55 43.35
CA TYR L 180 -22.40 34.05 42.42
C TYR L 180 -21.78 33.09 41.41
N ALA L 181 -20.60 33.42 40.89
CA ALA L 181 -19.93 32.51 39.96
C ALA L 181 -19.63 31.18 40.62
N LYS L 182 -19.14 31.19 41.87
CA LYS L 182 -18.85 29.95 42.56
C LYS L 182 -20.11 29.12 42.75
N GLU L 183 -21.21 29.76 43.17
CA GLU L 183 -22.46 29.03 43.39
C GLU L 183 -22.96 28.38 42.10
N GLU L 184 -23.02 29.16 41.02
CA GLU L 184 -23.57 28.61 39.78
C GLU L 184 -22.67 27.53 39.19
N THR L 185 -21.34 27.73 39.27
CA THR L 185 -20.44 26.72 38.76
C THR L 185 -20.54 25.43 39.55
N GLU L 186 -20.66 25.53 40.89
CA GLU L 186 -20.81 24.32 41.68
C GLU L 186 -22.16 23.66 41.44
N ARG L 187 -23.18 24.47 41.13
CA ARG L 187 -24.48 23.92 40.78
C ARG L 187 -24.42 23.11 39.49
N ALA L 188 -23.72 23.64 38.49
CA ALA L 188 -23.57 22.90 37.24
C ALA L 188 -22.70 21.66 37.42
N TYR L 189 -21.58 21.80 38.12
CA TYR L 189 -20.67 20.68 38.32
C TYR L 189 -21.34 19.55 39.11
N LYS L 190 -22.05 19.90 40.17
CA LYS L 190 -22.74 18.89 40.97
C LYS L 190 -23.84 18.20 40.17
N GLY L 191 -24.48 18.94 39.26
CA GLY L 191 -25.51 18.39 38.41
C GLY L 191 -26.91 18.89 38.71
N GLU L 192 -27.09 19.67 39.77
CA GLU L 192 -28.40 20.20 40.12
C GLU L 192 -28.99 21.03 38.99
N GLY M 23 48.62 -24.82 -4.33
CA GLY M 23 49.36 -23.70 -4.90
C GLY M 23 50.16 -22.93 -3.88
N THR M 24 51.48 -22.98 -4.01
CA THR M 24 52.35 -22.23 -3.10
C THR M 24 52.43 -20.76 -3.44
N ALA M 25 51.98 -20.36 -4.63
CA ALA M 25 51.91 -18.95 -4.96
C ALA M 25 50.90 -18.22 -4.08
N GLU M 26 49.76 -18.87 -3.80
CA GLU M 26 48.79 -18.28 -2.87
C GLU M 26 49.36 -18.21 -1.46
N ALA M 27 50.13 -19.23 -1.06
CA ALA M 27 50.79 -19.17 0.23
C ALA M 27 51.75 -17.98 0.31
N LEU M 28 52.49 -17.74 -0.77
CA LEU M 28 53.38 -16.58 -0.81
C LEU M 28 52.59 -15.28 -0.73
N LEU M 29 51.46 -15.22 -1.44
CA LEU M 29 50.63 -14.02 -1.39
C LEU M 29 50.12 -13.76 0.03
N LEU M 30 49.66 -14.80 0.72
CA LEU M 30 49.18 -14.63 2.08
C LEU M 30 50.31 -14.22 3.02
N ALA M 31 51.50 -14.79 2.82
CA ALA M 31 52.65 -14.40 3.63
C ALA M 31 53.00 -12.93 3.43
N ARG M 32 52.97 -12.47 2.18
CA ARG M 32 53.25 -11.06 1.92
C ARG M 32 52.19 -10.16 2.54
N ALA M 33 50.93 -10.58 2.49
CA ALA M 33 49.87 -9.80 3.13
C ALA M 33 50.11 -9.69 4.63
N ILE M 34 50.47 -10.80 5.28
CA ILE M 34 50.72 -10.78 6.72
C ILE M 34 51.90 -9.87 7.05
N VAL M 35 52.98 -9.98 6.27
CA VAL M 35 54.18 -9.20 6.56
C VAL M 35 53.92 -7.72 6.35
N SER M 36 53.19 -7.36 5.30
CA SER M 36 52.85 -5.96 5.07
C SER M 36 52.00 -5.41 6.20
N ALA M 37 51.01 -6.19 6.66
CA ALA M 37 50.18 -5.72 7.76
C ALA M 37 51.00 -5.53 9.03
N VAL M 38 51.91 -6.46 9.32
CA VAL M 38 52.73 -6.35 10.52
C VAL M 38 53.64 -5.13 10.44
N GLU M 39 54.23 -4.89 9.27
CA GLU M 39 55.11 -3.72 9.13
C GLU M 39 54.34 -2.42 9.25
N ASP M 40 53.15 -2.35 8.68
CA ASP M 40 52.34 -1.14 8.85
C ASP M 40 51.98 -0.93 10.30
N ALA M 41 51.62 -2.00 11.01
CA ALA M 41 51.29 -1.88 12.43
C ALA M 41 52.50 -1.43 13.24
N LYS M 42 53.68 -1.91 12.88
CA LYS M 42 54.89 -1.45 13.54
C LYS M 42 55.11 0.03 13.32
N LYS M 43 54.90 0.51 12.09
CA LYS M 43 55.05 1.94 11.82
C LYS M 43 53.99 2.75 12.54
N HIS M 44 52.84 2.16 12.84
CA HIS M 44 51.79 2.84 13.57
C HIS M 44 52.04 2.89 15.07
N GLY M 45 53.01 2.15 15.58
CA GLY M 45 53.34 2.18 16.99
C GLY M 45 52.82 1.02 17.82
N VAL M 46 52.31 -0.03 17.20
CA VAL M 46 51.85 -1.20 17.96
C VAL M 46 53.06 -1.88 18.59
N PRO M 47 52.97 -2.33 19.85
CA PRO M 47 54.11 -2.99 20.48
C PRO M 47 54.56 -4.24 19.72
N GLU M 48 55.86 -4.48 19.75
CA GLU M 48 56.49 -5.42 18.84
C GLU M 48 56.27 -6.88 19.23
N ASP M 49 56.12 -7.18 20.53
CA ASP M 49 55.95 -8.58 20.95
C ASP M 49 54.62 -9.15 20.48
N LEU M 50 53.53 -8.38 20.64
CA LEU M 50 52.24 -8.82 20.12
C LEU M 50 52.31 -9.10 18.63
N LEU M 51 52.97 -8.21 17.89
CA LEU M 51 53.18 -8.44 16.47
C LEU M 51 54.00 -9.69 16.22
N ALA M 52 54.91 -10.02 17.13
CA ALA M 52 55.71 -11.23 16.96
C ALA M 52 54.84 -12.49 17.04
N ASP M 53 53.99 -12.58 18.06
CA ASP M 53 53.08 -13.73 18.12
C ASP M 53 52.17 -13.77 16.90
N ILE M 54 51.62 -12.62 16.52
CA ILE M 54 50.69 -12.60 15.39
C ILE M 54 51.38 -13.03 14.11
N GLU M 55 52.60 -12.53 13.88
CA GLU M 55 53.33 -12.86 12.66
C GLU M 55 53.69 -14.34 12.62
N ARG M 56 54.12 -14.91 13.75
CA ARG M 56 54.44 -16.33 13.75
C ARG M 56 53.21 -17.16 13.41
N ALA M 57 52.08 -16.87 14.06
CA ALA M 57 50.87 -17.63 13.77
C ALA M 57 50.42 -17.44 12.33
N GLY M 58 50.52 -16.21 11.82
CA GLY M 58 50.09 -15.93 10.47
C GLY M 58 50.92 -16.64 9.42
N LEU M 59 52.24 -16.66 9.61
CA LEU M 59 53.09 -17.41 8.67
C LEU M 59 52.80 -18.90 8.74
N ALA M 60 52.60 -19.44 9.95
CA ALA M 60 52.25 -20.85 10.05
C ALA M 60 50.96 -21.17 9.32
N LEU M 61 49.96 -20.29 9.43
CA LEU M 61 48.69 -20.54 8.76
C LEU M 61 48.78 -20.32 7.25
N ALA M 62 49.58 -19.35 6.81
CA ALA M 62 49.75 -19.12 5.39
C ALA M 62 50.51 -20.24 4.72
N GLU M 63 51.37 -20.95 5.46
CA GLU M 63 52.09 -22.08 4.87
C GLU M 63 51.13 -23.15 4.36
N VAL M 64 50.01 -23.36 5.03
CA VAL M 64 49.02 -24.35 4.63
C VAL M 64 47.86 -23.72 3.87
N GLY M 65 48.00 -22.47 3.43
CA GLY M 65 47.00 -21.81 2.61
C GLY M 65 45.65 -21.62 3.26
N ASP M 66 45.63 -21.22 4.53
CA ASP M 66 44.37 -20.98 5.24
C ASP M 66 44.02 -19.51 5.07
N ARG M 67 43.15 -19.22 4.10
CA ARG M 67 42.85 -17.83 3.75
C ARG M 67 42.04 -17.15 4.83
N GLU M 68 41.02 -17.83 5.36
CA GLU M 68 40.13 -17.21 6.35
C GLU M 68 40.88 -16.84 7.63
N ALA M 69 41.75 -17.74 8.09
CA ALA M 69 42.51 -17.46 9.31
C ALA M 69 43.43 -16.27 9.12
N VAL M 70 44.09 -16.17 7.97
CA VAL M 70 44.99 -15.05 7.71
C VAL M 70 44.20 -13.75 7.62
N LEU M 71 43.01 -13.80 7.01
CA LEU M 71 42.16 -12.61 6.95
C LEU M 71 41.75 -12.16 8.34
N LEU M 72 41.39 -13.11 9.21
CA LEU M 72 41.04 -12.77 10.58
C LEU M 72 42.23 -12.18 11.33
N LEU M 73 43.43 -12.71 11.09
CA LEU M 73 44.61 -12.17 11.75
C LEU M 73 44.91 -10.75 11.29
N VAL M 74 44.70 -10.46 10.00
CA VAL M 74 44.89 -9.10 9.51
C VAL M 74 43.87 -8.15 10.14
N ARG M 75 42.63 -8.61 10.28
CA ARG M 75 41.63 -7.81 10.99
C ARG M 75 42.06 -7.53 12.42
N LEU M 76 42.60 -8.55 13.09
CA LEU M 76 43.09 -8.36 14.46
C LEU M 76 44.23 -7.35 14.51
N ILE M 77 45.13 -7.39 13.53
CA ILE M 77 46.23 -6.43 13.49
C ILE M 77 45.70 -5.00 13.35
N ASN M 78 44.71 -4.81 12.46
CA ASN M 78 44.18 -3.46 12.27
C ASN M 78 43.48 -2.96 13.54
N ALA M 79 42.73 -3.84 14.20
CA ALA M 79 42.12 -3.46 15.48
C ALA M 79 43.18 -3.10 16.52
N LEU M 80 44.29 -3.84 16.54
CA LEU M 80 45.39 -3.51 17.44
C LEU M 80 45.99 -2.15 17.11
N ILE M 81 46.05 -1.80 15.82
CA ILE M 81 46.50 -0.46 15.43
C ILE M 81 45.60 0.59 16.06
N VAL M 82 44.28 0.38 15.96
CA VAL M 82 43.33 1.34 16.53
C VAL M 82 43.54 1.44 18.04
N ALA M 83 43.66 0.31 18.71
CA ALA M 83 43.80 0.31 20.18
C ALA M 83 45.10 0.97 20.62
N ALA M 84 46.20 0.70 19.90
CA ALA M 84 47.47 1.31 20.25
C ALA M 84 47.46 2.81 20.00
N GLU M 85 46.79 3.25 18.94
CA GLU M 85 46.66 4.69 18.72
C GLU M 85 45.85 5.34 19.82
N ALA M 86 44.80 4.67 20.31
CA ALA M 86 44.01 5.23 21.40
C ALA M 86 44.80 5.31 22.69
N GLY M 87 45.54 4.27 23.03
CA GLY M 87 46.28 4.26 24.27
C GLY M 87 45.81 3.22 25.27
N VAL M 88 45.28 2.11 24.77
CA VAL M 88 44.78 1.04 25.64
C VAL M 88 45.95 0.41 26.39
N PRO M 89 45.81 0.06 27.67
CA PRO M 89 46.94 -0.49 28.41
C PRO M 89 47.44 -1.81 27.83
N LYS M 90 48.67 -2.15 28.19
CA LYS M 90 49.37 -3.26 27.54
C LYS M 90 48.85 -4.63 27.99
N GLU M 91 48.45 -4.78 29.25
CA GLU M 91 47.98 -6.08 29.72
C GLU M 91 46.74 -6.51 28.94
N ALA M 92 45.79 -5.59 28.77
CA ALA M 92 44.63 -5.88 27.96
C ALA M 92 45.01 -6.24 26.53
N LEU M 93 45.98 -5.52 25.97
CA LEU M 93 46.41 -5.80 24.61
C LEU M 93 46.98 -7.22 24.50
N VAL M 94 47.75 -7.65 25.50
CA VAL M 94 48.30 -9.00 25.48
C VAL M 94 47.19 -10.04 25.52
N VAL M 95 46.22 -9.85 26.42
CA VAL M 95 45.14 -10.83 26.54
C VAL M 95 44.31 -10.88 25.26
N ILE M 96 43.97 -9.71 24.71
CA ILE M 96 43.19 -9.67 23.48
C ILE M 96 43.96 -10.26 22.30
N THR M 97 45.28 -10.04 22.25
CA THR M 97 46.07 -10.60 21.16
C THR M 97 46.04 -12.13 21.21
N HIS M 98 46.26 -12.70 22.39
CA HIS M 98 46.24 -14.15 22.50
C HIS M 98 44.87 -14.71 22.16
N ALA M 99 43.81 -14.11 22.71
CA ALA M 99 42.46 -14.58 22.43
C ALA M 99 42.15 -14.47 20.94
N GLY M 100 42.61 -13.39 20.30
CA GLY M 100 42.35 -13.22 18.89
C GLY M 100 43.06 -14.24 18.03
N ILE M 101 44.30 -14.59 18.38
CA ILE M 101 45.00 -15.63 17.64
C ILE M 101 44.24 -16.95 17.76
N LEU M 102 43.83 -17.30 18.99
CA LEU M 102 43.10 -18.55 19.16
C LEU M 102 41.76 -18.54 18.40
N LEU M 103 41.07 -17.40 18.40
CA LEU M 103 39.78 -17.34 17.73
C LEU M 103 39.92 -17.34 16.21
N ALA M 104 41.00 -16.75 15.68
CA ALA M 104 41.27 -16.84 14.26
C ALA M 104 41.61 -18.26 13.85
N LEU M 105 42.29 -19.00 14.72
CA LEU M 105 42.52 -20.42 14.45
C LEU M 105 41.22 -21.18 14.31
N ASP M 106 40.19 -20.81 15.05
CA ASP M 106 38.89 -21.46 14.98
C ASP M 106 38.03 -20.97 13.84
N ARG M 107 38.48 -19.96 13.09
CA ARG M 107 37.72 -19.38 11.99
C ARG M 107 36.35 -18.89 12.45
N ASP M 108 36.31 -18.34 13.65
CA ASP M 108 35.06 -17.87 14.26
C ASP M 108 34.88 -16.39 13.95
N GLU M 109 34.16 -16.10 12.87
CA GLU M 109 33.94 -14.72 12.48
C GLU M 109 33.07 -13.97 13.49
N GLU M 110 32.10 -14.65 14.11
CA GLU M 110 31.24 -13.99 15.07
C GLU M 110 32.01 -13.64 16.35
N ALA M 111 32.80 -14.59 16.87
CA ALA M 111 33.61 -14.31 18.05
C ALA M 111 34.67 -13.25 17.76
N VAL M 112 35.28 -13.31 16.58
CA VAL M 112 36.27 -12.30 16.22
C VAL M 112 35.62 -10.93 16.10
N ASP M 113 34.39 -10.87 15.58
CA ASP M 113 33.70 -9.60 15.50
C ASP M 113 33.36 -9.06 16.88
N ALA M 114 32.98 -9.95 17.80
CA ALA M 114 32.78 -9.53 19.19
C ALA M 114 34.07 -8.99 19.79
N LEU M 115 35.20 -9.63 19.49
CA LEU M 115 36.49 -9.15 19.98
C LEU M 115 36.84 -7.78 19.41
N LEU M 116 36.60 -7.57 18.13
CA LEU M 116 36.88 -6.27 17.52
C LEU M 116 35.98 -5.20 18.09
N GLU M 117 34.71 -5.53 18.35
CA GLU M 117 33.83 -4.58 19.02
C GLU M 117 34.32 -4.24 20.41
N LEU M 118 34.82 -5.24 21.14
CA LEU M 118 35.40 -4.98 22.45
C LEU M 118 36.62 -4.06 22.36
N ILE M 119 37.48 -4.29 21.37
CA ILE M 119 38.66 -3.43 21.20
C ILE M 119 38.22 -2.01 20.90
N ASP M 120 37.20 -1.84 20.07
CA ASP M 120 36.70 -0.51 19.77
C ASP M 120 36.17 0.19 21.01
N ARG M 121 35.42 -0.54 21.84
CA ARG M 121 34.90 0.06 23.07
C ARG M 121 36.03 0.42 24.03
N LEU M 122 37.03 -0.44 24.15
CA LEU M 122 38.16 -0.13 25.03
C LEU M 122 38.94 1.07 24.51
N ALA M 123 39.08 1.20 23.20
CA ALA M 123 39.74 2.37 22.63
C ALA M 123 38.97 3.64 22.90
N ARG M 124 37.64 3.59 22.79
CA ARG M 124 36.82 4.75 23.14
C ARG M 124 36.97 5.10 24.61
N ALA M 125 36.98 4.09 25.48
CA ALA M 125 37.14 4.35 26.91
C ALA M 125 38.50 4.98 27.21
N ALA M 126 39.55 4.49 26.57
CA ALA M 126 40.87 5.05 26.79
C ALA M 126 40.95 6.49 26.30
N LYS M 127 40.38 6.77 25.13
CA LYS M 127 40.41 8.13 24.61
C LYS M 127 39.56 9.07 25.46
N ALA M 128 38.49 8.56 26.08
CA ALA M 128 37.64 9.39 26.92
C ALA M 128 38.24 9.69 28.28
N GLY M 129 39.36 9.07 28.63
CA GLY M 129 39.99 9.32 29.91
C GLY M 129 39.57 8.41 31.04
N VAL M 130 38.87 7.32 30.73
CA VAL M 130 38.48 6.36 31.78
C VAL M 130 39.73 5.82 32.44
N PRO M 131 39.75 5.66 33.78
CA PRO M 131 40.98 5.24 34.45
C PRO M 131 41.52 3.91 33.94
N LYS M 132 42.84 3.77 34.01
CA LYS M 132 43.49 2.58 33.46
C LYS M 132 43.07 1.31 34.18
N GLU M 133 42.86 1.39 35.49
CA GLU M 133 42.52 0.19 36.25
C GLU M 133 41.20 -0.41 35.81
N ALA M 134 40.19 0.43 35.62
CA ALA M 134 38.89 -0.06 35.17
C ALA M 134 38.99 -0.68 33.78
N ILE M 135 39.74 -0.02 32.88
CA ILE M 135 39.89 -0.54 31.52
C ILE M 135 40.56 -1.91 31.57
N VAL M 136 41.63 -2.03 32.34
CA VAL M 136 42.35 -3.30 32.42
C VAL M 136 41.44 -4.39 32.97
N THR M 137 40.72 -4.09 34.05
CA THR M 137 39.87 -5.09 34.69
C THR M 137 38.81 -5.59 33.72
N VAL M 138 38.01 -4.68 33.17
CA VAL M 138 36.89 -5.10 32.34
C VAL M 138 37.37 -5.72 31.03
N GLY M 139 38.44 -5.16 30.46
CA GLY M 139 38.96 -5.71 29.21
C GLY M 139 39.52 -7.10 29.38
N VAL M 140 40.30 -7.34 30.43
CA VAL M 140 40.84 -8.67 30.67
C VAL M 140 39.71 -9.67 30.89
N ALA M 141 38.72 -9.28 31.69
CA ALA M 141 37.62 -10.21 31.95
C ALA M 141 36.86 -10.54 30.65
N ALA M 142 36.53 -9.52 29.87
CA ALA M 142 35.74 -9.75 28.66
C ALA M 142 36.52 -10.55 27.62
N ALA M 143 37.82 -10.26 27.48
CA ALA M 143 38.63 -11.02 26.53
C ALA M 143 38.76 -12.47 26.95
N HIS M 144 38.92 -12.72 28.25
CA HIS M 144 38.97 -14.11 28.72
C HIS M 144 37.66 -14.82 28.46
N LEU M 145 36.53 -14.14 28.69
CA LEU M 145 35.24 -14.78 28.42
C LEU M 145 35.06 -15.07 26.94
N LEU M 146 35.51 -14.18 26.08
CA LEU M 146 35.43 -14.43 24.64
C LEU M 146 36.30 -15.60 24.24
N GLN M 147 37.48 -15.74 24.84
CA GLN M 147 38.34 -16.87 24.54
C GLN M 147 37.72 -18.19 24.94
N ASP M 148 36.91 -18.19 26.00
CA ASP M 148 36.25 -19.40 26.49
C ASP M 148 34.87 -19.60 25.86
N ARG M 149 34.58 -18.89 24.77
CA ARG M 149 33.31 -19.01 24.04
C ARG M 149 32.11 -18.84 24.97
N ASP M 150 32.12 -17.76 25.75
CA ASP M 150 30.99 -17.39 26.58
C ASP M 150 30.48 -16.05 26.09
N LEU M 151 29.63 -16.10 25.05
CA LEU M 151 29.16 -14.86 24.42
C LEU M 151 28.25 -14.04 25.31
N PRO M 152 27.24 -14.60 26.00
CA PRO M 152 26.33 -13.73 26.77
C PRO M 152 27.03 -12.93 27.85
N ARG M 153 27.93 -13.55 28.63
CA ARG M 153 28.64 -12.82 29.65
C ARG M 153 29.55 -11.75 29.06
N ALA M 154 30.20 -12.05 27.93
CA ALA M 154 31.02 -11.05 27.27
C ALA M 154 30.18 -9.86 26.80
N LEU M 155 28.95 -10.12 26.35
CA LEU M 155 28.08 -9.03 25.94
C LEU M 155 27.67 -8.18 27.13
N ARG M 156 27.42 -8.82 28.28
CA ARG M 156 27.16 -8.03 29.49
C ARG M 156 28.36 -7.15 29.84
N LEU M 157 29.57 -7.68 29.70
CA LEU M 157 30.74 -6.87 30.00
C LEU M 157 30.94 -5.74 28.99
N LEU M 158 30.57 -5.96 27.73
CA LEU M 158 30.62 -4.88 26.75
C LEU M 158 29.65 -3.76 27.13
N GLU M 159 28.47 -4.13 27.61
CA GLU M 159 27.55 -3.14 28.14
C GLU M 159 28.15 -2.40 29.31
N VAL M 160 28.90 -3.10 30.15
CA VAL M 160 29.58 -2.45 31.28
C VAL M 160 30.59 -1.41 30.79
N VAL M 161 31.35 -1.73 29.75
CA VAL M 161 32.32 -0.77 29.22
C VAL M 161 31.62 0.47 28.68
N ASP M 162 30.53 0.27 27.93
CA ASP M 162 29.77 1.42 27.44
C ASP M 162 29.27 2.27 28.60
N LYS M 163 28.81 1.62 29.66
CA LYS M 163 28.30 2.36 30.82
C LYS M 163 29.40 3.15 31.50
N LEU M 164 30.62 2.59 31.56
CA LEU M 164 31.75 3.31 32.14
C LEU M 164 32.07 4.55 31.33
N VAL M 165 32.06 4.44 30.00
CA VAL M 165 32.34 5.59 29.17
C VAL M 165 31.32 6.69 29.41
N HIS M 166 30.04 6.32 29.50
CA HIS M 166 29.01 7.33 29.76
C HIS M 166 29.19 7.98 31.13
N MET M 167 29.52 7.19 32.15
CA MET M 167 29.79 7.77 33.46
C MET M 167 30.95 8.76 33.43
N LYS M 168 32.03 8.42 32.72
CA LYS M 168 33.14 9.36 32.61
C LYS M 168 32.70 10.65 31.93
N ALA M 169 31.93 10.54 30.84
CA ALA M 169 31.41 11.73 30.19
C ALA M 169 30.45 12.52 31.05
N LEU M 170 29.87 11.89 32.07
CA LEU M 170 28.93 12.55 32.97
C LEU M 170 29.60 13.26 34.14
N GLY M 171 30.93 13.16 34.27
CA GLY M 171 31.63 13.81 35.34
C GLY M 171 31.80 13.02 36.62
N VAL M 172 31.49 11.73 36.59
CA VAL M 172 31.67 10.89 37.78
C VAL M 172 33.16 10.80 38.10
N PRO M 173 33.56 10.86 39.37
CA PRO M 173 34.98 10.78 39.71
C PRO M 173 35.57 9.41 39.39
N ASP M 174 36.90 9.37 39.32
CA ASP M 174 37.60 8.15 38.92
C ASP M 174 37.40 7.03 39.92
N GLU M 175 37.33 7.36 41.21
CA GLU M 175 37.18 6.33 42.24
C GLU M 175 35.88 5.56 42.06
N GLU M 176 34.78 6.28 41.83
CA GLU M 176 33.50 5.61 41.64
C GLU M 176 33.48 4.77 40.37
N ILE M 177 34.15 5.26 39.32
CA ILE M 177 34.23 4.48 38.08
C ILE M 177 34.98 3.18 38.32
N ILE M 178 36.11 3.26 39.03
CA ILE M 178 36.87 2.05 39.33
C ILE M 178 36.05 1.09 40.18
N ALA M 179 35.37 1.61 41.18
CA ALA M 179 34.57 0.74 42.06
C ALA M 179 33.45 0.06 41.27
N TYR M 180 32.74 0.82 40.43
CA TYR M 180 31.66 0.23 39.67
C TYR M 180 32.17 -0.83 38.70
N ALA M 181 33.29 -0.56 38.03
CA ALA M 181 33.85 -1.54 37.13
C ALA M 181 34.24 -2.81 37.88
N LYS M 182 34.84 -2.65 39.06
CA LYS M 182 35.23 -3.81 39.86
C LYS M 182 34.02 -4.63 40.24
N GLU M 183 32.96 -3.99 40.72
CA GLU M 183 31.77 -4.74 41.14
C GLU M 183 31.13 -5.46 39.96
N GLU M 184 31.01 -4.80 38.81
CA GLU M 184 30.40 -5.47 37.66
C GLU M 184 31.25 -6.62 37.15
N THR M 185 32.58 -6.46 37.16
CA THR M 185 33.44 -7.55 36.74
C THR M 185 33.38 -8.73 37.70
N GLU M 186 33.31 -8.47 39.01
CA GLU M 186 33.17 -9.56 39.97
C GLU M 186 31.82 -10.26 39.78
N ARG M 187 30.78 -9.49 39.47
CA ARG M 187 29.49 -10.09 39.18
C ARG M 187 29.57 -11.00 37.95
N ALA M 188 30.30 -10.56 36.92
CA ALA M 188 30.43 -11.38 35.71
C ALA M 188 31.21 -12.65 35.98
N TYR M 189 32.36 -12.54 36.65
CA TYR M 189 33.17 -13.71 36.96
C TYR M 189 32.42 -14.68 37.87
N LYS M 190 31.74 -14.16 38.89
CA LYS M 190 31.07 -15.03 39.85
C LYS M 190 29.92 -15.78 39.21
N GLY M 191 29.23 -15.15 38.26
CA GLY M 191 28.11 -15.76 37.58
C GLY M 191 26.76 -15.17 37.92
N GLU M 192 26.71 -14.18 38.81
CA GLU M 192 25.45 -13.55 39.18
C GLU M 192 24.83 -12.86 37.97
N GLY N 23 -10.31 11.07 -10.00
CA GLY N 23 -10.61 11.61 -11.32
C GLY N 23 -9.52 12.54 -11.82
N THR N 24 -8.57 12.01 -12.57
CA THR N 24 -7.46 12.80 -13.08
C THR N 24 -7.88 13.74 -14.19
N ALA N 25 -8.92 13.40 -14.96
CA ALA N 25 -9.41 14.30 -15.99
C ALA N 25 -10.00 15.56 -15.37
N GLU N 26 -10.71 15.43 -14.25
CA GLU N 26 -11.22 16.61 -13.55
C GLU N 26 -10.08 17.46 -12.99
N ALA N 27 -9.05 16.81 -12.47
CA ALA N 27 -7.88 17.55 -11.99
C ALA N 27 -7.22 18.33 -13.12
N LEU N 28 -7.12 17.71 -14.30
CA LEU N 28 -6.58 18.41 -15.45
C LEU N 28 -7.47 19.58 -15.84
N LEU N 29 -8.78 19.40 -15.80
CA LEU N 29 -9.71 20.48 -16.12
C LEU N 29 -9.54 21.67 -15.17
N LEU N 30 -9.42 21.39 -13.88
CA LEU N 30 -9.22 22.46 -12.90
C LEU N 30 -7.88 23.15 -13.10
N ALA N 31 -6.83 22.38 -13.40
CA ALA N 31 -5.53 22.97 -13.67
C ALA N 31 -5.59 23.91 -14.87
N ARG N 32 -6.29 23.49 -15.92
CA ARG N 32 -6.41 24.33 -17.10
C ARG N 32 -7.24 25.58 -16.81
N ALA N 33 -8.26 25.47 -15.96
CA ALA N 33 -9.01 26.64 -15.56
C ALA N 33 -8.13 27.65 -14.84
N ILE N 34 -7.31 27.17 -13.90
CA ILE N 34 -6.40 28.06 -13.17
C ILE N 34 -5.41 28.72 -14.13
N VAL N 35 -4.83 27.94 -15.04
CA VAL N 35 -3.81 28.46 -15.94
C VAL N 35 -4.41 29.49 -16.89
N SER N 36 -5.62 29.22 -17.40
CA SER N 36 -6.29 30.17 -18.29
C SER N 36 -6.60 31.47 -17.56
N ALA N 37 -7.08 31.38 -16.32
CA ALA N 37 -7.35 32.58 -15.54
C ALA N 37 -6.09 33.40 -15.32
N VAL N 38 -4.99 32.72 -14.99
CA VAL N 38 -3.74 33.43 -14.73
C VAL N 38 -3.22 34.09 -16.00
N GLU N 39 -3.32 33.41 -17.14
CA GLU N 39 -2.86 34.01 -18.38
C GLU N 39 -3.69 35.23 -18.78
N ASP N 40 -5.02 35.14 -18.61
CA ASP N 40 -5.85 36.30 -18.89
C ASP N 40 -5.51 37.46 -17.95
N ALA N 41 -5.27 37.16 -16.67
CA ALA N 41 -4.93 38.20 -15.72
C ALA N 41 -3.61 38.86 -16.07
N LYS N 42 -2.64 38.07 -16.53
CA LYS N 42 -1.37 38.64 -16.99
C LYS N 42 -1.59 39.55 -18.19
N LYS N 43 -2.46 39.15 -19.11
CA LYS N 43 -2.79 40.03 -20.23
C LYS N 43 -3.46 41.31 -19.77
N HIS N 44 -4.20 41.25 -18.67
CA HIS N 44 -4.89 42.43 -18.14
C HIS N 44 -4.00 43.37 -17.35
N GLY N 45 -2.83 42.93 -16.92
CA GLY N 45 -1.91 43.78 -16.21
C GLY N 45 -1.76 43.54 -14.71
N VAL N 46 -2.27 42.42 -14.20
CA VAL N 46 -2.07 42.10 -12.79
C VAL N 46 -0.59 41.79 -12.54
N PRO N 47 0.00 42.26 -11.45
CA PRO N 47 1.41 41.96 -11.18
C PRO N 47 1.68 40.47 -11.11
N GLU N 48 2.87 40.09 -11.59
CA GLU N 48 3.16 38.68 -11.84
C GLU N 48 3.42 37.89 -10.57
N ASP N 49 3.91 38.53 -9.50
CA ASP N 49 4.22 37.78 -8.27
C ASP N 49 2.95 37.30 -7.58
N LEU N 50 1.93 38.16 -7.51
CA LEU N 50 0.65 37.72 -6.96
C LEU N 50 0.09 36.56 -7.75
N LEU N 51 0.18 36.63 -9.08
CA LEU N 51 -0.27 35.54 -9.92
C LEU N 51 0.55 34.27 -9.67
N ALA N 52 1.84 34.41 -9.36
CA ALA N 52 2.65 33.24 -9.07
C ALA N 52 2.18 32.54 -7.80
N ASP N 53 1.93 33.30 -6.73
CA ASP N 53 1.36 32.69 -5.53
C ASP N 53 0.03 32.00 -5.81
N ILE N 54 -0.86 32.68 -6.51
CA ILE N 54 -2.18 32.10 -6.77
C ILE N 54 -2.05 30.83 -7.63
N GLU N 55 -1.18 30.87 -8.63
CA GLU N 55 -1.02 29.71 -9.51
C GLU N 55 -0.46 28.52 -8.76
N ARG N 56 0.55 28.73 -7.91
CA ARG N 56 1.09 27.61 -7.14
C ARG N 56 0.02 27.00 -6.25
N ALA N 57 -0.69 27.84 -5.50
CA ALA N 57 -1.74 27.32 -4.61
C ALA N 57 -2.82 26.60 -5.41
N GLY N 58 -3.22 27.17 -6.55
CA GLY N 58 -4.29 26.60 -7.33
C GLY N 58 -3.93 25.26 -7.94
N LEU N 59 -2.71 25.13 -8.45
CA LEU N 59 -2.28 23.85 -9.00
C LEU N 59 -2.18 22.80 -7.90
N ALA N 60 -1.70 23.20 -6.72
CA ALA N 60 -1.67 22.26 -5.60
C ALA N 60 -3.07 21.78 -5.25
N LEU N 61 -4.05 22.69 -5.27
CA LEU N 61 -5.41 22.29 -4.92
C LEU N 61 -6.07 21.48 -6.04
N ALA N 62 -5.72 21.76 -7.29
CA ALA N 62 -6.27 21.01 -8.40
C ALA N 62 -5.73 19.58 -8.44
N GLU N 63 -4.50 19.36 -7.97
CA GLU N 63 -3.95 18.01 -7.95
C GLU N 63 -4.84 17.06 -7.14
N VAL N 64 -5.47 17.55 -6.08
CA VAL N 64 -6.33 16.72 -5.24
C VAL N 64 -7.80 16.87 -5.61
N GLY N 65 -8.10 17.52 -6.72
CA GLY N 65 -9.47 17.69 -7.17
C GLY N 65 -10.35 18.47 -6.22
N ASP N 66 -9.84 19.53 -5.62
CA ASP N 66 -10.61 20.39 -4.73
C ASP N 66 -11.26 21.47 -5.57
N ARG N 67 -12.52 21.25 -5.94
CA ARG N 67 -13.18 22.17 -6.86
C ARG N 67 -13.44 23.52 -6.21
N GLU N 68 -14.19 23.54 -5.11
CA GLU N 68 -14.63 24.80 -4.51
C GLU N 68 -13.46 25.74 -4.23
N ALA N 69 -12.35 25.19 -3.71
CA ALA N 69 -11.17 26.01 -3.47
C ALA N 69 -10.62 26.61 -4.75
N VAL N 70 -10.61 25.82 -5.83
CA VAL N 70 -10.07 26.31 -7.09
C VAL N 70 -10.94 27.43 -7.66
N LEU N 71 -12.26 27.28 -7.60
CA LEU N 71 -13.09 28.36 -8.12
C LEU N 71 -13.07 29.59 -7.23
N LEU N 72 -12.85 29.42 -5.93
CA LEU N 72 -12.62 30.59 -5.08
C LEU N 72 -11.34 31.31 -5.47
N LEU N 73 -10.29 30.56 -5.83
CA LEU N 73 -9.07 31.18 -6.30
C LEU N 73 -9.26 31.90 -7.63
N VAL N 74 -10.09 31.34 -8.51
CA VAL N 74 -10.39 32.00 -9.77
C VAL N 74 -11.15 33.30 -9.53
N ARG N 75 -12.07 33.30 -8.56
CA ARG N 75 -12.75 34.53 -8.17
C ARG N 75 -11.77 35.57 -7.67
N LEU N 76 -10.80 35.15 -6.85
CA LEU N 76 -9.79 36.08 -6.38
C LEU N 76 -8.98 36.65 -7.54
N ILE N 77 -8.67 35.83 -8.53
CA ILE N 77 -7.95 36.31 -9.71
C ILE N 77 -8.75 37.39 -10.44
N ASN N 78 -10.04 37.15 -10.63
CA ASN N 78 -10.85 38.15 -11.34
C ASN N 78 -10.95 39.45 -10.55
N ALA N 79 -11.11 39.35 -9.23
CA ALA N 79 -11.13 40.55 -8.40
C ALA N 79 -9.81 41.30 -8.48
N LEU N 80 -8.69 40.57 -8.54
CA LEU N 80 -7.40 41.20 -8.72
C LEU N 80 -7.29 41.89 -10.08
N ILE N 81 -7.90 41.32 -11.12
CA ILE N 81 -7.94 42.00 -12.42
C ILE N 81 -8.62 43.35 -12.27
N VAL N 82 -9.77 43.37 -11.59
CA VAL N 82 -10.49 44.62 -11.41
C VAL N 82 -9.64 45.63 -10.63
N ALA N 83 -9.01 45.17 -9.54
CA ALA N 83 -8.22 46.08 -8.70
C ALA N 83 -7.01 46.62 -9.44
N ALA N 84 -6.33 45.77 -10.22
CA ALA N 84 -5.19 46.23 -11.00
C ALA N 84 -5.60 47.24 -12.06
N GLU N 85 -6.76 47.02 -12.70
CA GLU N 85 -7.24 48.00 -13.66
C GLU N 85 -7.52 49.34 -12.99
N ALA N 86 -8.12 49.31 -11.78
CA ALA N 86 -8.42 50.57 -11.09
C ALA N 86 -7.14 51.30 -10.67
N GLY N 87 -6.16 50.58 -10.15
CA GLY N 87 -4.92 51.20 -9.72
C GLY N 87 -4.67 51.10 -8.23
N VAL N 88 -5.15 50.03 -7.60
CA VAL N 88 -4.97 49.85 -6.16
C VAL N 88 -3.48 49.65 -5.87
N PRO N 89 -2.94 50.24 -4.81
CA PRO N 89 -1.50 50.11 -4.55
C PRO N 89 -1.08 48.66 -4.29
N LYS N 90 0.20 48.39 -4.53
CA LYS N 90 0.69 47.02 -4.54
C LYS N 90 0.73 46.39 -3.14
N GLU N 91 0.97 47.18 -2.10
CA GLU N 91 1.05 46.62 -0.75
C GLU N 91 -0.28 46.00 -0.34
N ALA N 92 -1.37 46.74 -0.52
CA ALA N 92 -2.69 46.22 -0.22
C ALA N 92 -3.00 44.99 -1.08
N LEU N 93 -2.55 45.01 -2.33
CA LEU N 93 -2.79 43.86 -3.21
C LEU N 93 -2.07 42.61 -2.73
N VAL N 94 -0.85 42.77 -2.23
CA VAL N 94 -0.10 41.63 -1.71
C VAL N 94 -0.80 41.05 -0.49
N VAL N 95 -1.19 41.92 0.44
CA VAL N 95 -1.87 41.45 1.63
C VAL N 95 -3.18 40.75 1.26
N ILE N 96 -3.91 41.31 0.32
CA ILE N 96 -5.17 40.74 -0.12
C ILE N 96 -4.96 39.38 -0.78
N THR N 97 -3.92 39.25 -1.60
CA THR N 97 -3.66 37.98 -2.27
C THR N 97 -3.34 36.89 -1.26
N HIS N 98 -2.49 37.19 -0.28
CA HIS N 98 -2.17 36.19 0.72
C HIS N 98 -3.40 35.78 1.52
N ALA N 99 -4.19 36.78 1.95
CA ALA N 99 -5.41 36.49 2.70
C ALA N 99 -6.38 35.66 1.87
N GLY N 100 -6.53 35.99 0.59
CA GLY N 100 -7.47 35.28 -0.25
C GLY N 100 -7.06 33.85 -0.50
N ILE N 101 -5.76 33.60 -0.66
CA ILE N 101 -5.30 32.22 -0.81
C ILE N 101 -5.64 31.43 0.46
N LEU N 102 -5.35 32.02 1.62
CA LEU N 102 -5.64 31.31 2.86
C LEU N 102 -7.14 31.08 3.05
N LEU N 103 -7.97 32.01 2.59
CA LEU N 103 -9.41 31.84 2.73
C LEU N 103 -9.98 30.84 1.73
N ALA N 104 -9.41 30.78 0.53
CA ALA N 104 -9.81 29.76 -0.42
C ALA N 104 -9.45 28.37 0.07
N LEU N 105 -8.33 28.25 0.80
CA LEU N 105 -8.00 26.97 1.41
C LEU N 105 -9.09 26.52 2.38
N ASP N 106 -9.73 27.45 3.09
CA ASP N 106 -10.74 27.11 4.07
C ASP N 106 -12.11 26.82 3.45
N ARG N 107 -12.26 27.06 2.15
CA ARG N 107 -13.57 26.99 1.50
C ARG N 107 -14.57 27.92 2.19
N ASP N 108 -14.08 29.08 2.62
CA ASP N 108 -14.90 30.07 3.32
C ASP N 108 -15.49 31.03 2.31
N GLU N 109 -16.68 30.70 1.82
CA GLU N 109 -17.32 31.53 0.80
C GLU N 109 -17.71 32.89 1.34
N GLU N 110 -18.16 32.97 2.60
CA GLU N 110 -18.58 34.24 3.17
C GLU N 110 -17.41 35.19 3.34
N ALA N 111 -16.30 34.70 3.90
CA ALA N 111 -15.11 35.53 4.05
C ALA N 111 -14.53 35.94 2.70
N VAL N 112 -14.58 35.04 1.72
CA VAL N 112 -14.12 35.37 0.38
C VAL N 112 -14.98 36.47 -0.22
N ASP N 113 -16.29 36.40 -0.02
CA ASP N 113 -17.17 37.44 -0.53
C ASP N 113 -16.91 38.78 0.15
N ALA N 114 -16.65 38.77 1.46
CA ALA N 114 -16.28 40.00 2.14
C ALA N 114 -14.98 40.57 1.61
N LEU N 115 -14.00 39.70 1.32
CA LEU N 115 -12.74 40.16 0.74
C LEU N 115 -12.95 40.76 -0.64
N LEU N 116 -13.78 40.13 -1.46
CA LEU N 116 -14.06 40.67 -2.80
C LEU N 116 -14.76 42.01 -2.72
N GLU N 117 -15.68 42.16 -1.76
CA GLU N 117 -16.32 43.46 -1.57
C GLU N 117 -15.32 44.51 -1.12
N LEU N 118 -14.35 44.11 -0.28
CA LEU N 118 -13.28 45.03 0.11
C LEU N 118 -12.45 45.45 -1.08
N ILE N 119 -12.13 44.50 -1.96
CA ILE N 119 -11.37 44.82 -3.17
C ILE N 119 -12.14 45.80 -4.04
N ASP N 120 -13.44 45.60 -4.18
CA ASP N 120 -14.25 46.52 -4.98
C ASP N 120 -14.28 47.92 -4.39
N ARG N 121 -14.43 48.03 -3.07
CA ARG N 121 -14.43 49.35 -2.44
C ARG N 121 -13.08 50.04 -2.59
N LEU N 122 -11.99 49.27 -2.47
CA LEU N 122 -10.66 49.86 -2.66
C LEU N 122 -10.44 50.30 -4.10
N ALA N 123 -10.98 49.54 -5.05
CA ALA N 123 -10.89 49.94 -6.46
C ALA N 123 -11.66 51.23 -6.72
N ARG N 124 -12.86 51.35 -6.16
CA ARG N 124 -13.61 52.59 -6.30
C ARG N 124 -12.89 53.77 -5.67
N ALA N 125 -12.29 53.53 -4.49
CA ALA N 125 -11.53 54.60 -3.83
C ALA N 125 -10.33 55.02 -4.66
N ALA N 126 -9.64 54.06 -5.27
CA ALA N 126 -8.51 54.39 -6.12
C ALA N 126 -8.93 55.17 -7.35
N LYS N 127 -10.04 54.76 -7.98
CA LYS N 127 -10.52 55.47 -9.16
C LYS N 127 -11.01 56.88 -8.80
N ALA N 128 -11.51 57.06 -7.59
CA ALA N 128 -12.04 58.36 -7.19
C ALA N 128 -10.96 59.36 -6.78
N GLY N 129 -9.71 58.93 -6.70
CA GLY N 129 -8.63 59.83 -6.34
C GLY N 129 -8.31 59.92 -4.86
N VAL N 130 -8.82 59.01 -4.04
CA VAL N 130 -8.50 58.99 -2.62
C VAL N 130 -7.00 58.77 -2.47
N PRO N 131 -6.31 59.49 -1.57
CA PRO N 131 -4.85 59.39 -1.49
C PRO N 131 -4.37 57.98 -1.22
N LYS N 132 -3.20 57.67 -1.75
CA LYS N 132 -2.66 56.31 -1.69
C LYS N 132 -2.43 55.87 -0.24
N GLU N 133 -2.01 56.79 0.62
CA GLU N 133 -1.73 56.43 2.01
C GLU N 133 -2.97 55.93 2.71
N ALA N 134 -4.10 56.63 2.53
CA ALA N 134 -5.34 56.21 3.16
C ALA N 134 -5.79 54.84 2.66
N ILE N 135 -5.69 54.63 1.34
CA ILE N 135 -6.10 53.35 0.77
C ILE N 135 -5.25 52.23 1.33
N VAL N 136 -3.92 52.44 1.39
CA VAL N 136 -3.04 51.40 1.90
C VAL N 136 -3.36 51.10 3.36
N THR N 137 -3.54 52.14 4.17
CA THR N 137 -3.82 51.95 5.59
C THR N 137 -5.08 51.11 5.78
N VAL N 138 -6.21 51.58 5.23
CA VAL N 138 -7.47 50.92 5.50
C VAL N 138 -7.52 49.54 4.84
N GLY N 139 -6.97 49.41 3.64
CA GLY N 139 -6.99 48.12 2.97
C GLY N 139 -6.17 47.08 3.67
N VAL N 140 -4.96 47.43 4.10
CA VAL N 140 -4.13 46.47 4.82
C VAL N 140 -4.81 46.05 6.12
N ALA N 141 -5.37 47.02 6.86
CA ALA N 141 -6.03 46.67 8.11
C ALA N 141 -7.21 45.75 7.89
N ALA N 142 -8.05 46.07 6.90
CA ALA N 142 -9.25 45.26 6.66
C ALA N 142 -8.90 43.87 6.16
N ALA N 143 -7.91 43.76 5.27
CA ALA N 143 -7.51 42.45 4.78
C ALA N 143 -6.93 41.60 5.90
N HIS N 144 -6.13 42.21 6.78
CA HIS N 144 -5.61 41.45 7.92
C HIS N 144 -6.74 40.98 8.83
N LEU N 145 -7.72 41.85 9.10
CA LEU N 145 -8.83 41.45 9.94
C LEU N 145 -9.63 40.31 9.30
N LEU N 146 -9.86 40.38 7.99
CA LEU N 146 -10.57 39.30 7.31
C LEU N 146 -9.78 38.00 7.38
N GLN N 147 -8.45 38.09 7.31
CA GLN N 147 -7.62 36.89 7.44
C GLN N 147 -7.73 36.28 8.83
N ASP N 148 -7.97 37.10 9.86
CA ASP N 148 -8.05 36.63 11.24
C ASP N 148 -9.48 36.34 11.68
N ARG N 149 -10.39 36.20 10.74
CA ARG N 149 -11.80 35.88 11.04
C ARG N 149 -12.48 36.88 11.96
N ASP N 150 -12.20 38.17 11.78
CA ASP N 150 -12.82 39.23 12.56
C ASP N 150 -13.75 39.98 11.63
N LEU N 151 -14.97 39.46 11.49
CA LEU N 151 -15.91 40.03 10.53
C LEU N 151 -16.49 41.37 10.96
N PRO N 152 -16.93 41.57 12.21
CA PRO N 152 -17.49 42.89 12.57
C PRO N 152 -16.52 44.05 12.39
N ARG N 153 -15.26 43.86 12.77
CA ARG N 153 -14.28 44.92 12.61
C ARG N 153 -13.96 45.17 11.14
N ALA N 154 -13.92 44.10 10.34
CA ALA N 154 -13.73 44.27 8.90
C ALA N 154 -14.89 45.05 8.28
N LEU N 155 -16.11 44.79 8.74
CA LEU N 155 -17.26 45.54 8.24
C LEU N 155 -17.19 47.00 8.63
N ARG N 156 -16.73 47.29 9.84
CA ARG N 156 -16.54 48.69 10.23
C ARG N 156 -15.51 49.37 9.34
N LEU N 157 -14.42 48.68 9.02
CA LEU N 157 -13.43 49.27 8.13
C LEU N 157 -13.95 49.45 6.70
N LEU N 158 -14.83 48.55 6.25
CA LEU N 158 -15.49 48.75 4.96
C LEU N 158 -16.33 50.02 4.97
N GLU N 159 -17.04 50.26 6.07
CA GLU N 159 -17.76 51.52 6.22
C GLU N 159 -16.80 52.70 6.15
N VAL N 160 -15.60 52.54 6.72
CA VAL N 160 -14.60 53.61 6.65
C VAL N 160 -14.19 53.90 5.21
N VAL N 161 -14.00 52.84 4.42
CA VAL N 161 -13.64 53.03 3.01
C VAL N 161 -14.73 53.80 2.27
N ASP N 162 -15.99 53.40 2.47
CA ASP N 162 -17.10 54.10 1.81
C ASP N 162 -17.13 55.57 2.23
N LYS N 163 -16.90 55.84 3.51
CA LYS N 163 -16.89 57.21 3.99
C LYS N 163 -15.79 58.01 3.32
N LEU N 164 -14.60 57.41 3.16
CA LEU N 164 -13.50 58.12 2.50
C LEU N 164 -13.85 58.46 1.05
N VAL N 165 -14.48 57.53 0.34
CA VAL N 165 -14.89 57.81 -1.03
C VAL N 165 -15.85 58.99 -1.08
N HIS N 166 -16.80 59.03 -0.14
CA HIS N 166 -17.75 60.13 -0.13
C HIS N 166 -17.09 61.47 0.21
N MET N 167 -16.15 61.49 1.15
CA MET N 167 -15.45 62.74 1.44
C MET N 167 -14.61 63.20 0.27
N LYS N 168 -13.99 62.27 -0.47
CA LYS N 168 -13.27 62.68 -1.67
C LYS N 168 -14.21 63.29 -2.68
N ALA N 169 -15.39 62.69 -2.89
CA ALA N 169 -16.35 63.28 -3.80
C ALA N 169 -16.89 64.61 -3.32
N LEU N 170 -16.84 64.89 -2.02
CA LEU N 170 -17.38 66.14 -1.47
C LEU N 170 -16.39 67.29 -1.55
N GLY N 171 -15.12 67.03 -1.85
CA GLY N 171 -14.14 68.10 -1.92
C GLY N 171 -13.30 68.29 -0.68
N VAL N 172 -13.34 67.35 0.25
CA VAL N 172 -12.46 67.42 1.43
C VAL N 172 -11.02 67.29 0.99
N PRO N 173 -10.08 68.08 1.52
CA PRO N 173 -8.69 67.98 1.09
C PRO N 173 -8.04 66.67 1.48
N ASP N 174 -6.95 66.35 0.80
CA ASP N 174 -6.30 65.05 0.96
C ASP N 174 -5.76 64.85 2.36
N GLU N 175 -5.24 65.93 2.98
CA GLU N 175 -4.68 65.81 4.32
C GLU N 175 -5.74 65.38 5.33
N GLU N 176 -6.94 65.97 5.24
CA GLU N 176 -8.01 65.57 6.14
C GLU N 176 -8.45 64.14 5.90
N ILE N 177 -8.46 63.69 4.64
CA ILE N 177 -8.82 62.31 4.34
C ILE N 177 -7.81 61.36 4.96
N ILE N 178 -6.52 61.68 4.84
CA ILE N 178 -5.49 60.83 5.42
C ILE N 178 -5.61 60.79 6.94
N ALA N 179 -5.87 61.95 7.55
CA ALA N 179 -6.02 61.99 9.00
C ALA N 179 -7.22 61.15 9.46
N TYR N 180 -8.34 61.29 8.76
CA TYR N 180 -9.53 60.53 9.14
C TYR N 180 -9.30 59.04 9.00
N ALA N 181 -8.66 58.62 7.90
CA ALA N 181 -8.39 57.21 7.72
C ALA N 181 -7.47 56.68 8.81
N LYS N 182 -6.45 57.46 9.18
CA LYS N 182 -5.54 57.04 10.23
C LYS N 182 -6.27 56.86 11.56
N GLU N 183 -7.12 57.85 11.91
CA GLU N 183 -7.85 57.74 13.17
C GLU N 183 -8.78 56.54 13.18
N GLU N 184 -9.56 56.34 12.12
CA GLU N 184 -10.50 55.22 12.13
C GLU N 184 -9.78 53.88 12.13
N THR N 185 -8.68 53.76 11.38
CA THR N 185 -7.95 52.50 11.37
C THR N 185 -7.30 52.23 12.72
N GLU N 186 -6.76 53.26 13.38
CA GLU N 186 -6.19 53.05 14.70
C GLU N 186 -7.27 52.69 15.71
N ARG N 187 -8.48 53.23 15.54
CA ARG N 187 -9.58 52.84 16.40
C ARG N 187 -9.95 51.38 16.20
N ALA N 188 -9.97 50.93 14.94
CA ALA N 188 -10.27 49.52 14.68
C ALA N 188 -9.21 48.60 15.26
N TYR N 189 -7.93 48.95 15.07
CA TYR N 189 -6.85 48.14 15.63
C TYR N 189 -6.90 48.12 17.16
N LYS N 190 -7.10 49.29 17.78
CA LYS N 190 -7.04 49.37 19.23
C LYS N 190 -8.20 48.63 19.88
N GLY N 191 -9.31 48.49 19.16
CA GLY N 191 -10.47 47.78 19.66
C GLY N 191 -11.58 48.68 20.16
N GLU N 192 -11.35 49.99 20.24
CA GLU N 192 -12.37 50.93 20.71
C GLU N 192 -13.62 50.85 19.84
N GLY O 23 52.18 -29.62 6.57
CA GLY O 23 52.67 -28.47 7.31
C GLY O 23 52.76 -28.71 8.79
N THR O 24 53.97 -28.92 9.29
CA THR O 24 54.17 -29.17 10.71
C THR O 24 53.91 -27.93 11.56
N ALA O 25 54.00 -26.74 10.98
CA ALA O 25 53.72 -25.53 11.73
C ALA O 25 52.26 -25.46 12.17
N GLU O 26 51.34 -25.83 11.27
CA GLU O 26 49.93 -25.86 11.63
C GLU O 26 49.64 -26.91 12.69
N ALA O 27 50.30 -28.07 12.60
CA ALA O 27 50.15 -29.08 13.63
C ALA O 27 50.62 -28.57 14.97
N LEU O 28 51.76 -27.88 15.00
CA LEU O 28 52.25 -27.31 16.25
C LEU O 28 51.28 -26.26 16.79
N LEU O 29 50.73 -25.43 15.91
CA LEU O 29 49.79 -24.40 16.35
C LEU O 29 48.54 -25.02 16.95
N LEU O 30 48.01 -26.08 16.32
CA LEU O 30 46.86 -26.77 16.89
C LEU O 30 47.19 -27.42 18.23
N ALA O 31 48.39 -28.01 18.34
CA ALA O 31 48.79 -28.59 19.61
C ALA O 31 48.89 -27.54 20.71
N ARG O 32 49.43 -26.36 20.37
CA ARG O 32 49.50 -25.28 21.35
C ARG O 32 48.11 -24.82 21.76
N ALA O 33 47.18 -24.75 20.81
CA ALA O 33 45.80 -24.39 21.15
C ALA O 33 45.19 -25.40 22.11
N ILE O 34 45.39 -26.69 21.84
CA ILE O 34 44.83 -27.73 22.71
C ILE O 34 45.43 -27.62 24.11
N VAL O 35 46.75 -27.46 24.20
CA VAL O 35 47.41 -27.40 25.50
C VAL O 35 46.96 -26.17 26.28
N SER O 36 46.83 -25.03 25.60
CA SER O 36 46.36 -23.82 26.28
C SER O 36 44.95 -24.01 26.82
N ALA O 37 44.07 -24.61 26.02
CA ALA O 37 42.70 -24.83 26.48
C ALA O 37 42.68 -25.77 27.69
N VAL O 38 43.49 -26.82 27.66
CA VAL O 38 43.51 -27.77 28.77
C VAL O 38 44.04 -27.10 30.03
N GLU O 39 45.09 -26.27 29.91
CA GLU O 39 45.62 -25.59 31.08
C GLU O 39 44.62 -24.60 31.66
N ASP O 40 43.91 -23.86 30.80
CA ASP O 40 42.86 -22.97 31.29
C ASP O 40 41.79 -23.75 32.02
N ALA O 41 41.37 -24.89 31.46
CA ALA O 41 40.34 -25.70 32.10
C ALA O 41 40.81 -26.23 33.44
N LYS O 42 42.07 -26.62 33.54
CA LYS O 42 42.63 -27.05 34.82
C LYS O 42 42.59 -25.93 35.83
N LYS O 43 42.94 -24.72 35.42
CA LYS O 43 42.86 -23.57 36.32
C LYS O 43 41.43 -23.31 36.77
N HIS O 44 40.45 -23.56 35.90
CA HIS O 44 39.05 -23.36 36.25
C HIS O 44 38.50 -24.42 37.19
N GLY O 45 39.20 -25.55 37.36
CA GLY O 45 38.77 -26.58 38.27
C GLY O 45 38.15 -27.82 37.65
N VAL O 46 38.25 -27.98 36.33
CA VAL O 46 37.71 -29.19 35.69
C VAL O 46 38.54 -30.40 36.14
N PRO O 47 37.92 -31.55 36.43
CA PRO O 47 38.69 -32.71 36.88
C PRO O 47 39.73 -33.14 35.85
N GLU O 48 40.86 -33.60 36.37
CA GLU O 48 42.07 -33.77 35.56
C GLU O 48 42.02 -35.00 34.66
N ASP O 49 41.32 -36.07 35.07
CA ASP O 49 41.27 -37.27 34.24
C ASP O 49 40.53 -37.01 32.93
N LEU O 50 39.40 -36.32 32.99
CA LEU O 50 38.69 -35.95 31.76
C LEU O 50 39.59 -35.15 30.83
N LEU O 51 40.33 -34.21 31.40
CA LEU O 51 41.29 -33.43 30.62
C LEU O 51 42.37 -34.32 30.04
N ALA O 52 42.73 -35.40 30.74
CA ALA O 52 43.74 -36.31 30.21
C ALA O 52 43.24 -37.01 28.95
N ASP O 53 42.03 -37.56 28.99
CA ASP O 53 41.49 -38.16 27.76
C ASP O 53 41.39 -37.12 26.64
N ILE O 54 40.86 -35.94 26.94
CA ILE O 54 40.67 -34.94 25.89
C ILE O 54 42.01 -34.51 25.31
N GLU O 55 43.01 -34.31 26.16
CA GLU O 55 44.32 -33.88 25.70
C GLU O 55 45.00 -34.94 24.84
N ARG O 56 44.92 -36.21 25.23
CA ARG O 56 45.50 -37.26 24.41
C ARG O 56 44.85 -37.31 23.03
N ALA O 57 43.51 -37.27 23.00
CA ALA O 57 42.82 -37.29 21.72
C ALA O 57 43.17 -36.06 20.89
N GLY O 58 43.26 -34.90 21.53
CA GLY O 58 43.55 -33.68 20.79
C GLY O 58 44.95 -33.65 20.21
N LEU O 59 45.94 -34.12 20.97
CA LEU O 59 47.29 -34.18 20.42
C LEU O 59 47.37 -35.17 19.27
N ALA O 60 46.73 -36.33 19.42
CA ALA O 60 46.74 -37.30 18.32
C ALA O 60 46.09 -36.71 17.07
N LEU O 61 45.01 -35.96 17.24
CA LEU O 61 44.33 -35.38 16.08
C LEU O 61 45.12 -34.21 15.49
N ALA O 62 45.84 -33.46 16.33
CA ALA O 62 46.63 -32.35 15.82
C ALA O 62 47.88 -32.83 15.09
N GLU O 63 48.35 -34.05 15.41
CA GLU O 63 49.48 -34.59 14.68
C GLU O 63 49.19 -34.72 13.20
N VAL O 64 47.93 -34.96 12.83
CA VAL O 64 47.56 -35.13 11.43
C VAL O 64 46.87 -33.89 10.88
N GLY O 65 46.91 -32.77 11.60
CA GLY O 65 46.35 -31.52 11.12
C GLY O 65 44.84 -31.54 10.91
N ASP O 66 44.10 -32.16 11.83
CA ASP O 66 42.64 -32.22 11.73
C ASP O 66 42.08 -31.01 12.46
N ARG O 67 41.83 -29.93 11.71
CA ARG O 67 41.48 -28.65 12.32
C ARG O 67 40.10 -28.67 12.94
N GLU O 68 39.11 -29.21 12.22
CA GLU O 68 37.73 -29.18 12.71
C GLU O 68 37.58 -30.04 13.96
N ALA O 69 38.24 -31.19 14.00
CA ALA O 69 38.16 -32.04 15.19
C ALA O 69 38.76 -31.36 16.40
N VAL O 70 39.89 -30.67 16.23
CA VAL O 70 40.51 -29.96 17.33
C VAL O 70 39.62 -28.81 17.79
N LEU O 71 38.98 -28.13 16.85
CA LEU O 71 38.04 -27.07 17.21
C LEU O 71 36.89 -27.61 18.04
N LEU O 72 36.34 -28.76 17.64
CA LEU O 72 35.27 -29.38 18.40
C LEU O 72 35.73 -29.80 19.79
N LEU O 73 36.96 -30.29 19.89
CA LEU O 73 37.48 -30.67 21.20
C LEU O 73 37.65 -29.46 22.10
N VAL O 74 38.06 -28.33 21.54
CA VAL O 74 38.18 -27.11 22.34
C VAL O 74 36.81 -26.63 22.81
N ARG O 75 35.80 -26.75 21.93
CA ARG O 75 34.44 -26.44 22.35
C ARG O 75 34.00 -27.34 23.50
N LEU O 76 34.33 -28.64 23.42
CA LEU O 76 34.00 -29.56 24.51
C LEU O 76 34.68 -29.16 25.81
N ILE O 77 35.94 -28.73 25.72
CA ILE O 77 36.66 -28.29 26.92
C ILE O 77 35.97 -27.09 27.55
N ASN O 78 35.56 -26.12 26.74
CA ASN O 78 34.91 -24.93 27.29
C ASN O 78 33.57 -25.27 27.92
N ALA O 79 32.80 -26.16 27.29
CA ALA O 79 31.55 -26.62 27.89
C ALA O 79 31.81 -27.35 29.20
N LEU O 80 32.88 -28.13 29.27
CA LEU O 80 33.24 -28.79 30.51
C LEU O 80 33.60 -27.77 31.59
N ILE O 81 34.25 -26.67 31.20
CA ILE O 81 34.51 -25.60 32.16
C ILE O 81 33.20 -25.09 32.76
N VAL O 82 32.22 -24.82 31.89
CA VAL O 82 30.92 -24.33 32.36
C VAL O 82 30.28 -25.33 33.31
N ALA O 83 30.26 -26.61 32.92
CA ALA O 83 29.62 -27.63 33.73
C ALA O 83 30.32 -27.82 35.07
N ALA O 84 31.65 -27.78 35.07
CA ALA O 84 32.40 -27.95 36.31
C ALA O 84 32.18 -26.79 37.26
N GLU O 85 32.11 -25.56 36.73
CA GLU O 85 31.80 -24.42 37.58
C GLU O 85 30.39 -24.53 38.14
N ALA O 86 29.45 -25.04 37.36
CA ALA O 86 28.08 -25.18 37.86
C ALA O 86 28.00 -26.21 38.98
N GLY O 87 28.66 -27.36 38.82
CA GLY O 87 28.60 -28.38 39.84
C GLY O 87 27.93 -29.66 39.38
N VAL O 88 28.04 -29.97 38.09
CA VAL O 88 27.40 -31.17 37.54
C VAL O 88 28.12 -32.41 38.07
N PRO O 89 27.43 -33.49 38.42
CA PRO O 89 28.10 -34.67 38.99
C PRO O 89 29.10 -35.29 38.02
N LYS O 90 29.99 -36.11 38.59
CA LYS O 90 31.16 -36.58 37.87
C LYS O 90 30.84 -37.69 36.88
N GLU O 91 29.89 -38.58 37.19
CA GLU O 91 29.57 -39.67 36.28
C GLU O 91 29.04 -39.14 34.96
N ALA O 92 28.13 -38.16 35.03
CA ALA O 92 27.64 -37.51 33.83
C ALA O 92 28.79 -36.85 33.08
N LEU O 93 29.70 -36.21 33.79
CA LEU O 93 30.83 -35.56 33.13
C LEU O 93 31.68 -36.57 32.37
N VAL O 94 31.91 -37.74 32.95
CA VAL O 94 32.70 -38.77 32.28
C VAL O 94 32.00 -39.24 31.01
N VAL O 95 30.69 -39.51 31.11
CA VAL O 95 29.96 -40.00 29.95
C VAL O 95 29.95 -38.95 28.83
N ILE O 96 29.67 -37.69 29.18
CA ILE O 96 29.66 -36.63 28.17
C ILE O 96 31.05 -36.43 27.59
N THR O 97 32.11 -36.56 28.39
CA THR O 97 33.45 -36.39 27.85
C THR O 97 33.76 -37.46 26.80
N HIS O 98 33.45 -38.72 27.10
CA HIS O 98 33.71 -39.79 26.14
C HIS O 98 32.88 -39.60 24.88
N ALA O 99 31.60 -39.28 25.04
CA ALA O 99 30.73 -39.05 23.88
C ALA O 99 31.24 -37.89 23.05
N GLY O 100 31.70 -36.82 23.69
CA GLY O 100 32.19 -35.68 22.95
C GLY O 100 33.45 -35.96 22.19
N ILE O 101 34.36 -36.74 22.78
CA ILE O 101 35.57 -37.13 22.03
C ILE O 101 35.18 -37.92 20.79
N LEU O 102 34.27 -38.89 20.96
CA LEU O 102 33.88 -39.69 19.80
C LEU O 102 33.19 -38.83 18.73
N LEU O 103 32.34 -37.89 19.15
CA LEU O 103 31.63 -37.06 18.18
C LEU O 103 32.54 -36.04 17.51
N ALA O 104 33.57 -35.57 18.21
CA ALA O 104 34.56 -34.72 17.57
C ALA O 104 35.35 -35.50 16.53
N LEU O 105 35.67 -36.75 16.83
CA LEU O 105 36.25 -37.62 15.80
C LEU O 105 35.33 -37.74 14.60
N ASP O 106 34.01 -37.67 14.81
CA ASP O 106 33.03 -37.74 13.74
C ASP O 106 33.05 -36.50 12.85
N ARG O 107 33.59 -35.39 13.34
CA ARG O 107 33.39 -34.07 12.74
C ARG O 107 31.91 -33.78 12.59
N ASP O 108 31.13 -34.15 13.61
CA ASP O 108 29.68 -33.99 13.61
C ASP O 108 29.33 -32.74 14.39
N GLU O 109 29.17 -31.62 13.68
CA GLU O 109 28.91 -30.36 14.36
C GLU O 109 27.51 -30.31 14.97
N GLU O 110 26.53 -30.94 14.32
CA GLU O 110 25.17 -30.90 14.87
C GLU O 110 25.05 -31.73 16.14
N ALA O 111 25.64 -32.94 16.14
CA ALA O 111 25.63 -33.75 17.35
C ALA O 111 26.42 -33.09 18.47
N VAL O 112 27.55 -32.47 18.14
CA VAL O 112 28.33 -31.76 19.14
C VAL O 112 27.55 -30.58 19.71
N ASP O 113 26.79 -29.89 18.87
CA ASP O 113 25.95 -28.80 19.35
C ASP O 113 24.86 -29.31 20.27
N ALA O 114 24.27 -30.46 19.94
CA ALA O 114 23.28 -31.07 20.84
C ALA O 114 23.93 -31.44 22.17
N LEU O 115 25.17 -31.94 22.13
CA LEU O 115 25.87 -32.27 23.36
C LEU O 115 26.15 -31.03 24.21
N LEU O 116 26.56 -29.94 23.58
CA LEU O 116 26.81 -28.70 24.32
C LEU O 116 25.52 -28.14 24.90
N GLU O 117 24.41 -28.26 24.16
CA GLU O 117 23.12 -27.86 24.69
C GLU O 117 22.73 -28.69 25.90
N LEU O 118 22.98 -30.01 25.84
CA LEU O 118 22.72 -30.86 26.99
C LEU O 118 23.57 -30.46 28.20
N ILE O 119 24.85 -30.15 27.96
CA ILE O 119 25.71 -29.71 29.05
C ILE O 119 25.18 -28.42 29.67
N ASP O 120 24.73 -27.49 28.83
CA ASP O 120 24.17 -26.24 29.35
C ASP O 120 22.94 -26.49 30.20
N ARG O 121 22.05 -27.37 29.75
CA ARG O 121 20.83 -27.66 30.50
C ARG O 121 21.16 -28.36 31.83
N LEU O 122 22.12 -29.28 31.81
CA LEU O 122 22.51 -29.94 33.06
C LEU O 122 23.16 -28.97 34.02
N ALA O 123 23.93 -28.01 33.49
CA ALA O 123 24.50 -26.98 34.35
C ALA O 123 23.42 -26.12 34.98
N ARG O 124 22.39 -25.76 34.21
CA ARG O 124 21.27 -25.02 34.79
C ARG O 124 20.56 -25.84 35.87
N ALA O 125 20.37 -27.13 35.63
CA ALA O 125 19.73 -27.97 36.63
C ALA O 125 20.57 -28.06 37.89
N ALA O 126 21.89 -28.18 37.76
CA ALA O 126 22.76 -28.23 38.92
C ALA O 126 22.74 -26.92 39.70
N LYS O 127 22.74 -25.79 38.99
CA LYS O 127 22.69 -24.50 39.67
C LYS O 127 21.35 -24.27 40.34
N ALA O 128 20.27 -24.80 39.77
CA ALA O 128 18.93 -24.60 40.33
C ALA O 128 18.67 -25.50 41.53
N GLY O 129 19.54 -26.46 41.82
CA GLY O 129 19.34 -27.31 42.96
C GLY O 129 18.60 -28.60 42.68
N VAL O 130 18.46 -28.99 41.42
CA VAL O 130 17.82 -30.26 41.10
C VAL O 130 18.63 -31.39 41.72
N PRO O 131 17.99 -32.40 42.31
CA PRO O 131 18.75 -33.45 43.01
C PRO O 131 19.75 -34.14 42.09
N LYS O 132 20.85 -34.59 42.70
CA LYS O 132 21.94 -35.18 41.93
C LYS O 132 21.50 -36.44 41.19
N GLU O 133 20.62 -37.24 41.80
CA GLU O 133 20.23 -38.50 41.18
C GLU O 133 19.51 -38.28 39.86
N ALA O 134 18.58 -37.31 39.82
CA ALA O 134 17.87 -37.03 38.58
C ALA O 134 18.82 -36.51 37.51
N ILE O 135 19.75 -35.63 37.88
CA ILE O 135 20.70 -35.11 36.92
C ILE O 135 21.53 -36.24 36.33
N VAL O 136 22.04 -37.13 37.20
CA VAL O 136 22.87 -38.23 36.73
C VAL O 136 22.08 -39.13 35.80
N THR O 137 20.87 -39.50 36.19
CA THR O 137 20.07 -40.42 35.37
C THR O 137 19.81 -39.84 33.99
N VAL O 138 19.23 -38.63 33.95
CA VAL O 138 18.83 -38.07 32.67
C VAL O 138 20.04 -37.72 31.82
N GLY O 139 21.10 -37.20 32.44
CA GLY O 139 22.29 -36.84 31.68
C GLY O 139 22.99 -38.04 31.09
N VAL O 140 23.15 -39.12 31.87
CA VAL O 140 23.78 -40.32 31.35
C VAL O 140 22.96 -40.90 30.20
N ALA O 141 21.63 -40.96 30.36
CA ALA O 141 20.80 -41.50 29.30
C ALA O 141 20.91 -40.65 28.03
N ALA O 142 20.83 -39.32 28.17
CA ALA O 142 20.86 -38.45 27.00
C ALA O 142 22.21 -38.48 26.31
N ALA O 143 23.31 -38.52 27.08
CA ALA O 143 24.63 -38.58 26.47
C ALA O 143 24.85 -39.91 25.75
N HIS O 144 24.38 -41.00 26.34
CA HIS O 144 24.48 -42.29 25.65
C HIS O 144 23.67 -42.28 24.36
N LEU O 145 22.48 -41.69 24.37
CA LEU O 145 21.70 -41.59 23.14
C LEU O 145 22.40 -40.74 22.10
N LEU O 146 23.04 -39.64 22.52
CA LEU O 146 23.77 -38.81 21.57
C LEU O 146 24.97 -39.54 20.99
N GLN O 147 25.61 -40.39 21.78
CA GLN O 147 26.73 -41.17 21.26
C GLN O 147 26.30 -42.17 20.20
N ASP O 148 25.09 -42.74 20.34
CA ASP O 148 24.58 -43.72 19.42
C ASP O 148 23.84 -43.09 18.24
N ARG O 149 24.01 -41.80 18.02
CA ARG O 149 23.38 -41.07 16.91
C ARG O 149 21.86 -41.26 16.90
N ASP O 150 21.26 -41.11 18.08
CA ASP O 150 19.81 -41.19 18.23
C ASP O 150 19.31 -39.81 18.65
N LEU O 151 19.01 -38.97 17.65
CA LEU O 151 18.71 -37.57 17.94
C LEU O 151 17.31 -37.35 18.49
N PRO O 152 16.24 -37.92 17.93
CA PRO O 152 14.90 -37.63 18.47
C PRO O 152 14.74 -38.00 19.93
N ARG O 153 15.27 -39.15 20.35
CA ARG O 153 15.18 -39.53 21.75
C ARG O 153 15.99 -38.61 22.64
N ALA O 154 17.16 -38.18 22.17
CA ALA O 154 17.96 -37.23 22.91
C ALA O 154 17.23 -35.90 23.08
N LEU O 155 16.50 -35.47 22.05
CA LEU O 155 15.72 -34.25 22.16
C LEU O 155 14.57 -34.40 23.16
N ARG O 156 13.94 -35.57 23.17
CA ARG O 156 12.92 -35.83 24.18
C ARG O 156 13.52 -35.76 25.59
N LEU O 157 14.72 -36.30 25.78
CA LEU O 157 15.35 -36.21 27.09
C LEU O 157 15.76 -34.79 27.45
N LEU O 158 16.15 -33.99 26.45
CA LEU O 158 16.43 -32.58 26.73
C LEU O 158 15.18 -31.86 27.21
N GLU O 159 14.03 -32.15 26.60
CA GLU O 159 12.77 -31.61 27.08
C GLU O 159 12.50 -32.07 28.51
N VAL O 160 12.86 -33.31 28.84
CA VAL O 160 12.71 -33.80 30.21
C VAL O 160 13.56 -32.98 31.18
N VAL O 161 14.80 -32.66 30.80
CA VAL O 161 15.65 -31.87 31.68
C VAL O 161 15.07 -30.49 31.91
N ASP O 162 14.57 -29.86 30.84
CA ASP O 162 13.91 -28.56 30.98
C ASP O 162 12.73 -28.65 31.94
N LYS O 163 11.94 -29.71 31.82
CA LYS O 163 10.79 -29.89 32.69
C LYS O 163 11.23 -30.05 34.14
N LEU O 164 12.33 -30.78 34.37
CA LEU O 164 12.84 -30.93 35.73
C LEU O 164 13.24 -29.60 36.34
N VAL O 165 13.92 -28.75 35.55
CA VAL O 165 14.34 -27.46 36.07
C VAL O 165 13.12 -26.61 36.43
N HIS O 166 12.12 -26.56 35.56
CA HIS O 166 10.92 -25.80 35.87
C HIS O 166 10.22 -26.36 37.11
N MET O 167 10.15 -27.69 37.22
CA MET O 167 9.49 -28.33 38.35
C MET O 167 10.18 -27.99 39.66
N LYS O 168 11.52 -27.99 39.68
CA LYS O 168 12.23 -27.55 40.87
C LYS O 168 11.96 -26.09 41.19
N ALA O 169 11.94 -25.23 40.17
CA ALA O 169 11.62 -23.83 40.40
C ALA O 169 10.20 -23.63 40.90
N LEU O 170 9.31 -24.61 40.72
CA LEU O 170 7.93 -24.53 41.17
C LEU O 170 7.72 -25.04 42.59
N GLY O 171 8.79 -25.45 43.28
CA GLY O 171 8.66 -25.91 44.64
C GLY O 171 8.31 -27.37 44.80
N VAL O 172 8.35 -28.15 43.73
CA VAL O 172 8.07 -29.59 43.83
C VAL O 172 9.16 -30.25 44.68
N PRO O 173 8.82 -31.16 45.58
CA PRO O 173 9.85 -31.80 46.41
C PRO O 173 10.78 -32.67 45.58
N ASP O 174 11.90 -33.03 46.21
CA ASP O 174 12.93 -33.79 45.51
C ASP O 174 12.45 -35.20 45.15
N GLU O 175 11.57 -35.77 45.95
CA GLU O 175 11.12 -37.13 45.72
C GLU O 175 10.37 -37.25 44.39
N GLU O 176 9.42 -36.35 44.14
CA GLU O 176 8.68 -36.41 42.89
C GLU O 176 9.55 -36.01 41.70
N ILE O 177 10.54 -35.13 41.91
CA ILE O 177 11.46 -34.82 40.83
C ILE O 177 12.24 -36.06 40.42
N ILE O 178 12.75 -36.79 41.41
CA ILE O 178 13.50 -38.01 41.12
C ILE O 178 12.60 -39.05 40.47
N ALA O 179 11.38 -39.21 40.97
CA ALA O 179 10.47 -40.19 40.39
C ALA O 179 10.13 -39.85 38.95
N TYR O 180 9.83 -38.58 38.67
CA TYR O 180 9.50 -38.18 37.31
C TYR O 180 10.68 -38.39 36.39
N ALA O 181 11.89 -38.02 36.84
CA ALA O 181 13.08 -38.24 36.02
C ALA O 181 13.27 -39.72 35.71
N LYS O 182 13.09 -40.57 36.72
CA LYS O 182 13.26 -42.01 36.52
C LYS O 182 12.26 -42.55 35.52
N GLU O 183 10.99 -42.16 35.64
CA GLU O 183 9.98 -42.65 34.71
C GLU O 183 10.22 -42.17 33.29
N GLU O 184 10.60 -40.90 33.12
CA GLU O 184 10.84 -40.40 31.77
C GLU O 184 12.08 -41.05 31.14
N THR O 185 13.12 -41.28 31.95
CA THR O 185 14.30 -41.96 31.42
C THR O 185 14.00 -43.41 31.06
N GLU O 186 13.20 -44.09 31.88
CA GLU O 186 12.82 -45.46 31.56
C GLU O 186 11.99 -45.50 30.29
N ARG O 187 11.12 -44.51 30.11
CA ARG O 187 10.35 -44.42 28.87
C ARG O 187 11.27 -44.21 27.67
N ALA O 188 12.30 -43.38 27.83
CA ALA O 188 13.24 -43.13 26.73
C ALA O 188 14.02 -44.39 26.37
N TYR O 189 14.59 -45.06 27.38
CA TYR O 189 15.33 -46.30 27.12
C TYR O 189 14.45 -47.38 26.51
N LYS O 190 13.24 -47.56 27.07
CA LYS O 190 12.39 -48.66 26.64
C LYS O 190 11.96 -48.49 25.19
N GLY O 191 11.72 -47.26 24.76
CA GLY O 191 11.28 -46.98 23.40
C GLY O 191 9.86 -46.46 23.30
N GLU O 192 9.12 -46.42 24.40
CA GLU O 192 7.77 -45.89 24.39
C GLU O 192 7.76 -44.42 23.98
N GLY P 23 -20.92 5.67 -7.94
CA GLY P 23 -21.94 5.20 -8.86
C GLY P 23 -21.51 5.28 -10.31
N THR P 24 -21.01 4.18 -10.84
CA THR P 24 -20.55 4.14 -12.22
C THR P 24 -21.70 4.12 -13.22
N ALA P 25 -22.87 3.61 -12.82
CA ALA P 25 -24.03 3.64 -13.70
C ALA P 25 -24.50 5.07 -13.95
N GLU P 26 -24.47 5.91 -12.91
CA GLU P 26 -24.79 7.32 -13.08
C GLU P 26 -23.79 8.02 -13.99
N ALA P 27 -22.51 7.70 -13.84
CA ALA P 27 -21.49 8.27 -14.72
C ALA P 27 -21.72 7.86 -16.16
N LEU P 28 -22.08 6.59 -16.39
CA LEU P 28 -22.41 6.16 -17.74
C LEU P 28 -23.63 6.88 -18.28
N LEU P 29 -24.64 7.10 -17.45
CA LEU P 29 -25.82 7.84 -17.88
C LEU P 29 -25.46 9.26 -18.29
N LEU P 30 -24.62 9.92 -17.51
CA LEU P 30 -24.20 11.29 -17.83
C LEU P 30 -23.38 11.32 -19.11
N ALA P 31 -22.48 10.35 -19.29
CA ALA P 31 -21.71 10.28 -20.52
C ALA P 31 -22.62 10.09 -21.73
N ARG P 32 -23.62 9.23 -21.60
CA ARG P 32 -24.56 9.02 -22.71
C ARG P 32 -25.36 10.28 -23.00
N ALA P 33 -25.74 11.03 -21.96
CA ALA P 33 -26.43 12.29 -22.18
C ALA P 33 -25.58 13.27 -22.96
N ILE P 34 -24.31 13.41 -22.57
CA ILE P 34 -23.41 14.32 -23.28
C ILE P 34 -23.24 13.88 -24.73
N VAL P 35 -23.03 12.59 -24.96
CA VAL P 35 -22.77 12.10 -26.31
C VAL P 35 -24.01 12.27 -27.19
N SER P 36 -25.19 12.00 -26.65
CA SER P 36 -26.42 12.18 -27.41
C SER P 36 -26.64 13.65 -27.76
N ALA P 37 -26.38 14.56 -26.81
CA ALA P 37 -26.53 15.97 -27.10
C ALA P 37 -25.55 16.42 -28.19
N VAL P 38 -24.31 15.94 -28.12
CA VAL P 38 -23.31 16.31 -29.11
C VAL P 38 -23.69 15.81 -30.50
N GLU P 39 -24.18 14.57 -30.58
CA GLU P 39 -24.58 14.03 -31.88
C GLU P 39 -25.78 14.80 -32.45
N ASP P 40 -26.74 15.15 -31.62
CA ASP P 40 -27.87 15.95 -32.10
C ASP P 40 -27.41 17.31 -32.59
N ALA P 41 -26.50 17.96 -31.86
CA ALA P 41 -25.99 19.26 -32.27
C ALA P 41 -25.23 19.15 -33.59
N LYS P 42 -24.47 18.08 -33.76
CA LYS P 42 -23.77 17.85 -35.02
C LYS P 42 -24.76 17.70 -36.16
N LYS P 43 -25.86 16.99 -35.93
CA LYS P 43 -26.90 16.87 -36.95
C LYS P 43 -27.54 18.22 -37.26
N HIS P 44 -27.60 19.12 -36.27
CA HIS P 44 -28.21 20.43 -36.48
C HIS P 44 -27.31 21.40 -37.22
N GLY P 45 -26.02 21.13 -37.33
CA GLY P 45 -25.11 22.00 -38.03
C GLY P 45 -24.17 22.82 -37.17
N VAL P 46 -24.01 22.48 -35.90
CA VAL P 46 -23.05 23.20 -35.04
C VAL P 46 -21.64 22.82 -35.47
N PRO P 47 -20.70 23.77 -35.52
CA PRO P 47 -19.32 23.45 -35.90
C PRO P 47 -18.70 22.42 -34.96
N GLU P 48 -17.84 21.57 -35.54
CA GLU P 48 -17.38 20.38 -34.85
C GLU P 48 -16.31 20.65 -33.81
N ASP P 49 -15.51 21.71 -33.96
CA ASP P 49 -14.44 21.98 -33.00
C ASP P 49 -15.02 22.41 -31.66
N LEU P 50 -16.05 23.25 -31.67
CA LEU P 50 -16.73 23.62 -30.44
C LEU P 50 -17.32 22.40 -29.75
N LEU P 51 -17.94 21.52 -30.54
CA LEU P 51 -18.52 20.31 -29.98
C LEU P 51 -17.44 19.40 -29.39
N ALA P 52 -16.27 19.34 -30.02
CA ALA P 52 -15.18 18.53 -29.47
C ALA P 52 -14.72 19.07 -28.13
N ASP P 53 -14.58 20.39 -28.02
CA ASP P 53 -14.23 20.99 -26.73
C ASP P 53 -15.27 20.63 -25.66
N ILE P 54 -16.54 20.83 -25.97
CA ILE P 54 -17.60 20.58 -24.98
C ILE P 54 -17.64 19.11 -24.62
N GLU P 55 -17.47 18.22 -25.60
CA GLU P 55 -17.51 16.79 -25.33
C GLU P 55 -16.38 16.35 -24.43
N ARG P 56 -15.16 16.86 -24.67
CA ARG P 56 -14.05 16.49 -23.80
C ARG P 56 -14.32 16.93 -22.37
N ALA P 57 -14.74 18.19 -22.20
CA ALA P 57 -15.04 18.66 -20.85
C ALA P 57 -16.16 17.86 -20.19
N GLY P 58 -17.20 17.54 -20.96
CA GLY P 58 -18.34 16.83 -20.41
C GLY P 58 -18.00 15.42 -19.99
N LEU P 59 -17.22 14.70 -20.79
CA LEU P 59 -16.81 13.36 -20.40
C LEU P 59 -15.91 13.40 -19.17
N ALA P 60 -15.02 14.40 -19.09
CA ALA P 60 -14.20 14.54 -17.88
C ALA P 60 -15.07 14.76 -16.65
N LEU P 61 -16.11 15.60 -16.77
CA LEU P 61 -16.96 15.86 -15.61
C LEU P 61 -17.88 14.68 -15.28
N ALA P 62 -18.29 13.93 -16.30
CA ALA P 62 -19.13 12.76 -16.06
C ALA P 62 -18.34 11.63 -15.41
N GLU P 63 -17.03 11.55 -15.66
CA GLU P 63 -16.23 10.53 -14.99
C GLU P 63 -16.32 10.63 -13.48
N VAL P 64 -16.39 11.85 -12.94
CA VAL P 64 -16.45 12.05 -11.50
C VAL P 64 -17.88 12.24 -11.00
N GLY P 65 -18.87 11.96 -11.84
CA GLY P 65 -20.26 12.07 -11.44
C GLY P 65 -20.70 13.46 -11.07
N ASP P 66 -20.23 14.47 -11.78
CA ASP P 66 -20.62 15.86 -11.52
C ASP P 66 -21.84 16.17 -12.36
N ARG P 67 -23.02 16.02 -11.76
CA ARG P 67 -24.26 16.16 -12.51
C ARG P 67 -24.46 17.59 -13.00
N GLU P 68 -24.53 18.53 -12.06
CA GLU P 68 -24.90 19.91 -12.39
C GLU P 68 -24.04 20.49 -13.50
N ALA P 69 -22.73 20.23 -13.46
CA ALA P 69 -21.85 20.70 -14.52
C ALA P 69 -22.21 20.08 -15.86
N VAL P 70 -22.55 18.78 -15.88
CA VAL P 70 -22.89 18.12 -17.13
C VAL P 70 -24.16 18.70 -17.71
N LEU P 71 -25.19 18.94 -16.88
CA LEU P 71 -26.41 19.51 -17.44
C LEU P 71 -26.23 20.95 -17.86
N LEU P 72 -25.33 21.70 -17.21
CA LEU P 72 -25.00 23.03 -17.70
C LEU P 72 -24.33 22.97 -19.08
N LEU P 73 -23.47 21.97 -19.28
CA LEU P 73 -22.85 21.79 -20.59
C LEU P 73 -23.89 21.41 -21.65
N VAL P 74 -24.89 20.62 -21.27
CA VAL P 74 -25.96 20.26 -22.20
C VAL P 74 -26.77 21.50 -22.57
N ARG P 75 -27.04 22.37 -21.59
CA ARG P 75 -27.69 23.65 -21.88
C ARG P 75 -26.87 24.48 -22.86
N LEU P 76 -25.56 24.53 -22.66
CA LEU P 76 -24.70 25.27 -23.58
C LEU P 76 -24.76 24.69 -24.99
N ILE P 77 -24.81 23.36 -25.10
CA ILE P 77 -24.91 22.72 -26.41
C ILE P 77 -26.20 23.12 -27.12
N ASN P 78 -27.32 23.13 -26.38
CA ASN P 78 -28.59 23.52 -27.00
C ASN P 78 -28.56 24.98 -27.44
N ALA P 79 -27.98 25.86 -26.62
CA ALA P 79 -27.85 27.25 -27.00
C ALA P 79 -26.99 27.40 -28.26
N LEU P 80 -25.95 26.60 -28.38
CA LEU P 80 -25.12 26.63 -29.58
C LEU P 80 -25.89 26.12 -30.80
N ILE P 81 -26.79 25.16 -30.61
CA ILE P 81 -27.67 24.74 -31.71
C ILE P 81 -28.47 25.94 -32.22
N VAL P 82 -29.06 26.68 -31.29
CA VAL P 82 -29.85 27.85 -31.67
C VAL P 82 -29.00 28.87 -32.41
N ALA P 83 -27.81 29.16 -31.86
CA ALA P 83 -26.94 30.17 -32.46
C ALA P 83 -26.47 29.76 -33.85
N ALA P 84 -26.11 28.49 -34.03
CA ALA P 84 -25.66 28.01 -35.33
C ALA P 84 -26.79 28.05 -36.36
N GLU P 85 -28.01 27.73 -35.93
CA GLU P 85 -29.13 27.85 -36.85
C GLU P 85 -29.35 29.30 -37.27
N ALA P 86 -29.20 30.24 -36.34
CA ALA P 86 -29.41 31.64 -36.68
C ALA P 86 -28.33 32.17 -37.63
N GLY P 87 -27.07 31.81 -37.39
CA GLY P 87 -25.99 32.28 -38.23
C GLY P 87 -24.98 33.16 -37.52
N VAL P 88 -24.82 32.95 -36.21
CA VAL P 88 -23.88 33.76 -35.43
C VAL P 88 -22.47 33.50 -35.92
N PRO P 89 -21.62 34.52 -36.06
CA PRO P 89 -20.26 34.29 -36.58
C PRO P 89 -19.43 33.40 -35.66
N LYS P 90 -18.44 32.75 -36.27
CA LYS P 90 -17.71 31.69 -35.58
C LYS P 90 -16.82 32.23 -34.46
N GLU P 91 -16.29 33.45 -34.58
CA GLU P 91 -15.41 33.98 -33.55
C GLU P 91 -16.14 34.13 -32.22
N ALA P 92 -17.32 34.75 -32.25
CA ALA P 92 -18.13 34.88 -31.04
C ALA P 92 -18.50 33.51 -30.50
N LEU P 93 -18.77 32.55 -31.38
CA LEU P 93 -19.13 31.21 -30.93
C LEU P 93 -17.97 30.53 -30.20
N VAL P 94 -16.75 30.71 -30.70
CA VAL P 94 -15.59 30.12 -30.04
C VAL P 94 -15.41 30.73 -28.65
N VAL P 95 -15.48 32.06 -28.56
CA VAL P 95 -15.32 32.72 -27.27
C VAL P 95 -16.40 32.27 -26.31
N ILE P 96 -17.63 32.17 -26.80
CA ILE P 96 -18.77 31.76 -25.97
C ILE P 96 -18.59 30.32 -25.49
N THR P 97 -18.13 29.43 -26.35
CA THR P 97 -17.96 28.04 -25.95
C THR P 97 -16.91 27.92 -24.84
N HIS P 98 -15.78 28.61 -24.99
CA HIS P 98 -14.76 28.55 -23.95
C HIS P 98 -15.27 29.12 -22.63
N ALA P 99 -15.93 30.27 -22.69
CA ALA P 99 -16.49 30.87 -21.49
C ALA P 99 -17.51 29.94 -20.84
N GLY P 100 -18.35 29.30 -21.65
CA GLY P 100 -19.39 28.44 -21.11
C GLY P 100 -18.83 27.19 -20.47
N ILE P 101 -17.80 26.60 -21.06
CA ILE P 101 -17.16 25.46 -20.42
C ILE P 101 -16.61 25.86 -19.06
N LEU P 102 -15.91 26.99 -19.00
CA LEU P 102 -15.35 27.40 -17.72
C LEU P 102 -16.43 27.74 -16.70
N LEU P 103 -17.55 28.33 -17.14
CA LEU P 103 -18.62 28.65 -16.21
C LEU P 103 -19.35 27.40 -15.74
N ALA P 104 -19.51 26.40 -16.61
CA ALA P 104 -20.09 25.14 -16.19
C ALA P 104 -19.21 24.44 -15.18
N LEU P 105 -17.88 24.60 -15.29
CA LEU P 105 -17.00 24.09 -14.26
C LEU P 105 -17.29 24.71 -12.90
N ASP P 106 -17.63 26.00 -12.86
CA ASP P 106 -17.93 26.67 -11.60
C ASP P 106 -19.30 26.31 -11.05
N ARG P 107 -20.13 25.61 -11.82
CA ARG P 107 -21.53 25.39 -11.47
C ARG P 107 -22.24 26.72 -11.23
N ASP P 108 -21.89 27.71 -12.05
CA ASP P 108 -22.44 29.06 -11.91
C ASP P 108 -23.69 29.15 -12.77
N GLU P 109 -24.85 28.90 -12.16
CA GLU P 109 -26.10 28.94 -12.91
C GLU P 109 -26.46 30.34 -13.36
N GLU P 110 -26.19 31.36 -12.54
CA GLU P 110 -26.53 32.73 -12.92
C GLU P 110 -25.69 33.19 -14.11
N ALA P 111 -24.38 32.94 -14.08
CA ALA P 111 -23.53 33.32 -15.19
C ALA P 111 -23.87 32.53 -16.45
N VAL P 112 -24.20 31.24 -16.30
CA VAL P 112 -24.60 30.45 -17.46
C VAL P 112 -25.88 30.98 -18.06
N ASP P 113 -26.83 31.40 -17.22
CA ASP P 113 -28.07 31.98 -17.74
C ASP P 113 -27.81 33.30 -18.44
N ALA P 114 -26.90 34.12 -17.90
CA ALA P 114 -26.55 35.35 -18.59
C ALA P 114 -25.90 35.06 -19.95
N LEU P 115 -25.04 34.05 -20.01
CA LEU P 115 -24.43 33.65 -21.27
C LEU P 115 -25.47 33.18 -22.29
N LEU P 116 -26.43 32.37 -21.84
CA LEU P 116 -27.46 31.89 -22.74
C LEU P 116 -28.34 33.02 -23.23
N GLU P 117 -28.64 33.97 -22.36
CA GLU P 117 -29.41 35.14 -22.77
C GLU P 117 -28.63 35.95 -23.81
N LEU P 118 -27.32 36.07 -23.62
CA LEU P 118 -26.47 36.72 -24.61
C LEU P 118 -26.49 35.99 -25.94
N ILE P 119 -26.43 34.66 -25.92
CA ILE P 119 -26.48 33.89 -27.16
C ILE P 119 -27.80 34.12 -27.87
N ASP P 120 -28.90 34.18 -27.11
CA ASP P 120 -30.21 34.43 -27.71
C ASP P 120 -30.26 35.80 -28.38
N ARG P 121 -29.72 36.83 -27.70
CA ARG P 121 -29.71 38.16 -28.31
C ARG P 121 -28.85 38.18 -29.57
N LEU P 122 -27.71 37.51 -29.55
CA LEU P 122 -26.85 37.47 -30.73
C LEU P 122 -27.52 36.74 -31.88
N ALA P 123 -28.26 35.67 -31.58
CA ALA P 123 -29.00 34.96 -32.61
C ALA P 123 -30.08 35.84 -33.23
N ARG P 124 -30.81 36.57 -32.39
CA ARG P 124 -31.81 37.49 -32.92
C ARG P 124 -31.17 38.58 -33.76
N ALA P 125 -30.02 39.09 -33.34
CA ALA P 125 -29.33 40.11 -34.12
C ALA P 125 -28.87 39.56 -35.47
N ALA P 126 -28.35 38.33 -35.48
CA ALA P 126 -27.92 37.74 -36.74
C ALA P 126 -29.11 37.51 -37.68
N LYS P 127 -30.23 37.04 -37.14
CA LYS P 127 -31.42 36.86 -37.96
C LYS P 127 -31.97 38.18 -38.48
N ALA P 128 -31.84 39.24 -37.70
CA ALA P 128 -32.38 40.54 -38.10
C ALA P 128 -31.53 41.26 -39.13
N GLY P 129 -30.35 40.74 -39.45
CA GLY P 129 -29.49 41.38 -40.43
C GLY P 129 -28.51 42.38 -39.89
N VAL P 130 -28.27 42.39 -38.59
CA VAL P 130 -27.25 43.28 -38.02
C VAL P 130 -25.89 42.89 -38.58
N PRO P 131 -25.04 43.84 -38.99
CA PRO P 131 -23.80 43.48 -39.67
C PRO P 131 -22.88 42.60 -38.81
N LYS P 132 -22.10 41.76 -39.50
CA LYS P 132 -21.30 40.74 -38.83
C LYS P 132 -20.26 41.36 -37.90
N GLU P 133 -19.65 42.48 -38.30
CA GLU P 133 -18.62 43.10 -37.49
C GLU P 133 -19.16 43.57 -36.16
N ALA P 134 -20.34 44.19 -36.15
CA ALA P 134 -20.95 44.63 -34.90
C ALA P 134 -21.25 43.46 -33.99
N ILE P 135 -21.81 42.39 -34.55
CA ILE P 135 -22.13 41.21 -33.75
C ILE P 135 -20.88 40.63 -33.14
N VAL P 136 -19.81 40.51 -33.93
CA VAL P 136 -18.57 39.96 -33.42
C VAL P 136 -18.02 40.83 -32.30
N THR P 137 -17.99 42.14 -32.51
CA THR P 137 -17.44 43.05 -31.51
C THR P 137 -18.18 42.92 -30.19
N VAL P 138 -19.50 43.09 -30.21
CA VAL P 138 -20.26 43.13 -28.98
C VAL P 138 -20.30 41.75 -28.32
N GLY P 139 -20.44 40.68 -29.12
CA GLY P 139 -20.49 39.35 -28.56
C GLY P 139 -19.19 38.94 -27.90
N VAL P 140 -18.05 39.21 -28.57
CA VAL P 140 -16.77 38.88 -27.97
C VAL P 140 -16.56 39.65 -26.68
N ALA P 141 -16.87 40.95 -26.70
CA ALA P 141 -16.69 41.75 -25.49
C ALA P 141 -17.55 41.23 -24.35
N ALA P 142 -18.82 40.93 -24.62
CA ALA P 142 -19.72 40.50 -23.55
C ALA P 142 -19.36 39.12 -23.04
N ALA P 143 -18.95 38.21 -23.92
CA ALA P 143 -18.55 36.89 -23.47
C ALA P 143 -17.28 36.95 -22.63
N HIS P 144 -16.33 37.81 -23.01
CA HIS P 144 -15.15 37.98 -22.18
C HIS P 144 -15.51 38.55 -20.82
N LEU P 145 -16.40 39.54 -20.78
CA LEU P 145 -16.80 40.10 -19.49
C LEU P 145 -17.51 39.07 -18.61
N LEU P 146 -18.34 38.22 -19.21
CA LEU P 146 -18.99 37.17 -18.44
C LEU P 146 -17.99 36.15 -17.93
N GLN P 147 -16.96 35.86 -18.73
CA GLN P 147 -15.91 34.96 -18.31
C GLN P 147 -15.16 35.49 -17.09
N ASP P 148 -15.02 36.81 -16.99
CA ASP P 148 -14.31 37.46 -15.90
C ASP P 148 -15.24 37.81 -14.73
N ARG P 149 -16.45 37.26 -14.71
CA ARG P 149 -17.43 37.52 -13.66
C ARG P 149 -17.67 39.01 -13.46
N ASP P 150 -17.88 39.72 -14.56
CA ASP P 150 -18.21 41.14 -14.51
C ASP P 150 -19.64 41.27 -15.03
N LEU P 151 -20.60 41.09 -14.13
CA LEU P 151 -22.01 41.04 -14.55
C LEU P 151 -22.56 42.40 -14.97
N PRO P 152 -22.35 43.50 -14.23
CA PRO P 152 -22.95 44.78 -14.66
C PRO P 152 -22.51 45.24 -16.04
N ARG P 153 -21.22 45.11 -16.36
CA ARG P 153 -20.75 45.50 -17.68
C ARG P 153 -21.31 44.60 -18.77
N ALA P 154 -21.44 43.31 -18.47
CA ALA P 154 -22.07 42.38 -19.40
C ALA P 154 -23.52 42.76 -19.65
N LEU P 155 -24.23 43.20 -18.61
CA LEU P 155 -25.62 43.62 -18.78
C LEU P 155 -25.72 44.89 -19.62
N ARG P 156 -24.78 45.82 -19.44
CA ARG P 156 -24.74 47.00 -20.31
C ARG P 156 -24.53 46.59 -21.77
N LEU P 157 -23.65 45.62 -22.01
CA LEU P 157 -23.43 45.17 -23.39
C LEU P 157 -24.64 44.43 -23.96
N LEU P 158 -25.38 43.71 -23.12
CA LEU P 158 -26.63 43.12 -23.57
C LEU P 158 -27.63 44.19 -23.99
N GLU P 159 -27.71 45.28 -23.24
CA GLU P 159 -28.51 46.41 -23.66
C GLU P 159 -28.03 46.96 -25.00
N VAL P 160 -26.72 46.97 -25.22
CA VAL P 160 -26.19 47.42 -26.50
C VAL P 160 -26.67 46.52 -27.64
N VAL P 161 -26.68 45.21 -27.42
CA VAL P 161 -27.16 44.29 -28.46
C VAL P 161 -28.63 44.57 -28.78
N ASP P 162 -29.46 44.74 -27.74
CA ASP P 162 -30.86 45.05 -27.98
C ASP P 162 -31.02 46.34 -28.79
N LYS P 163 -30.23 47.35 -28.45
CA LYS P 163 -30.30 48.61 -29.18
C LYS P 163 -29.91 48.43 -30.64
N LEU P 164 -28.90 47.60 -30.91
CA LEU P 164 -28.49 47.34 -32.28
C LEU P 164 -29.61 46.68 -33.07
N VAL P 165 -30.29 45.71 -32.46
CA VAL P 165 -31.40 45.04 -33.15
C VAL P 165 -32.50 46.05 -33.50
N HIS P 166 -32.84 46.92 -32.54
CA HIS P 166 -33.89 47.90 -32.82
C HIS P 166 -33.46 48.89 -33.88
N MET P 167 -32.19 49.32 -33.87
CA MET P 167 -31.71 50.21 -34.92
C MET P 167 -31.78 49.55 -36.29
N LYS P 168 -31.42 48.27 -36.38
CA LYS P 168 -31.53 47.58 -37.65
C LYS P 168 -32.98 47.53 -38.12
N ALA P 169 -33.91 47.25 -37.20
CA ALA P 169 -35.32 47.24 -37.58
C ALA P 169 -35.85 48.63 -37.95
N LEU P 170 -35.21 49.69 -37.48
CA LEU P 170 -35.65 51.06 -37.77
C LEU P 170 -35.18 51.56 -39.12
N GLY P 171 -34.21 50.91 -39.75
CA GLY P 171 -33.71 51.34 -41.04
C GLY P 171 -32.42 52.11 -41.02
N VAL P 172 -31.74 52.17 -39.88
CA VAL P 172 -30.43 52.85 -39.81
C VAL P 172 -29.43 52.10 -40.68
N PRO P 173 -28.61 52.79 -41.46
CA PRO P 173 -27.64 52.09 -42.31
C PRO P 173 -26.59 51.33 -41.52
N ASP P 174 -25.93 50.41 -42.20
CA ASP P 174 -25.00 49.49 -41.55
C ASP P 174 -23.79 50.21 -40.97
N GLU P 175 -23.32 51.28 -41.64
CA GLU P 175 -22.14 51.99 -41.16
C GLU P 175 -22.40 52.62 -39.80
N GLU P 176 -23.56 53.25 -39.62
CA GLU P 176 -23.88 53.86 -38.33
C GLU P 176 -24.05 52.80 -37.25
N ILE P 177 -24.62 51.64 -37.59
CA ILE P 177 -24.74 50.56 -36.62
C ILE P 177 -23.36 50.10 -36.18
N ILE P 178 -22.44 49.94 -37.13
CA ILE P 178 -21.09 49.51 -36.80
C ILE P 178 -20.39 50.54 -35.91
N ALA P 179 -20.54 51.82 -36.25
CA ALA P 179 -19.91 52.86 -35.46
C ALA P 179 -20.46 52.89 -34.04
N TYR P 180 -21.78 52.76 -33.90
CA TYR P 180 -22.39 52.77 -32.58
C TYR P 180 -21.94 51.57 -31.76
N ALA P 181 -21.88 50.39 -32.38
CA ALA P 181 -21.41 49.21 -31.66
C ALA P 181 -19.98 49.38 -31.21
N LYS P 182 -19.12 49.91 -32.08
CA LYS P 182 -17.72 50.14 -31.71
C LYS P 182 -17.62 51.11 -30.54
N GLU P 183 -18.38 52.21 -30.59
CA GLU P 183 -18.30 53.20 -29.53
C GLU P 183 -18.75 52.63 -28.19
N GLU P 184 -19.89 51.92 -28.18
CA GLU P 184 -20.39 51.40 -26.92
C GLU P 184 -19.48 50.31 -26.37
N THR P 185 -18.94 49.45 -27.24
CA THR P 185 -18.02 48.43 -26.77
C THR P 185 -16.74 49.05 -26.21
N GLU P 186 -16.22 50.08 -26.86
CA GLU P 186 -15.04 50.76 -26.33
C GLU P 186 -15.34 51.43 -25.00
N ARG P 187 -16.54 51.98 -24.85
CA ARG P 187 -16.93 52.59 -23.58
C ARG P 187 -16.99 51.54 -22.48
N ALA P 188 -17.53 50.36 -22.79
CA ALA P 188 -17.60 49.30 -21.78
C ALA P 188 -16.21 48.80 -21.40
N TYR P 189 -15.36 48.56 -22.40
CA TYR P 189 -14.00 48.09 -22.12
C TYR P 189 -13.20 49.11 -21.34
N LYS P 190 -13.32 50.40 -21.71
CA LYS P 190 -12.53 51.44 -21.05
C LYS P 190 -12.95 51.61 -19.60
N GLY P 191 -14.21 51.31 -19.29
CA GLY P 191 -14.73 51.43 -17.94
C GLY P 191 -15.58 52.65 -17.71
N GLU P 192 -15.65 53.56 -18.67
CA GLU P 192 -16.47 54.77 -18.57
C GLU P 192 -17.93 54.44 -18.31
N GLY Q 23 50.49 -41.03 10.37
CA GLY Q 23 50.03 -40.76 11.72
C GLY Q 23 49.41 -41.97 12.39
N THR Q 24 50.23 -42.72 13.11
CA THR Q 24 49.75 -43.93 13.78
C THR Q 24 48.83 -43.62 14.95
N ALA Q 25 48.95 -42.44 15.56
CA ALA Q 25 48.07 -42.07 16.66
C ALA Q 25 46.62 -41.95 16.21
N GLU Q 26 46.41 -41.35 15.03
CA GLU Q 26 45.06 -41.27 14.49
C GLU Q 26 44.51 -42.64 14.13
N ALA Q 27 45.37 -43.52 13.63
CA ALA Q 27 44.94 -44.89 13.35
C ALA Q 27 44.52 -45.59 14.63
N LEU Q 28 45.28 -45.40 15.71
CA LEU Q 28 44.89 -45.97 16.99
C LEU Q 28 43.58 -45.40 17.49
N LEU Q 29 43.38 -44.10 17.31
CA LEU Q 29 42.13 -43.46 17.73
C LEU Q 29 40.94 -44.03 16.97
N LEU Q 30 41.09 -44.21 15.65
CA LEU Q 30 40.02 -44.81 14.86
C LEU Q 30 39.75 -46.24 15.28
N ALA Q 31 40.81 -47.00 15.57
CA ALA Q 31 40.63 -48.37 16.03
C ALA Q 31 39.88 -48.42 17.35
N ARG Q 32 40.20 -47.50 18.26
CA ARG Q 32 39.50 -47.44 19.54
C ARG Q 32 38.04 -47.07 19.34
N ALA Q 33 37.75 -46.15 18.42
CA ALA Q 33 36.37 -45.82 18.12
C ALA Q 33 35.60 -47.03 17.60
N ILE Q 34 36.20 -47.78 16.67
CA ILE Q 34 35.55 -48.96 16.14
C ILE Q 34 35.29 -49.98 17.24
N VAL Q 35 36.29 -50.22 18.09
CA VAL Q 35 36.15 -51.23 19.14
C VAL Q 35 35.08 -50.81 20.15
N SER Q 36 35.05 -49.54 20.53
CA SER Q 36 34.04 -49.07 21.47
C SER Q 36 32.65 -49.22 20.89
N ALA Q 37 32.47 -48.85 19.62
CA ALA Q 37 31.15 -49.00 19.00
C ALA Q 37 30.73 -50.47 18.95
N VAL Q 38 31.66 -51.35 18.60
CA VAL Q 38 31.33 -52.78 18.52
C VAL Q 38 30.96 -53.33 19.89
N GLU Q 39 31.67 -52.92 20.95
CA GLU Q 39 31.35 -53.41 22.28
C GLU Q 39 29.99 -52.89 22.75
N ASP Q 40 29.69 -51.62 22.49
CA ASP Q 40 28.38 -51.09 22.84
C ASP Q 40 27.26 -51.84 22.09
N ALA Q 41 27.47 -52.11 20.80
CA ALA Q 41 26.47 -52.83 20.03
C ALA Q 41 26.29 -54.25 20.56
N LYS Q 42 27.38 -54.88 21.00
CA LYS Q 42 27.28 -56.20 21.62
C LYS Q 42 26.44 -56.13 22.88
N LYS Q 43 26.66 -55.11 23.71
CA LYS Q 43 25.86 -54.95 24.92
C LYS Q 43 24.40 -54.68 24.60
N HIS Q 44 24.11 -54.03 23.48
CA HIS Q 44 22.73 -53.79 23.08
C HIS Q 44 22.02 -55.02 22.54
N GLY Q 45 22.75 -56.08 22.23
CA GLY Q 45 22.15 -57.31 21.75
C GLY Q 45 22.28 -57.59 20.27
N VAL Q 46 23.08 -56.81 19.55
CA VAL Q 46 23.27 -57.07 18.11
C VAL Q 46 24.01 -58.40 17.94
N PRO Q 47 23.61 -59.24 16.98
CA PRO Q 47 24.29 -60.54 16.82
C PRO Q 47 25.78 -60.39 16.53
N GLU Q 48 26.54 -61.36 17.02
CA GLU Q 48 27.99 -61.22 17.10
C GLU Q 48 28.70 -61.43 15.76
N ASP Q 49 28.13 -62.23 14.86
CA ASP Q 49 28.79 -62.47 13.58
C ASP Q 49 28.79 -61.20 12.72
N LEU Q 50 27.66 -60.48 12.67
CA LEU Q 50 27.63 -59.22 11.96
C LEU Q 50 28.67 -58.26 12.51
N LEU Q 51 28.77 -58.19 13.83
CA LEU Q 51 29.79 -57.36 14.46
C LEU Q 51 31.19 -57.83 14.11
N ALA Q 52 31.38 -59.13 13.92
CA ALA Q 52 32.70 -59.65 13.55
C ALA Q 52 33.12 -59.17 12.17
N ASP Q 53 32.22 -59.30 11.18
CA ASP Q 53 32.52 -58.75 9.86
C ASP Q 53 32.80 -57.25 9.93
N ILE Q 54 31.94 -56.50 10.62
CA ILE Q 54 32.11 -55.05 10.66
C ILE Q 54 33.42 -54.68 11.35
N GLU Q 55 33.75 -55.37 12.44
CA GLU Q 55 34.97 -55.06 13.18
C GLU Q 55 36.22 -55.38 12.36
N ARG Q 56 36.23 -56.50 11.65
CA ARG Q 56 37.37 -56.81 10.81
C ARG Q 56 37.56 -55.73 9.74
N ALA Q 57 36.47 -55.37 9.07
CA ALA Q 57 36.58 -54.34 8.03
C ALA Q 57 37.02 -53.01 8.63
N GLY Q 58 36.49 -52.66 9.79
CA GLY Q 58 36.83 -51.38 10.40
C GLY Q 58 38.28 -51.30 10.85
N LEU Q 59 38.80 -52.37 11.44
CA LEU Q 59 40.20 -52.37 11.82
C LEU Q 59 41.10 -52.31 10.60
N ALA Q 60 40.78 -53.07 9.55
CA ALA Q 60 41.58 -53.01 8.34
C ALA Q 60 41.58 -51.60 7.75
N LEU Q 61 40.43 -50.94 7.77
CA LEU Q 61 40.34 -49.62 7.16
C LEU Q 61 40.93 -48.54 8.04
N ALA Q 62 40.95 -48.75 9.36
CA ALA Q 62 41.58 -47.80 10.26
C ALA Q 62 43.10 -47.93 10.24
N GLU Q 63 43.62 -49.10 9.89
CA GLU Q 63 45.06 -49.25 9.76
C GLU Q 63 45.63 -48.24 8.78
N VAL Q 64 44.93 -48.00 7.67
CA VAL Q 64 45.37 -47.03 6.67
C VAL Q 64 44.81 -45.64 6.95
N GLY Q 65 44.18 -45.44 8.09
CA GLY Q 65 43.69 -44.13 8.47
C GLY Q 65 42.62 -43.54 7.57
N ASP Q 66 41.69 -44.36 7.11
CA ASP Q 66 40.59 -43.90 6.26
C ASP Q 66 39.45 -43.48 7.18
N ARG Q 67 39.42 -42.19 7.52
CA ARG Q 67 38.47 -41.70 8.51
C ARG Q 67 37.03 -41.86 8.05
N GLU Q 68 36.72 -41.35 6.87
CA GLU Q 68 35.32 -41.28 6.42
C GLU Q 68 34.68 -42.65 6.39
N ALA Q 69 35.39 -43.66 5.89
CA ALA Q 69 34.85 -45.01 5.86
C ALA Q 69 34.62 -45.56 7.25
N VAL Q 70 35.52 -45.27 8.19
CA VAL Q 70 35.35 -45.73 9.56
C VAL Q 70 34.10 -45.12 10.19
N LEU Q 71 33.88 -43.82 9.96
CA LEU Q 71 32.68 -43.22 10.53
C LEU Q 71 31.42 -43.74 9.85
N LEU Q 72 31.49 -44.06 8.56
CA LEU Q 72 30.35 -44.71 7.91
C LEU Q 72 30.06 -46.06 8.55
N LEU Q 73 31.10 -46.82 8.89
CA LEU Q 73 30.90 -48.11 9.55
C LEU Q 73 30.31 -47.94 10.94
N VAL Q 74 30.70 -46.88 11.65
CA VAL Q 74 30.12 -46.63 12.97
C VAL Q 74 28.64 -46.28 12.85
N ARG Q 75 28.28 -45.49 11.83
CA ARG Q 75 26.87 -45.24 11.56
C ARG Q 75 26.12 -46.54 11.28
N LEU Q 76 26.73 -47.43 10.51
CA LEU Q 76 26.12 -48.73 10.23
C LEU Q 76 25.91 -49.53 11.50
N ILE Q 77 26.89 -49.50 12.41
CA ILE Q 77 26.74 -50.21 13.68
C ILE Q 77 25.57 -49.66 14.48
N ASN Q 78 25.44 -48.33 14.54
CA ASN Q 78 24.35 -47.75 15.31
C ASN Q 78 22.98 -48.09 14.70
N ALA Q 79 22.89 -48.06 13.37
CA ALA Q 79 21.66 -48.47 12.72
C ALA Q 79 21.34 -49.94 13.00
N LEU Q 80 22.38 -50.78 13.02
CA LEU Q 80 22.17 -52.17 13.39
C LEU Q 80 21.69 -52.31 14.82
N ILE Q 81 22.15 -51.45 15.72
CA ILE Q 81 21.64 -51.46 17.09
C ILE Q 81 20.15 -51.20 17.09
N VAL Q 82 19.72 -50.18 16.35
CA VAL Q 82 18.29 -49.86 16.29
C VAL Q 82 17.51 -51.03 15.74
N ALA Q 83 17.99 -51.62 14.64
CA ALA Q 83 17.28 -52.72 14.01
C ALA Q 83 17.21 -53.95 14.91
N ALA Q 84 18.27 -54.23 15.66
CA ALA Q 84 18.28 -55.38 16.56
C ALA Q 84 17.33 -55.18 17.73
N GLU Q 85 17.26 -53.96 18.26
CA GLU Q 85 16.29 -53.69 19.32
C GLU Q 85 14.86 -53.82 18.80
N ALA Q 86 14.62 -53.40 17.56
CA ALA Q 86 13.27 -53.52 17.00
C ALA Q 86 12.87 -54.99 16.83
N GLY Q 87 13.75 -55.81 16.28
CA GLY Q 87 13.42 -57.21 16.06
C GLY Q 87 13.39 -57.60 14.60
N VAL Q 88 14.21 -56.95 13.78
CA VAL Q 88 14.25 -57.26 12.35
C VAL Q 88 14.85 -58.65 12.16
N PRO Q 89 14.36 -59.46 11.23
CA PRO Q 89 14.90 -60.83 11.07
C PRO Q 89 16.37 -60.83 10.66
N LYS Q 90 17.02 -61.97 10.93
CA LYS Q 90 18.47 -62.06 10.82
C LYS Q 90 18.95 -62.07 9.37
N GLU Q 91 18.21 -62.69 8.45
CA GLU Q 91 18.67 -62.76 7.06
C GLU Q 91 18.78 -61.37 6.45
N ALA Q 92 17.76 -60.53 6.67
CA ALA Q 92 17.82 -59.16 6.23
C ALA Q 92 18.98 -58.43 6.86
N LEU Q 93 19.23 -58.69 8.14
CA LEU Q 93 20.35 -58.05 8.82
C LEU Q 93 21.68 -58.42 8.18
N VAL Q 94 21.85 -59.69 7.82
CA VAL Q 94 23.09 -60.13 7.19
C VAL Q 94 23.29 -59.42 5.85
N VAL Q 95 22.23 -59.39 5.04
CA VAL Q 95 22.35 -58.74 3.73
C VAL Q 95 22.65 -57.25 3.88
N ILE Q 96 21.95 -56.58 4.79
CA ILE Q 96 22.19 -55.15 5.00
C ILE Q 96 23.59 -54.91 5.53
N THR Q 97 24.09 -55.78 6.40
CA THR Q 97 25.44 -55.58 6.94
C THR Q 97 26.49 -55.68 5.84
N HIS Q 98 26.37 -56.70 4.98
CA HIS Q 98 27.34 -56.84 3.89
C HIS Q 98 27.26 -55.65 2.94
N ALA Q 99 26.04 -55.24 2.59
CA ALA Q 99 25.88 -54.09 1.71
C ALA Q 99 26.45 -52.83 2.34
N GLY Q 100 26.26 -52.64 3.64
CA GLY Q 100 26.77 -51.47 4.31
C GLY Q 100 28.28 -51.44 4.37
N ILE Q 101 28.92 -52.59 4.57
CA ILE Q 101 30.38 -52.63 4.54
C ILE Q 101 30.88 -52.24 3.16
N LEU Q 102 30.27 -52.80 2.11
CA LEU Q 102 30.72 -52.48 0.76
C LEU Q 102 30.48 -51.02 0.42
N LEU Q 103 29.39 -50.44 0.94
CA LEU Q 103 29.10 -49.04 0.65
C LEU Q 103 29.97 -48.09 1.48
N ALA Q 104 30.39 -48.52 2.67
CA ALA Q 104 31.36 -47.73 3.42
C ALA Q 104 32.70 -47.72 2.71
N LEU Q 105 33.10 -48.85 2.14
CA LEU Q 105 34.31 -48.86 1.32
C LEU Q 105 34.17 -47.91 0.14
N ASP Q 106 32.96 -47.72 -0.38
CA ASP Q 106 32.66 -46.77 -1.43
C ASP Q 106 32.85 -45.33 -1.01
N ARG Q 107 32.78 -45.05 0.30
CA ARG Q 107 32.66 -43.68 0.80
C ARG Q 107 31.46 -42.98 0.19
N ASP Q 108 30.37 -43.73 0.03
CA ASP Q 108 29.15 -43.23 -0.61
C ASP Q 108 28.17 -42.82 0.47
N GLU Q 109 28.16 -41.52 0.79
CA GLU Q 109 27.28 -41.04 1.86
C GLU Q 109 25.81 -41.15 1.46
N GLU Q 110 25.48 -40.90 0.20
CA GLU Q 110 24.08 -40.96 -0.22
C GLU Q 110 23.53 -42.38 -0.15
N ALA Q 111 24.30 -43.36 -0.66
CA ALA Q 111 23.86 -44.74 -0.59
C ALA Q 111 23.80 -45.24 0.84
N VAL Q 112 24.75 -44.84 1.68
CA VAL Q 112 24.73 -45.22 3.08
C VAL Q 112 23.51 -44.65 3.78
N ASP Q 113 23.15 -43.40 3.46
CA ASP Q 113 21.97 -42.81 4.05
C ASP Q 113 20.70 -43.50 3.59
N ALA Q 114 20.66 -43.92 2.32
CA ALA Q 114 19.53 -44.71 1.85
C ALA Q 114 19.43 -46.04 2.59
N LEU Q 115 20.58 -46.68 2.84
CA LEU Q 115 20.58 -47.94 3.59
C LEU Q 115 20.10 -47.72 5.02
N LEU Q 116 20.53 -46.64 5.66
CA LEU Q 116 20.08 -46.36 7.02
C LEU Q 116 18.58 -46.06 7.05
N GLU Q 117 18.08 -45.35 6.04
CA GLU Q 117 16.65 -45.11 5.95
C GLU Q 117 15.88 -46.40 5.78
N LEU Q 118 16.41 -47.32 4.97
CA LEU Q 118 15.79 -48.64 4.83
C LEU Q 118 15.77 -49.39 6.15
N ILE Q 119 16.88 -49.34 6.90
CA ILE Q 119 16.92 -50.00 8.20
C ILE Q 119 15.88 -49.41 9.13
N ASP Q 120 15.73 -48.10 9.11
CA ASP Q 120 14.72 -47.46 9.95
C ASP Q 120 13.31 -47.91 9.58
N ARG Q 121 13.02 -47.98 8.28
CA ARG Q 121 11.69 -48.41 7.85
C ARG Q 121 11.43 -49.87 8.21
N LEU Q 122 12.44 -50.73 8.07
CA LEU Q 122 12.26 -52.13 8.45
C LEU Q 122 12.08 -52.27 9.95
N ALA Q 123 12.77 -51.45 10.73
CA ALA Q 123 12.58 -51.47 12.18
C ALA Q 123 11.16 -51.06 12.55
N ARG Q 124 10.63 -50.03 11.89
CA ARG Q 124 9.25 -49.64 12.14
C ARG Q 124 8.29 -50.76 11.74
N ALA Q 125 8.55 -51.43 10.62
CA ALA Q 125 7.69 -52.53 10.19
C ALA Q 125 7.73 -53.68 11.20
N ALA Q 126 8.91 -54.00 11.72
CA ALA Q 126 9.01 -55.08 12.69
C ALA Q 126 8.32 -54.72 14.01
N LYS Q 127 8.44 -53.46 14.43
CA LYS Q 127 7.77 -53.03 15.65
C LYS Q 127 6.25 -52.99 15.47
N ALA Q 128 5.77 -52.70 14.27
CA ALA Q 128 4.34 -52.63 14.02
C ALA Q 128 3.69 -53.99 13.89
N GLY Q 129 4.46 -55.06 13.81
CA GLY Q 129 3.90 -56.39 13.68
C GLY Q 129 3.75 -56.89 12.27
N VAL Q 130 4.37 -56.24 11.29
CA VAL Q 130 4.30 -56.71 9.90
C VAL Q 130 4.90 -58.11 9.83
N PRO Q 131 4.31 -59.04 9.08
CA PRO Q 131 4.80 -60.43 9.10
C PRO Q 131 6.26 -60.53 8.70
N LYS Q 132 6.92 -61.56 9.24
CA LYS Q 132 8.36 -61.72 9.02
C LYS Q 132 8.68 -61.95 7.54
N GLU Q 133 7.84 -62.71 6.84
CA GLU Q 133 8.13 -63.05 5.45
C GLU Q 133 8.16 -61.80 4.57
N ALA Q 134 7.18 -60.91 4.75
CA ALA Q 134 7.16 -59.67 3.97
C ALA Q 134 8.38 -58.82 4.25
N ILE Q 135 8.76 -58.70 5.52
CA ILE Q 135 9.92 -57.91 5.89
C ILE Q 135 11.17 -58.48 5.24
N VAL Q 136 11.34 -59.81 5.34
CA VAL Q 136 12.52 -60.44 4.77
C VAL Q 136 12.58 -60.21 3.27
N THR Q 137 11.46 -60.44 2.58
CA THR Q 137 11.45 -60.30 1.12
C THR Q 137 11.82 -58.89 0.70
N VAL Q 138 11.10 -57.89 1.21
CA VAL Q 138 11.30 -56.53 0.74
C VAL Q 138 12.65 -56.00 1.20
N GLY Q 139 13.07 -56.34 2.43
CA GLY Q 139 14.36 -55.86 2.91
C GLY Q 139 15.52 -56.45 2.13
N VAL Q 140 15.50 -57.74 1.86
CA VAL Q 140 16.58 -58.35 1.08
C VAL Q 140 16.62 -57.75 -0.32
N ALA Q 141 15.46 -57.59 -0.95
CA ALA Q 141 15.45 -57.02 -2.31
C ALA Q 141 16.00 -55.60 -2.32
N ALA Q 142 15.56 -54.76 -1.38
CA ALA Q 142 16.00 -53.37 -1.36
C ALA Q 142 17.48 -53.27 -1.02
N ALA Q 143 17.96 -54.09 -0.09
CA ALA Q 143 19.38 -54.07 0.25
C ALA Q 143 20.24 -54.51 -0.92
N HIS Q 144 19.81 -55.54 -1.65
CA HIS Q 144 20.56 -55.96 -2.83
C HIS Q 144 20.59 -54.87 -3.88
N LEU Q 145 19.45 -54.20 -4.10
CA LEU Q 145 19.43 -53.12 -5.07
C LEU Q 145 20.34 -51.97 -4.64
N LEU Q 146 20.38 -51.65 -3.35
CA LEU Q 146 21.28 -50.61 -2.88
C LEU Q 146 22.74 -51.01 -3.04
N GLN Q 147 23.04 -52.29 -2.86
CA GLN Q 147 24.42 -52.76 -3.06
C GLN Q 147 24.84 -52.65 -4.53
N ASP Q 148 23.90 -52.81 -5.46
CA ASP Q 148 24.20 -52.72 -6.88
C ASP Q 148 24.06 -51.32 -7.44
N ARG Q 149 24.00 -50.31 -6.56
CA ARG Q 149 23.88 -48.91 -6.95
C ARG Q 149 22.68 -48.67 -7.86
N ASP Q 150 21.52 -49.17 -7.45
CA ASP Q 150 20.26 -48.99 -8.16
C ASP Q 150 19.32 -48.19 -7.26
N LEU Q 151 19.41 -46.87 -7.36
CA LEU Q 151 18.69 -46.01 -6.41
C LEU Q 151 17.20 -45.90 -6.72
N PRO Q 152 16.75 -45.68 -7.95
CA PRO Q 152 15.29 -45.53 -8.17
C PRO Q 152 14.48 -46.75 -7.76
N ARG Q 153 14.97 -47.95 -8.06
CA ARG Q 153 14.25 -49.15 -7.65
C ARG Q 153 14.28 -49.34 -6.14
N ALA Q 154 15.39 -48.98 -5.50
CA ALA Q 154 15.46 -49.04 -4.05
C ALA Q 154 14.46 -48.08 -3.41
N LEU Q 155 14.30 -46.89 -4.00
CA LEU Q 155 13.31 -45.94 -3.47
C LEU Q 155 11.89 -46.45 -3.67
N ARG Q 156 11.62 -47.11 -4.80
CA ARG Q 156 10.33 -47.74 -4.97
C ARG Q 156 10.06 -48.80 -3.91
N LEU Q 157 11.07 -49.59 -3.59
CA LEU Q 157 10.90 -50.61 -2.55
C LEU Q 157 10.72 -49.98 -1.17
N LEU Q 158 11.36 -48.85 -0.92
CA LEU Q 158 11.13 -48.14 0.34
C LEU Q 158 9.69 -47.68 0.45
N GLU Q 159 9.12 -47.19 -0.66
CA GLU Q 159 7.70 -46.86 -0.67
C GLU Q 159 6.85 -48.09 -0.38
N VAL Q 160 7.27 -49.24 -0.90
CA VAL Q 160 6.54 -50.48 -0.61
C VAL Q 160 6.55 -50.77 0.88
N VAL Q 161 7.70 -50.60 1.55
CA VAL Q 161 7.77 -50.86 2.99
C VAL Q 161 6.85 -49.92 3.76
N ASP Q 162 6.85 -48.64 3.38
CA ASP Q 162 5.95 -47.68 4.02
C ASP Q 162 4.50 -48.10 3.85
N LYS Q 163 4.14 -48.56 2.64
CA LYS Q 163 2.78 -49.01 2.39
C LYS Q 163 2.44 -50.23 3.23
N LEU Q 164 3.39 -51.14 3.42
CA LEU Q 164 3.15 -52.30 4.26
C LEU Q 164 2.86 -51.89 5.70
N VAL Q 165 3.61 -50.94 6.22
CA VAL Q 165 3.38 -50.48 7.59
C VAL Q 165 2.00 -49.86 7.72
N HIS Q 166 1.62 -49.02 6.77
CA HIS Q 166 0.28 -48.43 6.83
C HIS Q 166 -0.81 -49.48 6.70
N MET Q 167 -0.62 -50.48 5.84
CA MET Q 167 -1.58 -51.54 5.68
C MET Q 167 -1.76 -52.35 6.96
N LYS Q 168 -0.66 -52.64 7.65
CA LYS Q 168 -0.78 -53.31 8.95
C LYS Q 168 -1.53 -52.44 9.94
N ALA Q 169 -1.24 -51.14 9.97
CA ALA Q 169 -1.99 -50.24 10.85
C ALA Q 169 -3.47 -50.16 10.51
N LEU Q 170 -3.85 -50.45 9.27
CA LEU Q 170 -5.23 -50.37 8.83
C LEU Q 170 -6.02 -51.66 9.11
N GLY Q 171 -5.40 -52.67 9.69
CA GLY Q 171 -6.09 -53.90 10.00
C GLY Q 171 -6.11 -54.95 8.91
N VAL Q 172 -5.35 -54.75 7.83
CA VAL Q 172 -5.29 -55.76 6.77
C VAL Q 172 -4.65 -57.03 7.33
N PRO Q 173 -5.19 -58.21 7.06
CA PRO Q 173 -4.60 -59.44 7.60
C PRO Q 173 -3.26 -59.76 6.97
N ASP Q 174 -2.55 -60.70 7.60
CA ASP Q 174 -1.17 -61.00 7.22
C ASP Q 174 -1.08 -61.58 5.82
N GLU Q 175 -2.10 -62.34 5.40
CA GLU Q 175 -2.05 -62.99 4.10
C GLU Q 175 -1.97 -61.97 2.97
N GLU Q 176 -2.84 -60.96 2.99
CA GLU Q 176 -2.80 -59.94 1.95
C GLU Q 176 -1.55 -59.09 2.03
N ILE Q 177 -1.04 -58.84 3.24
CA ILE Q 177 0.21 -58.10 3.36
C ILE Q 177 1.36 -58.86 2.70
N ILE Q 178 1.45 -60.16 2.98
CA ILE Q 178 2.51 -60.97 2.37
C ILE Q 178 2.33 -61.03 0.86
N ALA Q 179 1.10 -61.21 0.39
CA ALA Q 179 0.86 -61.28 -1.05
C ALA Q 179 1.26 -59.98 -1.73
N TYR Q 180 0.84 -58.84 -1.17
CA TYR Q 180 1.17 -57.56 -1.79
C TYR Q 180 2.67 -57.33 -1.78
N ALA Q 181 3.35 -57.67 -0.69
CA ALA Q 181 4.79 -57.53 -0.65
C ALA Q 181 5.47 -58.38 -1.71
N LYS Q 182 5.02 -59.63 -1.86
CA LYS Q 182 5.60 -60.50 -2.86
C LYS Q 182 5.41 -59.95 -4.26
N GLU Q 183 4.19 -59.49 -4.57
CA GLU Q 183 3.93 -58.96 -5.90
C GLU Q 183 4.77 -57.73 -6.20
N GLU Q 184 4.86 -56.80 -5.25
CA GLU Q 184 5.67 -55.60 -5.47
C GLU Q 184 7.15 -55.94 -5.61
N THR Q 185 7.63 -56.90 -4.82
CA THR Q 185 9.03 -57.27 -4.92
C THR Q 185 9.35 -57.94 -6.26
N GLU Q 186 8.48 -58.81 -6.76
CA GLU Q 186 8.77 -59.41 -8.06
C GLU Q 186 8.63 -58.37 -9.17
N ARG Q 187 7.76 -57.39 -8.97
CA ARG Q 187 7.68 -56.28 -9.91
C ARG Q 187 9.00 -55.52 -9.97
N ALA Q 188 9.60 -55.28 -8.80
CA ALA Q 188 10.88 -54.58 -8.76
C ALA Q 188 12.00 -55.41 -9.38
N TYR Q 189 12.09 -56.69 -8.99
CA TYR Q 189 13.14 -57.55 -9.52
C TYR Q 189 13.01 -57.73 -11.04
N LYS Q 190 11.80 -57.95 -11.52
CA LYS Q 190 11.59 -58.17 -12.95
C LYS Q 190 11.97 -56.92 -13.75
N GLY Q 191 11.64 -55.74 -13.23
CA GLY Q 191 11.92 -54.49 -13.91
C GLY Q 191 10.70 -53.72 -14.33
N GLU Q 192 9.50 -54.26 -14.13
CA GLU Q 192 8.27 -53.55 -14.48
C GLU Q 192 8.14 -52.26 -13.68
N GLY R 23 -27.25 5.96 2.34
CA GLY R 23 -28.43 5.21 2.69
C GLY R 23 -28.84 4.23 1.61
N THR R 24 -28.43 2.98 1.77
CA THR R 24 -28.75 1.94 0.81
C THR R 24 -30.19 1.44 0.94
N ALA R 25 -30.80 1.61 2.11
CA ALA R 25 -32.20 1.24 2.26
C ALA R 25 -33.10 2.15 1.44
N GLU R 26 -32.78 3.44 1.38
CA GLU R 26 -33.51 4.35 0.51
C GLU R 26 -33.30 3.98 -0.96
N ALA R 27 -32.09 3.55 -1.31
CA ALA R 27 -31.84 3.09 -2.68
C ALA R 27 -32.68 1.87 -3.01
N LEU R 28 -32.80 0.94 -2.07
CA LEU R 28 -33.66 -0.22 -2.29
C LEU R 28 -35.12 0.18 -2.42
N LEU R 29 -35.56 1.15 -1.62
CA LEU R 29 -36.93 1.64 -1.75
C LEU R 29 -37.19 2.25 -3.12
N LEU R 30 -36.25 3.06 -3.62
CA LEU R 30 -36.41 3.67 -4.93
C LEU R 30 -36.39 2.62 -6.03
N ALA R 31 -35.51 1.63 -5.92
CA ALA R 31 -35.49 0.54 -6.89
C ALA R 31 -36.81 -0.21 -6.91
N ARG R 32 -37.37 -0.49 -5.74
CA ARG R 32 -38.66 -1.17 -5.69
C ARG R 32 -39.76 -0.32 -6.28
N ALA R 33 -39.71 0.99 -6.07
CA ALA R 33 -40.69 1.89 -6.69
C ALA R 33 -40.62 1.80 -8.22
N ILE R 34 -39.41 1.87 -8.77
CA ILE R 34 -39.24 1.78 -10.22
C ILE R 34 -39.75 0.46 -10.75
N VAL R 35 -39.38 -0.65 -10.08
CA VAL R 35 -39.74 -1.97 -10.56
C VAL R 35 -41.25 -2.17 -10.50
N SER R 36 -41.89 -1.70 -9.42
CA SER R 36 -43.33 -1.81 -9.29
C SER R 36 -44.05 -1.01 -10.38
N ALA R 37 -43.58 0.21 -10.65
CA ALA R 37 -44.18 1.00 -11.71
C ALA R 37 -44.03 0.32 -13.07
N VAL R 38 -42.86 -0.25 -13.33
CA VAL R 38 -42.64 -0.91 -14.61
C VAL R 38 -43.55 -2.13 -14.77
N GLU R 39 -43.69 -2.93 -13.71
CA GLU R 39 -44.56 -4.09 -13.78
C GLU R 39 -46.03 -3.69 -13.97
N ASP R 40 -46.47 -2.64 -13.28
CA ASP R 40 -47.83 -2.16 -13.48
C ASP R 40 -48.05 -1.69 -14.92
N ALA R 41 -47.09 -0.95 -15.47
CA ALA R 41 -47.22 -0.49 -16.84
C ALA R 41 -47.24 -1.66 -17.82
N LYS R 42 -46.42 -2.68 -17.57
CA LYS R 42 -46.44 -3.87 -18.41
C LYS R 42 -47.79 -4.55 -18.36
N LYS R 43 -48.41 -4.61 -17.18
CA LYS R 43 -49.76 -5.15 -17.07
C LYS R 43 -50.77 -4.28 -17.82
N HIS R 44 -50.52 -2.98 -17.90
CA HIS R 44 -51.43 -2.07 -18.59
C HIS R 44 -51.33 -2.13 -20.11
N GLY R 45 -50.26 -2.69 -20.66
CA GLY R 45 -50.09 -2.77 -22.09
C GLY R 45 -49.10 -1.81 -22.70
N VAL R 46 -48.21 -1.22 -21.92
CA VAL R 46 -47.17 -0.33 -22.47
C VAL R 46 -46.13 -1.18 -23.19
N PRO R 47 -45.59 -0.74 -24.33
CA PRO R 47 -44.57 -1.53 -25.02
C PRO R 47 -43.34 -1.77 -24.16
N GLU R 48 -42.76 -2.96 -24.33
CA GLU R 48 -41.74 -3.45 -23.41
C GLU R 48 -40.39 -2.79 -23.60
N ASP R 49 -40.05 -2.39 -24.83
CA ASP R 49 -38.74 -1.78 -25.06
C ASP R 49 -38.61 -0.44 -24.36
N LEU R 50 -39.66 0.40 -24.42
CA LEU R 50 -39.65 1.67 -23.71
C LEU R 50 -39.48 1.45 -22.22
N LEU R 51 -40.19 0.47 -21.67
CA LEU R 51 -40.05 0.16 -20.25
C LEU R 51 -38.65 -0.34 -19.94
N ALA R 52 -38.00 -1.02 -20.88
CA ALA R 52 -36.62 -1.45 -20.66
C ALA R 52 -35.69 -0.26 -20.53
N ASP R 53 -35.81 0.72 -21.44
CA ASP R 53 -34.99 1.93 -21.30
C ASP R 53 -35.25 2.64 -19.97
N ILE R 54 -36.53 2.82 -19.63
CA ILE R 54 -36.86 3.56 -18.41
C ILE R 54 -36.37 2.81 -17.19
N GLU R 55 -36.48 1.49 -17.18
CA GLU R 55 -36.03 0.70 -16.04
C GLU R 55 -34.53 0.78 -15.86
N ARG R 56 -33.77 0.68 -16.96
CA ARG R 56 -32.32 0.80 -16.84
C ARG R 56 -31.93 2.15 -16.26
N ALA R 57 -32.51 3.23 -16.81
CA ALA R 57 -32.20 4.55 -16.29
C ALA R 57 -32.60 4.69 -14.82
N GLY R 58 -33.77 4.17 -14.46
CA GLY R 58 -34.25 4.32 -13.10
C GLY R 58 -33.41 3.56 -12.09
N LEU R 59 -33.00 2.34 -12.42
CA LEU R 59 -32.13 1.60 -11.52
C LEU R 59 -30.77 2.26 -11.38
N ALA R 60 -30.25 2.80 -12.49
CA ALA R 60 -28.99 3.55 -12.40
C ALA R 60 -29.11 4.74 -11.47
N LEU R 61 -30.24 5.47 -11.55
CA LEU R 61 -30.40 6.65 -10.71
C LEU R 61 -30.73 6.28 -9.27
N ALA R 62 -31.37 5.13 -9.04
CA ALA R 62 -31.67 4.70 -7.70
C ALA R 62 -30.43 4.18 -6.99
N GLU R 63 -29.44 3.67 -7.73
CA GLU R 63 -28.21 3.23 -7.11
C GLU R 63 -27.52 4.35 -6.34
N VAL R 64 -27.66 5.60 -6.80
CA VAL R 64 -27.02 6.74 -6.16
C VAL R 64 -27.98 7.52 -5.29
N GLY R 65 -29.19 7.01 -5.07
CA GLY R 65 -30.16 7.67 -4.22
C GLY R 65 -30.63 9.01 -4.75
N ASP R 66 -30.89 9.11 -6.05
CA ASP R 66 -31.40 10.33 -6.66
C ASP R 66 -32.93 10.26 -6.66
N ARG R 67 -33.55 10.88 -5.66
CA ARG R 67 -34.99 10.76 -5.49
C ARG R 67 -35.75 11.45 -6.61
N GLU R 68 -35.50 12.74 -6.81
CA GLU R 68 -36.30 13.53 -7.75
C GLU R 68 -36.28 12.94 -9.14
N ALA R 69 -35.12 12.50 -9.61
CA ALA R 69 -35.04 11.90 -10.94
C ALA R 69 -35.85 10.61 -11.03
N VAL R 70 -35.79 9.77 -10.00
CA VAL R 70 -36.52 8.51 -10.01
C VAL R 70 -38.02 8.77 -10.04
N LEU R 71 -38.50 9.73 -9.25
CA LEU R 71 -39.94 9.98 -9.25
C LEU R 71 -40.39 10.67 -10.52
N LEU R 72 -39.52 11.45 -11.16
CA LEU R 72 -39.85 11.98 -12.49
C LEU R 72 -39.96 10.86 -13.52
N LEU R 73 -39.10 9.85 -13.41
CA LEU R 73 -39.23 8.69 -14.28
C LEU R 73 -40.53 7.93 -14.03
N VAL R 74 -40.96 7.85 -12.76
CA VAL R 74 -42.23 7.21 -12.45
C VAL R 74 -43.40 8.00 -13.06
N ARG R 75 -43.31 9.33 -13.01
CA ARG R 75 -44.32 10.16 -13.68
C ARG R 75 -44.36 9.88 -15.17
N LEU R 76 -43.19 9.76 -15.80
CA LEU R 76 -43.13 9.43 -17.21
C LEU R 76 -43.78 8.07 -17.49
N ILE R 77 -43.55 7.09 -16.61
CA ILE R 77 -44.14 5.77 -16.79
C ILE R 77 -45.66 5.86 -16.76
N ASN R 78 -46.22 6.61 -15.82
CA ASN R 78 -47.67 6.73 -15.74
C ASN R 78 -48.23 7.43 -16.98
N ALA R 79 -47.53 8.46 -17.45
CA ALA R 79 -47.96 9.11 -18.70
C ALA R 79 -47.94 8.14 -19.87
N LEU R 80 -46.92 7.29 -19.94
CA LEU R 80 -46.88 6.28 -20.98
C LEU R 80 -48.02 5.29 -20.87
N ILE R 81 -48.43 4.96 -19.65
CA ILE R 81 -49.61 4.11 -19.46
C ILE R 81 -50.82 4.76 -20.10
N VAL R 82 -51.02 6.05 -19.84
CA VAL R 82 -52.16 6.76 -20.43
C VAL R 82 -52.07 6.75 -21.95
N ALA R 83 -50.88 7.04 -22.48
CA ALA R 83 -50.72 7.13 -23.93
C ALA R 83 -50.94 5.78 -24.60
N ALA R 84 -50.43 4.70 -24.01
CA ALA R 84 -50.62 3.37 -24.57
C ALA R 84 -52.08 2.97 -24.53
N GLU R 85 -52.79 3.32 -23.45
CA GLU R 85 -54.22 3.03 -23.41
C GLU R 85 -54.96 3.78 -24.51
N ALA R 86 -54.56 5.02 -24.78
CA ALA R 86 -55.23 5.80 -25.81
C ALA R 86 -55.00 5.21 -27.21
N GLY R 87 -53.75 4.84 -27.51
CA GLY R 87 -53.43 4.31 -28.82
C GLY R 87 -52.46 5.18 -29.60
N VAL R 88 -51.63 5.92 -28.89
CA VAL R 88 -50.65 6.81 -29.53
C VAL R 88 -49.65 5.97 -30.31
N PRO R 89 -49.26 6.36 -31.52
CA PRO R 89 -48.34 5.55 -32.33
C PRO R 89 -46.98 5.37 -31.66
N LYS R 90 -46.30 4.29 -32.06
CA LYS R 90 -45.08 3.88 -31.37
C LYS R 90 -43.91 4.83 -31.60
N GLU R 91 -43.83 5.46 -32.77
CA GLU R 91 -42.70 6.34 -33.06
C GLU R 91 -42.66 7.52 -32.11
N ALA R 92 -43.82 8.18 -31.94
CA ALA R 92 -43.90 9.29 -31.00
C ALA R 92 -43.59 8.82 -29.59
N LEU R 93 -44.03 7.61 -29.23
CA LEU R 93 -43.77 7.08 -27.90
C LEU R 93 -42.27 6.88 -27.66
N VAL R 94 -41.55 6.38 -28.68
CA VAL R 94 -40.11 6.18 -28.53
C VAL R 94 -39.40 7.51 -28.34
N VAL R 95 -39.75 8.49 -29.18
CA VAL R 95 -39.11 9.80 -29.07
C VAL R 95 -39.42 10.43 -27.71
N ILE R 96 -40.67 10.29 -27.25
CA ILE R 96 -41.08 10.84 -25.96
C ILE R 96 -40.33 10.17 -24.82
N THR R 97 -40.17 8.85 -24.89
CA THR R 97 -39.47 8.13 -23.82
C THR R 97 -38.02 8.58 -23.73
N HIS R 98 -37.35 8.73 -24.86
CA HIS R 98 -35.95 9.15 -24.82
C HIS R 98 -35.83 10.59 -24.28
N ALA R 99 -36.69 11.48 -24.77
CA ALA R 99 -36.68 12.85 -24.26
C ALA R 99 -36.98 12.88 -22.76
N GLY R 100 -37.91 12.05 -22.31
CA GLY R 100 -38.28 12.05 -20.90
C GLY R 100 -37.18 11.52 -20.02
N ILE R 101 -36.46 10.49 -20.47
CA ILE R 101 -35.34 9.99 -19.69
C ILE R 101 -34.28 11.09 -19.56
N LEU R 102 -33.98 11.77 -20.66
CA LEU R 102 -32.98 12.83 -20.59
C LEU R 102 -33.45 13.99 -19.70
N LEU R 103 -34.74 14.32 -19.72
CA LEU R 103 -35.24 15.41 -18.89
C LEU R 103 -35.29 15.03 -17.42
N ALA R 104 -35.64 13.78 -17.11
CA ALA R 104 -35.58 13.34 -15.72
C ALA R 104 -34.14 13.32 -15.21
N LEU R 105 -33.17 13.07 -16.09
CA LEU R 105 -31.78 13.26 -15.71
C LEU R 105 -31.49 14.70 -15.35
N ASP R 106 -32.10 15.66 -16.06
CA ASP R 106 -31.91 17.08 -15.78
C ASP R 106 -32.49 17.50 -14.45
N ARG R 107 -33.39 16.70 -13.87
CA ARG R 107 -34.27 17.14 -12.78
C ARG R 107 -35.05 18.38 -13.18
N ASP R 108 -35.44 18.42 -14.46
CA ASP R 108 -36.14 19.57 -15.02
C ASP R 108 -37.63 19.34 -14.89
N GLU R 109 -38.21 19.82 -13.79
CA GLU R 109 -39.62 19.59 -13.53
C GLU R 109 -40.52 20.31 -14.52
N GLU R 110 -40.15 21.51 -14.94
CA GLU R 110 -40.98 22.26 -15.88
C GLU R 110 -41.01 21.59 -17.25
N ALA R 111 -39.85 21.17 -17.75
CA ALA R 111 -39.82 20.48 -19.04
C ALA R 111 -40.54 19.14 -18.98
N VAL R 112 -40.43 18.44 -17.85
CA VAL R 112 -41.16 17.19 -17.69
C VAL R 112 -42.66 17.44 -17.69
N ASP R 113 -43.09 18.52 -17.04
CA ASP R 113 -44.51 18.88 -17.06
C ASP R 113 -44.99 19.18 -18.48
N ALA R 114 -44.17 19.90 -19.25
CA ALA R 114 -44.54 20.16 -20.63
C ALA R 114 -44.63 18.88 -21.44
N LEU R 115 -43.70 17.95 -21.22
CA LEU R 115 -43.75 16.66 -21.91
C LEU R 115 -45.00 15.88 -21.55
N LEU R 116 -45.37 15.86 -20.27
CA LEU R 116 -46.55 15.13 -19.84
C LEU R 116 -47.82 15.74 -20.43
N GLU R 117 -47.87 17.08 -20.51
CA GLU R 117 -49.04 17.70 -21.11
C GLU R 117 -49.10 17.42 -22.61
N LEU R 118 -47.93 17.33 -23.26
CA LEU R 118 -47.89 16.92 -24.66
C LEU R 118 -48.43 15.51 -24.82
N ILE R 119 -48.03 14.59 -23.93
CA ILE R 119 -48.53 13.22 -23.98
C ILE R 119 -50.05 13.20 -23.82
N ASP R 120 -50.56 14.01 -22.90
CA ASP R 120 -52.01 14.08 -22.68
C ASP R 120 -52.73 14.56 -23.94
N ARG R 121 -52.21 15.61 -24.59
CA ARG R 121 -52.84 16.10 -25.81
C ARG R 121 -52.78 15.07 -26.93
N LEU R 122 -51.65 14.37 -27.06
CA LEU R 122 -51.55 13.34 -28.09
C LEU R 122 -52.50 12.18 -27.82
N ALA R 123 -52.69 11.83 -26.54
CA ALA R 123 -53.65 10.79 -26.20
C ALA R 123 -55.07 11.21 -26.55
N ARG R 124 -55.44 12.46 -26.27
CA ARG R 124 -56.75 12.95 -26.65
C ARG R 124 -56.92 12.94 -28.17
N ALA R 125 -55.88 13.34 -28.89
CA ALA R 125 -55.96 13.34 -30.35
C ALA R 125 -56.12 11.93 -30.90
N ALA R 126 -55.40 10.96 -30.33
CA ALA R 126 -55.54 9.58 -30.76
C ALA R 126 -56.93 9.04 -30.48
N LYS R 127 -57.46 9.31 -29.29
CA LYS R 127 -58.80 8.85 -28.97
C LYS R 127 -59.86 9.52 -29.84
N ALA R 128 -59.61 10.75 -30.27
CA ALA R 128 -60.59 11.49 -31.05
C ALA R 128 -60.62 11.09 -32.52
N GLY R 129 -59.68 10.26 -32.98
CA GLY R 129 -59.67 9.85 -34.36
C GLY R 129 -58.83 10.69 -35.29
N VAL R 130 -57.96 11.53 -34.76
CA VAL R 130 -57.05 12.30 -35.62
C VAL R 130 -56.14 11.34 -36.37
N PRO R 131 -55.88 11.56 -37.66
CA PRO R 131 -55.08 10.60 -38.42
C PRO R 131 -53.70 10.38 -37.84
N LYS R 132 -53.22 9.14 -37.97
CA LYS R 132 -51.97 8.74 -37.33
C LYS R 132 -50.78 9.54 -37.85
N GLU R 133 -50.78 9.88 -39.13
CA GLU R 133 -49.66 10.60 -39.72
C GLU R 133 -49.49 11.97 -39.06
N ALA R 134 -50.59 12.70 -38.87
CA ALA R 134 -50.51 14.01 -38.23
C ALA R 134 -50.02 13.91 -36.80
N ILE R 135 -50.53 12.92 -36.06
CA ILE R 135 -50.11 12.73 -34.68
C ILE R 135 -48.61 12.44 -34.62
N VAL R 136 -48.14 11.56 -35.49
CA VAL R 136 -46.71 11.23 -35.49
C VAL R 136 -45.88 12.47 -35.80
N THR R 137 -46.29 13.23 -36.82
CA THR R 137 -45.54 14.43 -37.20
C THR R 137 -45.43 15.41 -36.05
N VAL R 138 -46.57 15.81 -35.49
CA VAL R 138 -46.56 16.86 -34.48
C VAL R 138 -45.93 16.36 -33.18
N GLY R 139 -46.19 15.10 -32.81
CA GLY R 139 -45.62 14.57 -31.59
C GLY R 139 -44.11 14.47 -31.66
N VAL R 140 -43.58 13.95 -32.77
CA VAL R 140 -42.13 13.86 -32.91
C VAL R 140 -41.50 15.23 -32.89
N ALA R 141 -42.09 16.19 -33.62
CA ALA R 141 -41.53 17.54 -33.64
C ALA R 141 -41.52 18.15 -32.24
N ALA R 142 -42.63 18.06 -31.52
CA ALA R 142 -42.71 18.70 -30.22
C ALA R 142 -41.81 18.01 -29.19
N ALA R 143 -41.72 16.68 -29.24
CA ALA R 143 -40.84 15.99 -28.32
C ALA R 143 -39.39 16.33 -28.58
N HIS R 144 -38.99 16.45 -29.85
CA HIS R 144 -37.63 16.87 -30.14
C HIS R 144 -37.37 18.29 -29.67
N LEU R 145 -38.34 19.19 -29.86
CA LEU R 145 -38.15 20.57 -29.41
C LEU R 145 -38.04 20.63 -27.89
N LEU R 146 -38.80 19.79 -27.18
CA LEU R 146 -38.69 19.77 -25.73
C LEU R 146 -37.36 19.17 -25.30
N GLN R 147 -36.82 18.23 -26.07
CA GLN R 147 -35.51 17.67 -25.75
C GLN R 147 -34.40 18.70 -25.92
N ASP R 148 -34.58 19.67 -26.83
CA ASP R 148 -33.60 20.71 -27.08
C ASP R 148 -33.83 21.94 -26.24
N ARG R 149 -34.69 21.85 -25.23
CA ARG R 149 -34.96 22.94 -24.30
C ARG R 149 -35.41 24.20 -25.03
N ASP R 150 -36.31 24.01 -25.99
CA ASP R 150 -36.90 25.10 -26.76
C ASP R 150 -38.39 25.14 -26.43
N LEU R 151 -38.73 25.93 -25.39
CA LEU R 151 -40.09 25.87 -24.86
C LEU R 151 -41.11 26.63 -25.71
N PRO R 152 -40.85 27.86 -26.17
CA PRO R 152 -41.91 28.57 -26.94
C PRO R 152 -42.36 27.82 -28.19
N ARG R 153 -41.42 27.22 -28.92
CA ARG R 153 -41.80 26.46 -30.11
C ARG R 153 -42.60 25.21 -29.75
N ALA R 154 -42.22 24.56 -28.64
CA ALA R 154 -42.99 23.42 -28.17
C ALA R 154 -44.41 23.82 -27.80
N LEU R 155 -44.56 25.00 -27.19
CA LEU R 155 -45.90 25.49 -26.84
C LEU R 155 -46.72 25.78 -28.10
N ARG R 156 -46.07 26.32 -29.13
CA ARG R 156 -46.78 26.53 -30.40
C ARG R 156 -47.26 25.20 -30.98
N LEU R 157 -46.42 24.17 -30.92
CA LEU R 157 -46.84 22.86 -31.43
C LEU R 157 -47.93 22.24 -30.57
N LEU R 158 -47.93 22.49 -29.27
CA LEU R 158 -49.03 22.05 -28.42
C LEU R 158 -50.35 22.70 -28.84
N GLU R 159 -50.30 23.99 -29.15
CA GLU R 159 -51.47 24.66 -29.70
C GLU R 159 -51.89 24.03 -31.02
N VAL R 160 -50.93 23.59 -31.83
CA VAL R 160 -51.25 22.91 -33.07
C VAL R 160 -52.02 21.62 -32.80
N VAL R 161 -51.59 20.86 -31.80
CA VAL R 161 -52.29 19.62 -31.46
C VAL R 161 -53.72 19.90 -31.04
N ASP R 162 -53.91 20.90 -30.18
CA ASP R 162 -55.28 21.25 -29.76
C ASP R 162 -56.13 21.65 -30.95
N LYS R 163 -55.54 22.40 -31.88
CA LYS R 163 -56.28 22.84 -33.06
C LYS R 163 -56.69 21.65 -33.91
N LEU R 164 -55.79 20.67 -34.05
CA LEU R 164 -56.12 19.46 -34.81
C LEU R 164 -57.27 18.69 -34.18
N VAL R 165 -57.27 18.58 -32.85
CA VAL R 165 -58.37 17.89 -32.18
C VAL R 165 -59.69 18.59 -32.45
N HIS R 166 -59.69 19.93 -32.40
CA HIS R 166 -60.92 20.66 -32.68
C HIS R 166 -61.37 20.47 -34.12
N MET R 167 -60.44 20.50 -35.09
CA MET R 167 -60.83 20.26 -36.48
C MET R 167 -61.41 18.87 -36.67
N LYS R 168 -60.83 17.86 -36.04
CA LYS R 168 -61.39 16.52 -36.14
C LYS R 168 -62.80 16.48 -35.59
N ALA R 169 -63.04 17.13 -34.45
CA ALA R 169 -64.39 17.19 -33.91
C ALA R 169 -65.35 18.01 -34.76
N LEU R 170 -64.84 18.90 -35.62
CA LEU R 170 -65.68 19.74 -36.45
C LEU R 170 -66.11 19.05 -37.76
N GLY R 171 -65.53 17.90 -38.08
CA GLY R 171 -65.87 17.21 -39.31
C GLY R 171 -64.96 17.49 -40.49
N VAL R 172 -63.82 18.13 -40.26
CA VAL R 172 -62.86 18.38 -41.34
C VAL R 172 -62.31 17.04 -41.83
N PRO R 173 -62.15 16.82 -43.14
CA PRO R 173 -61.64 15.54 -43.62
C PRO R 173 -60.20 15.29 -43.21
N ASP R 174 -59.82 14.01 -43.26
CA ASP R 174 -58.50 13.60 -42.79
C ASP R 174 -57.38 14.22 -43.61
N GLU R 175 -57.57 14.35 -44.92
CA GLU R 175 -56.53 14.91 -45.77
C GLU R 175 -56.20 16.34 -45.39
N GLU R 176 -57.23 17.15 -45.14
CA GLU R 176 -57.02 18.52 -44.72
C GLU R 176 -56.31 18.60 -43.38
N ILE R 177 -56.65 17.70 -42.45
CA ILE R 177 -55.98 17.67 -41.16
C ILE R 177 -54.51 17.35 -41.33
N ILE R 178 -54.20 16.36 -42.16
CA ILE R 178 -52.80 15.99 -42.39
C ILE R 178 -52.05 17.15 -43.03
N ALA R 179 -52.66 17.80 -44.02
CA ALA R 179 -52.00 18.93 -44.67
C ALA R 179 -51.74 20.06 -43.68
N TYR R 180 -52.74 20.40 -42.87
CA TYR R 180 -52.56 21.49 -41.92
C TYR R 180 -51.48 21.15 -40.91
N ALA R 181 -51.45 19.92 -40.42
CA ALA R 181 -50.40 19.52 -39.49
C ALA R 181 -49.02 19.61 -40.15
N LYS R 182 -48.92 19.21 -41.42
CA LYS R 182 -47.64 19.28 -42.12
C LYS R 182 -47.16 20.72 -42.21
N GLU R 183 -48.03 21.64 -42.64
CA GLU R 183 -47.61 23.04 -42.76
C GLU R 183 -47.24 23.65 -41.42
N GLU R 184 -48.03 23.40 -40.37
CA GLU R 184 -47.70 24.00 -39.08
C GLU R 184 -46.41 23.43 -38.51
N THR R 185 -46.19 22.13 -38.65
CA THR R 185 -44.94 21.54 -38.17
C THR R 185 -43.74 22.08 -38.96
N GLU R 186 -43.89 22.20 -40.28
CA GLU R 186 -42.80 22.75 -41.08
C GLU R 186 -42.53 24.20 -40.72
N ARG R 187 -43.58 24.96 -40.39
CA ARG R 187 -43.40 26.34 -39.96
C ARG R 187 -42.63 26.40 -38.64
N ALA R 188 -42.96 25.52 -37.69
CA ALA R 188 -42.24 25.49 -36.43
C ALA R 188 -40.78 25.10 -36.63
N TYR R 189 -40.54 24.05 -37.44
CA TYR R 189 -39.17 23.59 -37.67
C TYR R 189 -38.35 24.65 -38.39
N LYS R 190 -38.92 25.32 -39.39
CA LYS R 190 -38.17 26.30 -40.17
C LYS R 190 -37.81 27.50 -39.32
N GLY R 191 -38.65 27.84 -38.35
CA GLY R 191 -38.42 28.98 -37.47
C GLY R 191 -39.31 30.17 -37.75
N GLU R 192 -40.10 30.14 -38.83
CA GLU R 192 -41.01 31.23 -39.15
C GLU R 192 -41.99 31.49 -38.01
N GLY S 23 49.44 -50.71 3.66
CA GLY S 23 48.59 -51.64 4.37
C GLY S 23 47.98 -52.69 3.47
N THR S 24 48.39 -53.95 3.67
CA THR S 24 47.89 -55.04 2.85
C THR S 24 46.46 -55.43 3.21
N ALA S 25 45.99 -55.06 4.40
CA ALA S 25 44.61 -55.36 4.78
C ALA S 25 43.62 -54.61 3.89
N GLU S 26 43.91 -53.34 3.60
CA GLU S 26 43.06 -52.59 2.68
C GLU S 26 43.10 -53.19 1.28
N ALA S 27 44.27 -53.64 0.84
CA ALA S 27 44.36 -54.32 -0.46
C ALA S 27 43.50 -55.57 -0.48
N LEU S 28 43.51 -56.35 0.60
CA LEU S 28 42.66 -57.52 0.68
C LEU S 28 41.19 -57.15 0.65
N LEU S 29 40.81 -56.08 1.36
CA LEU S 29 39.43 -55.63 1.35
C LEU S 29 38.98 -55.22 -0.04
N LEU S 30 39.84 -54.49 -0.76
CA LEU S 30 39.51 -54.11 -2.13
C LEU S 30 39.40 -55.32 -3.04
N ALA S 31 40.29 -56.31 -2.86
CA ALA S 31 40.21 -57.52 -3.67
C ALA S 31 38.91 -58.27 -3.41
N ARG S 32 38.50 -58.35 -2.15
CA ARG S 32 37.25 -59.01 -1.81
C ARG S 32 36.06 -58.27 -2.40
N ALA S 33 36.10 -56.93 -2.39
CA ALA S 33 35.04 -56.16 -3.02
C ALA S 33 34.94 -56.45 -4.52
N ILE S 34 36.09 -56.49 -5.19
CA ILE S 34 36.10 -56.79 -6.63
C ILE S 34 35.53 -58.18 -6.88
N VAL S 35 35.96 -59.17 -6.08
CA VAL S 35 35.52 -60.54 -6.30
C VAL S 35 34.03 -60.67 -6.05
N SER S 36 33.51 -60.02 -5.01
CA SER S 36 32.09 -60.07 -4.72
C SER S 36 31.28 -59.45 -5.85
N ALA S 37 31.72 -58.29 -6.35
CA ALA S 37 31.00 -57.66 -7.45
C ALA S 37 31.01 -58.53 -8.70
N VAL S 38 32.16 -59.15 -9.00
CA VAL S 38 32.27 -59.98 -10.19
C VAL S 38 31.38 -61.21 -10.07
N GLU S 39 31.32 -61.82 -8.88
CA GLU S 39 30.47 -62.99 -8.69
C GLU S 39 28.99 -62.62 -8.80
N ASP S 40 28.60 -61.48 -8.24
CA ASP S 40 27.21 -61.04 -8.39
C ASP S 40 26.86 -60.79 -9.84
N ALA S 41 27.78 -60.17 -10.59
CA ALA S 41 27.55 -59.91 -12.00
C ALA S 41 27.44 -61.21 -12.79
N LYS S 42 28.26 -62.20 -12.44
CA LYS S 42 28.14 -63.52 -13.07
C LYS S 42 26.76 -64.12 -12.80
N LYS S 43 26.29 -64.00 -11.56
CA LYS S 43 24.98 -64.52 -11.23
C LYS S 43 23.86 -63.79 -11.96
N HIS S 44 24.08 -62.52 -12.31
CA HIS S 44 23.09 -61.75 -13.04
C HIS S 44 23.07 -62.03 -14.53
N GLY S 45 24.06 -62.77 -15.05
CA GLY S 45 24.09 -63.12 -16.45
C GLY S 45 25.01 -62.29 -17.33
N VAL S 46 25.87 -61.46 -16.76
CA VAL S 46 26.83 -60.69 -17.56
C VAL S 46 27.83 -61.64 -18.21
N PRO S 47 28.22 -61.43 -19.47
CA PRO S 47 29.17 -62.33 -20.11
C PRO S 47 30.50 -62.43 -19.36
N GLU S 48 31.08 -63.63 -19.39
CA GLU S 48 32.19 -63.95 -18.51
C GLU S 48 33.52 -63.36 -18.97
N ASP S 49 33.70 -63.14 -20.28
CA ASP S 49 34.97 -62.59 -20.75
C ASP S 49 35.13 -61.13 -20.34
N LEU S 50 34.06 -60.34 -20.44
CA LEU S 50 34.12 -58.97 -19.94
C LEU S 50 34.47 -58.95 -18.47
N LEU S 51 33.85 -59.83 -17.70
CA LEU S 51 34.17 -59.92 -16.28
C LEU S 51 35.60 -60.36 -16.06
N ALA S 52 36.16 -61.17 -16.96
CA ALA S 52 37.55 -61.58 -16.82
C ALA S 52 38.49 -60.39 -16.97
N ASP S 53 38.30 -59.59 -18.01
CA ASP S 53 39.10 -58.37 -18.15
C ASP S 53 38.95 -57.45 -16.95
N ILE S 54 37.70 -57.23 -16.50
CA ILE S 54 37.47 -56.32 -15.40
C ILE S 54 38.13 -56.85 -14.12
N GLU S 55 38.02 -58.15 -13.87
CA GLU S 55 38.60 -58.74 -12.68
C GLU S 55 40.13 -58.64 -12.69
N ARG S 56 40.75 -58.90 -13.83
CA ARG S 56 42.21 -58.78 -13.92
C ARG S 56 42.64 -57.36 -13.59
N ALA S 57 41.98 -56.37 -14.22
CA ALA S 57 42.33 -54.97 -13.95
C ALA S 57 42.08 -54.63 -12.49
N GLY S 58 40.99 -55.13 -11.91
CA GLY S 58 40.66 -54.80 -10.54
C GLY S 58 41.64 -55.35 -9.53
N LEU S 59 42.06 -56.60 -9.70
CA LEU S 59 43.08 -57.15 -8.81
C LEU S 59 44.41 -56.44 -8.98
N ALA S 60 44.77 -56.10 -10.22
CA ALA S 60 46.01 -55.38 -10.44
C ALA S 60 45.99 -54.03 -9.74
N LEU S 61 44.85 -53.33 -9.77
CA LEU S 61 44.76 -52.04 -9.10
C LEU S 61 44.65 -52.18 -7.59
N ALA S 62 44.05 -53.26 -7.11
CA ALA S 62 43.91 -53.46 -5.67
C ALA S 62 45.24 -53.83 -5.04
N GLU S 63 46.14 -54.45 -5.79
CA GLU S 63 47.45 -54.80 -5.25
C GLU S 63 48.22 -53.56 -4.79
N VAL S 64 48.01 -52.43 -5.45
CA VAL S 64 48.69 -51.19 -5.12
C VAL S 64 47.81 -50.26 -4.29
N GLY S 65 46.66 -50.73 -3.84
CA GLY S 65 45.79 -49.94 -2.99
C GLY S 65 45.22 -48.69 -3.64
N ASP S 66 44.83 -48.79 -4.92
CA ASP S 66 44.20 -47.67 -5.62
C ASP S 66 42.70 -47.77 -5.40
N ARG S 67 42.22 -47.10 -4.35
CA ARG S 67 40.81 -47.23 -3.97
C ARG S 67 39.89 -46.69 -5.06
N GLU S 68 40.13 -45.45 -5.50
CA GLU S 68 39.19 -44.79 -6.40
C GLU S 68 39.03 -45.55 -7.71
N ALA S 69 40.13 -46.06 -8.26
CA ALA S 69 40.04 -46.85 -9.48
C ALA S 69 39.22 -48.12 -9.26
N VAL S 70 39.42 -48.78 -8.11
CA VAL S 70 38.68 -50.00 -7.81
C VAL S 70 37.18 -49.70 -7.74
N LEU S 71 36.79 -48.62 -7.08
CA LEU S 71 35.36 -48.36 -6.97
C LEU S 71 34.76 -47.89 -8.29
N LEU S 72 35.57 -47.22 -9.13
CA LEU S 72 35.12 -46.94 -10.49
C LEU S 72 34.87 -48.22 -11.27
N LEU S 73 35.74 -49.22 -11.10
CA LEU S 73 35.54 -50.50 -11.76
C LEU S 73 34.28 -51.19 -11.25
N VAL S 74 34.00 -51.07 -9.96
CA VAL S 74 32.78 -51.66 -9.41
C VAL S 74 31.54 -50.99 -9.99
N ARG S 75 31.59 -49.66 -10.15
CA ARG S 75 30.50 -48.96 -10.82
C ARG S 75 30.32 -49.46 -12.25
N LEU S 76 31.42 -49.69 -12.96
CA LEU S 76 31.34 -50.23 -14.31
C LEU S 76 30.71 -51.62 -14.31
N ILE S 77 31.03 -52.44 -13.31
CA ILE S 77 30.42 -53.77 -13.20
C ILE S 77 28.92 -53.66 -13.03
N ASN S 78 28.47 -52.75 -12.17
CA ASN S 78 27.03 -52.62 -11.94
C ASN S 78 26.31 -52.12 -13.19
N ALA S 79 26.91 -51.16 -13.89
CA ALA S 79 26.33 -50.70 -15.15
C ALA S 79 26.27 -51.83 -16.18
N LEU S 80 27.31 -52.68 -16.20
CA LEU S 80 27.28 -53.84 -17.07
C LEU S 80 26.15 -54.80 -16.70
N ILE S 81 25.88 -54.95 -15.40
CA ILE S 81 24.74 -55.77 -14.98
C ILE S 81 23.46 -55.23 -15.58
N VAL S 82 23.25 -53.92 -15.46
CA VAL S 82 22.03 -53.31 -15.99
C VAL S 82 21.93 -53.53 -17.49
N ALA S 83 23.03 -53.29 -18.20
CA ALA S 83 23.03 -53.45 -19.65
C ALA S 83 22.77 -54.89 -20.07
N ALA S 84 23.37 -55.85 -19.37
CA ALA S 84 23.17 -57.25 -19.70
C ALA S 84 21.72 -57.68 -19.45
N GLU S 85 21.11 -57.19 -18.36
CA GLU S 85 19.71 -57.50 -18.12
C GLU S 85 18.82 -56.90 -19.21
N ALA S 86 19.17 -55.70 -19.68
CA ALA S 86 18.36 -55.08 -20.73
C ALA S 86 18.44 -55.85 -22.04
N GLY S 87 19.64 -56.25 -22.45
CA GLY S 87 19.81 -56.95 -23.71
C GLY S 87 20.63 -56.20 -24.73
N VAL S 88 21.58 -55.39 -24.25
CA VAL S 88 22.44 -54.63 -25.16
C VAL S 88 23.37 -55.59 -25.90
N PRO S 89 23.63 -55.40 -27.19
CA PRO S 89 24.47 -56.35 -27.94
C PRO S 89 25.89 -56.43 -27.40
N LYS S 90 26.55 -57.53 -27.73
CA LYS S 90 27.82 -57.88 -27.11
C LYS S 90 28.98 -57.01 -27.61
N GLU S 91 29.00 -56.63 -28.88
CA GLU S 91 30.11 -55.83 -29.40
C GLU S 91 30.21 -54.49 -28.69
N ALA S 92 29.06 -53.82 -28.54
CA ALA S 92 29.04 -52.58 -27.78
C ALA S 92 29.49 -52.80 -26.35
N LEU S 93 29.10 -53.94 -25.76
CA LEU S 93 29.52 -54.24 -24.40
C LEU S 93 31.03 -54.38 -24.29
N VAL S 94 31.66 -55.03 -25.27
CA VAL S 94 33.10 -55.20 -25.25
C VAL S 94 33.81 -53.86 -25.34
N VAL S 95 33.36 -53.02 -26.29
CA VAL S 95 33.99 -51.71 -26.45
C VAL S 95 33.79 -50.86 -25.21
N ILE S 96 32.59 -50.87 -24.64
CA ILE S 96 32.31 -50.11 -23.43
C ILE S 96 33.15 -50.62 -22.26
N THR S 97 33.33 -51.93 -22.15
CA THR S 97 34.14 -52.47 -21.06
C THR S 97 35.59 -52.02 -21.16
N HIS S 98 36.17 -52.11 -22.36
CA HIS S 98 37.56 -51.69 -22.53
C HIS S 98 37.70 -50.19 -22.23
N ALA S 99 36.78 -49.38 -22.76
CA ALA S 99 36.83 -47.95 -22.50
C ALA S 99 36.70 -47.66 -21.02
N GLY S 100 35.81 -48.37 -20.32
CA GLY S 100 35.65 -48.13 -18.90
C GLY S 100 36.85 -48.52 -18.08
N ILE S 101 37.53 -49.61 -18.46
CA ILE S 101 38.74 -49.99 -17.73
C ILE S 101 39.80 -48.91 -17.89
N LEU S 102 39.99 -48.43 -19.12
CA LEU S 102 41.03 -47.42 -19.31
C LEU S 102 40.65 -46.07 -18.72
N LEU S 103 39.35 -45.80 -18.60
CA LEU S 103 38.93 -44.56 -17.94
C LEU S 103 39.05 -44.66 -16.43
N ALA S 104 38.81 -45.85 -15.85
CA ALA S 104 39.02 -46.01 -14.42
C ALA S 104 40.49 -45.95 -14.06
N LEU S 105 41.36 -46.45 -14.94
CA LEU S 105 42.80 -46.27 -14.73
C LEU S 105 43.16 -44.79 -14.60
N ASP S 106 42.51 -43.93 -15.38
CA ASP S 106 42.77 -42.50 -15.33
C ASP S 106 42.05 -41.80 -14.19
N ARG S 107 41.20 -42.51 -13.45
CA ARG S 107 40.45 -41.94 -12.32
C ARG S 107 39.62 -40.74 -12.76
N ASP S 108 39.06 -40.82 -13.97
CA ASP S 108 38.29 -39.71 -14.53
C ASP S 108 36.82 -39.95 -14.19
N GLU S 109 36.35 -39.30 -13.13
CA GLU S 109 34.98 -39.49 -12.70
C GLU S 109 33.97 -38.93 -13.71
N GLU S 110 34.28 -37.80 -14.35
CA GLU S 110 33.36 -37.22 -15.32
C GLU S 110 33.22 -38.11 -16.54
N ALA S 111 34.33 -38.61 -17.08
CA ALA S 111 34.26 -39.51 -18.22
C ALA S 111 33.57 -40.82 -17.86
N VAL S 112 33.83 -41.35 -16.66
CA VAL S 112 33.17 -42.58 -16.23
C VAL S 112 31.67 -42.37 -16.10
N ASP S 113 31.26 -41.21 -15.58
CA ASP S 113 29.83 -40.93 -15.48
C ASP S 113 29.19 -40.78 -16.85
N ALA S 114 29.92 -40.18 -17.79
CA ALA S 114 29.41 -40.12 -19.17
C ALA S 114 29.26 -41.51 -19.75
N LEU S 115 30.22 -42.40 -19.48
CA LEU S 115 30.12 -43.79 -19.96
C LEU S 115 28.92 -44.50 -19.35
N LEU S 116 28.69 -44.32 -18.05
CA LEU S 116 27.56 -44.96 -17.41
C LEU S 116 26.24 -44.41 -17.93
N GLU S 117 26.19 -43.11 -18.20
CA GLU S 117 25.01 -42.52 -18.81
C GLU S 117 24.76 -43.09 -20.19
N LEU S 118 25.82 -43.28 -20.99
CA LEU S 118 25.67 -43.92 -22.28
C LEU S 118 25.15 -45.34 -22.14
N ILE S 119 25.66 -46.09 -21.16
CA ILE S 119 25.18 -47.45 -20.94
C ILE S 119 23.70 -47.46 -20.60
N ASP S 120 23.27 -46.53 -19.74
CA ASP S 120 21.87 -46.44 -19.38
C ASP S 120 21.00 -46.12 -20.59
N ARG S 121 21.44 -45.18 -21.43
CA ARG S 121 20.67 -44.84 -22.63
C ARG S 121 20.59 -46.02 -23.59
N LEU S 122 21.70 -46.74 -23.78
CA LEU S 122 21.66 -47.91 -24.64
C LEU S 122 20.76 -48.99 -24.07
N ALA S 123 20.73 -49.15 -22.76
CA ALA S 123 19.82 -50.10 -22.13
C ALA S 123 18.37 -49.72 -22.38
N ARG S 124 18.05 -48.43 -22.25
CA ARG S 124 16.69 -47.99 -22.57
C ARG S 124 16.35 -48.26 -24.02
N ALA S 125 17.29 -48.00 -24.94
CA ALA S 125 17.05 -48.26 -26.35
C ALA S 125 16.81 -49.74 -26.61
N ALA S 126 17.62 -50.60 -26.00
CA ALA S 126 17.46 -52.04 -26.22
C ALA S 126 16.15 -52.54 -25.66
N LYS S 127 15.73 -52.03 -24.50
CA LYS S 127 14.45 -52.43 -23.92
C LYS S 127 13.28 -51.89 -24.75
N ALA S 128 13.46 -50.75 -25.41
CA ALA S 128 12.38 -50.18 -26.20
C ALA S 128 12.21 -50.83 -27.57
N GLY S 129 13.11 -51.73 -27.94
CA GLY S 129 13.00 -52.41 -29.22
C GLY S 129 13.72 -51.75 -30.37
N VAL S 130 14.62 -50.80 -30.11
CA VAL S 130 15.39 -50.19 -31.19
C VAL S 130 16.22 -51.26 -31.88
N PRO S 131 16.34 -51.26 -33.20
CA PRO S 131 17.06 -52.34 -33.88
C PRO S 131 18.50 -52.46 -33.42
N LYS S 132 19.02 -53.68 -33.48
CA LYS S 132 20.35 -53.96 -32.96
C LYS S 132 21.43 -53.19 -33.72
N GLU S 133 21.26 -53.02 -35.02
CA GLU S 133 22.31 -52.40 -35.82
C GLU S 133 22.53 -50.94 -35.43
N ALA S 134 21.45 -50.19 -35.24
CA ALA S 134 21.56 -48.80 -34.81
C ALA S 134 22.21 -48.71 -33.44
N ILE S 135 21.80 -49.60 -32.54
CA ILE S 135 22.36 -49.60 -31.18
C ILE S 135 23.86 -49.83 -31.25
N VAL S 136 24.28 -50.85 -32.01
CA VAL S 136 25.69 -51.18 -32.11
C VAL S 136 26.48 -50.01 -32.70
N THR S 137 25.95 -49.43 -33.78
CA THR S 137 26.67 -48.34 -34.44
C THR S 137 26.87 -47.17 -33.49
N VAL S 138 25.79 -46.66 -32.92
CA VAL S 138 25.90 -45.46 -32.10
C VAL S 138 26.66 -45.74 -30.81
N GLY S 139 26.43 -46.91 -30.21
CA GLY S 139 27.14 -47.24 -28.98
C GLY S 139 28.64 -47.37 -29.18
N VAL S 140 29.05 -48.07 -30.24
CA VAL S 140 30.48 -48.20 -30.51
C VAL S 140 31.10 -46.83 -30.78
N ALA S 141 30.42 -46.01 -31.58
CA ALA S 141 30.96 -44.68 -31.86
C ALA S 141 31.12 -43.84 -30.60
N ALA S 142 30.08 -43.82 -29.76
CA ALA S 142 30.12 -42.99 -28.56
C ALA S 142 31.15 -43.51 -27.56
N ALA S 143 31.25 -44.84 -27.40
CA ALA S 143 32.24 -45.39 -26.49
C ALA S 143 33.65 -45.11 -26.96
N HIS S 144 33.90 -45.20 -28.27
CA HIS S 144 35.22 -44.86 -28.79
C HIS S 144 35.54 -43.39 -28.56
N LEU S 145 34.56 -42.50 -28.79
CA LEU S 145 34.80 -41.08 -28.55
C LEU S 145 35.09 -40.80 -27.09
N LEU S 146 34.37 -41.47 -26.18
CA LEU S 146 34.65 -41.29 -24.76
C LEU S 146 36.02 -41.83 -24.38
N GLN S 147 36.46 -42.91 -25.05
CA GLN S 147 37.78 -43.44 -24.80
C GLN S 147 38.88 -42.46 -25.21
N ASP S 148 38.66 -41.71 -26.29
CA ASP S 148 39.63 -40.75 -26.80
C ASP S 148 39.46 -39.37 -26.18
N ARG S 149 38.66 -39.26 -25.12
CA ARG S 149 38.44 -38.00 -24.40
C ARG S 149 37.91 -36.91 -25.32
N ASP S 150 36.84 -37.20 -26.03
CA ASP S 150 36.16 -36.23 -26.87
C ASP S 150 34.73 -36.06 -26.35
N LEU S 151 34.59 -35.20 -25.33
CA LEU S 151 33.30 -35.05 -24.66
C LEU S 151 32.21 -34.45 -25.55
N PRO S 152 32.44 -33.34 -26.27
CA PRO S 152 31.32 -32.74 -27.02
C PRO S 152 30.70 -33.66 -28.06
N ARG S 153 31.53 -34.39 -28.81
CA ARG S 153 30.99 -35.31 -29.81
C ARG S 153 30.28 -36.49 -29.16
N ALA S 154 30.78 -36.96 -28.02
CA ALA S 154 30.10 -38.01 -27.28
C ALA S 154 28.72 -37.55 -26.80
N LEU S 155 28.63 -36.29 -26.35
CA LEU S 155 27.33 -35.77 -25.93
C LEU S 155 26.38 -35.64 -27.11
N ARG S 156 26.90 -35.25 -28.27
CA ARG S 156 26.07 -35.25 -29.48
C ARG S 156 25.54 -36.64 -29.79
N LEU S 157 26.39 -37.65 -29.67
CA LEU S 157 25.93 -39.02 -29.91
C LEU S 157 24.93 -39.49 -28.86
N LEU S 158 25.06 -39.03 -27.63
CA LEU S 158 24.05 -39.34 -26.62
C LEU S 158 22.69 -38.76 -27.00
N GLU S 159 22.69 -37.52 -27.50
CA GLU S 159 21.45 -36.94 -28.01
C GLU S 159 20.89 -37.76 -29.16
N VAL S 160 21.77 -38.31 -30.00
CA VAL S 160 21.32 -39.19 -31.09
C VAL S 160 20.62 -40.43 -30.53
N VAL S 161 21.17 -41.02 -29.48
CA VAL S 161 20.54 -42.20 -28.88
C VAL S 161 19.17 -41.86 -28.32
N ASP S 162 19.06 -40.71 -27.65
CA ASP S 162 17.75 -40.29 -27.15
C ASP S 162 16.75 -40.12 -28.28
N LYS S 163 17.19 -39.51 -29.38
CA LYS S 163 16.30 -39.32 -30.52
C LYS S 163 15.87 -40.66 -31.09
N LEU S 164 16.77 -41.64 -31.14
CA LEU S 164 16.41 -42.96 -31.64
C LEU S 164 15.34 -43.60 -30.77
N VAL S 165 15.48 -43.49 -29.45
CA VAL S 165 14.47 -44.05 -28.55
C VAL S 165 13.12 -43.40 -28.79
N HIS S 166 13.10 -42.07 -28.90
CA HIS S 166 11.83 -41.37 -29.12
C HIS S 166 11.22 -41.76 -30.46
N MET S 167 12.04 -41.89 -31.51
CA MET S 167 11.54 -42.28 -32.82
C MET S 167 10.96 -43.69 -32.80
N LYS S 168 11.59 -44.61 -32.06
CA LYS S 168 11.00 -45.93 -31.90
C LYS S 168 9.66 -45.85 -31.19
N ALA S 169 9.57 -45.04 -30.12
CA ALA S 169 8.31 -44.89 -29.43
C ALA S 169 7.23 -44.23 -30.28
N LEU S 170 7.61 -43.49 -31.31
CA LEU S 170 6.66 -42.81 -32.19
C LEU S 170 6.15 -43.70 -33.31
N GLY S 171 6.63 -44.93 -33.41
CA GLY S 171 6.18 -45.83 -34.45
C GLY S 171 6.92 -45.76 -35.76
N VAL S 172 8.08 -45.10 -35.80
CA VAL S 172 8.87 -45.03 -37.03
C VAL S 172 9.38 -46.42 -37.39
N PRO S 173 9.38 -46.81 -38.66
CA PRO S 173 9.88 -48.14 -39.02
C PRO S 173 11.36 -48.31 -38.73
N ASP S 174 11.78 -49.57 -38.65
CA ASP S 174 13.15 -49.89 -38.28
C ASP S 174 14.15 -49.39 -39.31
N GLU S 175 13.78 -49.44 -40.60
CA GLU S 175 14.69 -49.03 -41.66
C GLU S 175 15.05 -47.55 -41.54
N GLU S 176 14.06 -46.71 -41.27
CA GLU S 176 14.34 -45.28 -41.11
C GLU S 176 15.16 -45.00 -39.87
N ILE S 177 14.93 -45.75 -38.80
CA ILE S 177 15.74 -45.60 -37.59
C ILE S 177 17.20 -45.95 -37.88
N ILE S 178 17.42 -47.06 -38.58
CA ILE S 178 18.79 -47.47 -38.92
C ILE S 178 19.44 -46.43 -39.82
N ALA S 179 18.71 -45.94 -40.81
CA ALA S 179 19.27 -44.93 -41.71
C ALA S 179 19.66 -43.67 -40.95
N TYR S 180 18.77 -43.20 -40.06
CA TYR S 180 19.07 -41.99 -39.30
C TYR S 180 20.28 -42.19 -38.40
N ALA S 181 20.34 -43.34 -37.72
CA ALA S 181 21.47 -43.59 -36.83
C ALA S 181 22.77 -43.64 -37.60
N LYS S 182 22.76 -44.29 -38.77
CA LYS S 182 23.97 -44.35 -39.58
C LYS S 182 24.40 -42.96 -40.03
N GLU S 183 23.43 -42.14 -40.46
CA GLU S 183 23.76 -40.80 -40.92
C GLU S 183 24.39 -39.97 -39.80
N GLU S 184 23.78 -40.01 -38.61
CA GLU S 184 24.31 -39.19 -37.51
C GLU S 184 25.65 -39.70 -37.01
N THR S 185 25.84 -41.02 -36.96
CA THR S 185 27.13 -41.55 -36.55
C THR S 185 28.22 -41.20 -37.56
N GLU S 186 27.92 -41.29 -38.86
CA GLU S 186 28.91 -40.92 -39.86
C GLU S 186 29.20 -39.43 -39.82
N ARG S 187 28.20 -38.62 -39.45
CA ARG S 187 28.43 -37.19 -39.27
C ARG S 187 29.37 -36.94 -38.10
N ALA S 188 29.18 -37.68 -37.00
CA ALA S 188 30.05 -37.52 -35.83
C ALA S 188 31.48 -37.94 -36.15
N TYR S 189 31.65 -39.10 -36.79
CA TYR S 189 32.98 -39.55 -37.19
C TYR S 189 33.65 -38.57 -38.15
N LYS S 190 32.90 -38.08 -39.14
CA LYS S 190 33.48 -37.19 -40.13
C LYS S 190 33.94 -35.88 -39.51
N GLY S 191 33.17 -35.36 -38.56
CA GLY S 191 33.49 -34.12 -37.88
C GLY S 191 32.52 -32.99 -38.15
N GLU S 192 31.54 -33.18 -39.05
CA GLU S 192 30.55 -32.15 -39.32
C GLU S 192 29.70 -31.87 -38.10
N GLY T 23 -27.25 14.57 10.60
CA GLY T 23 -27.90 14.65 11.90
C GLY T 23 -28.55 13.34 12.31
N THR T 24 -27.79 12.49 13.00
CA THR T 24 -28.29 11.19 13.39
C THR T 24 -29.28 11.25 14.55
N ALA T 25 -29.23 12.32 15.35
CA ALA T 25 -30.23 12.49 16.40
C ALA T 25 -31.62 12.74 15.81
N GLU T 26 -31.68 13.50 14.71
CA GLU T 26 -32.95 13.69 14.01
C GLU T 26 -33.43 12.38 13.41
N ALA T 27 -32.53 11.56 12.89
CA ALA T 27 -32.91 10.24 12.39
C ALA T 27 -33.48 9.38 13.50
N LEU T 28 -32.87 9.43 14.69
CA LEU T 28 -33.42 8.68 15.82
C LEU T 28 -34.79 9.21 16.23
N LEU T 29 -34.97 10.53 16.18
CA LEU T 29 -36.28 11.10 16.48
C LEU T 29 -37.34 10.62 15.50
N LEU T 30 -37.01 10.59 14.21
CA LEU T 30 -37.96 10.14 13.22
C LEU T 30 -38.28 8.66 13.38
N ALA T 31 -37.26 7.86 13.67
CA ALA T 31 -37.48 6.43 13.90
C ALA T 31 -38.38 6.21 15.11
N ARG T 32 -38.16 6.96 16.18
CA ARG T 32 -39.01 6.83 17.35
C ARG T 32 -40.44 7.24 17.05
N ALA T 33 -40.62 8.28 16.24
CA ALA T 33 -41.97 8.68 15.84
C ALA T 33 -42.67 7.57 15.06
N ILE T 34 -41.96 6.95 14.10
CA ILE T 34 -42.55 5.86 13.32
C ILE T 34 -42.91 4.70 14.22
N VAL T 35 -42.01 4.32 15.12
CA VAL T 35 -42.25 3.15 15.98
C VAL T 35 -43.40 3.42 16.93
N SER T 36 -43.49 4.64 17.48
CA SER T 36 -44.59 4.98 18.36
C SER T 36 -45.93 4.92 17.63
N ALA T 37 -45.97 5.46 16.40
CA ALA T 37 -47.19 5.40 15.62
C ALA T 37 -47.60 3.96 15.31
N VAL T 38 -46.63 3.11 14.97
CA VAL T 38 -46.93 1.72 14.67
C VAL T 38 -47.47 1.00 15.90
N GLU T 39 -46.86 1.22 17.07
CA GLU T 39 -47.33 0.56 18.28
C GLU T 39 -48.72 1.03 18.67
N ASP T 40 -48.99 2.34 18.54
CA ASP T 40 -50.34 2.83 18.81
C ASP T 40 -51.36 2.21 17.86
N ALA T 41 -51.01 2.12 16.58
CA ALA T 41 -51.93 1.53 15.61
C ALA T 41 -52.19 0.06 15.91
N LYS T 42 -51.13 -0.67 16.29
CA LYS T 42 -51.31 -2.07 16.68
C LYS T 42 -52.23 -2.18 17.89
N LYS T 43 -52.10 -1.27 18.84
CA LYS T 43 -53.01 -1.26 19.98
C LYS T 43 -54.44 -0.94 19.56
N HIS T 44 -54.61 -0.17 18.49
CA HIS T 44 -55.95 0.18 18.00
C HIS T 44 -56.61 -0.91 17.19
N GLY T 45 -55.88 -1.91 16.73
CA GLY T 45 -56.46 -2.99 15.96
C GLY T 45 -56.18 -3.00 14.47
N VAL T 46 -55.17 -2.28 14.00
CA VAL T 46 -54.81 -2.31 12.58
C VAL T 46 -54.10 -3.63 12.27
N PRO T 47 -54.38 -4.27 11.12
CA PRO T 47 -53.68 -5.52 10.80
C PRO T 47 -52.17 -5.35 10.72
N GLU T 48 -51.46 -6.40 11.15
CA GLU T 48 -50.04 -6.30 11.42
C GLU T 48 -49.18 -6.31 10.15
N ASP T 49 -49.65 -6.93 9.07
CA ASP T 49 -48.84 -6.98 7.85
C ASP T 49 -48.73 -5.60 7.21
N LEU T 50 -49.83 -4.84 7.19
CA LEU T 50 -49.78 -3.47 6.71
C LEU T 50 -48.81 -2.64 7.53
N LEU T 51 -48.86 -2.81 8.86
CA LEU T 51 -47.97 -2.07 9.73
C LEU T 51 -46.52 -2.48 9.51
N ALA T 52 -46.26 -3.74 9.20
CA ALA T 52 -44.90 -4.17 8.89
C ALA T 52 -44.38 -3.48 7.64
N ASP T 53 -45.21 -3.42 6.60
CA ASP T 53 -44.80 -2.68 5.40
C ASP T 53 -44.49 -1.22 5.70
N ILE T 54 -45.40 -0.54 6.41
CA ILE T 54 -45.22 0.89 6.67
C ILE T 54 -44.01 1.12 7.56
N GLU T 55 -43.79 0.25 8.55
CA GLU T 55 -42.65 0.39 9.43
C GLU T 55 -41.33 0.21 8.69
N ARG T 56 -41.26 -0.79 7.81
CA ARG T 56 -40.04 -0.99 7.04
C ARG T 56 -39.73 0.23 6.18
N ALA T 57 -40.75 0.73 5.47
CA ALA T 57 -40.55 1.91 4.64
C ALA T 57 -40.16 3.13 5.47
N GLY T 58 -40.79 3.30 6.63
CA GLY T 58 -40.52 4.45 7.46
C GLY T 58 -39.13 4.45 8.04
N LEU T 59 -38.65 3.29 8.49
CA LEU T 59 -37.30 3.22 9.01
C LEU T 59 -36.27 3.43 7.90
N ALA T 60 -36.56 2.92 6.70
CA ALA T 60 -35.69 3.21 5.57
C ALA T 60 -35.61 4.70 5.28
N LEU T 61 -36.74 5.40 5.34
CA LEU T 61 -36.73 6.82 5.05
C LEU T 61 -36.15 7.64 6.20
N ALA T 62 -36.27 7.15 7.43
CA ALA T 62 -35.70 7.85 8.57
C ALA T 62 -34.19 7.70 8.64
N GLU T 63 -33.65 6.60 8.11
CA GLU T 63 -32.20 6.45 8.08
C GLU T 63 -31.52 7.58 7.33
N VAL T 64 -32.16 8.11 6.29
CA VAL T 64 -31.60 9.21 5.51
C VAL T 64 -32.17 10.55 5.93
N GLY T 65 -32.92 10.60 7.02
CA GLY T 65 -33.46 11.86 7.53
C GLY T 65 -34.45 12.54 6.60
N ASP T 66 -35.36 11.78 6.00
CA ASP T 66 -36.39 12.35 5.14
C ASP T 66 -37.61 12.66 6.00
N ARG T 67 -37.74 13.92 6.41
CA ARG T 67 -38.79 14.30 7.34
C ARG T 67 -40.17 14.19 6.70
N GLU T 68 -40.37 14.88 5.59
CA GLU T 68 -41.71 14.99 5.01
C GLU T 68 -42.29 13.61 4.68
N ALA T 69 -41.47 12.72 4.12
CA ALA T 69 -41.94 11.38 3.79
C ALA T 69 -42.34 10.61 5.05
N VAL T 70 -41.54 10.73 6.10
CA VAL T 70 -41.85 10.01 7.35
C VAL T 70 -43.16 10.51 7.94
N LEU T 71 -43.39 11.82 7.90
CA LEU T 71 -44.63 12.33 8.48
C LEU T 71 -45.83 12.01 7.60
N LEU T 72 -45.62 11.90 6.28
CA LEU T 72 -46.69 11.40 5.43
C LEU T 72 -47.04 9.95 5.76
N LEU T 73 -46.03 9.14 6.07
CA LEU T 73 -46.28 7.78 6.50
C LEU T 73 -47.06 7.75 7.82
N VAL T 74 -46.73 8.66 8.74
CA VAL T 74 -47.48 8.73 10.00
C VAL T 74 -48.93 9.12 9.75
N ARG T 75 -49.17 10.05 8.83
CA ARG T 75 -50.54 10.38 8.43
C ARG T 75 -51.27 9.16 7.90
N LEU T 76 -50.60 8.38 7.06
CA LEU T 76 -51.21 7.15 6.54
C LEU T 76 -51.55 6.18 7.66
N ILE T 77 -50.67 6.08 8.66
CA ILE T 77 -50.93 5.18 9.78
C ILE T 77 -52.17 5.61 10.54
N ASN T 78 -52.32 6.91 10.79
CA ASN T 78 -53.51 7.38 11.50
C ASN T 78 -54.78 7.14 10.67
N ALA T 79 -54.70 7.35 9.35
CA ALA T 79 -55.84 7.08 8.50
C ALA T 79 -56.21 5.60 8.52
N LEU T 80 -55.21 4.73 8.55
CA LEU T 80 -55.46 3.30 8.68
C LEU T 80 -56.11 2.96 10.01
N ILE T 81 -55.72 3.67 11.08
CA ILE T 81 -56.38 3.47 12.37
C ILE T 81 -57.87 3.75 12.24
N VAL T 82 -58.21 4.87 11.60
CA VAL T 82 -59.62 5.21 11.40
C VAL T 82 -60.33 4.12 10.60
N ALA T 83 -59.71 3.70 9.50
CA ALA T 83 -60.35 2.72 8.62
C ALA T 83 -60.54 1.39 9.30
N ALA T 84 -59.54 0.93 10.06
CA ALA T 84 -59.64 -0.33 10.76
C ALA T 84 -60.72 -0.27 11.84
N GLU T 85 -60.83 0.86 12.54
CA GLU T 85 -61.91 0.99 13.52
C GLU T 85 -63.27 0.93 12.83
N ALA T 86 -63.40 1.55 11.65
CA ALA T 86 -64.68 1.51 10.95
C ALA T 86 -65.02 0.10 10.46
N GLY T 87 -64.05 -0.60 9.89
CA GLY T 87 -64.28 -1.95 9.42
C GLY T 87 -64.12 -2.12 7.92
N VAL T 88 -63.26 -1.31 7.32
CA VAL T 88 -63.03 -1.40 5.87
C VAL T 88 -62.40 -2.74 5.53
N PRO T 89 -62.81 -3.41 4.46
CA PRO T 89 -62.28 -4.75 4.16
C PRO T 89 -60.79 -4.74 3.88
N LYS T 90 -60.16 -5.89 4.11
CA LYS T 90 -58.71 -5.98 4.10
C LYS T 90 -58.10 -5.77 2.72
N GLU T 91 -58.79 -6.18 1.66
CA GLU T 91 -58.23 -6.04 0.32
C GLU T 91 -57.98 -4.57 -0.04
N ALA T 92 -59.01 -3.74 0.18
CA ALA T 92 -58.85 -2.31 -0.06
C ALA T 92 -57.77 -1.73 0.83
N LEU T 93 -57.65 -2.23 2.06
CA LEU T 93 -56.63 -1.72 2.97
C LEU T 93 -55.22 -2.04 2.47
N VAL T 94 -55.03 -3.24 1.92
CA VAL T 94 -53.72 -3.60 1.38
C VAL T 94 -53.36 -2.73 0.19
N VAL T 95 -54.32 -2.54 -0.73
CA VAL T 95 -54.07 -1.71 -1.89
C VAL T 95 -53.76 -0.28 -1.45
N ILE T 96 -54.52 0.23 -0.48
CA ILE T 96 -54.33 1.59 0.01
C ILE T 96 -52.98 1.75 0.68
N THR T 97 -52.55 0.74 1.45
CA THR T 97 -51.26 0.83 2.11
C THR T 97 -50.12 0.89 1.10
N HIS T 98 -50.19 0.06 0.06
CA HIS T 98 -49.14 0.08 -0.96
C HIS T 98 -49.12 1.42 -1.70
N ALA T 99 -50.30 1.91 -2.07
CA ALA T 99 -50.39 3.21 -2.73
C ALA T 99 -49.87 4.32 -1.82
N GLY T 100 -50.18 4.26 -0.53
CA GLY T 100 -49.75 5.29 0.39
C GLY T 100 -48.26 5.30 0.61
N ILE T 101 -47.64 4.13 0.70
CA ILE T 101 -46.19 4.08 0.81
C ILE T 101 -45.55 4.70 -0.42
N LEU T 102 -46.03 4.34 -1.60
CA LEU T 102 -45.43 4.89 -2.82
C LEU T 102 -45.65 6.40 -2.92
N LEU T 103 -46.83 6.88 -2.55
CA LEU T 103 -47.08 8.32 -2.62
C LEU T 103 -46.30 9.09 -1.56
N ALA T 104 -46.05 8.48 -0.41
CA ALA T 104 -45.18 9.13 0.57
C ALA T 104 -43.75 9.19 0.08
N LEU T 105 -43.31 8.18 -0.67
CA LEU T 105 -42.00 8.27 -1.32
C LEU T 105 -41.95 9.44 -2.29
N ASP T 106 -43.08 9.78 -2.90
CA ASP T 106 -43.18 10.92 -3.81
C ASP T 106 -42.99 12.26 -3.10
N ARG T 107 -43.24 12.31 -1.79
CA ARG T 107 -43.51 13.56 -1.08
C ARG T 107 -44.65 14.31 -1.75
N ASP T 108 -45.63 13.56 -2.26
CA ASP T 108 -46.78 14.13 -2.95
C ASP T 108 -47.88 14.37 -1.93
N GLU T 109 -47.92 15.59 -1.40
CA GLU T 109 -48.92 15.93 -0.39
C GLU T 109 -50.34 15.88 -0.95
N GLU T 110 -50.55 16.32 -2.19
CA GLU T 110 -51.88 16.36 -2.76
C GLU T 110 -52.45 14.96 -2.98
N ALA T 111 -51.64 14.06 -3.54
CA ALA T 111 -52.09 12.69 -3.74
C ALA T 111 -52.34 11.99 -2.41
N VAL T 112 -51.50 12.28 -1.40
CA VAL T 112 -51.71 11.69 -0.08
C VAL T 112 -53.01 12.20 0.53
N ASP T 113 -53.31 13.48 0.36
CA ASP T 113 -54.56 14.01 0.85
C ASP T 113 -55.76 13.37 0.16
N ALA T 114 -55.65 13.16 -1.15
CA ALA T 114 -56.72 12.46 -1.87
C ALA T 114 -56.89 11.04 -1.35
N LEU T 115 -55.78 10.35 -1.08
CA LEU T 115 -55.84 9.00 -0.52
C LEU T 115 -56.52 9.00 0.85
N LEU T 116 -56.19 9.96 1.70
CA LEU T 116 -56.79 10.01 3.03
C LEU T 116 -58.28 10.33 2.96
N GLU T 117 -58.67 11.21 2.04
CA GLU T 117 -60.10 11.47 1.84
C GLU T 117 -60.81 10.21 1.34
N LEU T 118 -60.16 9.45 0.46
CA LEU T 118 -60.75 8.19 0.01
C LEU T 118 -60.93 7.22 1.18
N ILE T 119 -59.93 7.14 2.06
CA ILE T 119 -60.04 6.28 3.24
C ILE T 119 -61.21 6.71 4.11
N ASP T 120 -61.37 8.02 4.29
CA ASP T 120 -62.48 8.52 5.11
C ASP T 120 -63.83 8.16 4.50
N ARG T 121 -63.97 8.31 3.17
CA ARG T 121 -65.22 7.97 2.52
C ARG T 121 -65.51 6.48 2.63
N LEU T 122 -64.48 5.64 2.47
CA LEU T 122 -64.69 4.20 2.60
C LEU T 122 -65.06 3.81 4.03
N ALA T 123 -64.48 4.51 5.01
CA ALA T 123 -64.84 4.25 6.40
C ALA T 123 -66.29 4.62 6.68
N ARG T 124 -66.74 5.77 6.15
CA ARG T 124 -68.14 6.13 6.30
C ARG T 124 -69.06 5.12 5.60
N ALA T 125 -68.65 4.66 4.42
CA ALA T 125 -69.44 3.64 3.72
C ALA T 125 -69.54 2.35 4.52
N ALA T 126 -68.42 1.92 5.11
CA ALA T 126 -68.44 0.71 5.92
C ALA T 126 -69.32 0.87 7.15
N LYS T 127 -69.23 2.01 7.82
CA LYS T 127 -70.05 2.24 9.00
C LYS T 127 -71.53 2.37 8.64
N ALA T 128 -71.83 2.80 7.42
CA ALA T 128 -73.21 2.99 6.99
C ALA T 128 -73.88 1.70 6.55
N GLY T 129 -73.15 0.59 6.45
CA GLY T 129 -73.74 -0.66 6.05
C GLY T 129 -73.72 -0.93 4.56
N VAL T 130 -72.95 -0.17 3.79
CA VAL T 130 -72.81 -0.45 2.36
C VAL T 130 -72.20 -1.83 2.18
N PRO T 131 -72.70 -2.65 1.24
CA PRO T 131 -72.20 -4.02 1.11
C PRO T 131 -70.71 -4.07 0.85
N LYS T 132 -70.08 -5.13 1.36
CA LYS T 132 -68.62 -5.26 1.33
C LYS T 132 -68.09 -5.30 -0.10
N GLU T 133 -68.81 -5.99 -0.99
CA GLU T 133 -68.35 -6.14 -2.37
C GLU T 133 -68.23 -4.79 -3.08
N ALA T 134 -69.24 -3.93 -2.91
CA ALA T 134 -69.21 -2.61 -3.55
C ALA T 134 -68.05 -1.78 -3.00
N ILE T 135 -67.85 -1.81 -1.68
CA ILE T 135 -66.75 -1.07 -1.09
C ILE T 135 -65.42 -1.56 -1.64
N VAL T 136 -65.24 -2.87 -1.71
CA VAL T 136 -63.98 -3.41 -2.21
C VAL T 136 -63.76 -2.96 -3.66
N THR T 137 -64.80 -3.07 -4.48
CA THR T 137 -64.68 -2.68 -5.89
C THR T 137 -64.23 -1.23 -6.02
N VAL T 138 -64.99 -0.31 -5.43
CA VAL T 138 -64.71 1.10 -5.65
C VAL T 138 -63.41 1.52 -4.97
N GLY T 139 -63.14 0.99 -3.78
CA GLY T 139 -61.91 1.33 -3.10
C GLY T 139 -60.67 0.86 -3.82
N VAL T 140 -60.67 -0.38 -4.31
CA VAL T 140 -59.52 -0.88 -5.04
C VAL T 140 -59.32 -0.07 -6.31
N ALA T 141 -60.41 0.21 -7.04
CA ALA T 141 -60.27 0.98 -8.28
C ALA T 141 -59.71 2.38 -8.01
N ALA T 142 -60.24 3.07 -7.00
CA ALA T 142 -59.80 4.43 -6.72
C ALA T 142 -58.36 4.45 -6.21
N ALA T 143 -57.98 3.49 -5.37
CA ALA T 143 -56.61 3.45 -4.87
C ALA T 143 -55.64 3.17 -6.00
N HIS T 144 -56.00 2.28 -6.93
CA HIS T 144 -55.13 2.05 -8.09
C HIS T 144 -55.01 3.31 -8.94
N LEU T 145 -56.12 4.01 -9.17
CA LEU T 145 -56.07 5.23 -9.98
C LEU T 145 -55.21 6.30 -9.33
N LEU T 146 -55.29 6.41 -8.00
CA LEU T 146 -54.41 7.34 -7.28
C LEU T 146 -52.96 6.92 -7.40
N GLN T 147 -52.69 5.62 -7.34
CA GLN T 147 -51.33 5.13 -7.48
C GLN T 147 -50.75 5.46 -8.85
N ASP T 148 -51.60 5.55 -9.88
CA ASP T 148 -51.19 5.86 -11.24
C ASP T 148 -51.25 7.35 -11.55
N ARG T 149 -51.45 8.19 -10.54
CA ARG T 149 -51.43 9.63 -10.68
C ARG T 149 -52.49 10.12 -11.66
N ASP T 150 -53.67 9.53 -11.56
CA ASP T 150 -54.82 9.93 -12.38
C ASP T 150 -55.86 10.55 -11.45
N LEU T 151 -55.70 11.84 -11.18
CA LEU T 151 -56.57 12.50 -10.21
C LEU T 151 -58.03 12.60 -10.65
N PRO T 152 -58.36 13.03 -11.88
CA PRO T 152 -59.79 13.23 -12.21
C PRO T 152 -60.63 11.97 -12.12
N ARG T 153 -60.11 10.83 -12.58
CA ARG T 153 -60.86 9.58 -12.45
C ARG T 153 -61.02 9.17 -11.00
N ALA T 154 -60.00 9.40 -10.18
CA ALA T 154 -60.11 9.13 -8.76
C ALA T 154 -61.17 10.00 -8.11
N LEU T 155 -61.27 11.26 -8.54
CA LEU T 155 -62.31 12.14 -8.01
C LEU T 155 -63.70 11.66 -8.41
N ARG T 156 -63.84 11.17 -9.64
CA ARG T 156 -65.12 10.60 -10.04
C ARG T 156 -65.48 9.39 -9.18
N LEU T 157 -64.50 8.56 -8.87
CA LEU T 157 -64.78 7.40 -8.01
C LEU T 157 -65.11 7.81 -6.58
N LEU T 158 -64.52 8.90 -6.09
CA LEU T 158 -64.91 9.45 -4.80
C LEU T 158 -66.38 9.87 -4.82
N GLU T 159 -66.80 10.51 -5.91
CA GLU T 159 -68.22 10.84 -6.06
C GLU T 159 -69.08 9.59 -6.05
N VAL T 160 -68.58 8.51 -6.66
CA VAL T 160 -69.33 7.25 -6.66
C VAL T 160 -69.51 6.73 -5.23
N VAL T 161 -68.45 6.82 -4.41
CA VAL T 161 -68.56 6.36 -3.02
C VAL T 161 -69.61 7.17 -2.27
N ASP T 162 -69.58 8.49 -2.43
CA ASP T 162 -70.57 9.33 -1.75
C ASP T 162 -71.98 8.97 -2.19
N LYS T 163 -72.16 8.71 -3.49
CA LYS T 163 -73.46 8.32 -4.00
C LYS T 163 -73.92 7.01 -3.38
N LEU T 164 -73.01 6.05 -3.23
CA LEU T 164 -73.37 4.77 -2.61
C LEU T 164 -73.81 4.95 -1.16
N VAL T 165 -73.10 5.81 -0.41
CA VAL T 165 -73.50 6.06 0.96
C VAL T 165 -74.90 6.66 1.02
N HIS T 166 -75.19 7.60 0.12
CA HIS T 166 -76.51 8.22 0.11
C HIS T 166 -77.60 7.21 -0.26
N MET T 167 -77.33 6.33 -1.24
CA MET T 167 -78.30 5.30 -1.58
C MET T 167 -78.55 4.35 -0.42
N LYS T 168 -77.50 3.96 0.30
CA LYS T 168 -77.70 3.10 1.47
C LYS T 168 -78.56 3.80 2.51
N ALA T 169 -78.32 5.09 2.75
CA ALA T 169 -79.15 5.83 3.68
C ALA T 169 -80.58 6.02 3.19
N LEU T 170 -80.81 5.94 1.88
CA LEU T 170 -82.15 6.12 1.33
C LEU T 170 -83.00 4.86 1.37
N GLY T 171 -82.40 3.71 1.67
CA GLY T 171 -83.14 2.46 1.73
C GLY T 171 -83.06 1.59 0.50
N VAL T 172 -82.20 1.94 -0.46
CA VAL T 172 -82.02 1.09 -1.65
C VAL T 172 -81.44 -0.24 -1.23
N PRO T 173 -81.95 -1.37 -1.73
CA PRO T 173 -81.44 -2.68 -1.30
C PRO T 173 -80.02 -2.93 -1.78
N ASP T 174 -79.43 -4.01 -1.26
CA ASP T 174 -78.01 -4.28 -1.47
C ASP T 174 -77.70 -4.59 -2.92
N GLU T 175 -78.59 -5.32 -3.59
CA GLU T 175 -78.29 -5.78 -4.95
C GLU T 175 -78.10 -4.63 -5.92
N GLU T 176 -79.00 -3.64 -5.88
CA GLU T 176 -78.87 -2.51 -6.79
C GLU T 176 -77.68 -1.64 -6.42
N ILE T 177 -77.32 -1.58 -5.13
CA ILE T 177 -76.12 -0.85 -4.74
C ILE T 177 -74.88 -1.52 -5.34
N ILE T 178 -74.82 -2.85 -5.25
CA ILE T 178 -73.69 -3.58 -5.83
C ILE T 178 -73.65 -3.37 -7.34
N ALA T 179 -74.80 -3.45 -7.99
CA ALA T 179 -74.85 -3.27 -9.45
C ALA T 179 -74.40 -1.87 -9.84
N TYR T 180 -74.89 -0.84 -9.13
CA TYR T 180 -74.50 0.52 -9.45
C TYR T 180 -73.01 0.73 -9.26
N ALA T 181 -72.45 0.20 -8.18
CA ALA T 181 -71.02 0.31 -7.98
C ALA T 181 -70.25 -0.38 -9.11
N LYS T 182 -70.74 -1.54 -9.55
CA LYS T 182 -70.07 -2.26 -10.63
C LYS T 182 -70.07 -1.45 -11.92
N GLU T 183 -71.22 -0.91 -12.30
CA GLU T 183 -71.29 -0.13 -13.54
C GLU T 183 -70.43 1.12 -13.46
N GLU T 184 -70.48 1.85 -12.34
CA GLU T 184 -69.69 3.07 -12.25
C GLU T 184 -68.20 2.77 -12.26
N THR T 185 -67.77 1.72 -11.57
CA THR T 185 -66.36 1.35 -11.61
C THR T 185 -65.93 0.91 -13.00
N GLU T 186 -66.78 0.15 -13.70
CA GLU T 186 -66.43 -0.27 -15.05
C GLU T 186 -66.35 0.93 -15.98
N ARG T 187 -67.22 1.92 -15.79
CA ARG T 187 -67.13 3.15 -16.58
C ARG T 187 -65.83 3.89 -16.31
N ALA T 188 -65.43 3.95 -15.04
CA ALA T 188 -64.17 4.62 -14.70
C ALA T 188 -62.97 3.89 -15.31
N TYR T 189 -62.95 2.56 -15.19
CA TYR T 189 -61.84 1.79 -15.75
C TYR T 189 -61.79 1.89 -17.28
N LYS T 190 -62.94 1.80 -17.93
CA LYS T 190 -62.96 1.76 -19.39
C LYS T 190 -62.52 3.10 -19.97
N GLY T 191 -62.71 4.18 -19.22
CA GLY T 191 -62.34 5.51 -19.67
C GLY T 191 -63.51 6.35 -20.17
N GLU T 192 -64.70 5.76 -20.29
CA GLU T 192 -65.88 6.48 -20.75
C GLU T 192 -66.19 7.66 -19.85
N GLY U 23 54.53 -52.68 -7.20
CA GLY U 23 53.51 -53.44 -7.90
C GLY U 23 53.74 -53.50 -9.39
N THR U 24 54.25 -54.63 -9.88
CA THR U 24 54.51 -54.82 -11.30
C THR U 24 53.22 -54.97 -12.11
N ALA U 25 52.13 -55.40 -11.48
CA ALA U 25 50.87 -55.51 -12.20
C ALA U 25 50.35 -54.14 -12.62
N GLU U 26 50.48 -53.15 -11.74
CA GLU U 26 50.10 -51.78 -12.10
C GLU U 26 50.98 -51.24 -13.21
N ALA U 27 52.27 -51.55 -13.18
CA ALA U 27 53.17 -51.14 -14.25
C ALA U 27 52.76 -51.77 -15.58
N LEU U 28 52.38 -53.05 -15.55
CA LEU U 28 51.91 -53.70 -16.77
C LEU U 28 50.62 -53.07 -17.27
N LEU U 29 49.71 -52.72 -16.36
CA LEU U 29 48.47 -52.05 -16.76
C LEU U 29 48.76 -50.71 -17.42
N LEU U 30 49.67 -49.93 -16.84
CA LEU U 30 50.04 -48.65 -17.44
C LEU U 30 50.69 -48.85 -18.81
N ALA U 31 51.54 -49.86 -18.93
CA ALA U 31 52.18 -50.14 -20.21
C ALA U 31 51.15 -50.50 -21.28
N ARG U 32 50.16 -51.32 -20.92
CA ARG U 32 49.12 -51.67 -21.87
C ARG U 32 48.29 -50.46 -22.25
N ALA U 33 48.01 -49.57 -21.29
CA ALA U 33 47.29 -48.34 -21.62
C ALA U 33 48.06 -47.50 -22.61
N ILE U 34 49.38 -47.33 -22.39
CA ILE U 34 50.20 -46.56 -23.31
C ILE U 34 50.19 -47.19 -24.70
N VAL U 35 50.37 -48.51 -24.76
CA VAL U 35 50.46 -49.19 -26.04
C VAL U 35 49.15 -49.10 -26.80
N SER U 36 48.02 -49.28 -26.12
CA SER U 36 46.73 -49.18 -26.78
C SER U 36 46.47 -47.78 -27.30
N ALA U 37 46.83 -46.76 -26.50
CA ALA U 37 46.65 -45.38 -26.97
C ALA U 37 47.50 -45.11 -28.20
N VAL U 38 48.75 -45.60 -28.21
CA VAL U 38 49.63 -45.37 -29.34
C VAL U 38 49.11 -46.09 -30.58
N GLU U 39 48.59 -47.30 -30.41
CA GLU U 39 48.04 -48.03 -31.57
C GLU U 39 46.81 -47.33 -32.12
N ASP U 40 45.93 -46.84 -31.25
CA ASP U 40 44.76 -46.11 -31.73
C ASP U 40 45.19 -44.84 -32.47
N ALA U 41 46.19 -44.13 -31.94
CA ALA U 41 46.67 -42.93 -32.60
C ALA U 41 47.27 -43.25 -33.97
N LYS U 42 48.01 -44.36 -34.07
CA LYS U 42 48.54 -44.77 -35.37
C LYS U 42 47.41 -45.07 -36.34
N LYS U 43 46.35 -45.74 -35.88
CA LYS U 43 45.21 -46.01 -36.75
C LYS U 43 44.52 -44.73 -37.18
N HIS U 44 44.55 -43.69 -36.33
CA HIS U 44 43.93 -42.42 -36.67
C HIS U 44 44.74 -41.59 -37.66
N GLY U 45 46.01 -41.89 -37.85
CA GLY U 45 46.83 -41.18 -38.80
C GLY U 45 47.87 -40.24 -38.21
N VAL U 46 48.15 -40.33 -36.92
CA VAL U 46 49.18 -39.48 -36.30
C VAL U 46 50.55 -39.91 -36.82
N PRO U 47 51.47 -38.98 -37.09
CA PRO U 47 52.80 -39.38 -37.56
C PRO U 47 53.52 -40.28 -36.56
N GLU U 48 54.28 -41.23 -37.10
CA GLU U 48 54.82 -42.34 -36.32
C GLU U 48 56.03 -41.94 -35.47
N ASP U 49 56.81 -40.94 -35.90
CA ASP U 49 57.97 -40.52 -35.13
C ASP U 49 57.56 -39.88 -33.80
N LEU U 50 56.53 -39.03 -33.83
CA LEU U 50 56.02 -38.46 -32.59
C LEU U 50 55.51 -39.56 -31.67
N LEU U 51 54.83 -40.54 -32.23
CA LEU U 51 54.34 -41.66 -31.43
C LEU U 51 55.49 -42.47 -30.85
N ALA U 52 56.59 -42.59 -31.59
CA ALA U 52 57.76 -43.31 -31.07
C ALA U 52 58.33 -42.59 -29.86
N ASP U 53 58.50 -41.27 -29.95
CA ASP U 53 58.97 -40.51 -28.79
C ASP U 53 58.03 -40.67 -27.60
N ILE U 54 56.73 -40.52 -27.83
CA ILE U 54 55.78 -40.59 -26.73
C ILE U 54 55.78 -41.99 -26.12
N GLU U 55 55.83 -43.02 -26.95
CA GLU U 55 55.82 -44.40 -26.46
C GLU U 55 57.06 -44.71 -25.64
N ARG U 56 58.23 -44.27 -26.08
CA ARG U 56 59.43 -44.49 -25.29
C ARG U 56 59.32 -43.82 -23.93
N ALA U 57 58.90 -42.55 -23.91
CA ALA U 57 58.76 -41.85 -22.64
C ALA U 57 57.72 -42.52 -21.75
N GLY U 58 56.61 -42.96 -22.33
CA GLY U 58 55.55 -43.57 -21.55
C GLY U 58 55.96 -44.90 -20.95
N LEU U 59 56.65 -45.73 -21.72
CA LEU U 59 57.14 -46.99 -21.17
C LEU U 59 58.16 -46.76 -20.06
N ALA U 60 59.06 -45.79 -20.26
CA ALA U 60 60.03 -45.47 -19.21
C ALA U 60 59.33 -45.03 -17.93
N LEU U 61 58.28 -44.21 -18.06
CA LEU U 61 57.56 -43.77 -16.87
C LEU U 61 56.70 -44.87 -16.27
N ALA U 62 56.25 -45.82 -17.09
CA ALA U 62 55.42 -46.90 -16.58
C ALA U 62 56.24 -47.95 -15.84
N GLU U 63 57.51 -48.11 -16.19
CA GLU U 63 58.33 -49.09 -15.48
C GLU U 63 58.46 -48.75 -14.00
N VAL U 64 58.35 -47.47 -13.64
CA VAL U 64 58.40 -47.06 -12.25
C VAL U 64 57.01 -46.85 -11.67
N GLY U 65 55.97 -47.24 -12.40
CA GLY U 65 54.61 -47.18 -11.89
C GLY U 65 54.12 -45.80 -11.53
N ASP U 66 54.43 -44.80 -12.36
CA ASP U 66 54.06 -43.42 -12.09
C ASP U 66 52.83 -43.11 -12.92
N ARG U 67 51.67 -43.03 -12.26
CA ARG U 67 50.39 -43.01 -12.96
C ARG U 67 50.12 -41.64 -13.60
N GLU U 68 50.45 -40.56 -12.89
CA GLU U 68 50.01 -39.24 -13.33
C GLU U 68 50.65 -38.83 -14.66
N ALA U 69 51.96 -39.05 -14.80
CA ALA U 69 52.61 -38.66 -16.05
C ALA U 69 52.14 -39.54 -17.20
N VAL U 70 51.85 -40.81 -16.93
CA VAL U 70 51.30 -41.67 -17.97
C VAL U 70 49.94 -41.16 -18.43
N LEU U 71 49.10 -40.75 -17.48
CA LEU U 71 47.81 -40.16 -17.84
C LEU U 71 47.99 -38.89 -18.67
N LEU U 72 48.95 -38.05 -18.29
CA LEU U 72 49.22 -36.84 -19.06
C LEU U 72 49.67 -37.17 -20.48
N LEU U 73 50.51 -38.21 -20.63
CA LEU U 73 50.95 -38.62 -21.95
C LEU U 73 49.81 -39.14 -22.79
N VAL U 74 48.87 -39.86 -22.17
CA VAL U 74 47.70 -40.35 -22.91
C VAL U 74 46.84 -39.18 -23.38
N ARG U 75 46.67 -38.16 -22.53
CA ARG U 75 45.97 -36.95 -22.95
C ARG U 75 46.67 -36.29 -24.12
N LEU U 76 48.00 -36.23 -24.08
CA LEU U 76 48.76 -35.66 -25.18
C LEU U 76 48.54 -36.46 -26.47
N ILE U 77 48.49 -37.78 -26.36
CA ILE U 77 48.24 -38.62 -27.54
C ILE U 77 46.88 -38.29 -28.14
N ASN U 78 45.85 -38.16 -27.29
CA ASN U 78 44.52 -37.87 -27.81
C ASN U 78 44.46 -36.49 -28.48
N ALA U 79 45.12 -35.50 -27.87
CA ALA U 79 45.18 -34.19 -28.49
C ALA U 79 45.90 -34.24 -29.82
N LEU U 80 46.96 -35.05 -29.90
CA LEU U 80 47.64 -35.24 -31.18
C LEU U 80 46.74 -35.89 -32.21
N ILE U 81 45.87 -36.81 -31.78
CA ILE U 81 44.90 -37.40 -32.70
C ILE U 81 44.02 -36.32 -33.29
N VAL U 82 43.50 -35.43 -32.44
CA VAL U 82 42.63 -34.35 -32.91
C VAL U 82 43.39 -33.45 -33.89
N ALA U 83 44.61 -33.07 -33.52
CA ALA U 83 45.39 -32.15 -34.36
C ALA U 83 45.76 -32.78 -35.69
N ALA U 84 46.13 -34.06 -35.69
CA ALA U 84 46.47 -34.74 -36.94
C ALA U 84 45.25 -34.89 -37.83
N GLU U 85 44.08 -35.13 -37.23
CA GLU U 85 42.86 -35.16 -38.01
C GLU U 85 42.58 -33.81 -38.65
N ALA U 86 42.80 -32.72 -37.91
CA ALA U 86 42.53 -31.39 -38.46
C ALA U 86 43.46 -31.06 -39.62
N GLY U 87 44.76 -31.37 -39.48
CA GLY U 87 45.71 -31.04 -40.52
C GLY U 87 46.74 -30.01 -40.07
N VAL U 88 47.07 -30.02 -38.79
CA VAL U 88 48.08 -29.09 -38.27
C VAL U 88 49.44 -29.46 -38.81
N PRO U 89 50.29 -28.50 -39.20
CA PRO U 89 51.58 -28.83 -39.81
C PRO U 89 52.49 -29.61 -38.88
N LYS U 90 53.44 -30.33 -39.50
CA LYS U 90 54.27 -31.30 -38.78
C LYS U 90 55.28 -30.64 -37.85
N GLU U 91 55.86 -29.50 -38.24
CA GLU U 91 56.87 -28.86 -37.39
C GLU U 91 56.27 -28.46 -36.06
N ALA U 92 55.09 -27.85 -36.09
CA ALA U 92 54.38 -27.55 -34.86
C ALA U 92 54.09 -28.81 -34.08
N LEU U 93 53.70 -29.87 -34.76
CA LEU U 93 53.41 -31.12 -34.06
C LEU U 93 54.64 -31.63 -33.31
N VAL U 94 55.81 -31.54 -33.93
CA VAL U 94 57.04 -31.99 -33.29
C VAL U 94 57.33 -31.15 -32.04
N VAL U 95 57.23 -29.82 -32.18
CA VAL U 95 57.54 -28.95 -31.05
C VAL U 95 56.56 -29.17 -29.91
N ILE U 96 55.27 -29.24 -30.21
CA ILE U 96 54.27 -29.50 -29.17
C ILE U 96 54.48 -30.89 -28.55
N THR U 97 54.88 -31.88 -29.33
CA THR U 97 55.09 -33.21 -28.77
C THR U 97 56.24 -33.21 -27.77
N HIS U 98 57.36 -32.57 -28.13
CA HIS U 98 58.49 -32.52 -27.21
C HIS U 98 58.13 -31.75 -25.95
N ALA U 99 57.47 -30.60 -26.11
CA ALA U 99 57.07 -29.81 -24.96
C ALA U 99 56.11 -30.58 -24.07
N GLY U 100 55.18 -31.33 -24.67
CA GLY U 100 54.23 -32.10 -23.89
C GLY U 100 54.88 -33.22 -23.12
N ILE U 101 55.87 -33.88 -23.71
CA ILE U 101 56.59 -34.92 -22.97
C ILE U 101 57.30 -34.31 -21.77
N LEU U 102 57.98 -33.17 -21.98
CA LEU U 102 58.69 -32.55 -20.87
C LEU U 102 57.74 -32.05 -19.79
N LEU U 103 56.56 -31.56 -20.20
CA LEU U 103 55.58 -31.09 -19.21
C LEU U 103 54.92 -32.25 -18.47
N ALA U 104 54.75 -33.39 -19.14
CA ALA U 104 54.25 -34.57 -18.44
C ALA U 104 55.26 -35.08 -17.42
N LEU U 105 56.55 -34.96 -17.74
CA LEU U 105 57.57 -35.25 -16.73
C LEU U 105 57.39 -34.38 -15.50
N ASP U 106 56.93 -33.15 -15.66
CA ASP U 106 56.68 -32.24 -14.55
C ASP U 106 55.52 -32.67 -13.68
N ARG U 107 54.64 -33.54 -14.19
CA ARG U 107 53.37 -33.87 -13.54
C ARG U 107 52.55 -32.63 -13.25
N ASP U 108 52.72 -31.59 -14.07
CA ASP U 108 52.05 -30.31 -13.82
C ASP U 108 50.87 -30.19 -14.78
N GLU U 109 49.67 -30.21 -14.22
CA GLU U 109 48.46 -30.30 -15.03
C GLU U 109 48.11 -28.98 -15.70
N GLU U 110 48.51 -27.85 -15.13
CA GLU U 110 48.09 -26.57 -15.67
C GLU U 110 48.76 -26.29 -17.02
N ALA U 111 50.07 -26.48 -17.12
CA ALA U 111 50.73 -26.27 -18.39
C ALA U 111 50.32 -27.30 -19.43
N VAL U 112 50.03 -28.52 -19.01
CA VAL U 112 49.51 -29.52 -19.93
C VAL U 112 48.15 -29.10 -20.47
N ASP U 113 47.30 -28.56 -19.60
CA ASP U 113 46.00 -28.07 -20.05
C ASP U 113 46.15 -26.89 -21.01
N ALA U 114 47.10 -26.00 -20.72
CA ALA U 114 47.38 -24.90 -21.65
C ALA U 114 47.86 -25.42 -23.01
N LEU U 115 48.70 -26.45 -23.00
CA LEU U 115 49.19 -27.04 -24.24
C LEU U 115 48.05 -27.69 -25.03
N LEU U 116 47.17 -28.41 -24.35
CA LEU U 116 46.04 -29.03 -25.04
C LEU U 116 45.09 -27.96 -25.60
N GLU U 117 44.89 -26.87 -24.86
CA GLU U 117 44.09 -25.77 -25.36
C GLU U 117 44.72 -25.14 -26.59
N LEU U 118 46.05 -24.97 -26.58
CA LEU U 118 46.73 -24.48 -27.76
C LEU U 118 46.56 -25.42 -28.95
N ILE U 119 46.64 -26.73 -28.71
CA ILE U 119 46.44 -27.70 -29.79
C ILE U 119 45.04 -27.57 -30.36
N ASP U 120 44.04 -27.41 -29.49
CA ASP U 120 42.67 -27.25 -29.96
C ASP U 120 42.52 -25.99 -30.81
N ARG U 121 43.12 -24.88 -30.38
CA ARG U 121 43.02 -23.65 -31.14
C ARG U 121 43.72 -23.78 -32.49
N LEU U 122 44.88 -24.43 -32.51
CA LEU U 122 45.59 -24.64 -33.77
C LEU U 122 44.80 -25.54 -34.71
N ALA U 123 44.13 -26.55 -34.16
CA ALA U 123 43.28 -27.40 -34.98
C ALA U 123 42.13 -26.60 -35.59
N ARG U 124 41.52 -25.72 -34.81
CA ARG U 124 40.49 -24.85 -35.37
C ARG U 124 41.04 -23.97 -36.47
N ALA U 125 42.23 -23.41 -36.27
CA ALA U 125 42.84 -22.57 -37.29
C ALA U 125 43.12 -23.34 -38.57
N ALA U 126 43.63 -24.57 -38.43
CA ALA U 126 43.92 -25.38 -39.61
C ALA U 126 42.64 -25.76 -40.35
N LYS U 127 41.59 -26.10 -39.61
CA LYS U 127 40.33 -26.45 -40.25
C LYS U 127 39.67 -25.23 -40.91
N ALA U 128 39.94 -24.03 -40.39
CA ALA U 128 39.32 -22.83 -40.94
C ALA U 128 40.04 -22.30 -42.17
N GLY U 129 41.18 -22.87 -42.54
CA GLY U 129 41.90 -22.42 -43.71
C GLY U 129 42.95 -21.36 -43.45
N VAL U 130 43.34 -21.14 -42.20
CA VAL U 130 44.40 -20.18 -41.89
C VAL U 130 45.69 -20.65 -42.54
N PRO U 131 46.52 -19.77 -43.11
CA PRO U 131 47.73 -20.22 -43.80
C PRO U 131 48.64 -21.05 -42.91
N LYS U 132 49.37 -21.97 -43.55
CA LYS U 132 50.28 -22.83 -42.81
C LYS U 132 51.38 -22.03 -42.13
N GLU U 133 51.88 -20.98 -42.78
CA GLU U 133 53.00 -20.23 -42.24
C GLU U 133 52.62 -19.55 -40.92
N ALA U 134 51.46 -18.92 -40.86
CA ALA U 134 51.01 -18.28 -39.63
C ALA U 134 50.81 -19.31 -38.52
N ILE U 135 50.21 -20.45 -38.86
CA ILE U 135 49.99 -21.50 -37.88
C ILE U 135 51.32 -21.97 -37.31
N VAL U 136 52.29 -22.22 -38.19
CA VAL U 136 53.59 -22.71 -37.76
C VAL U 136 54.27 -21.69 -36.85
N THR U 137 54.27 -20.42 -37.27
CA THR U 137 54.94 -19.39 -36.49
C THR U 137 54.35 -19.28 -35.09
N VAL U 138 53.04 -19.09 -35.00
CA VAL U 138 52.42 -18.86 -33.69
C VAL U 138 52.47 -20.13 -32.85
N GLY U 139 52.26 -21.30 -33.47
CA GLY U 139 52.29 -22.54 -32.71
C GLY U 139 53.66 -22.85 -32.15
N VAL U 140 54.71 -22.68 -32.95
CA VAL U 140 56.06 -22.92 -32.45
C VAL U 140 56.38 -21.95 -31.33
N ALA U 141 56.05 -20.67 -31.51
CA ALA U 141 56.34 -19.70 -30.46
C ALA U 141 55.62 -20.03 -29.16
N ALA U 142 54.32 -20.36 -29.25
CA ALA U 142 53.55 -20.63 -28.04
C ALA U 142 53.99 -21.93 -27.37
N ALA U 143 54.31 -22.96 -28.16
CA ALA U 143 54.76 -24.21 -27.58
C ALA U 143 56.11 -24.03 -26.89
N HIS U 144 57.02 -23.27 -27.49
CA HIS U 144 58.29 -23.00 -26.83
C HIS U 144 58.08 -22.22 -25.53
N LEU U 145 57.19 -21.22 -25.56
CA LEU U 145 56.93 -20.45 -24.34
C LEU U 145 56.33 -21.33 -23.25
N LEU U 146 55.45 -22.26 -23.62
CA LEU U 146 54.91 -23.17 -22.63
C LEU U 146 55.98 -24.12 -22.10
N GLN U 147 56.92 -24.52 -22.94
CA GLN U 147 58.01 -25.37 -22.48
C GLN U 147 58.91 -24.66 -21.49
N ASP U 148 59.03 -23.34 -21.61
CA ASP U 148 59.88 -22.54 -20.74
C ASP U 148 59.13 -21.99 -19.52
N ARG U 149 57.91 -22.48 -19.28
CA ARG U 149 57.08 -22.06 -18.14
C ARG U 149 56.87 -20.55 -18.13
N ASP U 150 56.44 -20.01 -19.27
CA ASP U 150 56.15 -18.58 -19.41
C ASP U 150 54.68 -18.46 -19.79
N LEU U 151 53.82 -18.40 -18.77
CA LEU U 151 52.38 -18.52 -19.03
C LEU U 151 51.76 -17.24 -19.60
N PRO U 152 52.03 -16.04 -19.07
CA PRO U 152 51.35 -14.85 -19.62
C PRO U 152 51.58 -14.63 -21.11
N ARG U 153 52.82 -14.81 -21.57
CA ARG U 153 53.10 -14.66 -23.00
C ARG U 153 52.45 -15.75 -23.82
N ALA U 154 52.40 -16.97 -23.30
CA ALA U 154 51.69 -18.04 -24.00
C ALA U 154 50.21 -17.73 -24.13
N LEU U 155 49.61 -17.14 -23.09
CA LEU U 155 48.20 -16.77 -23.17
C LEU U 155 47.99 -15.64 -24.18
N ARG U 156 48.92 -14.70 -24.25
CA ARG U 156 48.86 -13.69 -25.29
C ARG U 156 48.90 -14.32 -26.68
N LEU U 157 49.75 -15.32 -26.87
CA LEU U 157 49.82 -15.97 -28.17
C LEU U 157 48.55 -16.78 -28.47
N LEU U 158 47.92 -17.35 -27.44
CA LEU U 158 46.64 -18.02 -27.64
C LEU U 158 45.59 -17.02 -28.13
N GLU U 159 45.57 -15.82 -27.54
CA GLU U 159 44.67 -14.78 -28.03
C GLU U 159 44.99 -14.42 -29.47
N VAL U 160 46.28 -14.41 -29.83
CA VAL U 160 46.66 -14.15 -31.22
C VAL U 160 46.08 -15.20 -32.16
N VAL U 161 46.14 -16.48 -31.75
CA VAL U 161 45.58 -17.54 -32.58
C VAL U 161 44.07 -17.35 -32.77
N ASP U 162 43.37 -17.01 -31.69
CA ASP U 162 41.94 -16.76 -31.78
C ASP U 162 41.66 -15.62 -32.76
N LYS U 163 42.45 -14.55 -32.68
CA LYS U 163 42.26 -13.41 -33.58
C LYS U 163 42.52 -13.82 -35.02
N LEU U 164 43.52 -14.67 -35.26
CA LEU U 164 43.78 -15.14 -36.62
C LEU U 164 42.59 -15.91 -37.18
N VAL U 165 41.99 -16.77 -36.35
CA VAL U 165 40.83 -17.53 -36.81
C VAL U 165 39.68 -16.59 -37.16
N HIS U 166 39.43 -15.61 -36.30
CA HIS U 166 38.35 -14.65 -36.58
C HIS U 166 38.63 -13.85 -37.84
N MET U 167 39.87 -13.42 -38.05
CA MET U 167 40.23 -12.68 -39.25
C MET U 167 40.06 -13.52 -40.51
N LYS U 168 40.41 -14.80 -40.44
CA LYS U 168 40.16 -15.69 -41.57
C LYS U 168 38.67 -15.81 -41.84
N ALA U 169 37.86 -15.95 -40.81
CA ALA U 169 36.42 -16.03 -40.98
C ALA U 169 35.81 -14.73 -41.50
N LEU U 170 36.48 -13.60 -41.30
CA LEU U 170 35.98 -12.31 -41.77
C LEU U 170 36.33 -12.02 -43.22
N GLY U 171 37.06 -12.92 -43.89
CA GLY U 171 37.41 -12.71 -45.28
C GLY U 171 38.68 -11.92 -45.52
N VAL U 172 39.49 -11.69 -44.49
CA VAL U 172 40.77 -11.00 -44.68
C VAL U 172 41.69 -11.85 -45.55
N PRO U 173 42.40 -11.26 -46.50
CA PRO U 173 43.29 -12.06 -47.36
C PRO U 173 44.43 -12.68 -46.58
N ASP U 174 45.06 -13.67 -47.21
CA ASP U 174 46.05 -14.49 -46.53
C ASP U 174 47.28 -13.68 -46.11
N GLU U 175 47.69 -12.73 -46.97
CA GLU U 175 48.93 -11.99 -46.73
C GLU U 175 48.84 -11.17 -45.45
N GLU U 176 47.72 -10.49 -45.22
CA GLU U 176 47.58 -9.72 -43.98
C GLU U 176 47.51 -10.63 -42.76
N ILE U 177 46.91 -11.82 -42.89
CA ILE U 177 46.90 -12.76 -41.77
C ILE U 177 48.33 -13.16 -41.42
N ILE U 178 49.14 -13.47 -42.45
CA ILE U 178 50.53 -13.87 -42.21
C ILE U 178 51.32 -12.72 -41.60
N ALA U 179 51.13 -11.51 -42.13
CA ALA U 179 51.85 -10.35 -41.60
C ALA U 179 51.49 -10.09 -40.14
N TYR U 180 50.20 -10.15 -39.81
CA TYR U 180 49.78 -9.92 -38.44
C TYR U 180 50.33 -10.99 -37.51
N ALA U 181 50.31 -12.25 -37.96
CA ALA U 181 50.84 -13.32 -37.12
C ALA U 181 52.33 -13.10 -36.86
N LYS U 182 53.08 -12.73 -37.90
CA LYS U 182 54.51 -12.49 -37.72
C LYS U 182 54.75 -11.33 -36.76
N GLU U 183 53.98 -10.25 -36.91
CA GLU U 183 54.16 -9.10 -36.04
C GLU U 183 53.89 -9.45 -34.58
N GLU U 184 52.79 -10.16 -34.32
CA GLU U 184 52.46 -10.50 -32.95
C GLU U 184 53.46 -11.49 -32.35
N THR U 185 53.91 -12.46 -33.14
CA THR U 185 54.89 -13.42 -32.64
C THR U 185 56.22 -12.75 -32.34
N GLU U 186 56.69 -11.86 -33.21
CA GLU U 186 57.95 -11.18 -32.94
C GLU U 186 57.80 -10.23 -31.76
N ARG U 187 56.60 -9.67 -31.56
CA ARG U 187 56.34 -8.88 -30.37
C ARG U 187 56.46 -9.73 -29.11
N ALA U 188 55.90 -10.95 -29.14
CA ALA U 188 55.97 -11.83 -27.98
C ALA U 188 57.41 -12.24 -27.70
N TYR U 189 58.16 -12.60 -28.74
CA TYR U 189 59.56 -12.97 -28.57
C TYR U 189 60.38 -11.80 -28.02
N LYS U 190 60.17 -10.60 -28.56
CA LYS U 190 60.99 -9.47 -28.14
C LYS U 190 60.74 -9.11 -26.68
N GLY U 191 59.50 -9.26 -26.21
CA GLY U 191 59.13 -8.92 -24.86
C GLY U 191 58.20 -7.73 -24.74
N GLU U 192 57.95 -7.01 -25.83
CA GLU U 192 57.02 -5.88 -25.80
C GLU U 192 55.62 -6.34 -25.43
N GLY V 23 -25.15 26.19 8.92
CA GLY V 23 -25.01 27.29 9.86
C GLY V 23 -25.00 26.83 11.30
N THR V 24 -23.80 26.60 11.83
CA THR V 24 -23.65 26.12 13.19
C THR V 24 -23.94 27.18 14.24
N ALA V 25 -23.74 28.46 13.90
CA ALA V 25 -24.09 29.53 14.83
C ALA V 25 -25.59 29.59 15.06
N GLU V 26 -26.38 29.36 14.02
CA GLU V 26 -27.83 29.29 14.18
C GLU V 26 -28.23 28.08 15.02
N ALA V 27 -27.56 26.95 14.84
CA ALA V 27 -27.81 25.79 15.68
C ALA V 27 -27.51 26.11 17.14
N LEU V 28 -26.42 26.80 17.41
CA LEU V 28 -26.10 27.22 18.77
C LEU V 28 -27.15 28.16 19.32
N LEU V 29 -27.64 29.09 18.50
CA LEU V 29 -28.69 30.00 18.95
C LEU V 29 -29.97 29.25 19.32
N LEU V 30 -30.37 28.29 18.49
CA LEU V 30 -31.56 27.51 18.79
C LEU V 30 -31.38 26.67 20.05
N ALA V 31 -30.20 26.07 20.22
CA ALA V 31 -29.93 25.30 21.42
C ALA V 31 -29.99 26.17 22.66
N ARG V 32 -29.43 27.38 22.58
CA ARG V 32 -29.49 28.29 23.72
C ARG V 32 -30.93 28.70 24.02
N ALA V 33 -31.74 28.91 22.99
CA ALA V 33 -33.15 29.21 23.22
C ALA V 33 -33.85 28.08 23.95
N ILE V 34 -33.62 26.84 23.51
CA ILE V 34 -34.25 25.69 24.16
C ILE V 34 -33.80 25.57 25.61
N VAL V 35 -32.50 25.72 25.86
CA VAL V 35 -31.98 25.55 27.21
C VAL V 35 -32.48 26.66 28.14
N SER V 36 -32.54 27.89 27.64
CA SER V 36 -33.06 28.99 28.44
C SER V 36 -34.52 28.79 28.78
N ALA V 37 -35.33 28.34 27.80
CA ALA V 37 -36.73 28.07 28.08
C ALA V 37 -36.88 26.95 29.11
N VAL V 38 -36.06 25.91 29.00
CA VAL V 38 -36.14 24.79 29.94
C VAL V 38 -35.78 25.26 31.36
N GLU V 39 -34.73 26.07 31.49
CA GLU V 39 -34.35 26.56 32.81
C GLU V 39 -35.42 27.47 33.40
N ASP V 40 -36.03 28.34 32.58
CA ASP V 40 -37.11 29.18 33.09
C ASP V 40 -38.30 28.33 33.54
N ALA V 41 -38.66 27.32 32.76
CA ALA V 41 -39.77 26.45 33.14
C ALA V 41 -39.47 25.71 34.44
N LYS V 42 -38.23 25.23 34.58
CA LYS V 42 -37.82 24.57 35.81
C LYS V 42 -37.92 25.50 37.00
N LYS V 43 -37.58 26.77 36.80
CA LYS V 43 -37.77 27.76 37.87
C LYS V 43 -39.25 27.98 38.17
N HIS V 44 -40.12 27.89 37.17
CA HIS V 44 -41.54 28.10 37.37
C HIS V 44 -42.25 26.95 38.07
N GLY V 45 -41.61 25.79 38.19
CA GLY V 45 -42.22 24.66 38.85
C GLY V 45 -42.73 23.55 37.95
N VAL V 46 -42.30 23.50 36.69
CA VAL V 46 -42.71 22.43 35.79
C VAL V 46 -41.99 21.14 36.17
N PRO V 47 -42.65 19.98 36.12
CA PRO V 47 -41.96 18.73 36.45
C PRO V 47 -40.77 18.46 35.53
N GLU V 48 -39.72 17.89 36.12
CA GLU V 48 -38.42 17.79 35.47
C GLU V 48 -38.36 16.70 34.40
N ASP V 49 -39.15 15.63 34.54
CA ASP V 49 -39.12 14.57 33.54
C ASP V 49 -39.67 15.06 32.19
N LEU V 50 -40.78 15.78 32.22
CA LEU V 50 -41.32 16.36 30.99
C LEU V 50 -40.29 17.27 30.33
N LEU V 51 -39.60 18.08 31.14
CA LEU V 51 -38.60 18.98 30.62
C LEU V 51 -37.43 18.21 30.01
N ALA V 52 -37.06 17.07 30.61
CA ALA V 52 -35.99 16.26 30.03
C ALA V 52 -36.37 15.74 28.66
N ASP V 53 -37.60 15.23 28.51
CA ASP V 53 -38.06 14.81 27.19
C ASP V 53 -38.02 15.96 26.18
N ILE V 54 -38.58 17.11 26.56
CA ILE V 54 -38.65 18.23 25.62
C ILE V 54 -37.25 18.71 25.27
N GLU V 55 -36.35 18.75 26.24
CA GLU V 55 -34.99 19.22 25.98
C GLU V 55 -34.23 18.28 25.07
N ARG V 56 -34.38 16.97 25.26
CA ARG V 56 -33.72 16.03 24.36
C ARG V 56 -34.21 16.22 22.93
N ALA V 57 -35.54 16.28 22.76
CA ALA V 57 -36.07 16.48 21.41
C ALA V 57 -35.62 17.81 20.82
N GLY V 58 -35.60 18.86 21.63
CA GLY V 58 -35.22 20.18 21.12
C GLY V 58 -33.78 20.26 20.72
N LEU V 59 -32.87 19.69 21.50
CA LEU V 59 -31.47 19.72 21.12
C LEU V 59 -31.22 18.86 19.88
N ALA V 60 -31.92 17.73 19.77
CA ALA V 60 -31.82 16.94 18.55
C ALA V 60 -32.28 17.73 17.34
N LEU V 61 -33.35 18.52 17.47
CA LEU V 61 -33.85 19.30 16.34
C LEU V 61 -32.98 20.51 16.06
N ALA V 62 -32.33 21.06 17.08
CA ALA V 62 -31.47 22.21 16.89
C ALA V 62 -30.16 21.82 16.22
N GLU V 63 -29.69 20.59 16.43
CA GLU V 63 -28.46 20.18 15.76
C GLU V 63 -28.57 20.24 14.24
N VAL V 64 -29.79 20.08 13.71
CA VAL V 64 -30.00 20.12 12.26
C VAL V 64 -30.61 21.44 11.81
N GLY V 65 -30.67 22.44 12.69
CA GLY V 65 -31.16 23.76 12.32
C GLY V 65 -32.62 23.81 11.91
N ASP V 66 -33.49 23.11 12.61
CA ASP V 66 -34.92 23.10 12.32
C ASP V 66 -35.58 24.17 13.18
N ARG V 67 -35.83 25.34 12.60
CA ARG V 67 -36.32 26.48 13.38
C ARG V 67 -37.76 26.27 13.83
N GLU V 68 -38.66 25.93 12.90
CA GLU V 68 -40.08 25.88 13.23
C GLU V 68 -40.36 24.85 14.33
N ALA V 69 -39.75 23.68 14.22
CA ALA V 69 -39.96 22.65 15.24
C ALA V 69 -39.45 23.10 16.60
N VAL V 70 -38.28 23.73 16.64
CA VAL V 70 -37.71 24.17 17.92
C VAL V 70 -38.60 25.21 18.57
N LEU V 71 -39.12 26.15 17.78
CA LEU V 71 -39.92 27.20 18.38
C LEU V 71 -41.31 26.68 18.76
N LEU V 72 -41.81 25.66 18.06
CA LEU V 72 -43.01 24.98 18.53
C LEU V 72 -42.78 24.28 19.86
N LEU V 73 -41.61 23.70 20.05
CA LEU V 73 -41.27 23.11 21.34
C LEU V 73 -41.22 24.18 22.43
N VAL V 74 -40.69 25.36 22.10
CA VAL V 74 -40.66 26.45 23.08
C VAL V 74 -42.08 26.87 23.46
N ARG V 75 -42.98 26.94 22.47
CA ARG V 75 -44.39 27.22 22.75
C ARG V 75 -44.98 26.18 23.69
N LEU V 76 -44.69 24.90 23.44
CA LEU V 76 -45.17 23.85 24.32
C LEU V 76 -44.64 24.02 25.74
N ILE V 77 -43.38 24.42 25.88
CA ILE V 77 -42.79 24.64 27.20
C ILE V 77 -43.53 25.74 27.94
N ASN V 78 -43.83 26.85 27.26
CA ASN V 78 -44.55 27.94 27.92
C ASN V 78 -45.96 27.51 28.31
N ALA V 79 -46.64 26.75 27.45
CA ALA V 79 -47.96 26.24 27.80
C ALA V 79 -47.87 25.33 29.02
N LEU V 80 -46.82 24.52 29.12
CA LEU V 80 -46.63 23.69 30.29
C LEU V 80 -46.38 24.52 31.53
N ILE V 81 -45.69 25.64 31.41
CA ILE V 81 -45.53 26.55 32.54
C ILE V 81 -46.89 26.99 33.06
N VAL V 82 -47.77 27.39 32.14
CA VAL V 82 -49.11 27.81 32.53
C VAL V 82 -49.85 26.67 33.23
N ALA V 83 -49.83 25.49 32.62
CA ALA V 83 -50.57 24.35 33.17
C ALA V 83 -50.05 23.94 34.53
N ALA V 84 -48.73 23.93 34.70
CA ALA V 84 -48.13 23.56 35.98
C ALA V 84 -48.45 24.58 37.06
N GLU V 85 -48.48 25.86 36.71
CA GLU V 85 -48.92 26.85 37.69
C GLU V 85 -50.37 26.64 38.08
N ALA V 86 -51.23 26.26 37.13
CA ALA V 86 -52.63 26.05 37.45
C ALA V 86 -52.83 24.86 38.38
N GLY V 87 -52.13 23.76 38.13
CA GLY V 87 -52.28 22.56 38.95
C GLY V 87 -52.85 21.37 38.21
N VAL V 88 -52.62 21.32 36.91
CA VAL V 88 -53.13 20.21 36.08
C VAL V 88 -52.45 18.91 36.50
N PRO V 89 -53.17 17.80 36.63
CA PRO V 89 -52.56 16.56 37.11
C PRO V 89 -51.48 16.04 36.16
N LYS V 90 -50.58 15.23 36.74
CA LYS V 90 -49.36 14.86 36.03
C LYS V 90 -49.61 13.91 34.87
N GLU V 91 -50.60 13.03 34.96
CA GLU V 91 -50.86 12.07 33.88
C GLU V 91 -51.21 12.79 32.59
N ALA V 92 -52.13 13.76 32.68
CA ALA V 92 -52.50 14.54 31.52
C ALA V 92 -51.30 15.29 30.97
N LEU V 93 -50.44 15.80 31.86
CA LEU V 93 -49.27 16.54 31.41
C LEU V 93 -48.30 15.65 30.66
N VAL V 94 -48.13 14.39 31.11
CA VAL V 94 -47.24 13.47 30.41
C VAL V 94 -47.78 13.16 29.01
N VAL V 95 -49.07 12.87 28.92
CA VAL V 95 -49.66 12.57 27.62
C VAL V 95 -49.55 13.78 26.70
N ILE V 96 -49.82 14.97 27.23
CA ILE V 96 -49.76 16.19 26.44
C ILE V 96 -48.34 16.48 25.97
N THR V 97 -47.35 16.26 26.83
CA THR V 97 -45.96 16.49 26.45
C THR V 97 -45.55 15.58 25.32
N HIS V 98 -45.91 14.29 25.40
CA HIS V 98 -45.55 13.38 24.33
C HIS V 98 -46.23 13.77 23.01
N ALA V 99 -47.54 14.06 23.08
CA ALA V 99 -48.25 14.48 21.87
C ALA V 99 -47.66 15.76 21.30
N GLY V 100 -47.25 16.69 22.17
CA GLY V 100 -46.68 17.94 21.69
C GLY V 100 -45.32 17.75 21.02
N ILE V 101 -44.50 16.85 21.55
CA ILE V 101 -43.22 16.58 20.90
C ILE V 101 -43.45 16.01 19.51
N LEU V 102 -44.37 15.04 19.38
CA LEU V 102 -44.65 14.50 18.06
C LEU V 102 -45.25 15.56 17.12
N LEU V 103 -46.11 16.43 17.63
CA LEU V 103 -46.68 17.45 16.76
C LEU V 103 -45.66 18.51 16.36
N ALA V 104 -44.71 18.83 17.25
CA ALA V 104 -43.63 19.72 16.86
C ALA V 104 -42.74 19.09 15.82
N LEU V 105 -42.54 17.77 15.88
CA LEU V 105 -41.84 17.10 14.79
C LEU V 105 -42.59 17.23 13.47
N ASP V 106 -43.93 17.30 13.53
CA ASP V 106 -44.75 17.46 12.34
C ASP V 106 -44.57 18.80 11.66
N ARG V 107 -44.13 19.81 12.41
CA ARG V 107 -44.29 21.22 12.00
C ARG V 107 -45.76 21.53 11.74
N ASP V 108 -46.64 20.90 12.50
CA ASP V 108 -48.08 21.06 12.36
C ASP V 108 -48.54 22.16 13.31
N GLU V 109 -48.60 23.38 12.80
CA GLU V 109 -48.98 24.52 13.63
C GLU V 109 -50.43 24.44 14.09
N GLU V 110 -51.33 23.92 13.24
CA GLU V 110 -52.73 23.87 13.61
C GLU V 110 -52.98 22.91 14.76
N ALA V 111 -52.41 21.71 14.68
CA ALA V 111 -52.57 20.75 15.77
C ALA V 111 -51.88 21.23 17.04
N VAL V 112 -50.75 21.92 16.91
CA VAL V 112 -50.07 22.47 18.08
C VAL V 112 -50.93 23.54 18.74
N ASP V 113 -51.58 24.39 17.93
CA ASP V 113 -52.47 25.39 18.49
C ASP V 113 -53.67 24.75 19.18
N ALA V 114 -54.20 23.67 18.60
CA ALA V 114 -55.29 22.95 19.24
C ALA V 114 -54.85 22.37 20.59
N LEU V 115 -53.63 21.83 20.64
CA LEU V 115 -53.09 21.31 21.88
C LEU V 115 -52.92 22.41 22.93
N LEU V 116 -52.44 23.57 22.51
CA LEU V 116 -52.27 24.68 23.45
C LEU V 116 -53.60 25.17 23.97
N GLU V 117 -54.62 25.19 23.11
CA GLU V 117 -55.97 25.54 23.57
C GLU V 117 -56.48 24.51 24.56
N LEU V 118 -56.21 23.23 24.32
CA LEU V 118 -56.60 22.21 25.29
C LEU V 118 -55.92 22.43 26.63
N ILE V 119 -54.62 22.76 26.61
CA ILE V 119 -53.90 23.02 27.86
C ILE V 119 -54.52 24.20 28.59
N ASP V 120 -54.86 25.26 27.86
CA ASP V 120 -55.47 26.44 28.48
C ASP V 120 -56.81 26.09 29.12
N ARG V 121 -57.64 25.31 28.43
CA ARG V 121 -58.92 24.92 29.00
C ARG V 121 -58.74 24.04 30.23
N LEU V 122 -57.79 23.11 30.20
CA LEU V 122 -57.55 22.27 31.36
C LEU V 122 -57.02 23.07 32.53
N ALA V 123 -56.22 24.10 32.26
CA ALA V 123 -55.74 24.97 33.33
C ALA V 123 -56.89 25.74 33.96
N ARG V 124 -57.80 26.26 33.14
CA ARG V 124 -58.98 26.92 33.68
C ARG V 124 -59.82 25.95 34.51
N ALA V 125 -59.99 24.71 34.02
CA ALA V 125 -60.76 23.72 34.75
C ALA V 125 -60.13 23.41 36.09
N ALA V 126 -58.80 23.23 36.12
CA ALA V 126 -58.12 22.93 37.38
C ALA V 126 -58.22 24.09 38.35
N LYS V 127 -58.06 25.32 37.86
CA LYS V 127 -58.18 26.48 38.75
C LYS V 127 -59.61 26.63 39.27
N ALA V 128 -60.61 26.23 38.49
CA ALA V 128 -62.00 26.38 38.88
C ALA V 128 -62.46 25.35 39.90
N GLY V 129 -61.65 24.34 40.20
CA GLY V 129 -62.05 23.33 41.16
C GLY V 129 -62.73 22.12 40.58
N VAL V 130 -62.67 21.92 39.27
CA VAL V 130 -63.23 20.70 38.67
C VAL V 130 -62.48 19.49 39.20
N PRO V 131 -63.16 18.40 39.55
CA PRO V 131 -62.47 17.26 40.17
C PRO V 131 -61.38 16.70 39.27
N LYS V 132 -60.33 16.19 39.91
CA LYS V 132 -59.14 15.75 39.18
C LYS V 132 -59.44 14.59 38.24
N GLU V 133 -60.32 13.69 38.64
CA GLU V 133 -60.62 12.52 37.82
C GLU V 133 -61.22 12.92 36.48
N ALA V 134 -62.17 13.85 36.49
CA ALA V 134 -62.78 14.31 35.24
C ALA V 134 -61.75 14.97 34.34
N ILE V 135 -60.89 15.81 34.92
CA ILE V 135 -59.87 16.49 34.14
C ILE V 135 -58.92 15.48 33.51
N VAL V 136 -58.49 14.49 34.28
CA VAL V 136 -57.58 13.48 33.75
C VAL V 136 -58.25 12.72 32.61
N THR V 137 -59.50 12.30 32.81
CA THR V 137 -60.23 11.58 31.78
C THR V 137 -60.26 12.37 30.47
N VAL V 138 -60.84 13.56 30.52
CA VAL V 138 -61.07 14.31 29.29
C VAL V 138 -59.74 14.76 28.68
N GLY V 139 -58.78 15.17 29.50
CA GLY V 139 -57.51 15.62 28.96
C GLY V 139 -56.74 14.52 28.28
N VAL V 140 -56.67 13.33 28.89
CA VAL V 140 -55.98 12.22 28.26
C VAL V 140 -56.66 11.84 26.96
N ALA V 141 -57.99 11.77 26.96
CA ALA V 141 -58.70 11.41 25.74
C ALA V 141 -58.44 12.43 24.63
N ALA V 142 -58.52 13.71 24.94
CA ALA V 142 -58.34 14.74 23.92
C ALA V 142 -56.91 14.79 23.42
N ALA V 143 -55.94 14.61 24.30
CA ALA V 143 -54.54 14.61 23.86
C ALA V 143 -54.26 13.41 22.95
N HIS V 144 -54.83 12.24 23.26
CA HIS V 144 -54.66 11.10 22.37
C HIS V 144 -55.32 11.35 21.03
N LEU V 145 -56.53 11.95 21.03
CA LEU V 145 -57.19 12.22 19.77
C LEU V 145 -56.42 13.22 18.93
N LEU V 146 -55.79 14.21 19.58
CA LEU V 146 -54.96 15.17 18.84
C LEU V 146 -53.70 14.51 18.30
N GLN V 147 -53.14 13.57 19.06
CA GLN V 147 -51.94 12.87 18.58
C GLN V 147 -52.25 11.98 17.38
N ASP V 148 -53.50 11.55 17.23
CA ASP V 148 -53.93 10.71 16.12
C ASP V 148 -54.48 11.52 14.96
N ARG V 149 -54.30 12.84 14.97
CA ARG V 149 -54.73 13.72 13.88
C ARG V 149 -56.22 13.57 13.63
N ASP V 150 -57.00 13.55 14.71
CA ASP V 150 -58.46 13.46 14.63
C ASP V 150 -59.02 14.74 15.23
N LEU V 151 -59.18 15.75 14.39
CA LEU V 151 -59.51 17.09 14.89
C LEU V 151 -60.95 17.23 15.35
N PRO V 152 -61.97 16.78 14.60
CA PRO V 152 -63.36 17.02 15.05
C PRO V 152 -63.68 16.42 16.42
N ARG V 153 -63.20 15.21 16.70
CA ARG V 153 -63.44 14.61 18.00
C ARG V 153 -62.72 15.36 19.11
N ALA V 154 -61.51 15.85 18.83
CA ALA V 154 -60.79 16.66 19.80
C ALA V 154 -61.55 17.94 20.09
N LEU V 155 -62.15 18.56 19.07
CA LEU V 155 -62.95 19.76 19.28
C LEU V 155 -64.18 19.46 20.12
N ARG V 156 -64.80 18.31 19.90
CA ARG V 156 -65.91 17.90 20.75
C ARG V 156 -65.48 17.78 22.21
N LEU V 157 -64.31 17.18 22.45
CA LEU V 157 -63.83 17.05 23.82
C LEU V 157 -63.49 18.40 24.43
N LEU V 158 -62.99 19.34 23.63
CA LEU V 158 -62.79 20.71 24.13
C LEU V 158 -64.10 21.32 24.59
N GLU V 159 -65.16 21.11 23.81
CA GLU V 159 -66.48 21.58 24.23
C GLU V 159 -66.89 20.91 25.55
N VAL V 160 -66.56 19.64 25.71
CA VAL V 160 -66.88 18.94 26.95
C VAL V 160 -66.17 19.59 28.13
N VAL V 161 -64.91 19.96 27.95
CA VAL V 161 -64.18 20.63 29.03
C VAL V 161 -64.85 21.94 29.41
N ASP V 162 -65.22 22.74 28.40
CA ASP V 162 -65.89 24.01 28.70
C ASP V 162 -67.19 23.78 29.44
N LYS V 163 -67.95 22.75 29.04
CA LYS V 163 -69.19 22.44 29.73
C LYS V 163 -68.94 22.05 31.18
N LEU V 164 -67.87 21.30 31.44
CA LEU V 164 -67.53 20.92 32.81
C LEU V 164 -67.21 22.14 33.65
N VAL V 165 -66.46 23.09 33.09
CA VAL V 165 -66.13 24.30 33.84
C VAL V 165 -67.39 25.08 34.18
N HIS V 166 -68.31 25.20 33.22
CA HIS V 166 -69.56 25.91 33.50
C HIS V 166 -70.39 25.18 34.54
N MET V 167 -70.41 23.85 34.49
CA MET V 167 -71.12 23.09 35.52
C MET V 167 -70.53 23.32 36.90
N LYS V 168 -69.21 23.34 37.01
CA LYS V 168 -68.58 23.62 38.30
C LYS V 168 -68.94 25.01 38.80
N ALA V 169 -68.94 26.00 37.90
CA ALA V 169 -69.33 27.34 38.31
C ALA V 169 -70.81 27.45 38.67
N LEU V 170 -71.65 26.54 38.17
CA LEU V 170 -73.07 26.57 38.45
C LEU V 170 -73.43 25.91 39.78
N GLY V 171 -72.50 25.18 40.39
CA GLY V 171 -72.76 24.52 41.66
C GLY V 171 -73.14 23.06 41.58
N VAL V 172 -72.99 22.43 40.42
CA VAL V 172 -73.28 21.00 40.30
C VAL V 172 -72.29 20.21 41.15
N PRO V 173 -72.73 19.20 41.89
CA PRO V 173 -71.81 18.43 42.74
C PRO V 173 -70.78 17.67 41.93
N ASP V 174 -69.71 17.26 42.63
CA ASP V 174 -68.57 16.65 41.96
C ASP V 174 -68.93 15.31 41.33
N GLU V 175 -69.77 14.52 42.00
CA GLU V 175 -70.12 13.20 41.48
C GLU V 175 -70.80 13.30 40.12
N GLU V 176 -71.74 14.22 39.99
CA GLU V 176 -72.44 14.40 38.71
C GLU V 176 -71.47 14.88 37.63
N ILE V 177 -70.53 15.74 38.00
CA ILE V 177 -69.54 16.23 37.03
C ILE V 177 -68.67 15.08 36.54
N ILE V 178 -68.22 14.23 37.46
CA ILE V 178 -67.41 13.07 37.06
C ILE V 178 -68.21 12.15 36.15
N ALA V 179 -69.47 11.89 36.51
CA ALA V 179 -70.30 11.02 35.67
C ALA V 179 -70.48 11.59 34.28
N TYR V 180 -70.78 12.90 34.19
CA TYR V 180 -70.98 13.51 32.88
C TYR V 180 -69.72 13.47 32.04
N ALA V 181 -68.57 13.74 32.66
CA ALA V 181 -67.31 13.66 31.95
C ALA V 181 -67.07 12.25 31.43
N LYS V 182 -67.37 11.25 32.25
CA LYS V 182 -67.18 9.86 31.84
C LYS V 182 -68.06 9.52 30.64
N GLU V 183 -69.33 9.91 30.68
CA GLU V 183 -70.23 9.60 29.57
C GLU V 183 -69.79 10.28 28.28
N GLU V 184 -69.44 11.58 28.36
CA GLU V 184 -69.05 12.27 27.15
C GLU V 184 -67.74 11.73 26.59
N THR V 185 -66.79 11.40 27.45
CA THR V 185 -65.54 10.83 26.97
C THR V 185 -65.76 9.46 26.35
N GLU V 186 -66.60 8.62 26.95
CA GLU V 186 -66.86 7.30 26.37
C GLU V 186 -67.61 7.43 25.06
N ARG V 187 -68.43 8.47 24.91
CA ARG V 187 -69.09 8.73 23.63
C ARG V 187 -68.09 9.12 22.57
N ALA V 188 -67.11 9.95 22.94
CA ALA V 188 -66.07 10.34 21.99
C ALA V 188 -65.23 9.13 21.58
N TYR V 189 -64.84 8.30 22.55
CA TYR V 189 -64.05 7.11 22.24
C TYR V 189 -64.83 6.13 21.37
N LYS V 190 -66.10 5.89 21.71
CA LYS V 190 -66.87 4.87 21.00
C LYS V 190 -67.09 5.25 19.54
N GLY V 191 -67.14 6.55 19.24
CA GLY V 191 -67.37 7.03 17.90
C GLY V 191 -68.77 7.53 17.66
N GLU V 192 -69.69 7.35 18.60
CA GLU V 192 -71.05 7.83 18.49
C GLU V 192 -71.08 9.34 18.28
N GLY W 23 64.79 -47.80 -11.29
CA GLY W 23 64.41 -47.49 -12.66
C GLY W 23 65.41 -46.60 -13.37
N THR W 24 66.31 -47.23 -14.13
CA THR W 24 67.33 -46.50 -14.85
C THR W 24 66.79 -45.73 -16.05
N ALA W 25 65.68 -46.19 -16.64
CA ALA W 25 65.07 -45.45 -17.75
C ALA W 25 64.54 -44.10 -17.28
N GLU W 26 63.93 -44.06 -16.09
CA GLU W 26 63.50 -42.78 -15.53
C GLU W 26 64.68 -41.86 -15.27
N ALA W 27 65.78 -42.41 -14.76
CA ALA W 27 66.99 -41.61 -14.56
C ALA W 27 67.49 -41.04 -15.87
N LEU W 28 67.48 -41.85 -16.93
CA LEU W 28 67.90 -41.35 -18.23
C LEU W 28 66.97 -40.25 -18.73
N LEU W 29 65.66 -40.42 -18.54
CA LEU W 29 64.71 -39.42 -18.99
C LEU W 29 64.89 -38.10 -18.23
N LEU W 30 65.13 -38.18 -16.92
CA LEU W 30 65.44 -36.98 -16.14
C LEU W 30 66.72 -36.33 -16.61
N ALA W 31 67.73 -37.14 -16.95
CA ALA W 31 68.99 -36.59 -17.45
C ALA W 31 68.79 -35.84 -18.76
N ARG W 32 68.00 -36.41 -19.67
CA ARG W 32 67.73 -35.72 -20.93
C ARG W 32 66.92 -34.45 -20.71
N ALA W 33 66.00 -34.46 -19.74
CA ALA W 33 65.27 -33.23 -19.42
C ALA W 33 66.22 -32.14 -18.94
N ILE W 34 67.14 -32.50 -18.04
CA ILE W 34 68.10 -31.52 -17.52
C ILE W 34 68.99 -31.00 -18.65
N VAL W 35 69.48 -31.90 -19.50
CA VAL W 35 70.37 -31.49 -20.58
C VAL W 35 69.65 -30.59 -21.57
N SER W 36 68.41 -30.91 -21.91
CA SER W 36 67.64 -30.08 -22.83
C SER W 36 67.41 -28.69 -22.25
N ALA W 37 67.06 -28.62 -20.97
CA ALA W 37 66.87 -27.31 -20.35
C ALA W 37 68.16 -26.51 -20.36
N VAL W 38 69.28 -27.15 -20.06
CA VAL W 38 70.57 -26.45 -20.03
C VAL W 38 70.93 -25.95 -21.44
N GLU W 39 70.70 -26.77 -22.46
CA GLU W 39 71.02 -26.35 -23.81
C GLU W 39 70.14 -25.19 -24.27
N ASP W 40 68.85 -25.24 -23.95
CA ASP W 40 67.97 -24.12 -24.30
C ASP W 40 68.40 -22.85 -23.59
N ALA W 41 68.77 -22.96 -22.31
CA ALA W 41 69.24 -21.80 -21.56
C ALA W 41 70.52 -21.23 -22.16
N LYS W 42 71.43 -22.11 -22.60
CA LYS W 42 72.64 -21.64 -23.28
C LYS W 42 72.29 -20.89 -24.55
N LYS W 43 71.34 -21.42 -25.33
CA LYS W 43 70.93 -20.74 -26.56
C LYS W 43 70.25 -19.41 -26.26
N HIS W 44 69.64 -19.27 -25.10
CA HIS W 44 68.99 -18.02 -24.73
C HIS W 44 69.96 -16.94 -24.27
N GLY W 45 71.19 -17.31 -23.90
CA GLY W 45 72.18 -16.35 -23.45
C GLY W 45 72.51 -16.37 -21.97
N VAL W 46 72.09 -17.39 -21.24
CA VAL W 46 72.43 -17.49 -19.81
C VAL W 46 73.92 -17.79 -19.68
N PRO W 47 74.61 -17.20 -18.70
CA PRO W 47 76.05 -17.47 -18.55
C PRO W 47 76.34 -18.94 -18.31
N GLU W 48 77.46 -19.39 -18.85
CA GLU W 48 77.76 -20.82 -18.93
C GLU W 48 78.21 -21.41 -17.60
N ASP W 49 78.84 -20.63 -16.74
CA ASP W 49 79.31 -21.17 -15.45
C ASP W 49 78.15 -21.52 -14.54
N LEU W 50 77.14 -20.65 -14.48
CA LEU W 50 75.94 -20.96 -13.70
C LEU W 50 75.29 -22.23 -14.22
N LEU W 51 75.19 -22.36 -15.55
CA LEU W 51 74.60 -23.56 -16.12
C LEU W 51 75.45 -24.78 -15.85
N ALA W 52 76.77 -24.62 -15.74
CA ALA W 52 77.63 -25.74 -15.41
C ALA W 52 77.35 -26.25 -14.00
N ASP W 53 77.26 -25.33 -13.04
CA ASP W 53 76.90 -25.73 -11.68
C ASP W 53 75.54 -26.42 -11.64
N ILE W 54 74.55 -25.82 -12.31
CA ILE W 54 73.20 -26.38 -12.31
C ILE W 54 73.19 -27.76 -12.94
N GLU W 55 73.89 -27.92 -14.07
CA GLU W 55 73.93 -29.19 -14.77
C GLU W 55 74.59 -30.28 -13.93
N ARG W 56 75.69 -29.95 -13.25
CA ARG W 56 76.33 -30.94 -12.40
C ARG W 56 75.38 -31.39 -11.30
N ALA W 57 74.73 -30.44 -10.63
CA ALA W 57 73.78 -30.80 -9.58
C ALA W 57 72.62 -31.62 -10.12
N GLY W 58 72.12 -31.24 -11.30
CA GLY W 58 70.98 -31.94 -11.88
C GLY W 58 71.30 -33.37 -12.28
N LEU W 59 72.48 -33.58 -12.88
CA LEU W 59 72.88 -34.94 -13.22
C LEU W 59 73.09 -35.78 -11.96
N ALA W 60 73.69 -35.19 -10.92
CA ALA W 60 73.86 -35.92 -9.67
C ALA W 60 72.51 -36.32 -9.08
N LEU W 61 71.52 -35.43 -9.15
CA LEU W 61 70.21 -35.76 -8.58
C LEU W 61 69.44 -36.74 -9.45
N ALA W 62 69.59 -36.66 -10.77
CA ALA W 62 68.90 -37.59 -11.65
C ALA W 62 69.52 -38.98 -11.62
N GLU W 63 70.78 -39.08 -11.18
CA GLU W 63 71.40 -40.39 -11.07
C GLU W 63 70.66 -41.29 -10.09
N VAL W 64 70.16 -40.71 -8.99
CA VAL W 64 69.36 -41.44 -8.02
C VAL W 64 67.88 -41.37 -8.34
N GLY W 65 67.52 -40.84 -9.50
CA GLY W 65 66.13 -40.77 -9.93
C GLY W 65 65.23 -39.98 -9.01
N ASP W 66 65.71 -38.86 -8.47
CA ASP W 66 64.91 -38.02 -7.58
C ASP W 66 64.25 -36.95 -8.46
N ARG W 67 62.94 -37.05 -8.62
CA ARG W 67 62.23 -36.23 -9.59
C ARG W 67 62.09 -34.79 -9.14
N GLU W 68 61.54 -34.59 -7.93
CA GLU W 68 61.11 -33.26 -7.51
C GLU W 68 62.25 -32.25 -7.56
N ALA W 69 63.44 -32.63 -7.07
CA ALA W 69 64.57 -31.71 -7.11
C ALA W 69 64.97 -31.40 -8.55
N VAL W 70 64.87 -32.38 -9.44
CA VAL W 70 65.20 -32.15 -10.85
C VAL W 70 64.24 -31.12 -11.46
N LEU W 71 62.94 -31.26 -11.19
CA LEU W 71 62.01 -30.29 -11.76
C LEU W 71 62.16 -28.91 -11.11
N LEU W 72 62.55 -28.86 -9.84
CA LEU W 72 62.86 -27.58 -9.21
C LEU W 72 64.07 -26.93 -9.89
N LEU W 73 65.07 -27.74 -10.25
CA LEU W 73 66.23 -27.21 -10.96
C LEU W 73 65.84 -26.70 -12.34
N VAL W 74 64.92 -27.38 -13.02
CA VAL W 74 64.46 -26.91 -14.32
C VAL W 74 63.72 -25.58 -14.19
N ARG W 75 62.91 -25.45 -13.14
CA ARG W 75 62.27 -24.17 -12.85
C ARG W 75 63.31 -23.07 -12.63
N LEU W 76 64.36 -23.38 -11.88
CA LEU W 76 65.43 -22.41 -11.67
C LEU W 76 66.10 -22.03 -12.98
N ILE W 77 66.31 -23.00 -13.87
CA ILE W 77 66.91 -22.71 -15.17
C ILE W 77 66.04 -21.73 -15.96
N ASN W 78 64.73 -21.96 -15.97
CA ASN W 78 63.84 -21.07 -16.71
C ASN W 78 63.83 -19.67 -16.11
N ALA W 79 63.83 -19.57 -14.78
CA ALA W 79 63.90 -18.26 -14.14
C ALA W 79 65.21 -17.56 -14.48
N LEU W 80 66.31 -18.32 -14.56
CA LEU W 80 67.57 -17.76 -15.01
C LEU W 80 67.49 -17.26 -16.44
N ILE W 81 66.76 -17.97 -17.30
CA ILE W 81 66.58 -17.50 -18.68
C ILE W 81 65.92 -16.13 -18.67
N VAL W 82 64.85 -16.00 -17.88
CA VAL W 82 64.14 -14.71 -17.80
C VAL W 82 65.08 -13.62 -17.30
N ALA W 83 65.81 -13.90 -16.22
CA ALA W 83 66.70 -12.90 -15.64
C ALA W 83 67.81 -12.51 -16.61
N ALA W 84 68.38 -13.49 -17.32
CA ALA W 84 69.44 -13.19 -18.27
C ALA W 84 68.93 -12.34 -19.42
N GLU W 85 67.73 -12.64 -19.92
CA GLU W 85 67.17 -11.81 -20.98
C GLU W 85 66.90 -10.39 -20.49
N ALA W 86 66.48 -10.24 -19.22
CA ALA W 86 66.24 -8.91 -18.68
C ALA W 86 67.53 -8.09 -18.60
N GLY W 87 68.59 -8.67 -18.05
CA GLY W 87 69.83 -7.94 -17.87
C GLY W 87 70.22 -7.79 -16.41
N VAL W 88 69.85 -8.77 -15.59
CA VAL W 88 70.21 -8.74 -14.16
C VAL W 88 71.71 -8.96 -14.02
N PRO W 89 72.40 -8.25 -13.13
CA PRO W 89 73.85 -8.38 -13.04
C PRO W 89 74.29 -9.77 -12.60
N LYS W 90 75.56 -10.07 -12.90
CA LYS W 90 76.06 -11.45 -12.79
C LYS W 90 76.26 -11.89 -11.34
N GLU W 91 76.67 -10.97 -10.45
CA GLU W 91 76.93 -11.37 -9.07
C GLU W 91 75.65 -11.87 -8.39
N ALA W 92 74.56 -11.12 -8.57
CA ALA W 92 73.27 -11.56 -8.07
C ALA W 92 72.88 -12.90 -8.69
N LEU W 93 73.16 -13.07 -9.98
CA LEU W 93 72.84 -14.34 -10.64
C LEU W 93 73.59 -15.49 -10.01
N VAL W 94 74.87 -15.29 -9.66
CA VAL W 94 75.64 -16.36 -9.04
C VAL W 94 75.05 -16.71 -7.68
N VAL W 95 74.76 -15.70 -6.87
CA VAL W 95 74.21 -15.97 -5.54
C VAL W 95 72.87 -16.67 -5.63
N ILE W 96 72.00 -16.20 -6.52
CA ILE W 96 70.68 -16.82 -6.70
C ILE W 96 70.82 -18.25 -7.21
N THR W 97 71.76 -18.50 -8.11
CA THR W 97 71.94 -19.85 -8.63
C THR W 97 72.37 -20.82 -7.52
N HIS W 98 73.34 -20.40 -6.70
CA HIS W 98 73.78 -21.26 -5.62
C HIS W 98 72.65 -21.52 -4.62
N ALA W 99 71.92 -20.46 -4.26
CA ALA W 99 70.81 -20.62 -3.32
C ALA W 99 69.73 -21.52 -3.90
N GLY W 100 69.45 -21.39 -5.19
CA GLY W 100 68.45 -22.24 -5.81
C GLY W 100 68.84 -23.69 -5.85
N ILE W 101 70.12 -23.98 -6.12
CA ILE W 101 70.57 -25.37 -6.06
C ILE W 101 70.39 -25.93 -4.66
N LEU W 102 70.78 -25.15 -3.65
CA LEU W 102 70.65 -25.64 -2.28
C LEU W 102 69.18 -25.85 -1.90
N LEU W 103 68.30 -24.94 -2.31
CA LEU W 103 66.89 -25.08 -1.99
C LEU W 103 66.24 -26.23 -2.74
N ALA W 104 66.65 -26.48 -3.99
CA ALA W 104 66.14 -27.63 -4.72
C ALA W 104 66.61 -28.93 -4.09
N LEU W 105 67.82 -28.95 -3.54
CA LEU W 105 68.28 -30.14 -2.84
C LEU W 105 67.36 -30.50 -1.67
N ASP W 106 66.73 -29.50 -1.06
CA ASP W 106 65.82 -29.74 0.05
C ASP W 106 64.40 -30.07 -0.40
N ARG W 107 64.14 -30.04 -1.71
CA ARG W 107 62.82 -30.34 -2.27
C ARG W 107 61.75 -29.45 -1.65
N ASP W 108 62.13 -28.22 -1.31
CA ASP W 108 61.26 -27.29 -0.59
C ASP W 108 60.71 -26.27 -1.58
N GLU W 109 59.44 -26.44 -1.93
CA GLU W 109 58.84 -25.65 -3.00
C GLU W 109 58.58 -24.21 -2.59
N GLU W 110 58.32 -23.97 -1.31
CA GLU W 110 57.95 -22.61 -0.89
C GLU W 110 59.10 -21.62 -1.07
N ALA W 111 60.29 -21.97 -0.58
CA ALA W 111 61.44 -21.09 -0.78
C ALA W 111 61.84 -21.02 -2.24
N VAL W 112 61.60 -22.09 -3.01
CA VAL W 112 61.89 -22.05 -4.43
C VAL W 112 61.00 -21.03 -5.13
N ASP W 113 59.71 -21.01 -4.80
CA ASP W 113 58.82 -20.01 -5.41
C ASP W 113 59.15 -18.61 -4.91
N ALA W 114 59.59 -18.49 -3.65
CA ALA W 114 60.06 -17.19 -3.19
C ALA W 114 61.27 -16.72 -3.99
N LEU W 115 62.20 -17.62 -4.29
CA LEU W 115 63.36 -17.28 -5.10
C LEU W 115 62.96 -16.89 -6.51
N LEU W 116 62.03 -17.63 -7.11
CA LEU W 116 61.58 -17.30 -8.46
C LEU W 116 60.87 -15.95 -8.50
N GLU W 117 60.08 -15.66 -7.46
CA GLU W 117 59.45 -14.35 -7.37
C GLU W 117 60.48 -13.24 -7.22
N LEU W 118 61.53 -13.48 -6.43
CA LEU W 118 62.61 -12.51 -6.32
C LEU W 118 63.29 -12.28 -7.66
N ILE W 119 63.52 -13.35 -8.41
CA ILE W 119 64.14 -13.21 -9.74
C ILE W 119 63.24 -12.39 -10.65
N ASP W 120 61.93 -12.62 -10.59
CA ASP W 120 61.00 -11.85 -11.40
C ASP W 120 61.04 -10.37 -11.04
N ARG W 121 61.06 -10.06 -9.75
CA ARG W 121 61.12 -8.65 -9.33
C ARG W 121 62.43 -8.00 -9.76
N LEU W 122 63.54 -8.73 -9.65
CA LEU W 122 64.82 -8.17 -10.08
C LEU W 122 64.85 -7.96 -11.58
N ALA W 123 64.24 -8.87 -12.34
CA ALA W 123 64.16 -8.68 -13.80
C ALA W 123 63.34 -7.44 -14.14
N ARG W 124 62.22 -7.24 -13.44
CA ARG W 124 61.44 -6.02 -13.65
C ARG W 124 62.25 -4.78 -13.33
N ALA W 125 63.00 -4.81 -12.22
CA ALA W 125 63.83 -3.67 -11.87
C ALA W 125 64.90 -3.39 -12.91
N ALA W 126 65.54 -4.44 -13.42
CA ALA W 126 66.58 -4.26 -14.43
C ALA W 126 66.00 -3.70 -15.72
N LYS W 127 64.84 -4.20 -16.15
CA LYS W 127 64.21 -3.67 -17.35
C LYS W 127 63.71 -2.25 -17.15
N ALA W 128 63.41 -1.87 -15.92
CA ALA W 128 62.90 -0.53 -15.64
C ALA W 128 64.01 0.51 -15.54
N GLY W 129 65.26 0.11 -15.57
CA GLY W 129 66.36 1.05 -15.49
C GLY W 129 66.84 1.36 -14.10
N VAL W 130 66.49 0.56 -13.11
CA VAL W 130 67.00 0.77 -11.75
C VAL W 130 68.52 0.61 -11.76
N PRO W 131 69.28 1.43 -11.03
CA PRO W 131 70.74 1.33 -11.08
C PRO W 131 71.23 -0.05 -10.68
N LYS W 132 72.36 -0.43 -11.26
CA LYS W 132 72.91 -1.78 -11.03
C LYS W 132 73.28 -1.99 -9.57
N GLU W 133 73.83 -0.96 -8.92
CA GLU W 133 74.31 -1.12 -7.55
C GLU W 133 73.17 -1.47 -6.60
N ALA W 134 72.04 -0.78 -6.72
CA ALA W 134 70.89 -1.07 -5.86
C ALA W 134 70.37 -2.48 -6.11
N ILE W 135 70.28 -2.88 -7.38
CA ILE W 135 69.81 -4.22 -7.70
C ILE W 135 70.72 -5.27 -7.09
N VAL W 136 72.03 -5.09 -7.25
CA VAL W 136 72.99 -6.05 -6.72
C VAL W 136 72.87 -6.15 -5.20
N THR W 137 72.82 -4.99 -4.53
CA THR W 137 72.75 -5.00 -3.08
C THR W 137 71.52 -5.73 -2.57
N VAL W 138 70.34 -5.33 -3.06
CA VAL W 138 69.11 -5.90 -2.54
C VAL W 138 68.97 -7.37 -2.96
N GLY W 139 69.36 -7.69 -4.18
CA GLY W 139 69.26 -9.07 -4.64
C GLY W 139 70.17 -10.01 -3.87
N VAL W 140 71.41 -9.60 -3.62
CA VAL W 140 72.32 -10.44 -2.84
C VAL W 140 71.77 -10.63 -1.44
N ALA W 141 71.30 -9.55 -0.80
CA ALA W 141 70.79 -9.67 0.55
C ALA W 141 69.59 -10.62 0.60
N ALA W 142 68.65 -10.46 -0.34
CA ALA W 142 67.45 -11.29 -0.32
C ALA W 142 67.76 -12.75 -0.63
N ALA W 143 68.66 -12.99 -1.59
CA ALA W 143 69.02 -14.37 -1.92
C ALA W 143 69.71 -15.05 -0.75
N HIS W 144 70.60 -14.34 -0.06
CA HIS W 144 71.24 -14.91 1.11
C HIS W 144 70.23 -15.19 2.21
N LEU W 145 69.28 -14.28 2.43
CA LEU W 145 68.25 -14.52 3.44
C LEU W 145 67.40 -15.74 3.09
N LEU W 146 67.08 -15.90 1.80
CA LEU W 146 66.32 -17.08 1.39
C LEU W 146 67.13 -18.35 1.61
N GLN W 147 68.42 -18.32 1.31
CA GLN W 147 69.28 -19.48 1.54
C GLN W 147 69.36 -19.84 3.01
N ASP W 148 69.30 -18.85 3.90
CA ASP W 148 69.39 -19.07 5.33
C ASP W 148 68.02 -19.33 5.96
N ARG W 149 67.01 -19.68 5.15
CA ARG W 149 65.69 -20.07 5.62
C ARG W 149 65.08 -19.00 6.53
N ASP W 150 65.15 -17.75 6.08
CA ASP W 150 64.62 -16.60 6.81
C ASP W 150 63.59 -15.89 5.92
N LEU W 151 62.33 -16.30 6.04
CA LEU W 151 61.32 -15.85 5.09
C LEU W 151 60.81 -14.43 5.35
N PRO W 152 60.47 -14.03 6.58
CA PRO W 152 59.90 -12.68 6.76
C PRO W 152 60.82 -11.56 6.29
N ARG W 153 62.12 -11.66 6.57
CA ARG W 153 63.05 -10.64 6.11
C ARG W 153 63.20 -10.65 4.60
N ALA W 154 63.16 -11.83 3.98
CA ALA W 154 63.18 -11.91 2.53
C ALA W 154 61.95 -11.24 1.94
N LEU W 155 60.79 -11.38 2.58
CA LEU W 155 59.58 -10.71 2.09
C LEU W 155 59.69 -9.20 2.24
N ARG W 156 60.29 -8.74 3.34
CA ARG W 156 60.55 -7.30 3.48
C ARG W 156 61.45 -6.80 2.37
N LEU W 157 62.48 -7.58 2.00
CA LEU W 157 63.35 -7.15 0.92
C LEU W 157 62.65 -7.18 -0.43
N LEU W 158 61.73 -8.12 -0.64
CA LEU W 158 60.93 -8.11 -1.86
C LEU W 158 60.09 -6.85 -1.97
N GLU W 159 59.49 -6.44 -0.84
CA GLU W 159 58.78 -5.15 -0.82
C GLU W 159 59.72 -4.00 -1.14
N VAL W 160 60.95 -4.07 -0.67
CA VAL W 160 61.94 -3.03 -0.99
C VAL W 160 62.18 -2.97 -2.49
N VAL W 161 62.30 -4.13 -3.14
CA VAL W 161 62.53 -4.14 -4.59
C VAL W 161 61.35 -3.53 -5.34
N ASP W 162 60.12 -3.89 -4.92
CA ASP W 162 58.94 -3.29 -5.54
C ASP W 162 58.94 -1.78 -5.38
N LYS W 163 59.31 -1.29 -4.19
CA LYS W 163 59.40 0.14 -3.95
C LYS W 163 60.45 0.79 -4.85
N LEU W 164 61.58 0.11 -5.05
CA LEU W 164 62.61 0.65 -5.94
C LEU W 164 62.09 0.81 -7.35
N VAL W 165 61.36 -0.19 -7.85
CA VAL W 165 60.80 -0.10 -9.19
C VAL W 165 59.83 1.07 -9.28
N HIS W 166 58.98 1.24 -8.27
CA HIS W 166 58.02 2.35 -8.32
C HIS W 166 58.72 3.70 -8.27
N MET W 167 59.77 3.82 -7.45
CA MET W 167 60.51 5.08 -7.38
C MET W 167 61.21 5.39 -8.71
N LYS W 168 61.78 4.38 -9.36
CA LYS W 168 62.36 4.62 -10.67
C LYS W 168 61.30 5.08 -11.67
N ALA W 169 60.12 4.46 -11.64
CA ALA W 169 59.03 4.89 -12.52
C ALA W 169 58.49 6.27 -12.17
N LEU W 170 58.73 6.76 -10.96
CA LEU W 170 58.27 8.09 -10.57
C LEU W 170 59.26 9.19 -10.90
N GLY W 171 60.40 8.86 -11.51
CA GLY W 171 61.38 9.86 -11.87
C GLY W 171 62.37 10.23 -10.78
N VAL W 172 62.45 9.45 -9.71
CA VAL W 172 63.41 9.73 -8.64
C VAL W 172 64.83 9.55 -9.19
N PRO W 173 65.78 10.41 -8.84
CA PRO W 173 67.14 10.26 -9.33
C PRO W 173 67.80 8.97 -8.84
N ASP W 174 68.81 8.53 -9.59
CA ASP W 174 69.47 7.26 -9.30
C ASP W 174 70.15 7.28 -7.93
N GLU W 175 70.71 8.42 -7.54
CA GLU W 175 71.42 8.51 -6.26
C GLU W 175 70.50 8.24 -5.08
N GLU W 176 69.30 8.82 -5.10
CA GLU W 176 68.35 8.56 -4.03
C GLU W 176 67.87 7.12 -4.03
N ILE W 177 67.73 6.52 -5.21
CA ILE W 177 67.34 5.12 -5.28
C ILE W 177 68.40 4.25 -4.64
N ILE W 178 69.67 4.50 -4.97
CA ILE W 178 70.77 3.72 -4.39
C ILE W 178 70.84 3.92 -2.89
N ALA W 179 70.69 5.17 -2.43
CA ALA W 179 70.75 5.44 -1.01
C ALA W 179 69.63 4.73 -0.25
N TYR W 180 68.41 4.78 -0.78
CA TYR W 180 67.29 4.13 -0.13
C TYR W 180 67.47 2.62 -0.10
N ALA W 181 67.94 2.05 -1.22
CA ALA W 181 68.18 0.62 -1.25
C ALA W 181 69.22 0.21 -0.21
N LYS W 182 70.30 0.99 -0.11
CA LYS W 182 71.34 0.68 0.87
C LYS W 182 70.79 0.76 2.29
N GLU W 183 69.99 1.80 2.58
CA GLU W 183 69.44 1.95 3.92
C GLU W 183 68.52 0.78 4.28
N GLU W 184 67.63 0.40 3.37
CA GLU W 184 66.71 -0.69 3.65
C GLU W 184 67.44 -2.03 3.78
N THR W 185 68.43 -2.27 2.92
CA THR W 185 69.18 -3.51 3.02
C THR W 185 69.96 -3.59 4.32
N GLU W 186 70.58 -2.48 4.73
CA GLU W 186 71.30 -2.48 6.01
C GLU W 186 70.33 -2.69 7.16
N ARG W 187 69.13 -2.09 7.07
CA ARG W 187 68.13 -2.30 8.11
C ARG W 187 67.76 -3.77 8.23
N ALA W 188 67.52 -4.43 7.10
CA ALA W 188 67.15 -5.84 7.13
C ALA W 188 68.29 -6.71 7.64
N TYR W 189 69.51 -6.46 7.15
CA TYR W 189 70.66 -7.27 7.55
C TYR W 189 70.95 -7.12 9.04
N LYS W 190 70.89 -5.89 9.55
CA LYS W 190 71.16 -5.66 10.96
C LYS W 190 70.13 -6.35 11.84
N GLY W 191 68.86 -6.32 11.44
CA GLY W 191 67.78 -6.91 12.20
C GLY W 191 66.72 -5.95 12.65
N GLU W 192 66.92 -4.64 12.49
CA GLU W 192 65.92 -3.65 12.86
C GLU W 192 64.66 -3.82 12.03
N GLY X 23 -27.11 32.61 -1.21
CA GLY X 23 -26.69 33.96 -1.55
C GLY X 23 -25.86 34.62 -0.47
N THR X 24 -24.54 34.58 -0.63
CA THR X 24 -23.64 35.15 0.35
C THR X 24 -23.61 36.68 0.32
N ALA X 25 -23.93 37.28 -0.83
CA ALA X 25 -23.99 38.73 -0.91
C ALA X 25 -25.12 39.28 -0.03
N GLU X 26 -26.25 38.58 0.01
CA GLU X 26 -27.34 38.98 0.91
C GLU X 26 -26.94 38.82 2.37
N ALA X 27 -26.20 37.76 2.68
CA ALA X 27 -25.70 37.60 4.05
C ALA X 27 -24.78 38.76 4.42
N LEU X 28 -23.91 39.17 3.51
CA LEU X 28 -23.06 40.32 3.76
C LEU X 28 -23.87 41.60 3.93
N LEU X 29 -24.93 41.77 3.14
CA LEU X 29 -25.79 42.93 3.28
C LEU X 29 -26.44 42.96 4.66
N LEU X 30 -26.96 41.83 5.11
CA LEU X 30 -27.60 41.78 6.43
C LEU X 30 -26.59 42.03 7.54
N ALA X 31 -25.38 41.47 7.41
CA ALA X 31 -24.35 41.72 8.41
C ALA X 31 -23.98 43.18 8.47
N ARG X 32 -23.86 43.83 7.31
CA ARG X 32 -23.55 45.27 7.30
C ARG X 32 -24.68 46.07 7.92
N ALA X 33 -25.93 45.69 7.67
CA ALA X 33 -27.05 46.38 8.30
C ALA X 33 -26.98 46.27 9.81
N ILE X 34 -26.71 45.07 10.33
CA ILE X 34 -26.61 44.87 11.77
C ILE X 34 -25.48 45.72 12.35
N VAL X 35 -24.31 45.68 11.70
CA VAL X 35 -23.15 46.39 12.23
C VAL X 35 -23.38 47.90 12.20
N SER X 36 -23.99 48.42 11.14
CA SER X 36 -24.30 49.84 11.07
C SER X 36 -25.27 50.26 12.16
N ALA X 37 -26.31 49.45 12.38
CA ALA X 37 -27.27 49.78 13.45
C ALA X 37 -26.59 49.76 14.81
N VAL X 38 -25.72 48.78 15.04
CA VAL X 38 -25.02 48.68 16.33
C VAL X 38 -24.13 49.91 16.55
N GLU X 39 -23.40 50.32 15.52
CA GLU X 39 -22.54 51.50 15.65
C GLU X 39 -23.35 52.76 15.88
N ASP X 40 -24.48 52.92 15.20
CA ASP X 40 -25.33 54.08 15.46
C ASP X 40 -25.84 54.09 16.89
N ALA X 41 -26.28 52.93 17.38
CA ALA X 41 -26.77 52.86 18.76
C ALA X 41 -25.66 53.18 19.75
N LYS X 42 -24.44 52.72 19.47
CA LYS X 42 -23.31 53.05 20.33
C LYS X 42 -23.06 54.54 20.35
N LYS X 43 -23.17 55.20 19.19
CA LYS X 43 -23.03 56.65 19.16
C LYS X 43 -24.14 57.34 19.92
N HIS X 44 -25.33 56.72 19.99
CA HIS X 44 -26.46 57.32 20.68
C HIS X 44 -26.41 57.13 22.19
N GLY X 45 -25.51 56.31 22.71
CA GLY X 45 -25.39 56.12 24.14
C GLY X 45 -25.99 54.85 24.71
N VAL X 46 -26.29 53.85 23.90
CA VAL X 46 -26.83 52.59 24.42
C VAL X 46 -25.71 51.81 25.12
N PRO X 47 -25.99 51.14 26.24
CA PRO X 47 -24.96 50.32 26.90
C PRO X 47 -24.42 49.25 25.98
N GLU X 48 -23.11 48.98 26.11
CA GLU X 48 -22.40 48.18 25.15
C GLU X 48 -22.62 46.69 25.31
N ASP X 49 -22.93 46.21 26.52
CA ASP X 49 -23.16 44.79 26.71
C ASP X 49 -24.42 44.32 25.99
N LEU X 50 -25.50 45.12 26.06
CA LEU X 50 -26.69 44.81 25.30
C LEU X 50 -26.38 44.75 23.80
N LEU X 51 -25.59 45.71 23.33
CA LEU X 51 -25.23 45.75 21.92
C LEU X 51 -24.41 44.53 21.53
N ALA X 52 -23.54 44.06 22.42
CA ALA X 52 -22.75 42.86 22.13
C ALA X 52 -23.65 41.64 21.99
N ASP X 53 -24.63 41.50 22.91
CA ASP X 53 -25.59 40.40 22.78
C ASP X 53 -26.33 40.45 21.45
N ILE X 54 -26.88 41.62 21.11
CA ILE X 54 -27.68 41.74 19.90
C ILE X 54 -26.82 41.54 18.67
N GLU X 55 -25.59 42.05 18.67
CA GLU X 55 -24.71 41.91 17.53
C GLU X 55 -24.33 40.45 17.29
N ARG X 56 -24.03 39.71 18.36
CA ARG X 56 -23.73 38.29 18.20
C ARG X 56 -24.92 37.55 17.61
N ALA X 57 -26.10 37.77 18.17
CA ALA X 57 -27.29 37.11 17.66
C ALA X 57 -27.56 37.48 16.20
N GLY X 58 -27.39 38.77 15.87
CA GLY X 58 -27.67 39.22 14.52
C GLY X 58 -26.71 38.64 13.50
N LEU X 59 -25.43 38.60 13.82
CA LEU X 59 -24.48 38.02 12.88
C LEU X 59 -24.72 36.52 12.71
N ALA X 60 -25.08 35.83 13.80
CA ALA X 60 -25.45 34.42 13.66
C ALA X 60 -26.65 34.25 12.73
N LEU X 61 -27.65 35.12 12.85
CA LEU X 61 -28.82 35.00 11.99
C LEU X 61 -28.53 35.42 10.56
N ALA X 62 -27.60 36.34 10.36
CA ALA X 62 -27.26 36.80 9.02
C ALA X 62 -26.43 35.78 8.27
N GLU X 63 -25.63 34.98 8.97
CA GLU X 63 -24.83 33.97 8.30
C GLU X 63 -25.70 32.98 7.53
N VAL X 64 -26.96 32.79 7.95
CA VAL X 64 -27.87 31.87 7.28
C VAL X 64 -28.92 32.61 6.46
N GLY X 65 -28.77 33.92 6.29
CA GLY X 65 -29.70 34.69 5.46
C GLY X 65 -31.11 34.77 5.97
N ASP X 66 -31.30 34.95 7.28
CA ASP X 66 -32.62 35.09 7.86
C ASP X 66 -32.98 36.57 7.91
N ARG X 67 -33.71 37.04 6.90
CA ARG X 67 -33.99 38.47 6.79
C ARG X 67 -34.89 38.97 7.92
N GLU X 68 -36.02 38.29 8.13
CA GLU X 68 -37.02 38.81 9.06
C GLU X 68 -36.47 38.92 10.48
N ALA X 69 -35.74 37.90 10.93
CA ALA X 69 -35.17 37.95 12.28
C ALA X 69 -34.17 39.08 12.41
N VAL X 70 -33.32 39.27 11.40
CA VAL X 70 -32.31 40.32 11.46
C VAL X 70 -32.97 41.69 11.52
N LEU X 71 -34.04 41.89 10.76
CA LEU X 71 -34.66 43.22 10.76
C LEU X 71 -35.47 43.44 12.03
N LEU X 72 -36.00 42.37 12.63
CA LEU X 72 -36.59 42.50 13.96
C LEU X 72 -35.53 42.90 14.99
N LEU X 73 -34.32 42.36 14.86
CA LEU X 73 -33.24 42.79 15.75
C LEU X 73 -32.91 44.26 15.54
N VAL X 74 -32.92 44.72 14.30
CA VAL X 74 -32.66 46.14 14.02
C VAL X 74 -33.73 47.02 14.66
N ARG X 75 -34.99 46.58 14.59
CA ARG X 75 -36.08 47.28 15.28
C ARG X 75 -35.82 47.35 16.79
N LEU X 76 -35.39 46.24 17.37
CA LEU X 76 -35.09 46.23 18.80
C LEU X 76 -33.98 47.21 19.15
N ILE X 77 -32.97 47.29 18.29
CA ILE X 77 -31.86 48.23 18.52
C ILE X 77 -32.36 49.66 18.50
N ASN X 78 -33.23 50.00 17.54
CA ASN X 78 -33.76 51.36 17.50
C ASN X 78 -34.61 51.68 18.74
N ALA X 79 -35.43 50.72 19.18
CA ALA X 79 -36.20 50.94 20.39
C ALA X 79 -35.29 51.13 21.60
N LEU X 80 -34.19 50.39 21.65
CA LEU X 80 -33.21 50.58 22.72
C LEU X 80 -32.59 51.96 22.66
N ILE X 81 -32.34 52.49 21.46
CA ILE X 81 -31.84 53.86 21.33
C ILE X 81 -32.81 54.82 21.99
N VAL X 82 -34.11 54.66 21.71
CA VAL X 82 -35.12 55.53 22.30
C VAL X 82 -35.09 55.41 23.83
N ALA X 83 -35.08 54.17 24.33
CA ALA X 83 -35.12 53.95 25.77
C ALA X 83 -33.89 54.52 26.47
N ALA X 84 -32.71 54.31 25.89
CA ALA X 84 -31.48 54.81 26.50
C ALA X 84 -31.46 56.33 26.51
N GLU X 85 -31.97 56.97 25.46
CA GLU X 85 -32.07 58.42 25.48
C GLU X 85 -33.02 58.87 26.59
N ALA X 86 -34.12 58.14 26.80
CA ALA X 86 -35.08 58.54 27.84
C ALA X 86 -34.48 58.42 29.23
N GLY X 87 -33.79 57.32 29.51
CA GLY X 87 -33.21 57.11 30.83
C GLY X 87 -33.77 55.91 31.56
N VAL X 88 -34.21 54.90 30.83
CA VAL X 88 -34.77 53.69 31.44
C VAL X 88 -33.68 52.96 32.20
N PRO X 89 -33.95 52.42 33.39
CA PRO X 89 -32.91 51.73 34.17
C PRO X 89 -32.35 50.51 33.46
N LYS X 90 -31.13 50.14 33.85
CA LYS X 90 -30.38 49.13 33.12
C LYS X 90 -30.95 47.72 33.30
N GLU X 91 -31.49 47.40 34.48
CA GLU X 91 -32.01 46.05 34.70
C GLU X 91 -33.16 45.74 33.75
N ALA X 92 -34.10 46.67 33.62
CA ALA X 92 -35.19 46.49 32.68
C ALA X 92 -34.67 46.35 31.26
N LEU X 93 -33.65 47.12 30.91
CA LEU X 93 -33.08 47.05 29.57
C LEU X 93 -32.46 45.68 29.30
N VAL X 94 -31.79 45.10 30.29
CA VAL X 94 -31.18 43.79 30.10
C VAL X 94 -32.26 42.73 29.88
N VAL X 95 -33.29 42.74 30.74
CA VAL X 95 -34.37 41.78 30.59
C VAL X 95 -35.06 41.95 29.23
N ILE X 96 -35.30 43.19 28.85
CA ILE X 96 -35.97 43.49 27.58
C ILE X 96 -35.11 43.03 26.41
N THR X 97 -33.80 43.24 26.47
CA THR X 97 -32.94 42.83 25.37
C THR X 97 -32.94 41.32 25.20
N HIS X 98 -32.87 40.59 26.31
CA HIS X 98 -32.90 39.13 26.20
C HIS X 98 -34.23 38.65 25.64
N ALA X 99 -35.33 39.19 26.15
CA ALA X 99 -36.64 38.83 25.62
C ALA X 99 -36.76 39.16 24.14
N GLY X 100 -36.20 40.30 23.74
CA GLY X 100 -36.29 40.71 22.35
C GLY X 100 -35.50 39.83 21.43
N ILE X 101 -34.31 39.39 21.85
CA ILE X 101 -33.54 38.47 21.03
C ILE X 101 -34.31 37.16 20.85
N LEU X 102 -34.87 36.63 21.94
CA LEU X 102 -35.62 35.39 21.81
C LEU X 102 -36.86 35.56 20.93
N LEU X 103 -37.54 36.71 21.04
CA LEU X 103 -38.70 36.92 20.19
C LEU X 103 -38.32 37.13 18.73
N ALA X 104 -37.16 37.73 18.47
CA ALA X 104 -36.70 37.85 17.09
C ALA X 104 -36.35 36.49 16.51
N LEU X 105 -35.84 35.57 17.33
CA LEU X 105 -35.66 34.21 16.87
C LEU X 105 -36.99 33.56 16.48
N ASP X 106 -38.08 33.90 17.18
CA ASP X 106 -39.41 33.41 16.87
C ASP X 106 -39.93 33.86 15.52
N ARG X 107 -39.42 34.97 14.98
CA ARG X 107 -40.09 35.69 13.89
C ARG X 107 -41.49 36.08 14.30
N ASP X 108 -41.66 36.42 15.57
CA ASP X 108 -42.96 36.78 16.14
C ASP X 108 -43.12 38.28 16.07
N GLU X 109 -43.78 38.76 15.02
CA GLU X 109 -43.96 40.20 14.83
C GLU X 109 -44.87 40.80 15.90
N GLU X 110 -45.92 40.06 16.29
CA GLU X 110 -46.87 40.61 17.26
C GLU X 110 -46.23 40.77 18.64
N ALA X 111 -45.49 39.76 19.10
CA ALA X 111 -44.81 39.87 20.38
C ALA X 111 -43.73 40.94 20.35
N VAL X 112 -43.04 41.09 19.22
CA VAL X 112 -42.02 42.12 19.09
C VAL X 112 -42.68 43.50 19.14
N ASP X 113 -43.83 43.65 18.51
CA ASP X 113 -44.56 44.92 18.60
C ASP X 113 -45.00 45.22 20.02
N ALA X 114 -45.45 44.20 20.75
CA ALA X 114 -45.80 44.39 22.16
C ALA X 114 -44.59 44.81 22.98
N LEU X 115 -43.44 44.20 22.70
CA LEU X 115 -42.20 44.58 23.38
C LEU X 115 -41.83 46.03 23.10
N LEU X 116 -41.95 46.46 21.83
CA LEU X 116 -41.60 47.82 21.48
C LEU X 116 -42.56 48.82 22.11
N GLU X 117 -43.85 48.47 22.18
CA GLU X 117 -44.80 49.33 22.88
C GLU X 117 -44.46 49.43 24.36
N LEU X 118 -44.03 48.32 24.97
CA LEU X 118 -43.61 48.35 26.36
C LEU X 118 -42.41 49.28 26.54
N ILE X 119 -41.44 49.22 25.63
CA ILE X 119 -40.27 50.10 25.73
C ILE X 119 -40.70 51.55 25.61
N ASP X 120 -41.61 51.85 24.68
CA ASP X 120 -42.09 53.21 24.53
C ASP X 120 -42.77 53.73 25.78
N ARG X 121 -43.62 52.89 26.39
CA ARG X 121 -44.31 53.32 27.60
C ARG X 121 -43.33 53.53 28.75
N LEU X 122 -42.34 52.64 28.89
CA LEU X 122 -41.36 52.83 29.94
C LEU X 122 -40.51 54.07 29.71
N ALA X 123 -40.22 54.39 28.45
CA ALA X 123 -39.49 55.62 28.15
C ALA X 123 -40.28 56.85 28.52
N ARG X 124 -41.59 56.85 28.22
CA ARG X 124 -42.44 57.95 28.67
C ARG X 124 -42.47 58.04 30.18
N ALA X 125 -42.55 56.89 30.86
CA ALA X 125 -42.57 56.90 32.32
C ALA X 125 -41.28 57.48 32.89
N ALA X 126 -40.13 57.08 32.33
CA ALA X 126 -38.85 57.58 32.80
C ALA X 126 -38.71 59.07 32.57
N LYS X 127 -39.12 59.55 31.39
CA LYS X 127 -39.05 60.98 31.11
C LYS X 127 -40.00 61.78 31.99
N ALA X 128 -41.12 61.18 32.39
CA ALA X 128 -42.12 61.88 33.18
C ALA X 128 -41.78 61.96 34.66
N GLY X 129 -40.71 61.30 35.10
CA GLY X 129 -40.32 61.37 36.49
C GLY X 129 -40.87 60.28 37.38
N VAL X 130 -41.43 59.21 36.80
CA VAL X 130 -41.91 58.09 37.61
C VAL X 130 -40.74 57.47 38.36
N PRO X 131 -40.90 57.10 39.63
CA PRO X 131 -39.76 56.58 40.41
C PRO X 131 -39.13 55.36 39.75
N LYS X 132 -37.82 55.25 39.93
CA LYS X 132 -37.05 54.19 39.26
C LYS X 132 -37.52 52.81 39.69
N GLU X 133 -37.83 52.65 40.98
CA GLU X 133 -38.21 51.33 41.50
C GLU X 133 -39.47 50.81 40.83
N ALA X 134 -40.48 51.66 40.68
CA ALA X 134 -41.72 51.25 40.03
C ALA X 134 -41.49 50.86 38.59
N ILE X 135 -40.69 51.66 37.87
CA ILE X 135 -40.39 51.35 36.47
C ILE X 135 -39.69 50.01 36.36
N VAL X 136 -38.70 49.77 37.22
CA VAL X 136 -37.97 48.51 37.19
C VAL X 136 -38.92 47.35 37.46
N THR X 137 -39.77 47.47 38.48
CA THR X 137 -40.68 46.39 38.82
C THR X 137 -41.59 46.04 37.66
N VAL X 138 -42.31 47.04 37.13
CA VAL X 138 -43.31 46.75 36.12
C VAL X 138 -42.64 46.33 34.81
N GLY X 139 -41.51 46.95 34.46
CA GLY X 139 -40.83 46.58 33.24
C GLY X 139 -40.30 45.16 33.26
N VAL X 140 -39.66 44.76 34.36
CA VAL X 140 -39.15 43.40 34.44
C VAL X 140 -40.30 42.40 34.39
N ALA X 141 -41.37 42.67 35.13
CA ALA X 141 -42.51 41.75 35.12
C ALA X 141 -43.11 41.61 33.73
N ALA X 142 -43.32 42.74 33.04
CA ALA X 142 -43.97 42.69 31.73
C ALA X 142 -43.07 42.05 30.69
N ALA X 143 -41.76 42.35 30.72
CA ALA X 143 -40.87 41.72 29.76
C ALA X 143 -40.79 40.21 29.98
N HIS X 144 -40.77 39.77 31.24
CA HIS X 144 -40.81 38.34 31.49
C HIS X 144 -42.11 37.71 30.98
N LEU X 145 -43.24 38.39 31.21
CA LEU X 145 -44.50 37.85 30.73
C LEU X 145 -44.53 37.76 29.20
N LEU X 146 -43.97 38.75 28.52
CA LEU X 146 -43.90 38.71 27.07
C LEU X 146 -42.98 37.59 26.59
N GLN X 147 -41.91 37.32 27.33
CA GLN X 147 -41.00 36.25 26.95
C GLN X 147 -41.66 34.89 27.07
N ASP X 148 -42.68 34.76 27.91
CA ASP X 148 -43.39 33.50 28.12
C ASP X 148 -44.63 33.39 27.26
N ARG X 149 -44.80 34.27 26.27
CA ARG X 149 -45.96 34.28 25.38
C ARG X 149 -47.26 34.34 26.17
N ASP X 150 -47.31 35.23 27.16
CA ASP X 150 -48.52 35.46 27.94
C ASP X 150 -48.99 36.89 27.66
N LEU X 151 -49.72 37.05 26.55
CA LEU X 151 -50.07 38.38 26.08
C LEU X 151 -51.07 39.11 26.99
N PRO X 152 -52.18 38.50 27.43
CA PRO X 152 -53.16 39.29 28.22
C PRO X 152 -52.60 39.89 29.49
N ARG X 153 -51.75 39.16 30.21
CA ARG X 153 -51.15 39.70 31.42
C ARG X 153 -50.17 40.82 31.09
N ALA X 154 -49.44 40.70 29.99
CA ALA X 154 -48.56 41.77 29.55
C ALA X 154 -49.36 43.02 29.22
N LEU X 155 -50.52 42.86 28.58
CA LEU X 155 -51.38 44.01 28.28
C LEU X 155 -51.89 44.66 29.56
N ARG X 156 -52.23 43.85 30.56
CA ARG X 156 -52.62 44.42 31.85
C ARG X 156 -51.48 45.23 32.45
N LEU X 157 -50.25 44.72 32.37
CA LEU X 157 -49.13 45.48 32.92
C LEU X 157 -48.85 46.75 32.12
N LEU X 158 -49.10 46.73 30.81
CA LEU X 158 -49.01 47.96 30.02
C LEU X 158 -50.00 49.00 30.52
N GLU X 159 -51.23 48.56 30.81
CA GLU X 159 -52.20 49.47 31.41
C GLU X 159 -51.71 50.01 32.74
N VAL X 160 -51.03 49.17 33.52
CA VAL X 160 -50.48 49.62 34.80
C VAL X 160 -49.45 50.72 34.59
N VAL X 161 -48.58 50.56 33.58
CA VAL X 161 -47.58 51.59 33.29
C VAL X 161 -48.25 52.90 32.92
N ASP X 162 -49.27 52.84 32.07
CA ASP X 162 -49.97 54.07 31.67
C ASP X 162 -50.61 54.74 32.88
N LYS X 163 -51.19 53.95 33.78
CA LYS X 163 -51.78 54.51 34.99
C LYS X 163 -50.72 55.18 35.86
N LEU X 164 -49.54 54.56 35.96
CA LEU X 164 -48.46 55.17 36.74
C LEU X 164 -48.07 56.52 36.17
N VAL X 165 -47.97 56.61 34.84
CA VAL X 165 -47.61 57.88 34.23
C VAL X 165 -48.68 58.94 34.52
N HIS X 166 -49.95 58.56 34.42
CA HIS X 166 -51.02 59.52 34.70
C HIS X 166 -50.99 59.98 36.14
N MET X 167 -50.77 59.06 37.09
CA MET X 167 -50.70 59.45 38.50
C MET X 167 -49.51 60.35 38.77
N LYS X 168 -48.37 60.10 38.13
CA LYS X 168 -47.24 61.01 38.28
C LYS X 168 -47.58 62.39 37.76
N ALA X 169 -48.27 62.48 36.62
CA ALA X 169 -48.69 63.78 36.11
C ALA X 169 -49.75 64.44 36.98
N LEU X 170 -50.49 63.68 37.77
CA LEU X 170 -51.53 64.23 38.62
C LEU X 170 -50.99 64.79 39.94
N GLY X 171 -49.73 64.52 40.27
CA GLY X 171 -49.15 65.00 41.50
C GLY X 171 -49.14 64.02 42.64
N VAL X 172 -49.45 62.74 42.38
CA VAL X 172 -49.38 61.72 43.43
C VAL X 172 -47.93 61.56 43.88
N PRO X 173 -47.65 61.53 45.18
CA PRO X 173 -46.25 61.44 45.64
C PRO X 173 -45.65 60.07 45.34
N ASP X 174 -44.32 60.02 45.44
CA ASP X 174 -43.56 58.87 44.96
C ASP X 174 -43.90 57.58 45.69
N GLU X 175 -44.12 57.67 47.01
CA GLU X 175 -44.36 56.48 47.80
C GLU X 175 -45.63 55.76 47.36
N GLU X 176 -46.71 56.51 47.14
CA GLU X 176 -47.96 55.88 46.70
C GLU X 176 -47.80 55.27 45.32
N ILE X 177 -47.05 55.92 44.44
CA ILE X 177 -46.81 55.36 43.10
C ILE X 177 -46.07 54.03 43.22
N ILE X 178 -45.04 53.99 44.05
CA ILE X 178 -44.28 52.75 44.23
C ILE X 178 -45.17 51.66 44.80
N ALA X 179 -45.99 52.00 45.80
CA ALA X 179 -46.86 51.00 46.41
C ALA X 179 -47.88 50.47 45.41
N TYR X 180 -48.47 51.36 44.62
CA TYR X 180 -49.46 50.94 43.63
C TYR X 180 -48.83 50.05 42.57
N ALA X 181 -47.63 50.41 42.12
CA ALA X 181 -46.93 49.57 41.15
C ALA X 181 -46.65 48.18 41.74
N LYS X 182 -46.21 48.14 43.00
CA LYS X 182 -45.93 46.86 43.64
C LYS X 182 -47.19 46.01 43.71
N GLU X 183 -48.32 46.62 44.10
CA GLU X 183 -49.56 45.87 44.23
C GLU X 183 -50.02 45.31 42.89
N GLU X 184 -50.02 46.14 41.85
CA GLU X 184 -50.49 45.68 40.54
C GLU X 184 -49.56 44.61 39.98
N THR X 185 -48.24 44.77 40.16
CA THR X 185 -47.31 43.76 39.68
C THR X 185 -47.48 42.44 40.44
N GLU X 186 -47.69 42.50 41.76
CA GLU X 186 -47.89 41.27 42.51
C GLU X 186 -49.20 40.61 42.14
N ARG X 187 -50.21 41.40 41.78
CA ARG X 187 -51.45 40.84 41.26
C ARG X 187 -51.22 40.14 39.92
N ALA X 188 -50.39 40.73 39.07
CA ALA X 188 -50.08 40.11 37.78
C ALA X 188 -49.33 38.79 37.96
N TYR X 189 -48.33 38.78 38.85
CA TYR X 189 -47.60 37.54 39.11
C TYR X 189 -48.49 36.47 39.73
N LYS X 190 -49.33 36.86 40.69
CA LYS X 190 -50.08 35.86 41.44
C LYS X 190 -51.11 35.15 40.56
N GLY X 191 -51.59 35.83 39.53
CA GLY X 191 -52.61 35.28 38.65
C GLY X 191 -53.99 35.81 38.89
N GLU X 192 -54.18 36.59 39.94
CA GLU X 192 -55.47 37.18 40.26
C GLU X 192 -55.96 38.10 39.15
N GLY Y 23 -35.47 30.64 -9.60
CA GLY Y 23 -35.53 31.07 -10.97
C GLY Y 23 -34.49 32.11 -11.31
N THR Y 24 -33.42 31.67 -11.99
CA THR Y 24 -32.33 32.57 -12.34
C THR Y 24 -32.70 33.54 -13.45
N ALA Y 25 -33.72 33.22 -14.25
CA ALA Y 25 -34.19 34.16 -15.26
C ALA Y 25 -34.78 35.41 -14.60
N GLU Y 26 -35.52 35.23 -13.52
CA GLU Y 26 -36.04 36.38 -12.77
C GLU Y 26 -34.92 37.17 -12.12
N ALA Y 27 -33.88 36.48 -11.63
CA ALA Y 27 -32.72 37.18 -11.10
C ALA Y 27 -32.06 38.03 -12.17
N LEU Y 28 -31.91 37.50 -13.37
CA LEU Y 28 -31.37 38.28 -14.47
C LEU Y 28 -32.27 39.45 -14.83
N LEU Y 29 -33.60 39.25 -14.79
CA LEU Y 29 -34.52 40.34 -15.06
C LEU Y 29 -34.38 41.47 -14.06
N LEU Y 30 -34.30 41.13 -12.77
CA LEU Y 30 -34.12 42.14 -11.74
C LEU Y 30 -32.78 42.85 -11.88
N ALA Y 31 -31.72 42.10 -12.19
CA ALA Y 31 -30.42 42.70 -12.41
C ALA Y 31 -30.45 43.70 -13.56
N ARG Y 32 -31.11 43.33 -14.65
CA ARG Y 32 -31.21 44.25 -15.78
C ARG Y 32 -32.02 45.48 -15.43
N ALA Y 33 -33.09 45.32 -14.63
CA ALA Y 33 -33.86 46.47 -14.19
C ALA Y 33 -33.00 47.44 -13.38
N ILE Y 34 -32.22 46.90 -12.44
CA ILE Y 34 -31.36 47.75 -11.62
C ILE Y 34 -30.32 48.46 -12.48
N VAL Y 35 -29.69 47.73 -13.41
CA VAL Y 35 -28.65 48.32 -14.24
C VAL Y 35 -29.21 49.40 -15.16
N SER Y 36 -30.40 49.16 -15.72
CA SER Y 36 -31.04 50.15 -16.57
C SER Y 36 -31.37 51.42 -15.79
N ALA Y 37 -31.91 51.27 -14.59
CA ALA Y 37 -32.20 52.44 -13.77
C ALA Y 37 -30.93 53.22 -13.43
N VAL Y 38 -29.84 52.50 -13.12
CA VAL Y 38 -28.60 53.17 -12.78
C VAL Y 38 -28.06 53.94 -13.99
N GLU Y 39 -28.12 53.34 -15.18
CA GLU Y 39 -27.64 54.02 -16.37
C GLU Y 39 -28.48 55.25 -16.70
N ASP Y 40 -29.80 55.16 -16.56
CA ASP Y 40 -30.63 56.34 -16.80
C ASP Y 40 -30.34 57.44 -15.79
N ALA Y 41 -30.16 57.07 -14.52
CA ALA Y 41 -29.83 58.08 -13.51
C ALA Y 41 -28.48 58.73 -13.80
N LYS Y 42 -27.51 57.94 -14.23
CA LYS Y 42 -26.21 58.49 -14.60
C LYS Y 42 -26.34 59.47 -15.76
N LYS Y 43 -27.18 59.15 -16.74
CA LYS Y 43 -27.45 60.10 -17.82
C LYS Y 43 -28.12 61.36 -17.32
N HIS Y 44 -28.93 61.26 -16.25
CA HIS Y 44 -29.63 62.41 -15.72
C HIS Y 44 -28.78 63.33 -14.87
N GLY Y 45 -27.59 62.89 -14.48
CA GLY Y 45 -26.70 63.71 -13.67
C GLY Y 45 -26.60 63.36 -12.20
N VAL Y 46 -27.04 62.17 -11.79
CA VAL Y 46 -26.92 61.76 -10.39
C VAL Y 46 -25.45 61.48 -10.08
N PRO Y 47 -24.95 61.88 -8.91
CA PRO Y 47 -23.56 61.57 -8.56
C PRO Y 47 -23.29 60.07 -8.51
N GLU Y 48 -22.09 59.69 -8.95
CA GLU Y 48 -21.79 58.31 -9.26
C GLU Y 48 -21.54 57.44 -8.04
N ASP Y 49 -21.07 58.01 -6.93
CA ASP Y 49 -20.81 57.20 -5.74
C ASP Y 49 -22.11 56.65 -5.16
N LEU Y 50 -23.15 57.48 -5.11
CA LEU Y 50 -24.46 57.02 -4.66
C LEU Y 50 -24.97 55.89 -5.55
N LEU Y 51 -24.80 56.04 -6.86
CA LEU Y 51 -25.25 55.01 -7.79
C LEU Y 51 -24.47 53.72 -7.60
N ALA Y 52 -23.17 53.81 -7.32
CA ALA Y 52 -22.39 52.61 -7.06
C ALA Y 52 -22.89 51.88 -5.81
N ASP Y 53 -23.17 52.63 -4.75
CA ASP Y 53 -23.74 52.03 -3.54
C ASP Y 53 -25.04 51.31 -3.85
N ILE Y 54 -25.97 52.00 -4.51
CA ILE Y 54 -27.29 51.43 -4.78
C ILE Y 54 -27.17 50.23 -5.72
N GLU Y 55 -26.27 50.31 -6.69
CA GLU Y 55 -26.12 49.21 -7.64
C GLU Y 55 -25.56 47.97 -6.97
N ARG Y 56 -24.58 48.13 -6.08
CA ARG Y 56 -24.08 46.98 -5.34
C ARG Y 56 -25.19 46.34 -4.52
N ALA Y 57 -25.95 47.15 -3.79
CA ALA Y 57 -27.03 46.60 -2.97
C ALA Y 57 -28.08 45.92 -3.85
N GLY Y 58 -28.42 46.52 -4.98
CA GLY Y 58 -29.45 45.97 -5.85
C GLY Y 58 -29.05 44.66 -6.49
N LEU Y 59 -27.80 44.56 -6.94
CA LEU Y 59 -27.34 43.30 -7.52
C LEU Y 59 -27.29 42.21 -6.46
N ALA Y 60 -26.86 42.56 -5.24
CA ALA Y 60 -26.89 41.57 -4.16
C ALA Y 60 -28.30 41.08 -3.88
N LEU Y 61 -29.28 41.99 -3.90
CA LEU Y 61 -30.66 41.58 -3.63
C LEU Y 61 -31.27 40.83 -4.81
N ALA Y 62 -30.83 41.12 -6.03
CA ALA Y 62 -31.35 40.42 -7.20
C ALA Y 62 -30.78 39.02 -7.30
N GLU Y 63 -29.58 38.78 -6.78
CA GLU Y 63 -29.03 37.43 -6.79
C GLU Y 63 -29.92 36.44 -6.07
N VAL Y 64 -30.69 36.89 -5.08
CA VAL Y 64 -31.59 36.02 -4.33
C VAL Y 64 -33.04 36.19 -4.72
N GLY Y 65 -33.31 36.95 -5.79
CA GLY Y 65 -34.67 37.13 -6.27
C GLY Y 65 -35.60 37.87 -5.33
N ASP Y 66 -35.13 38.94 -4.71
CA ASP Y 66 -35.97 39.75 -3.82
C ASP Y 66 -36.60 40.87 -4.63
N ARG Y 67 -37.86 40.66 -5.03
CA ARG Y 67 -38.51 41.59 -5.95
C ARG Y 67 -38.81 42.93 -5.29
N GLU Y 68 -39.39 42.89 -4.08
CA GLU Y 68 -39.83 44.13 -3.44
C GLU Y 68 -38.66 45.04 -3.10
N ALA Y 69 -37.56 44.46 -2.61
CA ALA Y 69 -36.39 45.27 -2.28
C ALA Y 69 -35.81 45.95 -3.52
N VAL Y 70 -35.73 45.20 -4.62
CA VAL Y 70 -35.20 45.76 -5.87
C VAL Y 70 -36.11 46.87 -6.38
N LEU Y 71 -37.43 46.67 -6.26
CA LEU Y 71 -38.38 47.70 -6.66
C LEU Y 71 -38.20 48.97 -5.83
N LEU Y 72 -38.02 48.82 -4.53
CA LEU Y 72 -37.81 49.97 -3.66
C LEU Y 72 -36.52 50.69 -4.00
N LEU Y 73 -35.48 49.93 -4.37
CA LEU Y 73 -34.23 50.56 -4.78
C LEU Y 73 -34.41 51.35 -6.06
N VAL Y 74 -35.19 50.83 -7.02
CA VAL Y 74 -35.47 51.56 -8.25
C VAL Y 74 -36.24 52.85 -7.95
N ARG Y 75 -37.19 52.78 -7.02
CA ARG Y 75 -37.90 53.98 -6.60
C ARG Y 75 -36.95 55.01 -6.01
N LEU Y 76 -36.01 54.55 -5.17
CA LEU Y 76 -35.03 55.46 -4.58
C LEU Y 76 -34.17 56.11 -5.67
N ILE Y 77 -33.80 55.35 -6.70
CA ILE Y 77 -33.02 55.90 -7.80
C ILE Y 77 -33.79 56.99 -8.52
N ASN Y 78 -35.08 56.76 -8.78
CA ASN Y 78 -35.88 57.79 -9.44
C ASN Y 78 -36.00 59.05 -8.59
N ALA Y 79 -36.22 58.88 -7.29
CA ALA Y 79 -36.30 60.05 -6.41
C ALA Y 79 -34.97 60.80 -6.39
N LEU Y 80 -33.86 60.08 -6.43
CA LEU Y 80 -32.56 60.72 -6.53
C LEU Y 80 -32.41 61.49 -7.82
N ILE Y 81 -32.95 60.97 -8.93
CA ILE Y 81 -32.92 61.71 -10.19
C ILE Y 81 -33.63 63.05 -10.01
N VAL Y 82 -34.81 63.02 -9.38
CA VAL Y 82 -35.55 64.26 -9.16
C VAL Y 82 -34.74 65.23 -8.32
N ALA Y 83 -34.17 64.73 -7.21
CA ALA Y 83 -33.41 65.59 -6.31
C ALA Y 83 -32.19 66.19 -6.99
N ALA Y 84 -31.45 65.37 -7.77
CA ALA Y 84 -30.27 65.86 -8.45
C ALA Y 84 -30.62 66.91 -9.49
N GLU Y 85 -31.72 66.72 -10.21
CA GLU Y 85 -32.17 67.76 -11.14
C GLU Y 85 -32.49 69.04 -10.40
N ALA Y 86 -33.16 68.95 -9.24
CA ALA Y 86 -33.49 70.14 -8.48
C ALA Y 86 -32.26 70.84 -7.94
N GLY Y 87 -31.28 70.09 -7.44
CA GLY Y 87 -30.07 70.67 -6.92
C GLY Y 87 -29.87 70.52 -5.42
N VAL Y 88 -30.34 69.42 -4.85
CA VAL Y 88 -30.18 69.19 -3.42
C VAL Y 88 -28.70 68.97 -3.10
N PRO Y 89 -28.16 69.52 -2.02
CA PRO Y 89 -26.73 69.36 -1.72
C PRO Y 89 -26.35 67.90 -1.48
N LYS Y 90 -25.05 67.64 -1.65
CA LYS Y 90 -24.56 66.26 -1.70
C LYS Y 90 -24.60 65.56 -0.35
N GLU Y 91 -24.37 66.27 0.74
CA GLU Y 91 -24.35 65.63 2.06
C GLU Y 91 -25.71 65.00 2.38
N ALA Y 92 -26.78 65.76 2.17
CA ALA Y 92 -28.11 65.23 2.38
C ALA Y 92 -28.38 64.05 1.46
N LEU Y 93 -27.87 64.12 0.22
CA LEU Y 93 -28.08 63.03 -0.72
C LEU Y 93 -27.39 61.75 -0.25
N VAL Y 94 -26.18 61.86 0.31
CA VAL Y 94 -25.46 60.69 0.79
C VAL Y 94 -26.21 60.06 1.96
N VAL Y 95 -26.64 60.90 2.92
CA VAL Y 95 -27.37 60.38 4.06
C VAL Y 95 -28.67 59.72 3.61
N ILE Y 96 -29.37 60.37 2.68
CA ILE Y 96 -30.63 59.84 2.17
C ILE Y 96 -30.42 58.51 1.46
N THR Y 97 -29.36 58.41 0.66
CA THR Y 97 -29.10 57.18 -0.06
C THR Y 97 -28.82 56.02 0.89
N HIS Y 98 -28.03 56.27 1.92
CA HIS Y 98 -27.75 55.21 2.89
C HIS Y 98 -29.02 54.79 3.62
N ALA Y 99 -29.80 55.77 4.07
CA ALA Y 99 -31.06 55.45 4.75
C ALA Y 99 -32.00 54.68 3.83
N GLY Y 100 -32.04 55.06 2.55
CA GLY Y 100 -32.93 54.39 1.62
C GLY Y 100 -32.51 52.96 1.33
N ILE Y 101 -31.20 52.70 1.25
CA ILE Y 101 -30.75 51.33 1.08
C ILE Y 101 -31.15 50.47 2.28
N LEU Y 102 -30.94 50.98 3.49
CA LEU Y 102 -31.34 50.20 4.66
C LEU Y 102 -32.86 50.00 4.70
N LEU Y 103 -33.64 51.02 4.32
CA LEU Y 103 -35.09 50.85 4.36
C LEU Y 103 -35.58 49.91 3.27
N ALA Y 104 -34.94 49.90 2.10
CA ALA Y 104 -35.30 48.93 1.08
C ALA Y 104 -34.96 47.52 1.52
N LEU Y 105 -33.86 47.35 2.27
CA LEU Y 105 -33.59 46.06 2.87
C LEU Y 105 -34.69 45.66 3.85
N ASP Y 106 -35.31 46.63 4.52
CA ASP Y 106 -36.41 46.36 5.45
C ASP Y 106 -37.64 45.82 4.73
N ARG Y 107 -37.79 46.10 3.44
CA ARG Y 107 -39.07 46.00 2.75
C ARG Y 107 -40.12 46.85 3.45
N ASP Y 108 -39.69 48.03 3.94
CA ASP Y 108 -40.55 48.95 4.66
C ASP Y 108 -41.11 49.97 3.67
N GLU Y 109 -42.31 49.69 3.17
CA GLU Y 109 -42.90 50.56 2.16
C GLU Y 109 -43.28 51.93 2.74
N GLU Y 110 -43.77 51.96 3.98
CA GLU Y 110 -44.18 53.23 4.57
C GLU Y 110 -42.99 54.15 4.81
N ALA Y 111 -41.90 53.61 5.36
CA ALA Y 111 -40.70 54.42 5.58
C ALA Y 111 -40.10 54.88 4.26
N VAL Y 112 -40.13 54.02 3.24
CA VAL Y 112 -39.61 54.41 1.92
C VAL Y 112 -40.45 55.55 1.35
N ASP Y 113 -41.78 55.46 1.50
CA ASP Y 113 -42.64 56.54 1.04
C ASP Y 113 -42.36 57.84 1.78
N ALA Y 114 -42.12 57.75 3.09
CA ALA Y 114 -41.77 58.94 3.86
C ALA Y 114 -40.46 59.55 3.37
N LEU Y 115 -39.48 58.69 3.08
CA LEU Y 115 -38.20 59.18 2.57
C LEU Y 115 -38.35 59.86 1.21
N LEU Y 116 -39.16 59.28 0.33
CA LEU Y 116 -39.37 59.89 -0.98
C LEU Y 116 -40.12 61.22 -0.85
N GLU Y 117 -41.07 61.29 0.09
CA GLU Y 117 -41.78 62.54 0.34
C GLU Y 117 -40.79 63.60 0.83
N LEU Y 118 -39.88 63.20 1.73
CA LEU Y 118 -38.83 64.11 2.21
C LEU Y 118 -37.97 64.61 1.06
N ILE Y 119 -37.58 63.70 0.16
CA ILE Y 119 -36.77 64.10 -1.00
C ILE Y 119 -37.52 65.12 -1.84
N ASP Y 120 -38.82 64.91 -2.03
CA ASP Y 120 -39.62 65.86 -2.80
C ASP Y 120 -39.64 67.24 -2.16
N ARG Y 121 -39.84 67.29 -0.84
CA ARG Y 121 -39.85 68.59 -0.17
C ARG Y 121 -38.48 69.26 -0.24
N LEU Y 122 -37.41 68.50 -0.11
CA LEU Y 122 -36.08 69.10 -0.21
C LEU Y 122 -35.83 69.62 -1.62
N ALA Y 123 -36.33 68.90 -2.63
CA ALA Y 123 -36.19 69.38 -4.01
C ALA Y 123 -36.95 70.67 -4.22
N ARG Y 124 -38.16 70.78 -3.67
CA ARG Y 124 -38.90 72.03 -3.76
C ARG Y 124 -38.16 73.16 -3.06
N ALA Y 125 -37.59 72.87 -1.88
CA ALA Y 125 -36.83 73.89 -1.16
C ALA Y 125 -35.62 74.34 -1.96
N ALA Y 126 -34.90 73.41 -2.58
CA ALA Y 126 -33.72 73.76 -3.36
C ALA Y 126 -34.09 74.59 -4.58
N LYS Y 127 -35.18 74.21 -5.26
CA LYS Y 127 -35.61 74.99 -6.42
C LYS Y 127 -36.12 76.37 -6.02
N ALA Y 128 -36.65 76.50 -4.81
CA ALA Y 128 -37.22 77.77 -4.37
C ALA Y 128 -36.18 78.76 -3.86
N GLY Y 129 -34.92 78.36 -3.73
CA GLY Y 129 -33.89 79.26 -3.26
C GLY Y 129 -33.65 79.26 -1.78
N VAL Y 130 -34.16 78.27 -1.05
CA VAL Y 130 -33.90 78.16 0.38
C VAL Y 130 -32.40 77.97 0.60
N PRO Y 131 -31.79 78.63 1.59
CA PRO Y 131 -30.34 78.52 1.77
C PRO Y 131 -29.90 77.08 1.96
N LYS Y 132 -28.74 76.75 1.39
CA LYS Y 132 -28.26 75.38 1.40
C LYS Y 132 -27.95 74.90 2.81
N GLU Y 133 -27.58 75.82 3.71
CA GLU Y 133 -27.28 75.41 5.08
C GLU Y 133 -28.52 74.85 5.77
N ALA Y 134 -29.64 75.55 5.66
CA ALA Y 134 -30.88 75.08 6.26
C ALA Y 134 -31.32 73.76 5.64
N ILE Y 135 -31.21 73.64 4.32
CA ILE Y 135 -31.60 72.41 3.65
C ILE Y 135 -30.77 71.25 4.15
N VAL Y 136 -29.46 71.43 4.22
CA VAL Y 136 -28.59 70.35 4.69
C VAL Y 136 -28.95 69.97 6.11
N THR Y 137 -29.13 70.97 6.98
CA THR Y 137 -29.43 70.68 8.38
C THR Y 137 -30.69 69.84 8.52
N VAL Y 138 -31.79 70.34 7.95
CA VAL Y 138 -33.07 69.67 8.16
C VAL Y 138 -33.11 68.33 7.44
N GLY Y 139 -32.52 68.26 6.23
CA GLY Y 139 -32.51 67.01 5.50
C GLY Y 139 -31.72 65.93 6.19
N VAL Y 140 -30.53 66.26 6.69
CA VAL Y 140 -29.73 65.26 7.40
C VAL Y 140 -30.47 64.79 8.65
N ALA Y 141 -31.04 65.73 9.41
CA ALA Y 141 -31.76 65.34 10.62
C ALA Y 141 -32.93 64.42 10.31
N ALA Y 142 -33.73 64.76 9.30
CA ALA Y 142 -34.91 63.96 8.98
C ALA Y 142 -34.52 62.61 8.43
N ALA Y 143 -33.48 62.54 7.59
CA ALA Y 143 -33.05 61.25 7.06
C ALA Y 143 -32.53 60.35 8.17
N HIS Y 144 -31.78 60.91 9.12
CA HIS Y 144 -31.34 60.11 10.26
C HIS Y 144 -32.52 59.61 11.08
N LEU Y 145 -33.50 60.48 11.33
CA LEU Y 145 -34.67 60.05 12.10
C LEU Y 145 -35.44 58.95 11.38
N LEU Y 146 -35.55 59.03 10.06
CA LEU Y 146 -36.21 57.99 9.30
C LEU Y 146 -35.41 56.68 9.32
N GLN Y 147 -34.08 56.78 9.31
CA GLN Y 147 -33.27 55.58 9.38
C GLN Y 147 -33.45 54.83 10.69
N ASP Y 148 -33.85 55.54 11.74
CA ASP Y 148 -34.01 54.96 13.06
C ASP Y 148 -35.46 54.55 13.33
N ARG Y 149 -36.31 54.57 12.31
CA ARG Y 149 -37.73 54.24 12.45
C ARG Y 149 -38.39 55.09 13.55
N ASP Y 150 -38.19 56.40 13.46
CA ASP Y 150 -38.80 57.38 14.34
C ASP Y 150 -39.67 58.29 13.49
N LEU Y 151 -40.93 57.90 13.31
CA LEU Y 151 -41.79 58.57 12.32
C LEU Y 151 -42.32 59.92 12.80
N PRO Y 152 -42.84 60.07 14.03
CA PRO Y 152 -43.42 61.38 14.39
C PRO Y 152 -42.44 62.54 14.32
N ARG Y 153 -41.20 62.35 14.76
CA ARG Y 153 -40.22 63.42 14.67
C ARG Y 153 -39.85 63.71 13.22
N ALA Y 154 -39.80 62.67 12.38
CA ALA Y 154 -39.55 62.89 10.96
C ALA Y 154 -40.68 63.70 10.33
N LEU Y 155 -41.93 63.44 10.73
CA LEU Y 155 -43.04 64.21 10.20
C LEU Y 155 -42.97 65.67 10.66
N ARG Y 156 -42.56 65.88 11.91
CA ARG Y 156 -42.34 67.24 12.38
C ARG Y 156 -41.28 67.95 11.55
N LEU Y 157 -40.19 67.26 11.22
CA LEU Y 157 -39.17 67.87 10.38
C LEU Y 157 -39.67 68.13 8.96
N LEU Y 158 -40.55 67.28 8.45
CA LEU Y 158 -41.18 67.53 7.15
C LEU Y 158 -41.99 68.82 7.17
N GLU Y 159 -42.78 69.01 8.23
CA GLU Y 159 -43.54 70.26 8.34
C GLU Y 159 -42.60 71.45 8.49
N VAL Y 160 -41.45 71.25 9.12
CA VAL Y 160 -40.45 72.31 9.21
C VAL Y 160 -39.95 72.69 7.81
N VAL Y 161 -39.71 71.70 6.96
CA VAL Y 161 -39.27 71.99 5.59
C VAL Y 161 -40.34 72.78 4.84
N ASP Y 162 -41.60 72.37 4.97
CA ASP Y 162 -42.67 73.10 4.30
C ASP Y 162 -42.73 74.55 4.79
N LYS Y 163 -42.57 74.76 6.10
CA LYS Y 163 -42.55 76.11 6.64
C LYS Y 163 -41.40 76.92 6.07
N LEU Y 164 -40.23 76.29 5.92
CA LEU Y 164 -39.09 76.99 5.34
C LEU Y 164 -39.37 77.43 3.91
N VAL Y 165 -40.00 76.56 3.12
CA VAL Y 165 -40.30 76.92 1.74
C VAL Y 165 -41.29 78.09 1.70
N HIS Y 166 -42.31 78.05 2.56
CA HIS Y 166 -43.26 79.16 2.60
C HIS Y 166 -42.59 80.45 3.04
N MET Y 167 -41.71 80.39 4.03
CA MET Y 167 -41.00 81.58 4.49
C MET Y 167 -40.11 82.15 3.39
N LYS Y 168 -39.44 81.30 2.63
CA LYS Y 168 -38.65 81.78 1.50
C LYS Y 168 -39.54 82.46 0.47
N ALA Y 169 -40.70 81.88 0.17
CA ALA Y 169 -41.61 82.50 -0.78
C ALA Y 169 -42.20 83.81 -0.26
N LEU Y 170 -42.24 84.00 1.05
CA LEU Y 170 -42.79 85.23 1.63
C LEU Y 170 -41.79 86.38 1.61
N GLY Y 171 -40.51 86.12 1.33
CA GLY Y 171 -39.52 87.17 1.32
C GLY Y 171 -38.72 87.30 2.60
N VAL Y 172 -38.76 86.32 3.48
CA VAL Y 172 -37.96 86.34 4.71
C VAL Y 172 -36.49 86.28 4.37
N PRO Y 173 -35.62 87.06 5.02
CA PRO Y 173 -34.20 87.04 4.69
C PRO Y 173 -33.56 85.70 5.02
N ASP Y 174 -32.45 85.42 4.31
CA ASP Y 174 -31.80 84.11 4.38
C ASP Y 174 -31.33 83.79 5.79
N GLU Y 175 -30.78 84.80 6.50
CA GLU Y 175 -30.25 84.57 7.84
C GLU Y 175 -31.33 84.11 8.79
N GLU Y 176 -32.51 84.74 8.72
CA GLU Y 176 -33.61 84.32 9.58
C GLU Y 176 -34.09 82.92 9.24
N ILE Y 177 -34.10 82.56 7.96
CA ILE Y 177 -34.48 81.21 7.56
C ILE Y 177 -33.51 80.19 8.15
N ILE Y 178 -32.21 80.49 8.05
CA ILE Y 178 -31.21 79.58 8.59
C ILE Y 178 -31.37 79.44 10.11
N ALA Y 179 -31.59 80.56 10.80
CA ALA Y 179 -31.75 80.51 12.25
C ALA Y 179 -32.98 79.70 12.65
N TYR Y 180 -34.11 79.93 11.96
CA TYR Y 180 -35.33 79.20 12.28
C TYR Y 180 -35.14 77.71 12.04
N ALA Y 181 -34.51 77.34 10.93
CA ALA Y 181 -34.25 75.93 10.66
C ALA Y 181 -33.38 75.32 11.74
N LYS Y 182 -32.36 76.07 12.18
CA LYS Y 182 -31.49 75.57 13.25
C LYS Y 182 -32.28 75.31 14.52
N GLU Y 183 -33.15 76.25 14.90
CA GLU Y 183 -33.91 76.08 16.14
C GLU Y 183 -34.86 74.90 16.06
N GLU Y 184 -35.57 74.76 14.94
CA GLU Y 184 -36.49 73.62 14.82
C GLU Y 184 -35.74 72.30 14.81
N THR Y 185 -34.60 72.24 14.11
CA THR Y 185 -33.83 71.01 14.09
C THR Y 185 -33.29 70.66 15.47
N GLU Y 186 -32.79 71.65 16.21
CA GLU Y 186 -32.27 71.36 17.54
C GLU Y 186 -33.39 70.98 18.49
N ARG Y 187 -34.59 71.53 18.28
CA ARG Y 187 -35.75 71.12 19.06
C ARG Y 187 -36.10 69.66 18.81
N ALA Y 188 -36.08 69.25 17.54
CA ALA Y 188 -36.40 67.86 17.21
C ALA Y 188 -35.32 66.91 17.75
N TYR Y 189 -34.05 67.26 17.56
CA TYR Y 189 -32.97 66.42 18.04
C TYR Y 189 -32.96 66.30 19.56
N LYS Y 190 -33.21 67.41 20.26
CA LYS Y 190 -33.16 67.39 21.72
C LYS Y 190 -34.24 66.49 22.30
N GLY Y 191 -35.39 66.42 21.62
CA GLY Y 191 -36.51 65.61 22.09
C GLY Y 191 -37.70 66.43 22.57
N GLU Y 192 -37.56 67.74 22.68
CA GLU Y 192 -38.66 68.60 23.10
C GLU Y 192 -39.80 68.57 22.08
#